data_7YMZ
#
_entry.id   7YMZ
#
loop_
_entity.id
_entity.type
_entity.pdbx_description
1 polymer 'Spike glycoprotein'
2 branched 2-acetamido-2-deoxy-beta-D-glucopyranose-(1-4)-2-acetamido-2-deoxy-beta-D-glucopyranose
3 branched alpha-D-mannopyranose-(1-3)-[alpha-D-mannopyranose-(1-6)]beta-D-mannopyranose-(1-4)-2-acetamido-2-deoxy-beta-D-glucopyranose-(1-4)-2-acetamido-2-deoxy-beta-D-glucopyranose
4 branched alpha-L-fucopyranose-(1-6)-2-acetamido-2-deoxy-beta-D-glucopyranose
5 non-polymer 2-acetamido-2-deoxy-beta-D-glucopyranose
#
_entity_poly.entity_id   1
_entity_poly.type   'polypeptide(L)'
_entity_poly.pdbx_seq_one_letter_code
;MDSWFILVLLGSGLICVSASYVDVGPDSVKSACIEVDIQQTFFDKTWPRPIDVSKADGIIYPQGRTYSNITITYQGLFPY
QGDHGDMYVYSAGHATGTTPQKLFVANYSQDVKQFANGFVVRIGAAANSTGTVIISPSTSATIRKIYPAFMLGSSVGNFS
DGKMGRFFNHTLVLLPDGCGTLLRAFYCILEPRSGNHCPAGNSYTSFATYHTPATDCSDGNYNRNASLNSFKEYFNLRNC
TFMYTYNITEDEILEWFGITQTAQGVHLFSSRYVDLYGGNMFQFATLPVYDTIKYYSIIPHSIRSIQSDRKAWAAFYVYK
LQPLTFLLDFSVDGYIRRAIDCGFNDLSQLHCSYESFDVESGVYSVSSFEAKPSGSVVEQAEGVECDFSPLLSGTPPQVY
NFKRLVFTNCNYNLTKLLSLFSVNDFTCSQISPAAIASNCYSSLILDYFSYPLSMKSDLSVSSAGPISQFNYKQSFSNPT
CLILATVPHNLTTITKPLKYSYINKCSRLLSDDRTEVPQLVNANQYSPCVSIVPSTVWEDGDYYRKQLSPLEGGGWLVAS
GSTVAMTEQLQMGFGITVQYGTDTNSVCPKLEFANDTKIASQLGNCVEYSLYGVSGRGVFQNCTAVGVRQQRFVYDAYQN
LVGYYSDDGNYYCLRACVSVPVSVIYDKETKTHATLFGSVACEHISSTMSQYSRSTRSMLKRRDSTYGPLQTPVGCVLGL
VNSSLFVEDCKLPLGQSLCALPDTPSTLTPASVGSVPGEMRLASIAFNHPIQVDQLNSSYFKLSIPTNFSFGVTQEYIQT
TIQKVTVDCKQYVCNGFQKCEQLLREYGQFCSKINQALHGANLRQDDSVRNLFASVKSSQSSPIIPGFGGDFNLTLLEPV
SISTGSRSARSAIEDLLFDKVTIADPGYMQGYDDCMQQGPASARDLICAQYVAGYKVLPPLMDVNMEAAYTSSLLGSIAG
VGWTAGLSSFAAIPFAQSIFYRLNGVGITQQVLSENQKLIANKFNQALGAMQTGFTTTNEAFQKVQDAVNNNAQALSKLA
SELSNTFGAISASIGDIIQRLDPPEQDAQIDRLINGRLTTLNAFVAQQLVRSESAALSAQLAKDKVNECVKAQSKRSGFC
GQGTHIVSFVVNAPNGLYFMHVGYYPSNHIEVVSAYGLCDAANPTNCIAPVNGYFIKTNNTRIVDEWSYTGSSFYAPEPI
TSLNTKYVAPQVTYQNISTNLPPPLLGNSTGIDFQDELDEFFKNVSTSIPNFGSLTQINTTLLDLTYEMLSLQQVVKALN
ESYIDLKELGNYTYEFGSGGYIPEAPRDGQAYVRKDGEWVLLSTFLKGQDNSADIQHSGRPLESRGPFEQKLISEEDLNM
HTGHHHHHH
;
_entity_poly.pdbx_strand_id   A,B,C
#
# COMPACT_ATOMS: atom_id res chain seq x y z
N VAL A 22 -38.62 -31.21 34.98
CA VAL A 22 -38.95 -32.43 35.70
C VAL A 22 -40.46 -32.35 35.97
N ASP A 23 -41.26 -32.64 34.94
CA ASP A 23 -42.68 -32.37 35.07
C ASP A 23 -43.56 -33.60 35.31
N VAL A 24 -43.62 -34.50 34.32
CA VAL A 24 -44.74 -35.43 34.15
C VAL A 24 -44.31 -36.69 33.41
N GLY A 25 -44.95 -37.81 33.75
CA GLY A 25 -45.15 -38.93 32.85
C GLY A 25 -45.71 -40.18 33.53
N PRO A 26 -46.80 -40.72 32.97
CA PRO A 26 -47.34 -42.00 33.46
C PRO A 26 -46.98 -43.20 32.59
N ASP A 27 -46.78 -44.37 33.21
CA ASP A 27 -46.63 -45.61 32.46
C ASP A 27 -47.95 -45.98 31.79
N SER A 28 -47.87 -46.35 30.50
CA SER A 28 -49.08 -46.46 29.69
C SER A 28 -49.80 -47.79 29.86
N VAL A 29 -49.20 -48.89 29.41
CA VAL A 29 -49.92 -50.16 29.38
C VAL A 29 -49.32 -51.17 30.34
N LYS A 30 -48.10 -51.62 30.04
CA LYS A 30 -47.46 -52.72 30.76
C LYS A 30 -46.02 -52.84 30.27
N SER A 31 -45.27 -53.82 30.77
CA SER A 31 -43.92 -54.04 30.23
C SER A 31 -43.84 -55.22 29.27
N ALA A 32 -44.88 -55.50 28.49
CA ALA A 32 -44.83 -56.58 27.50
C ALA A 32 -44.62 -56.05 26.08
N CYS A 33 -43.38 -55.67 25.76
CA CYS A 33 -43.07 -55.22 24.41
C CYS A 33 -43.26 -56.37 23.42
N ILE A 34 -43.88 -56.06 22.28
CA ILE A 34 -44.13 -57.09 21.27
C ILE A 34 -42.85 -57.31 20.46
N GLU A 35 -42.82 -58.38 19.68
CA GLU A 35 -41.58 -58.84 19.07
C GLU A 35 -41.11 -57.89 17.97
N VAL A 36 -39.83 -57.57 18.01
CA VAL A 36 -39.19 -56.66 17.05
C VAL A 36 -38.25 -57.48 16.18
N ASP A 37 -38.45 -57.41 14.87
CA ASP A 37 -37.71 -58.21 13.90
C ASP A 37 -36.61 -57.39 13.23
N ILE A 38 -35.77 -58.09 12.47
CA ILE A 38 -34.76 -57.47 11.62
C ILE A 38 -34.93 -58.06 10.23
N GLN A 39 -35.44 -57.25 9.31
CA GLN A 39 -35.69 -57.69 7.93
C GLN A 39 -35.20 -56.63 6.97
N GLN A 40 -33.95 -56.19 7.16
CA GLN A 40 -33.38 -55.10 6.39
C GLN A 40 -33.16 -55.46 4.92
N THR A 41 -33.16 -56.75 4.57
CA THR A 41 -33.05 -57.15 3.17
C THR A 41 -34.27 -56.68 2.38
N PHE A 42 -35.45 -56.75 2.98
CA PHE A 42 -36.64 -56.14 2.39
C PHE A 42 -36.49 -54.62 2.32
N PHE A 43 -35.89 -54.02 3.34
CA PHE A 43 -35.74 -52.57 3.39
C PHE A 43 -34.69 -52.06 2.42
N ASP A 44 -33.63 -52.83 2.18
CA ASP A 44 -32.47 -52.37 1.41
C ASP A 44 -32.84 -52.29 -0.07
N LYS A 45 -33.45 -51.17 -0.46
CA LYS A 45 -33.72 -50.85 -1.84
C LYS A 45 -33.15 -49.47 -2.14
N THR A 46 -33.10 -49.13 -3.43
CA THR A 46 -32.54 -47.87 -3.88
C THR A 46 -33.61 -47.02 -4.56
N TRP A 47 -33.49 -45.71 -4.39
CA TRP A 47 -34.36 -44.75 -5.06
C TRP A 47 -33.54 -43.48 -5.27
N PRO A 48 -33.01 -43.26 -6.47
CA PRO A 48 -32.06 -42.16 -6.68
C PRO A 48 -32.75 -40.81 -6.76
N ARG A 49 -32.59 -40.02 -5.71
CA ARG A 49 -33.05 -38.62 -5.70
C ARG A 49 -31.99 -37.74 -5.06
N PRO A 50 -30.91 -37.46 -5.78
CA PRO A 50 -29.92 -36.51 -5.27
C PRO A 50 -30.44 -35.08 -5.36
N ILE A 51 -29.92 -34.22 -4.50
CA ILE A 51 -30.40 -32.84 -4.44
C ILE A 51 -29.74 -32.02 -5.54
N ASP A 52 -30.47 -31.03 -6.05
CA ASP A 52 -29.98 -30.09 -7.02
C ASP A 52 -30.10 -28.68 -6.46
N VAL A 53 -29.09 -27.86 -6.74
CA VAL A 53 -29.12 -26.48 -6.27
C VAL A 53 -29.65 -25.53 -7.34
N SER A 54 -29.61 -25.92 -8.62
CA SER A 54 -30.28 -25.15 -9.65
C SER A 54 -31.78 -25.27 -9.53
N LYS A 55 -32.27 -26.47 -9.23
CA LYS A 55 -33.65 -26.68 -8.84
C LYS A 55 -33.92 -26.12 -7.44
N ALA A 56 -32.87 -25.93 -6.64
CA ALA A 56 -32.92 -25.37 -5.28
C ALA A 56 -33.77 -26.23 -4.36
N ASP A 57 -33.28 -27.46 -4.13
CA ASP A 57 -33.90 -28.40 -3.21
C ASP A 57 -33.15 -28.38 -1.88
N GLY A 58 -33.82 -27.94 -0.83
CA GLY A 58 -33.27 -28.02 0.52
C GLY A 58 -32.11 -27.09 0.81
N ILE A 59 -32.35 -25.79 0.80
CA ILE A 59 -31.34 -24.78 1.08
C ILE A 59 -31.85 -23.83 2.15
N ILE A 60 -30.98 -23.48 3.10
CA ILE A 60 -31.30 -22.49 4.11
C ILE A 60 -31.55 -21.11 3.50
N TYR A 61 -32.53 -20.42 4.06
CA TYR A 61 -32.75 -19.00 3.81
C TYR A 61 -31.91 -18.17 4.75
N PRO A 62 -31.59 -16.92 4.37
CA PRO A 62 -31.06 -15.98 5.36
C PRO A 62 -32.06 -15.78 6.49
N GLN A 63 -31.66 -16.18 7.69
CA GLN A 63 -32.60 -16.24 8.80
C GLN A 63 -32.95 -14.87 9.36
N GLY A 64 -32.05 -13.89 9.24
CA GLY A 64 -32.29 -12.59 9.82
C GLY A 64 -32.49 -11.49 8.80
N ARG A 65 -32.68 -11.86 7.54
CA ARG A 65 -32.76 -10.88 6.47
C ARG A 65 -33.37 -11.53 5.24
N THR A 66 -33.75 -10.69 4.27
CA THR A 66 -34.18 -11.18 2.96
C THR A 66 -33.94 -10.08 1.94
N TYR A 67 -33.91 -10.47 0.67
CA TYR A 67 -33.67 -9.52 -0.41
C TYR A 67 -34.71 -9.71 -1.50
N SER A 68 -34.54 -9.02 -2.63
CA SER A 68 -35.46 -9.17 -3.75
C SER A 68 -34.74 -8.82 -5.04
N ASN A 69 -34.88 -9.70 -6.04
CA ASN A 69 -34.33 -9.57 -7.39
C ASN A 69 -32.84 -9.28 -7.35
N ILE A 70 -32.12 -9.92 -6.45
CA ILE A 70 -30.71 -9.64 -6.20
C ILE A 70 -29.97 -10.97 -6.15
N THR A 71 -28.85 -11.05 -6.87
CA THR A 71 -27.90 -12.14 -6.70
C THR A 71 -26.87 -11.74 -5.67
N ILE A 72 -26.50 -12.69 -4.82
CA ILE A 72 -25.62 -12.36 -3.69
C ILE A 72 -24.91 -13.63 -3.23
N THR A 73 -23.63 -13.49 -2.92
CA THR A 73 -22.88 -14.57 -2.29
C THR A 73 -23.19 -14.60 -0.81
N TYR A 74 -23.51 -15.78 -0.29
CA TYR A 74 -23.92 -15.96 1.09
C TYR A 74 -23.11 -17.09 1.72
N GLN A 75 -22.63 -16.84 2.93
CA GLN A 75 -21.89 -17.82 3.71
C GLN A 75 -22.82 -18.40 4.76
N GLY A 76 -22.95 -19.71 4.79
CA GLY A 76 -23.84 -20.32 5.74
C GLY A 76 -23.62 -21.81 5.85
N LEU A 77 -24.65 -22.51 6.30
CA LEU A 77 -24.63 -23.96 6.44
C LEU A 77 -25.43 -24.55 5.28
N PHE A 78 -24.83 -25.46 4.54
CA PHE A 78 -25.40 -25.95 3.30
C PHE A 78 -25.08 -27.43 3.15
N PRO A 79 -25.80 -28.15 2.29
CA PRO A 79 -25.35 -29.47 1.88
C PRO A 79 -24.55 -29.44 0.58
N TYR A 80 -23.74 -30.47 0.39
CA TYR A 80 -23.02 -30.66 -0.85
C TYR A 80 -23.98 -30.94 -2.00
N GLN A 81 -23.54 -30.59 -3.21
CA GLN A 81 -24.35 -30.77 -4.39
C GLN A 81 -24.41 -32.24 -4.77
N GLY A 82 -25.62 -32.74 -5.01
CA GLY A 82 -25.82 -34.07 -5.54
C GLY A 82 -25.42 -35.21 -4.63
N ASP A 83 -25.63 -35.06 -3.33
CA ASP A 83 -25.40 -36.16 -2.41
C ASP A 83 -26.50 -37.20 -2.57
N HIS A 84 -26.09 -38.47 -2.70
CA HIS A 84 -27.08 -39.54 -2.72
C HIS A 84 -27.68 -39.77 -1.34
N GLY A 85 -26.97 -39.37 -0.28
CA GLY A 85 -27.60 -39.21 1.02
C GLY A 85 -27.69 -40.49 1.84
N ASP A 86 -28.69 -40.50 2.72
CA ASP A 86 -28.87 -41.46 3.80
C ASP A 86 -30.25 -42.10 3.71
N MET A 87 -30.56 -42.66 2.53
CA MET A 87 -31.84 -43.27 2.19
C MET A 87 -32.41 -44.20 3.25
N TYR A 88 -33.53 -43.81 3.86
CA TYR A 88 -34.22 -44.61 4.85
C TYR A 88 -35.69 -44.71 4.47
N VAL A 89 -36.29 -45.86 4.75
CA VAL A 89 -37.69 -46.13 4.41
C VAL A 89 -38.39 -46.76 5.61
N TYR A 90 -39.64 -46.39 5.81
CA TYR A 90 -40.50 -46.98 6.82
C TYR A 90 -41.46 -47.96 6.18
N SER A 91 -41.93 -48.92 6.96
CA SER A 91 -42.85 -49.94 6.46
C SER A 91 -43.82 -50.34 7.56
N ALA A 92 -44.95 -50.89 7.14
CA ALA A 92 -45.98 -51.38 8.04
C ALA A 92 -45.62 -52.76 8.57
N GLY A 93 -46.24 -53.11 9.71
CA GLY A 93 -46.00 -54.40 10.32
C GLY A 93 -46.79 -55.51 9.67
N HIS A 94 -46.52 -56.73 10.11
CA HIS A 94 -47.15 -57.90 9.53
C HIS A 94 -48.57 -58.08 10.05
N ALA A 95 -49.41 -58.70 9.22
CA ALA A 95 -50.79 -58.99 9.56
C ALA A 95 -51.27 -60.13 8.67
N THR A 96 -52.35 -60.77 9.10
CA THR A 96 -53.05 -61.79 8.32
C THR A 96 -54.54 -61.55 8.50
N GLY A 97 -55.16 -60.90 7.51
CA GLY A 97 -56.56 -60.55 7.62
C GLY A 97 -56.75 -59.28 8.42
N THR A 98 -57.21 -59.42 9.66
CA THR A 98 -57.41 -58.29 10.55
C THR A 98 -56.65 -58.45 11.86
N THR A 99 -55.62 -59.30 11.89
CA THR A 99 -54.88 -59.57 13.11
C THR A 99 -53.56 -58.80 13.08
N PRO A 100 -53.36 -57.80 13.95
CA PRO A 100 -52.06 -57.11 13.98
C PRO A 100 -50.97 -57.98 14.56
N GLN A 101 -50.10 -58.47 13.69
CA GLN A 101 -49.10 -59.47 14.04
C GLN A 101 -47.78 -58.80 14.42
N LYS A 102 -46.71 -59.59 14.45
CA LYS A 102 -45.36 -59.13 14.77
C LYS A 102 -44.91 -58.03 13.81
N LEU A 103 -44.07 -57.13 14.31
CA LEU A 103 -43.72 -55.90 13.61
C LEU A 103 -42.85 -56.16 12.39
N PHE A 104 -42.48 -55.09 11.70
CA PHE A 104 -41.66 -55.20 10.49
C PHE A 104 -40.82 -53.92 10.39
N VAL A 105 -39.61 -53.97 10.95
CA VAL A 105 -38.71 -52.83 11.02
C VAL A 105 -37.33 -53.26 10.57
N ALA A 106 -36.48 -52.27 10.31
CA ALA A 106 -35.13 -52.48 9.81
C ALA A 106 -34.12 -52.34 10.95
N ASN A 107 -32.88 -52.29 10.50
CA ASN A 107 -31.79 -52.22 11.43
C ASN A 107 -31.46 -50.80 11.70
N TYR A 108 -32.37 -49.88 11.39
CA TYR A 108 -32.01 -48.50 11.56
C TYR A 108 -31.52 -48.27 12.95
N SER A 109 -32.14 -48.92 13.92
CA SER A 109 -31.80 -48.73 15.31
C SER A 109 -30.40 -48.64 15.64
N GLN A 110 -29.69 -49.65 15.26
CA GLN A 110 -28.35 -49.68 15.67
C GLN A 110 -27.52 -48.60 15.08
N ASP A 111 -27.97 -47.93 14.04
CA ASP A 111 -27.10 -46.95 13.40
C ASP A 111 -27.02 -45.65 14.11
N VAL A 112 -26.03 -44.82 13.79
CA VAL A 112 -25.87 -43.51 14.39
C VAL A 112 -24.74 -42.81 13.68
N LYS A 113 -24.80 -41.51 13.53
CA LYS A 113 -23.75 -40.70 12.91
C LYS A 113 -23.46 -39.48 13.78
N GLN A 114 -22.38 -38.78 13.43
CA GLN A 114 -22.09 -37.50 14.05
C GLN A 114 -23.10 -36.46 13.61
N PHE A 115 -23.56 -35.64 14.56
CA PHE A 115 -24.59 -34.65 14.26
C PHE A 115 -24.07 -33.56 13.34
N ALA A 116 -22.77 -33.25 13.43
CA ALA A 116 -22.08 -32.23 12.62
C ALA A 116 -22.77 -30.89 12.88
N ASN A 117 -23.22 -30.17 11.85
CA ASN A 117 -23.92 -28.90 12.02
C ASN A 117 -25.41 -29.02 11.72
N GLY A 118 -26.00 -30.17 12.01
CA GLY A 118 -27.39 -30.41 11.71
C GLY A 118 -27.58 -31.18 10.42
N PHE A 119 -28.85 -31.50 10.14
CA PHE A 119 -29.16 -32.23 8.91
C PHE A 119 -30.53 -31.81 8.41
N VAL A 120 -30.73 -32.05 7.11
CA VAL A 120 -31.92 -31.67 6.38
C VAL A 120 -32.55 -32.92 5.81
N VAL A 121 -33.88 -32.94 5.73
CA VAL A 121 -34.63 -34.11 5.31
C VAL A 121 -35.68 -33.68 4.29
N ARG A 122 -35.68 -34.35 3.14
CA ARG A 122 -36.77 -34.26 2.18
C ARG A 122 -37.84 -35.29 2.51
N ILE A 123 -39.10 -34.85 2.43
CA ILE A 123 -40.26 -35.62 2.86
C ILE A 123 -41.21 -35.75 1.69
N GLY A 124 -41.62 -36.99 1.39
CA GLY A 124 -42.71 -37.24 0.47
C GLY A 124 -42.45 -36.84 -0.97
N ALA A 125 -41.23 -37.05 -1.46
CA ALA A 125 -40.92 -36.74 -2.85
C ALA A 125 -41.57 -37.71 -3.83
N ALA A 126 -42.12 -38.82 -3.34
CA ALA A 126 -42.80 -39.81 -4.18
C ALA A 126 -44.31 -39.81 -4.01
N ALA A 127 -44.86 -38.83 -3.29
CA ALA A 127 -46.30 -38.81 -3.05
C ALA A 127 -47.07 -38.43 -4.33
N ASN A 128 -48.37 -38.69 -4.31
CA ASN A 128 -49.23 -38.77 -5.49
C ASN A 128 -48.56 -39.55 -6.62
N SER A 129 -48.13 -40.76 -6.29
CA SER A 129 -47.64 -41.74 -7.25
C SER A 129 -47.98 -43.12 -6.70
N THR A 130 -47.62 -44.15 -7.47
CA THR A 130 -47.87 -45.53 -7.10
C THR A 130 -46.55 -46.27 -6.96
N GLY A 131 -46.38 -46.98 -5.85
CA GLY A 131 -45.14 -47.67 -5.58
C GLY A 131 -45.38 -48.95 -4.81
N THR A 132 -44.36 -49.81 -4.81
CA THR A 132 -44.50 -51.12 -4.20
C THR A 132 -44.52 -51.04 -2.68
N VAL A 133 -45.26 -51.96 -2.07
CA VAL A 133 -45.27 -52.11 -0.62
C VAL A 133 -44.01 -52.86 -0.21
N ILE A 134 -43.32 -52.35 0.80
CA ILE A 134 -42.04 -52.92 1.18
C ILE A 134 -42.20 -54.29 1.83
N ILE A 135 -43.20 -54.43 2.71
CA ILE A 135 -43.39 -55.69 3.41
C ILE A 135 -43.89 -56.78 2.47
N SER A 136 -44.72 -56.43 1.49
CA SER A 136 -45.25 -57.36 0.51
C SER A 136 -44.73 -56.93 -0.86
N PRO A 137 -43.60 -57.49 -1.32
CA PRO A 137 -42.99 -57.01 -2.57
C PRO A 137 -43.84 -57.25 -3.82
N SER A 138 -44.80 -58.15 -3.77
CA SER A 138 -45.72 -58.34 -4.88
C SER A 138 -46.89 -57.38 -4.85
N THR A 139 -46.96 -56.50 -3.86
CA THR A 139 -48.07 -55.57 -3.68
C THR A 139 -47.60 -54.14 -3.89
N SER A 140 -48.39 -53.37 -4.63
CA SER A 140 -48.14 -51.95 -4.84
C SER A 140 -49.41 -51.17 -4.54
N ALA A 141 -49.22 -49.94 -4.06
CA ALA A 141 -50.34 -49.08 -3.68
C ALA A 141 -49.93 -47.63 -3.86
N THR A 142 -50.87 -46.73 -3.56
CA THR A 142 -50.63 -45.31 -3.64
C THR A 142 -49.62 -44.88 -2.59
N ILE A 143 -48.60 -44.12 -3.01
CA ILE A 143 -47.53 -43.71 -2.12
C ILE A 143 -48.05 -42.62 -1.19
N ARG A 144 -47.92 -42.85 0.11
CA ARG A 144 -48.40 -41.93 1.14
C ARG A 144 -47.21 -41.43 1.95
N LYS A 145 -47.12 -40.10 2.10
CA LYS A 145 -46.05 -39.52 2.88
C LYS A 145 -46.23 -39.82 4.36
N ILE A 146 -45.12 -39.79 5.09
CA ILE A 146 -45.14 -39.96 6.54
C ILE A 146 -44.02 -39.14 7.15
N TYR A 147 -44.20 -38.74 8.39
CA TYR A 147 -43.20 -37.92 9.05
C TYR A 147 -42.29 -38.81 9.90
N PRO A 148 -40.99 -38.51 9.95
CA PRO A 148 -40.06 -39.37 10.69
C PRO A 148 -39.83 -38.89 12.12
N ALA A 149 -39.35 -39.83 12.93
CA ALA A 149 -39.10 -39.59 14.34
C ALA A 149 -37.61 -39.80 14.62
N PHE A 150 -37.05 -38.98 15.52
CA PHE A 150 -35.61 -38.93 15.76
C PHE A 150 -35.33 -38.90 17.25
N MET A 151 -34.22 -39.51 17.68
CA MET A 151 -33.66 -39.17 18.97
C MET A 151 -32.28 -38.57 18.74
N LEU A 152 -31.91 -37.64 19.62
CA LEU A 152 -30.66 -36.92 19.52
C LEU A 152 -30.09 -36.75 20.92
N GLY A 153 -28.77 -36.81 21.02
CA GLY A 153 -28.12 -36.71 22.31
C GLY A 153 -26.62 -36.65 22.18
N SER A 154 -25.94 -36.85 23.31
CA SER A 154 -24.49 -36.78 23.34
C SER A 154 -23.85 -37.89 24.16
N SER A 155 -24.64 -38.77 24.80
CA SER A 155 -24.13 -39.88 25.58
C SER A 155 -24.68 -41.17 25.00
N VAL A 156 -23.80 -42.11 24.69
CA VAL A 156 -24.15 -43.35 24.02
C VAL A 156 -23.71 -44.53 24.89
N GLY A 157 -24.60 -45.50 25.08
CA GLY A 157 -24.26 -46.70 25.82
C GLY A 157 -24.71 -47.97 25.12
N ASN A 158 -24.66 -49.09 25.84
CA ASN A 158 -25.05 -50.39 25.31
C ASN A 158 -26.39 -50.82 25.88
N PHE A 159 -27.11 -51.65 25.12
CA PHE A 159 -28.37 -52.21 25.57
C PHE A 159 -28.09 -53.42 26.46
N SER A 160 -29.14 -54.18 26.79
CA SER A 160 -28.96 -55.38 27.59
C SER A 160 -28.34 -56.50 26.79
N ASP A 161 -28.54 -56.51 25.46
CA ASP A 161 -27.95 -57.52 24.59
C ASP A 161 -26.64 -57.06 23.96
N GLY A 162 -26.10 -55.94 24.43
CA GLY A 162 -24.83 -55.43 23.93
C GLY A 162 -24.91 -54.63 22.65
N LYS A 163 -26.10 -54.43 22.10
CA LYS A 163 -26.24 -53.64 20.88
C LYS A 163 -25.96 -52.17 21.14
N MET A 164 -25.36 -51.52 20.15
CA MET A 164 -25.05 -50.10 20.25
C MET A 164 -26.24 -49.26 19.77
N GLY A 165 -26.52 -48.19 20.50
CA GLY A 165 -27.65 -47.33 20.19
C GLY A 165 -28.32 -46.83 21.43
N ARG A 166 -28.02 -47.44 22.57
CA ARG A 166 -28.56 -47.00 23.84
C ARG A 166 -27.98 -45.65 24.23
N PHE A 167 -28.85 -44.76 24.70
CA PHE A 167 -28.45 -43.43 25.12
C PHE A 167 -28.59 -43.28 26.62
N PHE A 168 -27.78 -42.39 27.18
CA PHE A 168 -27.84 -42.03 28.59
C PHE A 168 -28.11 -40.55 28.74
N ASN A 169 -28.50 -40.16 29.96
CA ASN A 169 -28.73 -38.78 30.37
C ASN A 169 -29.79 -38.09 29.52
N HIS A 170 -29.72 -36.77 29.43
CA HIS A 170 -30.74 -36.00 28.75
C HIS A 170 -30.64 -36.16 27.25
N THR A 171 -31.70 -36.67 26.62
CA THR A 171 -31.77 -36.80 25.18
C THR A 171 -33.12 -36.27 24.71
N LEU A 172 -33.16 -35.80 23.47
CA LEU A 172 -34.36 -35.17 22.92
C LEU A 172 -34.92 -36.02 21.79
N VAL A 173 -36.22 -36.26 21.82
CA VAL A 173 -36.92 -37.07 20.84
C VAL A 173 -37.97 -36.21 20.17
N LEU A 174 -37.98 -36.25 18.83
CA LEU A 174 -39.05 -35.68 18.03
C LEU A 174 -39.90 -36.83 17.52
N LEU A 175 -41.18 -36.83 17.89
CA LEU A 175 -42.12 -37.89 17.56
C LEU A 175 -43.35 -37.28 16.88
N PRO A 176 -43.62 -37.66 15.63
CA PRO A 176 -44.90 -37.31 15.02
C PRO A 176 -46.01 -38.25 15.46
N ASP A 177 -47.23 -37.75 15.40
CA ASP A 177 -48.41 -38.53 15.78
C ASP A 177 -49.64 -37.87 15.18
N GLY A 178 -50.81 -38.47 15.43
CA GLY A 178 -52.07 -37.98 14.96
C GLY A 178 -52.20 -38.05 13.45
N CYS A 179 -51.79 -39.19 12.88
CA CYS A 179 -51.65 -39.38 11.43
C CYS A 179 -50.73 -38.30 10.83
N GLY A 180 -49.68 -37.94 11.57
CA GLY A 180 -48.74 -36.94 11.14
C GLY A 180 -49.14 -35.50 11.39
N THR A 181 -50.29 -35.25 12.02
CA THR A 181 -50.73 -33.88 12.24
C THR A 181 -49.95 -33.21 13.36
N LEU A 182 -49.63 -33.95 14.43
CA LEU A 182 -48.92 -33.42 15.57
C LEU A 182 -47.45 -33.81 15.51
N LEU A 183 -46.60 -32.90 15.97
CA LEU A 183 -45.15 -32.97 15.78
C LEU A 183 -44.43 -32.82 17.11
N ARG A 184 -44.81 -33.64 18.10
CA ARG A 184 -44.38 -33.45 19.48
C ARG A 184 -42.87 -33.63 19.62
N ALA A 185 -42.29 -32.96 20.61
CA ALA A 185 -40.85 -33.01 20.81
C ALA A 185 -40.54 -32.74 22.27
N PHE A 186 -39.56 -33.47 22.81
CA PHE A 186 -39.29 -33.43 24.24
C PHE A 186 -37.86 -33.85 24.55
N TYR A 187 -37.24 -33.15 25.49
CA TYR A 187 -35.83 -33.33 25.85
C TYR A 187 -35.76 -33.81 27.30
N CYS A 188 -35.81 -35.13 27.49
CA CYS A 188 -36.08 -35.72 28.79
C CYS A 188 -35.10 -36.89 29.01
N ILE A 189 -35.38 -37.71 30.03
CA ILE A 189 -34.53 -38.84 30.40
C ILE A 189 -35.21 -40.12 29.97
N LEU A 190 -34.46 -40.99 29.29
CA LEU A 190 -34.98 -42.29 28.85
C LEU A 190 -34.50 -43.39 29.79
N GLU A 191 -35.42 -44.27 30.18
CA GLU A 191 -35.14 -45.40 31.06
C GLU A 191 -35.70 -46.66 30.40
N PRO A 192 -34.92 -47.73 30.32
CA PRO A 192 -35.40 -48.95 29.66
C PRO A 192 -36.47 -49.66 30.47
N ARG A 193 -37.34 -50.39 29.76
CA ARG A 193 -38.33 -51.26 30.37
C ARG A 193 -37.80 -52.69 30.38
N SER A 194 -38.30 -53.50 31.30
CA SER A 194 -37.63 -54.75 31.65
C SER A 194 -38.52 -55.97 31.54
N GLY A 195 -39.22 -56.12 30.40
CA GLY A 195 -40.03 -57.29 30.13
C GLY A 195 -39.63 -58.01 28.87
N ASN A 196 -40.59 -58.73 28.30
CA ASN A 196 -40.35 -59.44 27.05
C ASN A 196 -40.15 -58.44 25.91
N HIS A 197 -39.07 -58.64 25.14
CA HIS A 197 -38.68 -57.79 24.01
C HIS A 197 -38.49 -56.32 24.40
N CYS A 198 -38.26 -56.04 25.68
CA CYS A 198 -38.09 -54.72 26.21
C CYS A 198 -36.61 -54.47 26.52
N PRO A 199 -36.14 -53.21 26.44
CA PRO A 199 -34.69 -52.97 26.44
C PRO A 199 -33.92 -53.42 27.68
N ALA A 200 -34.54 -53.44 28.86
CA ALA A 200 -33.89 -53.96 30.05
C ALA A 200 -34.33 -55.37 30.39
N GLY A 201 -35.08 -56.03 29.50
CA GLY A 201 -35.58 -57.36 29.78
C GLY A 201 -34.97 -58.44 28.91
N ASN A 202 -35.78 -59.39 28.47
CA ASN A 202 -35.32 -60.53 27.69
C ASN A 202 -35.94 -60.55 26.30
N SER A 203 -35.27 -61.30 25.40
CA SER A 203 -35.70 -61.50 24.01
C SER A 203 -35.84 -60.16 23.27
N TYR A 204 -34.92 -59.24 23.56
CA TYR A 204 -35.00 -57.88 23.05
C TYR A 204 -34.01 -57.67 21.92
N THR A 205 -34.48 -57.04 20.85
CA THR A 205 -33.62 -56.64 19.74
C THR A 205 -33.56 -55.13 19.57
N SER A 206 -34.70 -54.46 19.41
CA SER A 206 -34.74 -53.02 19.23
C SER A 206 -36.11 -52.52 19.69
N PHE A 207 -36.33 -51.22 19.53
CA PHE A 207 -37.58 -50.58 19.90
C PHE A 207 -38.13 -49.83 18.70
N ALA A 208 -39.46 -49.80 18.58
CA ALA A 208 -40.11 -49.18 17.45
C ALA A 208 -41.44 -48.59 17.88
N THR A 209 -41.92 -47.63 17.10
CA THR A 209 -43.23 -47.01 17.33
C THR A 209 -44.22 -47.58 16.31
N TYR A 210 -45.33 -48.12 16.82
CA TYR A 210 -46.36 -48.67 15.97
C TYR A 210 -47.56 -47.72 15.90
N HIS A 211 -48.15 -47.62 14.73
CA HIS A 211 -49.35 -46.84 14.50
C HIS A 211 -50.53 -47.78 14.33
N THR A 212 -51.66 -47.43 14.98
CA THR A 212 -52.85 -48.26 14.94
C THR A 212 -53.88 -47.62 14.00
N PRO A 213 -53.97 -48.04 12.74
CA PRO A 213 -54.84 -47.33 11.79
C PRO A 213 -56.32 -47.57 12.02
N ALA A 214 -56.69 -48.64 12.74
CA ALA A 214 -58.10 -48.91 12.98
C ALA A 214 -58.72 -47.87 13.90
N THR A 215 -57.92 -47.23 14.74
CA THR A 215 -58.41 -46.25 15.70
C THR A 215 -57.85 -44.84 15.48
N ASP A 216 -56.58 -44.72 15.07
CA ASP A 216 -55.93 -43.41 15.05
C ASP A 216 -56.39 -42.56 13.87
N CYS A 217 -56.34 -43.11 12.67
CA CYS A 217 -56.68 -42.35 11.47
C CYS A 217 -58.17 -42.38 11.15
N SER A 218 -59.02 -42.60 12.16
CA SER A 218 -60.45 -42.45 12.01
C SER A 218 -60.82 -40.97 12.05
N ASP A 219 -62.12 -40.68 11.91
CA ASP A 219 -62.60 -39.31 11.92
C ASP A 219 -62.44 -38.72 13.33
N GLY A 220 -61.75 -37.57 13.41
CA GLY A 220 -61.44 -37.01 14.71
C GLY A 220 -60.45 -37.89 15.45
N ASN A 221 -60.66 -37.99 16.77
CA ASN A 221 -59.97 -38.93 17.64
C ASN A 221 -58.45 -38.75 17.65
N TYR A 222 -57.76 -39.54 16.81
CA TYR A 222 -56.32 -39.70 16.78
C TYR A 222 -55.78 -40.27 18.09
N ASN A 223 -56.66 -40.96 18.83
CA ASN A 223 -56.37 -41.78 20.00
C ASN A 223 -55.70 -41.05 21.14
N ARG A 224 -55.52 -39.73 21.05
CA ARG A 224 -54.86 -38.92 22.09
C ARG A 224 -53.44 -39.46 22.36
N ASN A 225 -52.54 -39.08 21.44
CA ASN A 225 -51.07 -39.30 21.45
C ASN A 225 -50.73 -40.77 21.73
N ALA A 226 -51.14 -41.59 20.75
CA ALA A 226 -50.94 -43.03 20.79
C ALA A 226 -49.51 -43.43 20.41
N SER A 227 -48.83 -42.62 19.61
CA SER A 227 -47.42 -42.93 19.37
C SER A 227 -46.59 -42.70 20.62
N LEU A 228 -46.99 -41.75 21.47
CA LEU A 228 -46.33 -41.60 22.75
C LEU A 228 -46.70 -42.75 23.69
N ASN A 229 -47.91 -43.31 23.54
CA ASN A 229 -48.25 -44.57 24.21
C ASN A 229 -47.33 -45.69 23.76
N SER A 230 -47.07 -45.78 22.45
CA SER A 230 -46.22 -46.84 21.91
C SER A 230 -44.78 -46.68 22.36
N PHE A 231 -44.27 -45.45 22.34
CA PHE A 231 -42.91 -45.19 22.82
C PHE A 231 -42.81 -45.46 24.31
N LYS A 232 -43.82 -45.05 25.08
CA LYS A 232 -43.88 -45.35 26.51
C LYS A 232 -44.14 -46.83 26.75
N GLU A 233 -44.67 -47.55 25.76
CA GLU A 233 -44.79 -48.99 25.89
C GLU A 233 -43.41 -49.66 25.83
N TYR A 234 -42.42 -49.01 25.22
CA TYR A 234 -41.06 -49.53 25.17
C TYR A 234 -40.10 -48.86 26.14
N PHE A 235 -40.40 -47.66 26.62
CA PHE A 235 -39.44 -46.91 27.43
C PHE A 235 -40.18 -46.17 28.54
N ASN A 236 -39.41 -45.47 29.37
CA ASN A 236 -39.95 -44.64 30.43
C ASN A 236 -39.28 -43.28 30.38
N LEU A 237 -40.07 -42.23 30.60
CA LEU A 237 -39.56 -40.87 30.57
C LEU A 237 -39.48 -40.33 31.98
N ARG A 238 -38.33 -39.75 32.34
CA ARG A 238 -38.09 -39.23 33.66
C ARG A 238 -37.51 -37.82 33.54
N ASN A 239 -37.74 -37.04 34.61
CA ASN A 239 -37.28 -35.67 34.79
C ASN A 239 -37.50 -34.83 33.54
N CYS A 240 -38.73 -34.84 33.03
CA CYS A 240 -39.02 -34.41 31.68
C CYS A 240 -39.16 -32.90 31.64
N THR A 241 -38.41 -32.26 30.74
CA THR A 241 -38.26 -30.82 30.80
C THR A 241 -39.48 -30.08 30.27
N PHE A 242 -39.95 -30.45 29.07
CA PHE A 242 -41.03 -29.70 28.45
C PHE A 242 -41.82 -30.60 27.52
N MET A 243 -42.82 -30.02 26.87
CA MET A 243 -43.67 -30.69 25.91
C MET A 243 -44.24 -29.64 24.95
N TYR A 244 -44.01 -29.82 23.66
CA TYR A 244 -44.45 -28.86 22.66
C TYR A 244 -45.29 -29.56 21.59
N THR A 245 -46.47 -29.03 21.32
CA THR A 245 -47.37 -29.57 20.33
C THR A 245 -47.58 -28.55 19.22
N TYR A 246 -47.79 -29.05 18.00
CA TYR A 246 -47.95 -28.18 16.83
C TYR A 246 -49.03 -28.76 15.94
N ASN A 247 -50.13 -28.02 15.77
CA ASN A 247 -51.25 -28.45 14.94
C ASN A 247 -50.91 -28.17 13.48
N ILE A 248 -50.69 -29.22 12.71
CA ILE A 248 -50.29 -29.12 11.31
C ILE A 248 -51.31 -29.87 10.46
N THR A 249 -51.80 -29.22 9.40
CA THR A 249 -52.80 -29.81 8.53
C THR A 249 -52.17 -30.87 7.63
N GLU A 250 -53.01 -31.50 6.81
CA GLU A 250 -52.62 -32.62 5.98
C GLU A 250 -52.63 -32.22 4.51
N ASP A 251 -51.66 -32.75 3.76
CA ASP A 251 -51.57 -32.54 2.32
C ASP A 251 -50.81 -33.71 1.71
N GLU A 252 -50.62 -33.66 0.39
CA GLU A 252 -49.88 -34.67 -0.35
C GLU A 252 -48.83 -34.00 -1.23
N ILE A 253 -48.09 -33.07 -0.65
CA ILE A 253 -47.09 -32.28 -1.37
C ILE A 253 -45.74 -32.50 -0.73
N LEU A 254 -44.71 -32.73 -1.56
CA LEU A 254 -43.35 -32.91 -1.06
C LEU A 254 -42.87 -31.67 -0.32
N GLU A 255 -42.13 -31.90 0.76
CA GLU A 255 -41.83 -30.84 1.71
C GLU A 255 -40.47 -31.08 2.34
N TRP A 256 -40.07 -30.17 3.22
CA TRP A 256 -38.70 -30.13 3.70
C TRP A 256 -38.69 -29.93 5.21
N PHE A 257 -37.61 -30.38 5.85
CA PHE A 257 -37.44 -30.21 7.28
C PHE A 257 -35.94 -30.06 7.54
N GLY A 258 -35.58 -29.31 8.57
CA GLY A 258 -34.18 -29.12 8.90
C GLY A 258 -33.97 -28.90 10.39
N ILE A 259 -32.81 -29.34 10.87
CA ILE A 259 -32.44 -29.14 12.27
C ILE A 259 -30.96 -28.79 12.34
N THR A 260 -30.62 -27.84 13.23
CA THR A 260 -29.24 -27.44 13.41
C THR A 260 -28.99 -27.03 14.85
N GLN A 261 -27.72 -26.91 15.21
CA GLN A 261 -27.29 -26.56 16.56
C GLN A 261 -26.47 -25.28 16.53
N THR A 262 -26.88 -24.31 17.35
CA THR A 262 -26.11 -23.09 17.58
C THR A 262 -25.93 -22.91 19.09
N ALA A 263 -25.12 -21.91 19.45
CA ALA A 263 -24.94 -21.56 20.85
C ALA A 263 -26.23 -21.06 21.49
N GLN A 264 -27.17 -20.55 20.69
CA GLN A 264 -28.49 -20.20 21.21
C GLN A 264 -29.31 -21.44 21.54
N GLY A 265 -29.05 -22.56 20.86
CA GLY A 265 -29.79 -23.78 21.13
C GLY A 265 -29.94 -24.71 19.95
N VAL A 266 -31.14 -25.29 19.80
CA VAL A 266 -31.46 -26.12 18.66
C VAL A 266 -32.48 -25.39 17.81
N HIS A 267 -32.18 -25.25 16.52
CA HIS A 267 -33.06 -24.55 15.59
C HIS A 267 -33.76 -25.57 14.71
N LEU A 268 -35.08 -25.51 14.68
CA LEU A 268 -35.91 -26.34 13.82
C LEU A 268 -36.54 -25.48 12.74
N PHE A 269 -36.35 -25.91 11.49
CA PHE A 269 -36.61 -25.16 10.28
C PHE A 269 -37.54 -25.96 9.38
N SER A 270 -38.47 -25.29 8.71
CA SER A 270 -39.38 -25.98 7.81
C SER A 270 -39.84 -25.04 6.71
N SER A 271 -40.56 -25.62 5.75
CA SER A 271 -41.28 -24.88 4.73
C SER A 271 -42.78 -24.83 4.99
N ARG A 272 -43.23 -25.29 6.16
CA ARG A 272 -44.66 -25.49 6.37
C ARG A 272 -45.39 -24.18 6.58
N TYR A 273 -44.77 -23.23 7.28
CA TYR A 273 -45.47 -21.99 7.63
C TYR A 273 -45.34 -20.90 6.57
N VAL A 274 -44.27 -20.90 5.78
CA VAL A 274 -43.97 -19.81 4.87
C VAL A 274 -44.35 -20.15 3.43
N ASP A 275 -43.73 -21.18 2.86
CA ASP A 275 -43.89 -21.50 1.44
C ASP A 275 -44.24 -22.97 1.31
N LEU A 276 -45.55 -23.28 1.40
CA LEU A 276 -46.00 -24.65 1.19
C LEU A 276 -45.84 -25.07 -0.26
N TYR A 277 -46.20 -24.18 -1.19
CA TYR A 277 -46.23 -24.52 -2.60
C TYR A 277 -44.88 -24.31 -3.28
N GLY A 278 -43.93 -23.73 -2.57
CA GLY A 278 -42.55 -23.56 -2.99
C GLY A 278 -41.67 -24.59 -2.30
N GLY A 279 -41.09 -24.20 -1.17
CA GLY A 279 -40.26 -25.09 -0.38
C GLY A 279 -38.86 -24.56 -0.14
N ASN A 280 -38.62 -24.13 1.09
CA ASN A 280 -37.35 -23.59 1.52
C ASN A 280 -37.18 -23.91 3.00
N MET A 281 -36.26 -23.23 3.66
CA MET A 281 -36.01 -23.42 5.08
C MET A 281 -36.34 -22.13 5.82
N PHE A 282 -37.13 -22.25 6.89
CA PHE A 282 -37.53 -21.07 7.63
C PHE A 282 -37.66 -21.38 9.11
N GLN A 283 -37.26 -20.43 9.93
CA GLN A 283 -37.17 -20.60 11.38
C GLN A 283 -38.56 -20.65 11.98
N PHE A 284 -39.02 -21.85 12.33
CA PHE A 284 -40.28 -21.95 13.04
C PHE A 284 -40.12 -22.35 14.50
N ALA A 285 -38.97 -22.90 14.90
CA ALA A 285 -38.87 -23.29 16.30
C ALA A 285 -37.44 -23.14 16.80
N THR A 286 -37.31 -22.74 18.05
CA THR A 286 -36.05 -22.78 18.77
C THR A 286 -36.24 -23.52 20.08
N LEU A 287 -35.20 -24.24 20.50
CA LEU A 287 -35.25 -25.10 21.68
C LEU A 287 -34.04 -24.78 22.57
N PRO A 288 -34.25 -24.53 23.86
CA PRO A 288 -33.15 -24.14 24.77
C PRO A 288 -32.36 -25.34 25.27
N VAL A 289 -31.55 -25.91 24.37
CA VAL A 289 -30.81 -27.11 24.72
C VAL A 289 -29.66 -26.74 25.66
N TYR A 290 -29.24 -27.73 26.46
CA TYR A 290 -28.19 -27.51 27.44
C TYR A 290 -26.82 -27.96 26.96
N ASP A 291 -26.72 -29.01 26.16
CA ASP A 291 -25.46 -29.47 25.57
C ASP A 291 -25.54 -29.47 24.06
N THR A 292 -24.37 -29.54 23.43
CA THR A 292 -24.29 -29.74 22.00
C THR A 292 -24.63 -31.19 21.66
N ILE A 293 -25.42 -31.38 20.61
CA ILE A 293 -25.78 -32.72 20.15
C ILE A 293 -24.63 -33.27 19.33
N LYS A 294 -24.17 -34.47 19.69
CA LYS A 294 -23.11 -35.14 18.96
C LYS A 294 -23.58 -36.38 18.20
N TYR A 295 -24.66 -37.02 18.65
CA TYR A 295 -25.11 -38.28 18.07
C TYR A 295 -26.62 -38.24 17.88
N TYR A 296 -27.09 -39.00 16.90
CA TYR A 296 -28.51 -38.97 16.54
C TYR A 296 -28.85 -40.24 15.79
N SER A 297 -30.12 -40.63 15.88
CA SER A 297 -30.65 -41.71 15.05
C SER A 297 -32.15 -41.52 14.92
N ILE A 298 -32.80 -42.50 14.30
CA ILE A 298 -34.23 -42.44 14.00
C ILE A 298 -34.96 -43.52 14.78
N ILE A 299 -36.14 -43.20 15.28
CA ILE A 299 -37.03 -44.27 15.74
C ILE A 299 -37.50 -45.07 14.54
N PRO A 300 -37.35 -46.39 14.53
CA PRO A 300 -38.02 -47.20 13.51
C PRO A 300 -39.53 -47.15 13.72
N HIS A 301 -40.27 -47.02 12.62
CA HIS A 301 -41.71 -46.87 12.69
C HIS A 301 -42.39 -48.04 11.99
N SER A 302 -43.20 -48.78 12.73
CA SER A 302 -44.06 -49.81 12.16
C SER A 302 -45.49 -49.31 12.16
N ILE A 303 -46.34 -50.00 11.41
CA ILE A 303 -47.76 -49.67 11.31
C ILE A 303 -48.54 -50.97 11.42
N ARG A 304 -49.53 -50.99 12.31
CA ARG A 304 -50.37 -52.18 12.51
C ARG A 304 -51.54 -52.20 11.53
N SER A 305 -51.24 -52.02 10.25
CA SER A 305 -52.28 -52.06 9.22
C SER A 305 -52.71 -53.48 8.96
N ILE A 306 -53.98 -53.64 8.57
CA ILE A 306 -54.48 -54.95 8.17
C ILE A 306 -53.84 -55.36 6.85
N GLN A 307 -53.63 -56.67 6.69
CA GLN A 307 -52.99 -57.16 5.47
C GLN A 307 -53.87 -56.96 4.25
N SER A 308 -55.20 -56.95 4.43
CA SER A 308 -56.10 -56.67 3.33
C SER A 308 -55.99 -55.23 2.85
N ASP A 309 -55.57 -54.31 3.71
CA ASP A 309 -55.45 -52.91 3.35
C ASP A 309 -54.12 -52.33 3.85
N ARG A 310 -53.03 -53.06 3.61
CA ARG A 310 -51.72 -52.44 3.75
C ARG A 310 -51.55 -51.36 2.70
N LYS A 311 -50.95 -50.24 3.10
CA LYS A 311 -50.83 -49.08 2.22
C LYS A 311 -49.36 -48.75 2.00
N ALA A 312 -49.07 -48.23 0.81
CA ALA A 312 -47.70 -47.88 0.47
C ALA A 312 -47.28 -46.62 1.19
N TRP A 313 -46.09 -46.66 1.78
CA TRP A 313 -45.54 -45.55 2.55
C TRP A 313 -44.38 -44.93 1.79
N ALA A 314 -44.30 -43.60 1.80
CA ALA A 314 -43.18 -42.93 1.17
C ALA A 314 -41.93 -43.07 2.03
N ALA A 315 -40.83 -42.55 1.52
CA ALA A 315 -39.56 -42.57 2.21
C ALA A 315 -38.94 -41.19 2.17
N PHE A 316 -38.08 -40.93 3.15
CA PHE A 316 -37.46 -39.62 3.32
C PHE A 316 -35.97 -39.68 3.02
N TYR A 317 -35.40 -38.50 2.82
CA TYR A 317 -34.00 -38.39 2.43
C TYR A 317 -33.27 -37.48 3.41
N VAL A 318 -32.06 -37.88 3.81
CA VAL A 318 -31.29 -37.18 4.83
C VAL A 318 -29.98 -36.71 4.21
N TYR A 319 -29.66 -35.43 4.43
CA TYR A 319 -28.43 -34.83 3.94
C TYR A 319 -27.81 -34.01 5.05
N LYS A 320 -26.49 -33.89 5.03
CA LYS A 320 -25.76 -33.24 6.11
C LYS A 320 -25.62 -31.74 5.85
N LEU A 321 -25.47 -30.99 6.94
CA LEU A 321 -25.23 -29.55 6.90
C LEU A 321 -23.81 -29.25 7.34
N GLN A 322 -23.07 -28.54 6.48
CA GLN A 322 -21.70 -28.13 6.74
C GLN A 322 -21.49 -26.75 6.13
N PRO A 323 -20.59 -25.94 6.70
CA PRO A 323 -20.50 -24.53 6.26
C PRO A 323 -19.89 -24.38 4.88
N LEU A 324 -20.64 -23.77 3.97
CA LEU A 324 -20.17 -23.44 2.63
C LEU A 324 -20.50 -21.98 2.32
N THR A 325 -20.21 -21.59 1.09
CA THR A 325 -20.56 -20.29 0.54
C THR A 325 -21.18 -20.51 -0.84
N PHE A 326 -22.42 -20.06 -1.01
CA PHE A 326 -23.09 -20.21 -2.28
C PHE A 326 -23.37 -18.84 -2.89
N LEU A 327 -23.94 -18.87 -4.09
CA LEU A 327 -24.48 -17.69 -4.76
C LEU A 327 -25.97 -17.91 -4.96
N LEU A 328 -26.78 -16.96 -4.48
CA LEU A 328 -28.22 -17.10 -4.47
C LEU A 328 -28.84 -16.02 -5.35
N ASP A 329 -29.93 -16.39 -6.05
CA ASP A 329 -30.77 -15.44 -6.75
C ASP A 329 -32.06 -15.27 -5.95
N PHE A 330 -32.42 -14.03 -5.63
CA PHE A 330 -33.69 -13.73 -5.00
C PHE A 330 -34.56 -13.02 -6.02
N SER A 331 -35.74 -13.55 -6.27
CA SER A 331 -36.67 -12.93 -7.20
C SER A 331 -37.51 -11.88 -6.46
N VAL A 332 -38.56 -11.39 -7.11
CA VAL A 332 -39.43 -10.40 -6.48
C VAL A 332 -40.20 -11.00 -5.32
N ASP A 333 -40.60 -12.27 -5.46
CA ASP A 333 -41.34 -12.94 -4.39
C ASP A 333 -40.45 -13.30 -3.20
N GLY A 334 -39.15 -13.23 -3.34
CA GLY A 334 -38.25 -13.51 -2.25
C GLY A 334 -38.06 -14.97 -1.92
N TYR A 335 -38.38 -15.88 -2.84
CA TYR A 335 -38.18 -17.30 -2.63
C TYR A 335 -37.01 -17.79 -3.47
N ILE A 336 -36.18 -18.65 -2.87
CA ILE A 336 -35.01 -19.16 -3.57
C ILE A 336 -35.46 -20.13 -4.65
N ARG A 337 -35.05 -19.86 -5.89
CA ARG A 337 -35.37 -20.75 -7.00
C ARG A 337 -34.09 -21.13 -7.74
N ARG A 338 -33.10 -20.23 -7.74
CA ARG A 338 -31.84 -20.47 -8.43
C ARG A 338 -30.68 -20.18 -7.47
N ALA A 339 -29.75 -21.13 -7.40
CA ALA A 339 -28.55 -20.97 -6.60
C ALA A 339 -27.45 -21.85 -7.18
N ILE A 340 -26.20 -21.42 -6.99
CA ILE A 340 -25.04 -22.15 -7.48
C ILE A 340 -24.02 -22.23 -6.36
N ASP A 341 -23.11 -23.20 -6.48
CA ASP A 341 -22.23 -23.56 -5.39
C ASP A 341 -20.79 -23.11 -5.67
N CYS A 342 -19.89 -23.54 -4.77
CA CYS A 342 -18.46 -23.40 -4.96
C CYS A 342 -17.72 -24.72 -4.91
N GLY A 343 -18.39 -25.80 -4.50
CA GLY A 343 -17.73 -27.05 -4.23
C GLY A 343 -18.02 -28.21 -5.17
N PHE A 344 -18.97 -28.08 -6.09
CA PHE A 344 -19.33 -29.23 -6.92
C PHE A 344 -18.35 -29.41 -8.07
N ASN A 345 -18.10 -28.34 -8.83
CA ASN A 345 -17.25 -28.45 -10.01
C ASN A 345 -16.60 -27.10 -10.27
N ASP A 346 -15.75 -27.07 -11.31
CA ASP A 346 -15.02 -25.85 -11.64
C ASP A 346 -15.94 -24.74 -12.15
N LEU A 347 -17.00 -25.12 -12.89
CA LEU A 347 -17.93 -24.11 -13.38
C LEU A 347 -18.68 -23.42 -12.25
N SER A 348 -18.90 -24.13 -11.14
CA SER A 348 -19.50 -23.49 -9.97
C SER A 348 -18.60 -22.40 -9.41
N GLN A 349 -17.30 -22.69 -9.32
CA GLN A 349 -16.34 -21.69 -8.85
C GLN A 349 -16.24 -20.53 -9.83
N LEU A 350 -16.30 -20.83 -11.13
CA LEU A 350 -16.23 -19.78 -12.13
C LEU A 350 -17.47 -18.88 -12.10
N HIS A 351 -18.63 -19.47 -11.86
CA HIS A 351 -19.85 -18.68 -11.69
C HIS A 351 -19.77 -17.82 -10.44
N CYS A 352 -19.28 -18.37 -9.33
CA CYS A 352 -19.15 -17.60 -8.10
C CYS A 352 -17.99 -16.62 -8.14
N SER A 353 -17.07 -16.75 -9.10
CA SER A 353 -16.01 -15.77 -9.25
C SER A 353 -16.53 -14.48 -9.86
N TYR A 354 -17.51 -14.57 -10.76
CA TYR A 354 -18.09 -13.42 -11.42
C TYR A 354 -19.33 -12.90 -10.70
N GLU A 355 -19.75 -13.57 -9.61
CA GLU A 355 -20.93 -13.21 -8.83
C GLU A 355 -22.19 -13.15 -9.69
N SER A 356 -22.31 -14.08 -10.62
CA SER A 356 -23.46 -14.10 -11.51
C SER A 356 -23.69 -15.51 -12.04
N PHE A 357 -24.90 -15.74 -12.54
CA PHE A 357 -25.25 -16.97 -13.22
C PHE A 357 -24.87 -16.97 -14.69
N ASP A 358 -24.42 -15.85 -15.23
CA ASP A 358 -24.06 -15.72 -16.63
C ASP A 358 -22.65 -15.19 -16.74
N VAL A 359 -21.79 -15.92 -17.45
CA VAL A 359 -20.44 -15.49 -17.75
C VAL A 359 -20.22 -15.59 -19.25
N GLU A 360 -19.26 -14.82 -19.74
CA GLU A 360 -18.95 -14.85 -21.16
C GLU A 360 -18.11 -16.09 -21.49
N SER A 361 -18.13 -16.45 -22.77
CA SER A 361 -17.37 -17.62 -23.21
C SER A 361 -15.87 -17.32 -23.19
N GLY A 362 -15.09 -18.39 -23.17
CA GLY A 362 -13.64 -18.24 -23.25
C GLY A 362 -12.84 -19.21 -22.42
N VAL A 363 -11.55 -18.89 -22.30
CA VAL A 363 -10.61 -19.68 -21.50
C VAL A 363 -10.44 -19.01 -20.15
N TYR A 364 -10.51 -19.80 -19.09
CA TYR A 364 -10.45 -19.29 -17.73
C TYR A 364 -9.51 -20.15 -16.90
N SER A 365 -8.63 -19.50 -16.15
CA SER A 365 -7.77 -20.20 -15.21
C SER A 365 -8.59 -20.63 -13.99
N VAL A 366 -8.38 -21.87 -13.55
CA VAL A 366 -9.14 -22.46 -12.46
C VAL A 366 -8.14 -23.11 -11.52
N SER A 367 -8.59 -23.40 -10.30
CA SER A 367 -7.76 -23.95 -9.23
C SER A 367 -7.08 -25.26 -9.62
N SER A 368 -5.76 -25.23 -9.71
CA SER A 368 -5.00 -26.42 -10.04
C SER A 368 -5.05 -27.42 -8.90
N PHE A 369 -5.20 -28.70 -9.24
CA PHE A 369 -5.22 -29.73 -8.22
C PHE A 369 -3.81 -30.24 -7.96
N GLU A 370 -3.69 -31.15 -6.99
CA GLU A 370 -2.41 -31.69 -6.56
C GLU A 370 -2.51 -33.20 -6.45
N ALA A 371 -1.50 -33.91 -6.94
CA ALA A 371 -1.46 -35.35 -6.79
C ALA A 371 -1.15 -35.73 -5.34
N LYS A 372 -1.65 -36.89 -4.94
CA LYS A 372 -1.46 -37.34 -3.56
C LYS A 372 -0.02 -37.83 -3.34
N PRO A 373 0.55 -37.56 -2.17
CA PRO A 373 1.88 -38.10 -1.87
C PRO A 373 1.86 -39.62 -1.73
N SER A 374 2.99 -40.24 -2.05
CA SER A 374 3.10 -41.69 -2.10
C SER A 374 3.78 -42.29 -0.87
N GLY A 375 4.20 -41.48 0.09
CA GLY A 375 4.82 -42.00 1.28
C GLY A 375 5.71 -40.98 1.94
N SER A 376 6.67 -41.48 2.73
CA SER A 376 7.57 -40.63 3.49
C SER A 376 8.91 -41.32 3.65
N VAL A 377 9.95 -40.52 3.90
CA VAL A 377 11.28 -41.01 4.19
C VAL A 377 11.80 -40.33 5.44
N VAL A 378 12.29 -41.12 6.40
CA VAL A 378 12.82 -40.62 7.66
C VAL A 378 14.17 -41.30 7.88
N GLU A 379 15.24 -40.64 7.43
CA GLU A 379 16.59 -41.17 7.67
C GLU A 379 17.62 -40.05 7.55
N GLN A 380 18.46 -39.90 8.57
CA GLN A 380 19.65 -39.05 8.57
C GLN A 380 20.50 -39.58 9.74
N ALA A 381 21.61 -38.90 10.04
CA ALA A 381 22.61 -39.42 10.98
C ALA A 381 22.13 -39.41 12.42
N GLU A 382 21.61 -40.54 12.88
CA GLU A 382 21.38 -40.80 14.29
C GLU A 382 21.74 -42.26 14.56
N GLY A 383 21.38 -42.74 15.75
CA GLY A 383 21.71 -44.10 16.13
C GLY A 383 22.40 -44.14 17.48
N VAL A 384 22.59 -42.98 18.09
CA VAL A 384 23.19 -42.86 19.42
C VAL A 384 22.08 -42.46 20.39
N GLU A 385 21.95 -43.22 21.47
CA GLU A 385 20.87 -43.00 22.42
C GLU A 385 21.25 -41.92 23.41
N CYS A 386 20.27 -41.08 23.76
CA CYS A 386 20.51 -40.05 24.76
C CYS A 386 20.63 -40.69 26.14
N ASP A 387 21.33 -39.99 27.03
CA ASP A 387 21.68 -40.52 28.34
C ASP A 387 20.51 -40.38 29.30
N PHE A 388 19.96 -41.52 29.74
CA PHE A 388 18.92 -41.55 30.76
C PHE A 388 19.28 -42.45 31.94
N SER A 389 20.51 -42.97 31.98
CA SER A 389 20.90 -43.89 33.06
C SER A 389 20.89 -43.24 34.45
N PRO A 390 21.44 -42.03 34.68
CA PRO A 390 21.24 -41.41 36.00
C PRO A 390 19.79 -41.01 36.28
N LEU A 391 18.95 -40.92 35.26
CA LEU A 391 17.53 -40.67 35.49
C LEU A 391 16.80 -41.93 35.92
N LEU A 392 17.24 -43.10 35.46
CA LEU A 392 16.61 -44.36 35.81
C LEU A 392 17.28 -45.06 36.99
N SER A 393 18.33 -44.47 37.55
CA SER A 393 19.07 -45.12 38.64
C SER A 393 19.51 -44.08 39.65
N GLY A 394 19.71 -44.52 40.88
CA GLY A 394 20.21 -43.67 41.95
C GLY A 394 19.09 -42.94 42.67
N THR A 395 19.46 -42.38 43.83
CA THR A 395 18.51 -41.64 44.65
C THR A 395 18.21 -40.29 44.02
N PRO A 396 16.96 -39.97 43.69
CA PRO A 396 16.65 -38.67 43.12
C PRO A 396 16.84 -37.56 44.14
N PRO A 397 17.17 -36.35 43.70
CA PRO A 397 17.42 -35.26 44.64
C PRO A 397 16.14 -34.50 44.95
N GLN A 398 16.28 -33.50 45.82
CA GLN A 398 15.14 -32.69 46.20
C GLN A 398 14.88 -31.63 45.14
N VAL A 399 13.92 -30.74 45.40
CA VAL A 399 13.49 -29.80 44.37
C VAL A 399 14.49 -28.67 44.20
N TYR A 400 15.30 -28.38 45.22
CA TYR A 400 16.25 -27.29 45.11
C TYR A 400 17.62 -27.72 44.60
N ASN A 401 17.83 -29.00 44.34
CA ASN A 401 19.11 -29.50 43.82
C ASN A 401 18.87 -30.56 42.76
N PHE A 402 17.93 -30.29 41.85
CA PHE A 402 17.59 -31.23 40.79
C PHE A 402 18.79 -31.48 39.87
N LYS A 403 18.87 -32.69 39.32
CA LYS A 403 19.96 -33.01 38.41
C LYS A 403 19.53 -32.82 36.96
N ARG A 404 20.44 -32.29 36.15
CA ARG A 404 20.21 -31.88 34.78
C ARG A 404 20.73 -32.93 33.81
N LEU A 405 20.01 -33.12 32.70
CA LEU A 405 20.51 -33.87 31.56
C LEU A 405 20.27 -33.03 30.30
N VAL A 406 21.35 -32.69 29.62
CA VAL A 406 21.27 -31.89 28.39
C VAL A 406 21.28 -32.87 27.22
N PHE A 407 20.57 -32.50 26.16
CA PHE A 407 20.43 -33.35 24.97
C PHE A 407 20.65 -32.50 23.73
N THR A 408 21.70 -32.83 22.98
CA THR A 408 22.00 -32.17 21.72
C THR A 408 22.60 -33.22 20.79
N ASN A 409 21.96 -33.41 19.63
CA ASN A 409 22.36 -34.39 18.61
C ASN A 409 22.41 -35.81 19.18
N CYS A 410 21.25 -36.29 19.60
CA CYS A 410 21.12 -37.67 20.06
C CYS A 410 19.70 -38.16 19.76
N ASN A 411 19.56 -39.48 19.67
CA ASN A 411 18.30 -40.13 19.37
C ASN A 411 17.56 -40.45 20.66
N TYR A 412 16.34 -39.94 20.79
CA TYR A 412 15.53 -40.18 21.98
C TYR A 412 14.31 -40.99 21.58
N ASN A 413 13.95 -41.95 22.43
CA ASN A 413 12.74 -42.75 22.23
C ASN A 413 11.98 -42.75 23.54
N LEU A 414 10.96 -41.88 23.64
CA LEU A 414 10.15 -41.83 24.85
C LEU A 414 9.22 -43.03 24.97
N THR A 415 8.99 -43.75 23.87
CA THR A 415 8.21 -44.99 23.93
C THR A 415 8.94 -46.09 24.71
N LYS A 416 10.26 -45.98 24.85
CA LYS A 416 11.02 -46.86 25.73
C LYS A 416 11.51 -46.16 26.99
N LEU A 417 11.40 -44.83 27.05
CA LEU A 417 11.76 -44.09 28.26
C LEU A 417 10.62 -44.11 29.26
N LEU A 418 9.47 -43.56 28.86
CA LEU A 418 8.32 -43.42 29.75
C LEU A 418 7.58 -44.74 29.94
N SER A 419 7.91 -45.77 29.17
CA SER A 419 7.35 -47.10 29.39
C SER A 419 7.79 -47.69 30.72
N LEU A 420 8.94 -47.24 31.23
CA LEU A 420 9.40 -47.62 32.55
C LEU A 420 8.78 -46.77 33.65
N PHE A 421 7.91 -45.83 33.30
CA PHE A 421 7.27 -44.93 34.26
C PHE A 421 5.77 -45.00 34.11
N SER A 422 5.08 -44.33 35.04
CA SER A 422 3.63 -44.17 34.99
C SER A 422 3.31 -42.72 35.30
N VAL A 423 2.74 -42.01 34.33
CA VAL A 423 2.51 -40.58 34.46
C VAL A 423 1.30 -40.36 35.36
N ASN A 424 1.52 -39.64 36.47
CA ASN A 424 0.42 -39.20 37.31
C ASN A 424 -0.12 -37.85 36.86
N ASP A 425 0.77 -36.92 36.56
CA ASP A 425 0.40 -35.60 36.05
C ASP A 425 1.25 -35.26 34.84
N PHE A 426 0.61 -34.72 33.81
CA PHE A 426 1.30 -34.29 32.59
C PHE A 426 0.78 -32.92 32.20
N THR A 427 1.56 -31.88 32.45
CA THR A 427 1.19 -30.52 32.09
C THR A 427 2.23 -29.94 31.15
N CYS A 428 1.80 -29.05 30.26
CA CYS A 428 2.73 -28.42 29.33
C CYS A 428 2.31 -26.98 29.09
N SER A 429 3.28 -26.16 28.73
CA SER A 429 3.09 -24.74 28.46
C SER A 429 3.77 -24.39 27.14
N GLN A 430 2.99 -23.71 26.27
CA GLN A 430 3.32 -23.19 24.94
C GLN A 430 3.43 -24.26 23.86
N ILE A 431 3.37 -25.54 24.21
CA ILE A 431 3.37 -26.62 23.22
C ILE A 431 2.37 -27.68 23.64
N SER A 432 1.95 -28.50 22.68
CA SER A 432 1.11 -29.65 22.95
C SER A 432 1.95 -30.78 23.56
N PRO A 433 1.31 -31.71 24.27
CA PRO A 433 2.04 -32.92 24.71
C PRO A 433 2.58 -33.75 23.56
N ALA A 434 1.89 -33.79 22.42
CA ALA A 434 2.35 -34.56 21.28
C ALA A 434 3.41 -33.84 20.45
N ALA A 435 3.68 -32.56 20.75
CA ALA A 435 4.66 -31.81 19.97
C ALA A 435 6.09 -32.26 20.24
N ILE A 436 6.39 -32.75 21.44
CA ILE A 436 7.75 -33.14 21.78
C ILE A 436 8.15 -34.40 21.03
N ALA A 437 7.25 -35.39 20.98
CA ALA A 437 7.58 -36.70 20.45
C ALA A 437 7.71 -36.74 18.93
N SER A 438 7.32 -35.68 18.23
CA SER A 438 7.34 -35.69 16.77
C SER A 438 8.21 -34.59 16.18
N ASN A 439 8.16 -33.38 16.73
CA ASN A 439 8.89 -32.26 16.16
C ASN A 439 10.36 -32.30 16.56
N CYS A 440 11.23 -32.12 15.57
CA CYS A 440 12.66 -32.09 15.82
C CYS A 440 13.05 -30.76 16.44
N TYR A 441 13.90 -30.81 17.46
CA TYR A 441 14.25 -29.65 18.26
C TYR A 441 15.75 -29.39 18.16
N SER A 442 16.14 -28.12 18.33
CA SER A 442 17.56 -27.80 18.31
C SER A 442 18.27 -28.30 19.56
N SER A 443 17.71 -28.06 20.74
CA SER A 443 18.33 -28.56 21.96
C SER A 443 17.27 -28.85 23.02
N LEU A 444 17.64 -29.69 23.99
CA LEU A 444 16.73 -30.10 25.03
C LEU A 444 17.44 -30.10 26.37
N ILE A 445 16.72 -29.70 27.43
CA ILE A 445 17.23 -29.84 28.79
C ILE A 445 16.13 -30.44 29.66
N LEU A 446 16.49 -31.46 30.45
CA LEU A 446 15.57 -32.19 31.29
C LEU A 446 16.13 -32.25 32.69
N ASP A 447 15.46 -31.63 33.65
CA ASP A 447 15.91 -31.64 35.03
C ASP A 447 14.93 -32.43 35.89
N TYR A 448 15.45 -33.40 36.62
CA TYR A 448 14.62 -34.29 37.42
C TYR A 448 14.93 -34.15 38.91
N PHE A 449 13.88 -34.39 39.71
CA PHE A 449 13.91 -34.15 41.15
C PHE A 449 12.86 -35.05 41.81
N SER A 450 12.92 -35.13 43.14
CA SER A 450 11.89 -35.80 43.91
C SER A 450 10.74 -34.82 44.19
N TYR A 451 9.54 -35.17 43.75
CA TYR A 451 8.40 -34.27 43.89
C TYR A 451 7.10 -35.04 44.07
N PRO A 452 6.50 -35.00 45.26
CA PRO A 452 5.21 -35.67 45.46
C PRO A 452 4.06 -34.85 44.92
N LEU A 453 2.87 -35.44 45.00
CA LEU A 453 1.64 -34.83 44.49
C LEU A 453 0.96 -33.94 45.52
N SER A 454 1.54 -33.78 46.72
CA SER A 454 0.88 -32.99 47.76
C SER A 454 0.90 -31.50 47.43
N MET A 455 2.03 -31.00 46.91
CA MET A 455 2.16 -29.58 46.55
C MET A 455 2.00 -29.35 45.04
N LYS A 456 1.10 -30.11 44.41
CA LYS A 456 0.85 -29.95 42.97
C LYS A 456 0.35 -28.55 42.64
N SER A 457 -0.44 -27.94 43.53
CA SER A 457 -0.91 -26.58 43.33
C SER A 457 0.23 -25.56 43.37
N ASP A 458 1.37 -25.93 43.94
CA ASP A 458 2.55 -25.07 43.90
C ASP A 458 3.34 -25.21 42.60
N LEU A 459 2.93 -26.10 41.71
CA LEU A 459 3.56 -26.21 40.40
C LEU A 459 2.96 -25.27 39.37
N SER A 460 1.96 -24.49 39.74
CA SER A 460 1.34 -23.55 38.81
C SER A 460 2.26 -22.37 38.55
N VAL A 461 2.03 -21.71 37.41
CA VAL A 461 2.81 -20.52 37.06
C VAL A 461 2.46 -19.36 37.99
N SER A 462 1.17 -19.21 38.31
CA SER A 462 0.72 -18.11 39.16
C SER A 462 0.89 -18.41 40.64
N SER A 463 1.35 -19.60 41.01
CA SER A 463 1.54 -19.93 42.42
C SER A 463 2.74 -19.20 42.98
N ALA A 464 2.54 -18.53 44.12
CA ALA A 464 3.60 -17.76 44.78
C ALA A 464 4.21 -18.53 45.95
N GLY A 465 4.20 -19.86 45.89
CA GLY A 465 4.74 -20.66 46.96
C GLY A 465 6.24 -20.72 46.94
N PRO A 466 6.81 -21.38 47.95
CA PRO A 466 8.28 -21.44 48.08
C PRO A 466 8.98 -22.13 46.92
N ILE A 467 8.31 -23.07 46.26
CA ILE A 467 8.92 -23.77 45.12
C ILE A 467 9.18 -22.80 43.97
N SER A 468 8.22 -21.93 43.69
CA SER A 468 8.37 -20.93 42.65
C SER A 468 9.00 -19.64 43.14
N GLN A 469 9.40 -19.58 44.40
CA GLN A 469 10.04 -18.39 44.96
C GLN A 469 11.53 -18.58 45.20
N PHE A 470 11.96 -19.75 45.65
CA PHE A 470 13.36 -19.96 46.02
C PHE A 470 13.95 -21.16 45.31
N ASN A 471 13.14 -22.19 45.08
CA ASN A 471 13.67 -23.47 44.64
C ASN A 471 13.98 -23.48 43.15
N TYR A 472 12.98 -23.26 42.30
CA TYR A 472 13.18 -23.33 40.87
C TYR A 472 12.21 -22.38 40.17
N LYS A 473 12.67 -21.75 39.10
CA LYS A 473 11.86 -20.86 38.28
C LYS A 473 11.84 -21.37 36.85
N GLN A 474 10.65 -21.48 36.27
CA GLN A 474 10.50 -21.99 34.91
C GLN A 474 10.93 -20.94 33.89
N SER A 475 11.15 -21.41 32.67
CA SER A 475 11.52 -20.54 31.55
C SER A 475 10.26 -19.91 30.97
N PHE A 476 10.15 -18.58 31.06
CA PHE A 476 8.94 -17.90 30.63
C PHE A 476 8.82 -17.83 29.11
N SER A 477 9.92 -17.52 28.42
CA SER A 477 9.88 -17.26 26.99
C SER A 477 10.06 -18.52 26.14
N ASN A 478 10.17 -19.69 26.76
CA ASN A 478 10.33 -20.94 26.04
C ASN A 478 9.32 -21.95 26.55
N PRO A 479 8.87 -22.86 25.67
CA PRO A 479 7.89 -23.87 26.11
C PRO A 479 8.47 -24.82 27.15
N THR A 480 7.63 -25.24 28.08
CA THR A 480 8.06 -26.10 29.18
C THR A 480 7.06 -27.23 29.36
N CYS A 481 7.48 -28.29 30.02
CA CYS A 481 6.60 -29.41 30.33
C CYS A 481 6.97 -30.01 31.68
N LEU A 482 5.95 -30.32 32.48
CA LEU A 482 6.12 -30.93 33.79
C LEU A 482 5.48 -32.31 33.78
N ILE A 483 6.26 -33.33 34.14
CA ILE A 483 5.79 -34.70 34.22
C ILE A 483 5.99 -35.20 35.64
N LEU A 484 4.90 -35.45 36.34
CA LEU A 484 4.94 -36.04 37.67
C LEU A 484 4.60 -37.53 37.56
N ALA A 485 5.55 -38.38 37.91
CA ALA A 485 5.41 -39.82 37.71
C ALA A 485 5.74 -40.56 39.01
N THR A 486 5.48 -41.87 38.98
CA THR A 486 5.74 -42.75 40.12
C THR A 486 6.44 -44.01 39.62
N VAL A 487 7.40 -44.47 40.41
CA VAL A 487 8.16 -45.68 40.04
C VAL A 487 7.26 -46.90 40.17
N PRO A 488 7.17 -47.75 39.15
CA PRO A 488 6.38 -48.98 39.28
C PRO A 488 7.03 -49.97 40.22
N HIS A 489 6.21 -50.92 40.70
CA HIS A 489 6.69 -51.89 41.68
C HIS A 489 7.68 -52.87 41.06
N ASN A 490 7.48 -53.24 39.80
CA ASN A 490 8.39 -54.19 39.13
C ASN A 490 9.55 -53.45 38.45
N LEU A 491 10.22 -52.60 39.21
CA LEU A 491 11.39 -51.86 38.69
C LEU A 491 12.23 -51.47 39.90
N THR A 492 13.33 -52.19 40.10
CA THR A 492 14.21 -51.96 41.24
C THR A 492 15.52 -51.28 40.87
N THR A 493 15.65 -50.80 39.63
CA THR A 493 16.87 -50.14 39.21
C THR A 493 17.04 -48.74 39.79
N ILE A 494 16.00 -48.19 40.42
CA ILE A 494 16.06 -46.86 41.03
C ILE A 494 15.61 -46.99 42.47
N THR A 495 16.14 -46.12 43.33
CA THR A 495 15.83 -46.10 44.75
C THR A 495 15.01 -44.88 45.09
N LYS A 496 14.50 -44.85 46.32
CA LYS A 496 13.70 -43.74 46.81
C LYS A 496 14.44 -43.04 47.95
N PRO A 497 14.35 -41.70 48.02
CA PRO A 497 15.05 -40.98 49.10
C PRO A 497 14.37 -41.14 50.45
N LEU A 498 14.91 -40.46 51.47
CA LEU A 498 14.34 -40.53 52.81
C LEU A 498 12.98 -39.84 52.87
N LYS A 499 12.90 -38.63 52.34
CA LYS A 499 11.68 -37.82 52.38
C LYS A 499 11.80 -36.73 51.32
N TYR A 500 10.89 -35.76 51.37
CA TYR A 500 10.96 -34.59 50.51
C TYR A 500 11.25 -33.36 51.35
N SER A 501 11.87 -32.36 50.72
CA SER A 501 12.24 -31.14 51.43
C SER A 501 12.34 -29.98 50.45
N TYR A 502 12.19 -28.77 50.99
CA TYR A 502 12.39 -27.55 50.22
C TYR A 502 12.71 -26.42 51.20
N ILE A 503 12.88 -25.21 50.66
CA ILE A 503 13.20 -24.03 51.43
C ILE A 503 11.99 -23.11 51.42
N ASN A 504 11.40 -22.90 52.60
CA ASN A 504 10.19 -22.09 52.69
C ASN A 504 10.49 -20.59 52.74
N LYS A 505 11.73 -20.21 53.03
CA LYS A 505 12.10 -18.79 53.12
C LYS A 505 13.60 -18.69 52.92
N CYS A 506 14.03 -17.93 51.92
CA CYS A 506 15.44 -17.69 51.65
C CYS A 506 15.65 -16.20 51.46
N SER A 507 16.59 -15.63 52.21
CA SER A 507 16.83 -14.19 52.16
C SER A 507 18.27 -13.91 52.57
N ARG A 508 18.72 -12.71 52.23
CA ARG A 508 20.06 -12.24 52.54
C ARG A 508 19.99 -11.14 53.59
N LEU A 509 20.88 -11.22 54.59
CA LEU A 509 21.01 -10.19 55.61
C LEU A 509 22.23 -9.34 55.30
N LEU A 510 22.12 -8.04 55.49
CA LEU A 510 23.25 -7.15 55.32
C LEU A 510 23.95 -6.92 56.66
N SER A 511 25.12 -6.27 56.59
CA SER A 511 25.92 -6.04 57.79
C SER A 511 25.30 -5.02 58.73
N ASP A 512 24.37 -4.20 58.26
CA ASP A 512 23.76 -3.19 59.12
C ASP A 512 22.73 -3.78 60.07
N ASP A 513 22.29 -5.03 59.82
CA ASP A 513 21.31 -5.74 60.66
C ASP A 513 19.99 -4.96 60.78
N ARG A 514 19.59 -4.32 59.70
CA ARG A 514 18.35 -3.54 59.71
C ARG A 514 17.47 -3.89 58.51
N THR A 515 18.09 -4.28 57.40
CA THR A 515 17.38 -4.54 56.15
C THR A 515 17.66 -5.96 55.69
N GLU A 516 16.60 -6.70 55.36
CA GLU A 516 16.69 -8.06 54.85
C GLU A 516 16.15 -8.08 53.44
N VAL A 517 16.91 -8.65 52.50
CA VAL A 517 16.53 -8.70 51.10
C VAL A 517 16.01 -10.10 50.80
N PRO A 518 14.72 -10.27 50.49
CA PRO A 518 14.24 -11.59 50.07
C PRO A 518 14.87 -12.03 48.75
N GLN A 519 15.13 -13.31 48.63
CA GLN A 519 15.85 -13.87 47.49
C GLN A 519 14.86 -14.40 46.46
N LEU A 520 15.05 -14.01 45.20
CA LEU A 520 14.22 -14.45 44.10
C LEU A 520 15.11 -15.22 43.12
N VAL A 521 14.83 -16.50 42.95
CA VAL A 521 15.65 -17.35 42.07
C VAL A 521 15.28 -17.05 40.63
N ASN A 522 16.30 -17.02 39.76
CA ASN A 522 16.09 -16.74 38.35
C ASN A 522 15.94 -18.05 37.57
N ALA A 523 15.53 -17.91 36.31
CA ALA A 523 15.43 -19.06 35.43
C ALA A 523 16.83 -19.59 35.10
N ASN A 524 16.96 -20.92 35.16
CA ASN A 524 18.24 -21.63 34.98
C ASN A 524 19.29 -21.13 35.96
N GLN A 525 18.88 -20.87 37.20
CA GLN A 525 19.77 -20.37 38.24
C GLN A 525 19.40 -21.04 39.55
N TYR A 526 20.22 -20.83 40.57
CA TYR A 526 19.98 -21.36 41.90
C TYR A 526 19.89 -20.22 42.89
N SER A 527 19.14 -20.44 43.97
CA SER A 527 19.14 -19.51 45.08
C SER A 527 20.49 -19.53 45.78
N PRO A 528 20.92 -18.40 46.34
CA PRO A 528 22.17 -18.41 47.13
C PRO A 528 22.12 -19.30 48.35
N CYS A 529 20.92 -19.54 48.90
CA CYS A 529 20.78 -20.37 50.10
C CYS A 529 21.17 -21.82 49.86
N VAL A 530 21.22 -22.25 48.60
CA VAL A 530 21.72 -23.60 48.28
C VAL A 530 23.18 -23.74 48.66
N SER A 531 23.93 -22.62 48.66
CA SER A 531 25.34 -22.66 49.05
C SER A 531 25.52 -23.00 50.53
N ILE A 532 24.51 -22.78 51.36
CA ILE A 532 24.60 -23.10 52.78
C ILE A 532 23.63 -24.21 53.21
N VAL A 533 22.60 -24.49 52.42
CA VAL A 533 21.67 -25.57 52.76
C VAL A 533 22.21 -26.88 52.20
N PRO A 534 22.32 -27.92 53.00
CA PRO A 534 22.82 -29.21 52.50
C PRO A 534 21.85 -29.87 51.54
N SER A 535 22.28 -31.00 50.98
CA SER A 535 21.49 -31.70 49.97
C SER A 535 20.21 -32.29 50.55
N THR A 536 20.18 -32.54 51.85
CA THR A 536 18.99 -33.06 52.53
C THR A 536 18.75 -32.26 53.80
N VAL A 537 17.62 -31.57 53.86
CA VAL A 537 17.21 -30.88 55.08
C VAL A 537 16.71 -31.92 56.07
N TRP A 538 17.24 -31.88 57.29
CA TRP A 538 16.96 -32.95 58.25
C TRP A 538 15.53 -32.89 58.78
N GLU A 539 15.03 -31.70 59.06
CA GLU A 539 13.70 -31.58 59.66
C GLU A 539 13.07 -30.26 59.27
N ASP A 540 11.76 -30.18 59.45
CA ASP A 540 11.02 -28.96 59.17
C ASP A 540 11.40 -27.86 60.15
N GLY A 541 11.49 -26.64 59.66
CA GLY A 541 11.90 -25.52 60.47
C GLY A 541 13.39 -25.39 60.69
N ASP A 542 14.20 -26.10 59.92
CA ASP A 542 15.65 -26.02 60.07
C ASP A 542 16.14 -24.64 59.64
N TYR A 543 16.97 -24.02 60.49
CA TYR A 543 17.50 -22.70 60.24
C TYR A 543 18.99 -22.81 59.93
N TYR A 544 19.41 -22.23 58.81
CA TYR A 544 20.80 -22.24 58.39
C TYR A 544 21.29 -20.81 58.22
N ARG A 545 22.52 -20.55 58.65
CA ARG A 545 23.09 -19.23 58.51
C ARG A 545 24.58 -19.34 58.25
N LYS A 546 25.12 -18.34 57.55
CA LYS A 546 26.56 -18.27 57.30
C LYS A 546 26.93 -16.82 57.04
N GLN A 547 28.22 -16.53 57.16
CA GLN A 547 28.73 -15.17 56.98
C GLN A 547 29.06 -14.93 55.51
N LEU A 548 28.49 -13.87 54.95
CA LEU A 548 28.76 -13.48 53.57
C LEU A 548 29.99 -12.58 53.51
N SER A 549 30.85 -12.83 52.54
CA SER A 549 32.04 -12.01 52.35
C SER A 549 31.65 -10.61 51.87
N PRO A 550 32.43 -9.59 52.24
CA PRO A 550 32.11 -8.22 51.79
C PRO A 550 32.19 -8.03 50.27
N LEU A 551 32.92 -8.88 49.56
CA LEU A 551 32.95 -8.78 48.10
C LEU A 551 31.63 -9.21 47.48
N GLU A 552 30.87 -10.07 48.15
CA GLU A 552 29.60 -10.56 47.65
C GLU A 552 28.40 -9.82 48.26
N GLY A 553 28.62 -8.59 48.74
CA GLY A 553 27.57 -7.80 49.35
C GLY A 553 27.63 -7.73 50.85
N GLY A 554 28.38 -8.61 51.50
CA GLY A 554 28.56 -8.58 52.93
C GLY A 554 27.36 -9.12 53.70
N GLY A 555 27.44 -8.99 55.01
CA GLY A 555 26.37 -9.46 55.87
C GLY A 555 26.37 -10.97 56.05
N TRP A 556 25.17 -11.52 56.19
CA TRP A 556 24.98 -12.95 56.41
C TRP A 556 23.88 -13.48 55.49
N LEU A 557 23.93 -14.78 55.26
CA LEU A 557 22.90 -15.48 54.49
C LEU A 557 22.19 -16.48 55.40
N VAL A 558 20.87 -16.39 55.46
CA VAL A 558 20.06 -17.27 56.29
C VAL A 558 19.03 -17.96 55.41
N ALA A 559 18.51 -19.08 55.91
CA ALA A 559 17.53 -19.88 55.18
C ALA A 559 16.74 -20.71 56.17
N SER A 560 15.48 -20.97 55.82
CA SER A 560 14.58 -21.79 56.63
C SER A 560 13.98 -22.88 55.75
N GLY A 561 14.11 -24.13 56.20
CA GLY A 561 13.68 -25.27 55.41
C GLY A 561 12.45 -25.98 55.94
N SER A 562 11.84 -26.81 55.11
CA SER A 562 10.65 -27.57 55.46
C SER A 562 10.70 -28.95 54.82
N THR A 563 10.03 -29.91 55.45
CA THR A 563 10.05 -31.30 55.02
C THR A 563 8.63 -31.82 54.83
N VAL A 564 8.50 -32.72 53.86
CA VAL A 564 7.24 -33.39 53.53
C VAL A 564 7.50 -34.90 53.59
N ALA A 565 6.59 -35.62 54.24
CA ALA A 565 6.79 -37.03 54.56
C ALA A 565 6.86 -37.90 53.31
N MET A 566 7.59 -39.01 53.42
CA MET A 566 7.75 -39.92 52.30
C MET A 566 6.45 -40.71 52.14
N THR A 567 5.94 -40.77 50.93
CA THR A 567 4.69 -41.43 50.61
C THR A 567 4.90 -42.95 50.58
N GLU A 568 3.89 -43.68 50.09
CA GLU A 568 4.04 -45.12 49.94
C GLU A 568 5.01 -45.47 48.83
N GLN A 569 4.90 -44.80 47.68
CA GLN A 569 5.82 -44.97 46.57
C GLN A 569 6.35 -43.61 46.16
N LEU A 570 7.57 -43.59 45.64
CA LEU A 570 8.24 -42.34 45.32
C LEU A 570 7.58 -41.68 44.12
N GLN A 571 6.98 -40.51 44.35
CA GLN A 571 6.52 -39.64 43.29
C GLN A 571 7.61 -38.61 43.01
N MET A 572 7.91 -38.41 41.73
CA MET A 572 9.05 -37.58 41.36
C MET A 572 8.79 -36.91 40.02
N GLY A 573 9.45 -35.77 39.82
CA GLY A 573 9.09 -34.83 38.78
C GLY A 573 10.19 -34.60 37.76
N PHE A 574 9.77 -34.34 36.53
CA PHE A 574 10.63 -34.09 35.38
C PHE A 574 10.24 -32.75 34.77
N GLY A 575 11.23 -31.92 34.48
CA GLY A 575 11.02 -30.67 33.76
C GLY A 575 11.72 -30.73 32.41
N ILE A 576 10.95 -30.41 31.37
CA ILE A 576 11.43 -30.42 29.99
C ILE A 576 11.39 -28.99 29.49
N THR A 577 12.53 -28.49 29.01
CA THR A 577 12.61 -27.20 28.34
C THR A 577 13.31 -27.40 27.00
N VAL A 578 12.66 -26.92 25.94
CA VAL A 578 13.09 -27.18 24.57
C VAL A 578 13.58 -25.86 23.97
N GLN A 579 14.43 -25.99 22.95
CA GLN A 579 14.92 -24.84 22.21
C GLN A 579 14.84 -25.15 20.72
N TYR A 580 14.17 -24.27 19.97
CA TYR A 580 13.87 -24.40 18.55
C TYR A 580 15.03 -23.97 17.66
N GLY A 581 15.57 -22.78 17.89
CA GLY A 581 16.50 -22.19 16.95
C GLY A 581 17.89 -21.96 17.52
N THR A 582 18.41 -22.93 18.27
CA THR A 582 19.74 -22.78 18.83
C THR A 582 20.78 -22.89 17.73
N ASP A 583 20.85 -24.05 17.08
CA ASP A 583 21.63 -24.19 15.85
C ASP A 583 20.75 -24.59 14.67
N THR A 584 20.07 -25.73 14.75
CA THR A 584 19.23 -26.33 13.71
C THR A 584 18.49 -27.50 14.36
N ASN A 585 17.25 -27.73 13.92
CA ASN A 585 16.47 -28.84 14.44
C ASN A 585 17.11 -30.17 14.05
N SER A 586 17.77 -30.82 15.00
CA SER A 586 18.53 -32.04 14.71
C SER A 586 18.24 -33.14 15.71
N VAL A 587 17.81 -32.78 16.91
CA VAL A 587 17.52 -33.76 17.96
C VAL A 587 16.19 -34.44 17.59
N CYS A 588 16.26 -35.67 17.08
CA CYS A 588 15.10 -36.29 16.46
C CYS A 588 14.94 -37.72 16.93
N PRO A 589 13.70 -38.22 16.96
CA PRO A 589 13.45 -39.61 17.34
C PRO A 589 13.69 -40.56 16.18
N LYS A 590 13.36 -41.83 16.40
CA LYS A 590 13.55 -42.88 15.41
C LYS A 590 12.34 -43.80 15.40
N LEU A 591 12.21 -44.58 14.33
CA LEU A 591 11.15 -45.57 14.19
C LEU A 591 11.73 -46.81 13.52
N GLU A 592 10.85 -47.78 13.25
CA GLU A 592 11.22 -48.97 12.50
C GLU A 592 11.05 -48.71 11.02
N PHE A 593 11.98 -49.24 10.22
CA PHE A 593 12.07 -48.88 8.81
C PHE A 593 11.75 -50.04 7.88
N ALA A 594 12.50 -51.15 7.98
CA ALA A 594 12.51 -52.21 6.97
C ALA A 594 12.79 -51.62 5.59
N ASN A 595 11.74 -51.35 4.81
CA ASN A 595 11.94 -50.78 3.48
C ASN A 595 10.92 -49.69 3.12
N ASP A 596 10.45 -48.90 4.10
CA ASP A 596 9.46 -47.89 3.77
C ASP A 596 10.10 -46.52 3.55
N THR A 597 11.11 -46.18 4.34
CA THR A 597 11.70 -44.84 4.35
C THR A 597 13.02 -44.77 3.59
N LYS A 598 13.27 -45.73 2.70
CA LYS A 598 14.49 -45.70 1.90
C LYS A 598 14.28 -44.80 0.69
N ILE A 599 15.31 -44.04 0.33
CA ILE A 599 15.22 -43.15 -0.82
C ILE A 599 15.11 -43.97 -2.10
N ALA A 600 15.88 -45.06 -2.20
CA ALA A 600 15.82 -45.93 -3.37
C ALA A 600 14.47 -46.65 -3.46
N SER A 601 13.80 -46.86 -2.33
CA SER A 601 12.51 -47.55 -2.34
C SER A 601 11.43 -46.68 -2.97
N GLN A 602 11.35 -45.42 -2.57
CA GLN A 602 10.35 -44.48 -3.07
C GLN A 602 10.95 -43.50 -4.06
N LEU A 603 11.90 -43.97 -4.86
CA LEU A 603 12.58 -43.11 -5.82
C LEU A 603 11.64 -42.74 -6.97
N GLY A 604 11.69 -41.48 -7.37
CA GLY A 604 10.93 -41.04 -8.53
C GLY A 604 9.44 -40.86 -8.31
N ASN A 605 9.00 -40.69 -7.07
CA ASN A 605 7.59 -40.47 -6.77
C ASN A 605 7.44 -39.30 -5.82
N CYS A 606 6.24 -38.74 -5.78
CA CYS A 606 5.92 -37.65 -4.87
C CYS A 606 5.74 -38.22 -3.46
N VAL A 607 6.67 -37.91 -2.57
CA VAL A 607 6.59 -38.34 -1.19
C VAL A 607 6.81 -37.14 -0.28
N GLU A 608 6.29 -37.23 0.94
CA GLU A 608 6.46 -36.19 1.95
C GLU A 608 7.69 -36.54 2.77
N TYR A 609 8.81 -35.91 2.44
CA TYR A 609 10.06 -36.20 3.14
C TYR A 609 10.07 -35.53 4.50
N SER A 610 10.59 -36.25 5.49
CA SER A 610 10.83 -35.73 6.83
C SER A 610 12.24 -36.17 7.19
N LEU A 611 13.22 -35.36 6.79
CA LEU A 611 14.64 -35.67 6.96
C LEU A 611 15.13 -34.93 8.21
N TYR A 612 14.79 -35.49 9.36
CA TYR A 612 15.36 -35.19 10.68
C TYR A 612 15.41 -33.69 10.96
N GLY A 613 14.24 -33.07 10.85
CA GLY A 613 14.12 -31.64 10.98
C GLY A 613 13.97 -30.87 9.68
N VAL A 614 13.92 -31.56 8.55
CA VAL A 614 13.62 -30.93 7.26
C VAL A 614 12.35 -31.58 6.74
N SER A 615 11.23 -30.89 6.85
CA SER A 615 9.93 -31.43 6.47
C SER A 615 9.45 -30.76 5.19
N GLY A 616 8.92 -31.56 4.28
CA GLY A 616 8.37 -31.03 3.05
C GLY A 616 7.87 -32.14 2.16
N ARG A 617 7.58 -31.80 0.91
CA ARG A 617 7.15 -32.79 -0.07
C ARG A 617 7.95 -32.59 -1.35
N GLY A 618 8.16 -33.69 -2.07
CA GLY A 618 8.91 -33.61 -3.31
C GLY A 618 9.18 -34.97 -3.91
N VAL A 619 9.96 -34.96 -4.97
CA VAL A 619 10.33 -36.16 -5.72
C VAL A 619 11.85 -36.26 -5.73
N PHE A 620 12.37 -37.41 -5.31
CA PHE A 620 13.80 -37.64 -5.28
C PHE A 620 14.28 -38.20 -6.63
N GLN A 621 15.55 -37.91 -6.94
CA GLN A 621 16.12 -38.40 -8.20
C GLN A 621 17.64 -38.53 -8.09
N ASN A 622 18.21 -39.50 -8.80
CA ASN A 622 19.65 -39.79 -8.72
C ASN A 622 20.44 -38.70 -9.46
N CYS A 623 21.37 -38.06 -8.76
CA CYS A 623 22.20 -37.01 -9.32
C CYS A 623 23.66 -37.22 -8.96
N THR A 624 24.53 -36.53 -9.68
CA THR A 624 25.95 -36.53 -9.35
C THR A 624 26.19 -35.68 -8.11
N ALA A 625 27.23 -36.05 -7.35
CA ALA A 625 27.52 -35.41 -6.07
C ALA A 625 27.99 -33.97 -6.25
N VAL A 626 27.20 -33.01 -5.76
CA VAL A 626 27.50 -31.59 -5.90
C VAL A 626 27.42 -30.96 -4.51
N GLY A 627 28.45 -30.20 -4.15
CA GLY A 627 28.45 -29.45 -2.91
C GLY A 627 29.29 -30.09 -1.82
N VAL A 628 29.23 -29.47 -0.65
CA VAL A 628 30.00 -29.93 0.50
C VAL A 628 29.33 -31.16 1.09
N ARG A 629 30.11 -32.23 1.26
CA ARG A 629 29.57 -33.50 1.73
C ARG A 629 29.07 -33.41 3.17
N GLN A 630 29.80 -32.73 4.04
CA GLN A 630 29.53 -32.81 5.47
C GLN A 630 28.31 -31.98 5.86
N GLN A 631 28.00 -30.91 5.13
CA GLN A 631 26.87 -30.08 5.50
C GLN A 631 25.53 -30.77 5.23
N ARG A 632 25.49 -31.65 4.23
CA ARG A 632 24.37 -32.54 3.91
C ARG A 632 23.11 -31.80 3.46
N PHE A 633 23.19 -30.50 3.21
CA PHE A 633 22.02 -29.74 2.75
C PHE A 633 22.49 -28.68 1.77
N VAL A 634 22.06 -28.79 0.51
CA VAL A 634 22.39 -27.81 -0.51
C VAL A 634 21.16 -26.96 -0.79
N TYR A 635 21.36 -25.66 -0.96
CA TYR A 635 20.28 -24.72 -1.17
C TYR A 635 20.62 -23.80 -2.33
N ASP A 636 19.58 -23.27 -2.95
CA ASP A 636 19.72 -22.28 -4.00
C ASP A 636 19.75 -20.88 -3.36
N ALA A 637 19.63 -19.85 -4.19
CA ALA A 637 19.59 -18.49 -3.69
C ALA A 637 18.27 -18.12 -3.04
N TYR A 638 17.25 -18.98 -3.14
CA TYR A 638 15.93 -18.69 -2.59
C TYR A 638 15.63 -19.52 -1.34
N GLN A 639 16.67 -20.05 -0.69
CA GLN A 639 16.55 -20.86 0.53
C GLN A 639 15.63 -22.06 0.34
N ASN A 640 15.73 -22.70 -0.83
CA ASN A 640 14.96 -23.90 -1.13
C ASN A 640 15.92 -25.08 -1.26
N LEU A 641 15.56 -26.19 -0.61
CA LEU A 641 16.44 -27.36 -0.59
C LEU A 641 16.51 -27.97 -1.99
N VAL A 642 17.74 -28.17 -2.47
CA VAL A 642 17.97 -28.68 -3.81
C VAL A 642 18.24 -30.19 -3.80
N GLY A 643 18.89 -30.68 -2.75
CA GLY A 643 19.23 -32.08 -2.69
C GLY A 643 19.79 -32.45 -1.34
N TYR A 644 20.22 -33.70 -1.23
CA TYR A 644 20.58 -34.25 0.07
C TYR A 644 21.57 -35.38 -0.09
N TYR A 645 22.56 -35.43 0.79
CA TYR A 645 23.59 -36.47 0.79
C TYR A 645 23.10 -37.63 1.64
N SER A 646 22.84 -38.76 0.99
CA SER A 646 22.28 -39.91 1.69
C SER A 646 23.34 -40.63 2.52
N ASP A 647 22.94 -41.07 3.70
CA ASP A 647 23.78 -41.99 4.47
C ASP A 647 23.92 -43.33 3.76
N ASP A 648 22.85 -43.81 3.15
CA ASP A 648 22.84 -45.05 2.38
C ASP A 648 23.77 -44.93 1.19
N GLY A 649 23.50 -43.96 0.32
CA GLY A 649 24.34 -43.72 -0.83
C GLY A 649 25.03 -42.38 -0.81
N ASN A 650 24.53 -41.46 -1.64
CA ASN A 650 25.13 -40.16 -1.88
C ASN A 650 24.04 -39.16 -2.24
N TYR A 651 24.45 -38.05 -2.87
CA TYR A 651 23.59 -36.94 -3.25
C TYR A 651 22.43 -37.40 -4.13
N TYR A 652 21.22 -36.99 -3.75
CA TYR A 652 20.03 -37.02 -4.60
C TYR A 652 19.47 -35.62 -4.76
N CYS A 653 18.88 -35.36 -5.91
CA CYS A 653 18.15 -34.13 -6.16
C CYS A 653 16.70 -34.25 -5.71
N LEU A 654 16.11 -33.11 -5.37
CA LEU A 654 14.68 -33.00 -5.13
C LEU A 654 14.25 -31.61 -5.55
N ARG A 655 13.12 -31.53 -6.27
CA ARG A 655 12.65 -30.26 -6.81
C ARG A 655 11.34 -29.81 -6.18
N ALA A 656 10.29 -30.62 -6.29
CA ALA A 656 8.95 -30.35 -5.78
C ALA A 656 8.10 -31.58 -6.07
N CYS A 657 6.90 -31.60 -5.49
CA CYS A 657 5.87 -32.56 -5.87
C CYS A 657 5.04 -31.90 -6.97
N VAL A 658 5.55 -32.00 -8.20
CA VAL A 658 4.93 -31.32 -9.33
C VAL A 658 3.63 -32.03 -9.71
N SER A 659 2.59 -31.24 -9.94
CA SER A 659 1.30 -31.77 -10.37
C SER A 659 0.74 -30.96 -11.52
N VAL A 660 -0.54 -31.15 -11.81
CA VAL A 660 -1.15 -30.66 -13.04
C VAL A 660 -1.74 -29.27 -12.78
N PRO A 661 -1.35 -28.24 -13.53
CA PRO A 661 -2.14 -27.02 -13.56
C PRO A 661 -3.28 -27.13 -14.57
N VAL A 662 -4.44 -26.61 -14.18
CA VAL A 662 -5.69 -26.86 -14.90
C VAL A 662 -6.29 -25.54 -15.37
N SER A 663 -6.68 -25.50 -16.64
CA SER A 663 -7.45 -24.40 -17.20
C SER A 663 -8.73 -24.97 -17.80
N VAL A 664 -9.73 -24.12 -17.99
CA VAL A 664 -11.02 -24.56 -18.48
C VAL A 664 -11.41 -23.67 -19.66
N ILE A 665 -12.18 -24.23 -20.59
CA ILE A 665 -12.83 -23.46 -21.64
C ILE A 665 -14.32 -23.69 -21.51
N TYR A 666 -15.09 -22.61 -21.60
CA TYR A 666 -16.54 -22.69 -21.43
C TYR A 666 -17.22 -21.77 -22.41
N ASP A 667 -18.29 -22.26 -23.03
CA ASP A 667 -19.00 -21.51 -24.06
C ASP A 667 -20.34 -21.01 -23.53
N LYS A 668 -20.67 -19.75 -23.85
CA LYS A 668 -22.00 -19.24 -23.55
C LYS A 668 -23.00 -19.78 -24.57
N GLU A 669 -24.28 -19.72 -24.20
CA GLU A 669 -25.50 -20.10 -24.94
C GLU A 669 -25.51 -21.56 -25.39
N THR A 670 -24.46 -22.31 -25.05
CA THR A 670 -24.35 -23.75 -25.28
C THR A 670 -23.55 -24.27 -24.10
N LYS A 671 -24.21 -25.00 -23.19
CA LYS A 671 -23.60 -25.37 -21.91
C LYS A 671 -22.53 -26.44 -22.17
N THR A 672 -21.39 -25.97 -22.68
CA THR A 672 -20.30 -26.83 -23.10
C THR A 672 -18.99 -26.32 -22.47
N HIS A 673 -18.17 -27.26 -22.03
CA HIS A 673 -16.93 -26.93 -21.34
C HIS A 673 -15.94 -28.07 -21.55
N ALA A 674 -14.66 -27.73 -21.46
CA ALA A 674 -13.59 -28.71 -21.60
C ALA A 674 -12.41 -28.28 -20.74
N THR A 675 -11.55 -29.24 -20.41
CA THR A 675 -10.43 -29.02 -19.51
C THR A 675 -9.12 -29.17 -20.25
N LEU A 676 -8.18 -28.27 -19.97
CA LEU A 676 -6.84 -28.32 -20.54
C LEU A 676 -5.82 -28.40 -19.41
N PHE A 677 -4.82 -29.25 -19.62
CA PHE A 677 -3.67 -29.40 -18.74
C PHE A 677 -2.45 -28.99 -19.54
N GLY A 678 -1.88 -27.84 -19.21
CA GLY A 678 -0.86 -27.25 -20.06
C GLY A 678 0.52 -27.87 -19.88
N SER A 679 1.25 -27.95 -20.99
CA SER A 679 2.67 -28.29 -21.04
C SER A 679 2.96 -29.68 -20.48
N VAL A 680 1.97 -30.57 -20.51
CA VAL A 680 2.09 -31.91 -19.95
C VAL A 680 1.49 -32.90 -20.94
N ALA A 681 2.15 -34.04 -21.10
CA ALA A 681 1.65 -35.09 -21.96
C ALA A 681 0.40 -35.72 -21.35
N CYS A 682 -0.33 -36.46 -22.19
CA CYS A 682 -1.55 -37.14 -21.77
C CYS A 682 -1.15 -38.33 -20.91
N GLU A 683 -0.85 -38.05 -19.64
CA GLU A 683 -0.30 -39.04 -18.73
C GLU A 683 -0.95 -39.05 -17.36
N HIS A 684 -1.81 -38.08 -17.04
CA HIS A 684 -2.46 -38.00 -15.74
C HIS A 684 -3.96 -38.18 -15.92
N ILE A 685 -4.55 -39.03 -15.06
CA ILE A 685 -5.96 -39.38 -15.17
C ILE A 685 -6.62 -39.15 -13.81
N SER A 686 -7.91 -39.47 -13.69
CA SER A 686 -8.77 -39.05 -12.59
C SER A 686 -8.43 -39.63 -11.21
N SER A 687 -7.32 -40.36 -11.09
CA SER A 687 -7.04 -41.10 -9.85
C SER A 687 -6.62 -40.17 -8.71
N THR A 688 -5.49 -39.48 -8.87
CA THR A 688 -4.94 -38.66 -7.78
C THR A 688 -5.39 -37.22 -7.97
N MET A 689 -6.54 -36.90 -7.39
CA MET A 689 -7.12 -35.56 -7.46
C MET A 689 -6.90 -34.82 -6.14
N SER A 690 -7.25 -33.54 -6.16
CA SER A 690 -7.35 -32.70 -4.97
C SER A 690 -8.43 -31.67 -5.24
N GLN A 691 -8.39 -30.56 -4.49
CA GLN A 691 -9.39 -29.48 -4.45
C GLN A 691 -10.82 -30.00 -4.45
N TYR A 692 -11.70 -29.41 -5.26
CA TYR A 692 -13.13 -29.59 -5.06
C TYR A 692 -13.61 -30.92 -5.64
N SER A 693 -13.58 -31.03 -6.97
CA SER A 693 -13.97 -32.19 -7.76
C SER A 693 -13.71 -31.84 -9.22
N ARG A 694 -14.01 -32.75 -10.15
CA ARG A 694 -13.96 -32.42 -11.56
C ARG A 694 -15.24 -32.88 -12.24
N SER A 695 -15.56 -32.22 -13.35
CA SER A 695 -16.81 -32.46 -14.06
C SER A 695 -16.67 -33.62 -15.04
N THR A 696 -17.81 -34.13 -15.48
CA THR A 696 -17.89 -35.19 -16.46
C THR A 696 -18.33 -34.62 -17.80
N ARG A 697 -17.87 -35.25 -18.89
CA ARG A 697 -18.17 -34.76 -20.22
C ARG A 697 -19.32 -35.54 -20.85
N SER A 698 -19.07 -36.83 -21.07
CA SER A 698 -19.98 -37.78 -21.70
C SER A 698 -19.34 -39.16 -21.67
N MET A 699 -20.14 -40.21 -21.65
CA MET A 699 -19.60 -41.56 -21.71
C MET A 699 -20.57 -42.52 -22.39
N TYR A 707 -13.77 -40.36 -26.35
CA TYR A 707 -13.49 -39.48 -25.22
C TYR A 707 -12.03 -39.57 -24.80
N GLY A 708 -11.17 -39.94 -25.74
CA GLY A 708 -9.76 -40.05 -25.48
C GLY A 708 -9.11 -38.72 -25.18
N PRO A 709 -8.12 -38.72 -24.28
CA PRO A 709 -7.39 -37.48 -23.97
C PRO A 709 -6.54 -37.05 -25.15
N LEU A 710 -6.86 -35.89 -25.71
CA LEU A 710 -6.18 -35.44 -26.92
C LEU A 710 -4.85 -34.78 -26.55
N GLN A 711 -3.77 -35.30 -27.11
CA GLN A 711 -2.50 -34.61 -27.03
C GLN A 711 -2.51 -33.42 -27.99
N THR A 712 -1.84 -32.35 -27.59
CA THR A 712 -1.80 -31.13 -28.36
C THR A 712 -0.53 -30.38 -28.00
N PRO A 713 -0.05 -29.48 -28.86
CA PRO A 713 1.13 -28.67 -28.51
C PRO A 713 0.97 -27.84 -27.24
N VAL A 714 -0.27 -27.53 -26.82
CA VAL A 714 -0.45 -26.84 -25.55
C VAL A 714 -0.75 -27.80 -24.40
N GLY A 715 -0.51 -29.10 -24.57
CA GLY A 715 -0.62 -30.03 -23.47
C GLY A 715 -1.50 -31.25 -23.71
N CYS A 716 -2.38 -31.52 -22.75
CA CYS A 716 -3.35 -32.61 -22.87
C CYS A 716 -4.73 -32.06 -22.56
N VAL A 717 -5.69 -32.32 -23.44
CA VAL A 717 -7.02 -31.73 -23.32
C VAL A 717 -8.04 -32.86 -23.21
N LEU A 718 -8.93 -32.73 -22.22
CA LEU A 718 -10.10 -33.59 -22.09
C LEU A 718 -11.34 -32.79 -22.47
N GLY A 719 -12.26 -33.45 -23.17
CA GLY A 719 -13.49 -32.83 -23.62
C GLY A 719 -13.52 -32.41 -25.06
N LEU A 720 -12.52 -32.79 -25.86
CA LEU A 720 -12.42 -32.38 -27.24
C LEU A 720 -12.31 -33.60 -28.15
N VAL A 721 -12.53 -33.37 -29.44
CA VAL A 721 -12.43 -34.42 -30.46
C VAL A 721 -11.59 -33.86 -31.60
N ASN A 722 -10.85 -34.75 -32.27
CA ASN A 722 -10.00 -34.31 -33.38
C ASN A 722 -10.84 -33.91 -34.58
N SER A 723 -10.27 -33.04 -35.41
CA SER A 723 -10.98 -32.55 -36.58
C SER A 723 -9.97 -32.08 -37.62
N SER A 724 -10.22 -32.44 -38.87
CA SER A 724 -9.41 -31.96 -40.00
C SER A 724 -10.05 -30.70 -40.60
N LEU A 725 -10.28 -29.72 -39.73
CA LEU A 725 -10.92 -28.47 -40.12
C LEU A 725 -9.99 -27.31 -39.84
N PHE A 726 -10.18 -26.22 -40.58
CA PHE A 726 -9.35 -25.04 -40.46
C PHE A 726 -10.25 -23.83 -40.26
N VAL A 727 -9.92 -22.99 -39.29
CA VAL A 727 -10.72 -21.83 -38.94
C VAL A 727 -9.82 -20.60 -38.89
N GLU A 728 -10.19 -19.55 -39.62
CA GLU A 728 -9.41 -18.32 -39.67
C GLU A 728 -10.00 -17.22 -38.81
N ASP A 729 -11.18 -17.41 -38.23
CA ASP A 729 -11.88 -16.40 -37.44
C ASP A 729 -12.23 -16.97 -36.07
N CYS A 730 -11.23 -17.56 -35.41
CA CYS A 730 -11.44 -18.21 -34.13
C CYS A 730 -11.84 -17.21 -33.04
N LYS A 731 -12.81 -17.60 -32.23
CA LYS A 731 -13.29 -16.77 -31.13
C LYS A 731 -12.89 -17.29 -29.76
N LEU A 732 -12.30 -18.48 -29.68
CA LEU A 732 -11.83 -19.06 -28.43
C LEU A 732 -10.38 -19.44 -28.60
N PRO A 733 -9.46 -18.48 -28.47
CA PRO A 733 -8.04 -18.77 -28.72
C PRO A 733 -7.46 -19.65 -27.62
N LEU A 734 -7.28 -20.92 -27.95
CA LEU A 734 -6.93 -21.90 -26.93
C LEU A 734 -5.46 -21.82 -26.56
N GLY A 735 -4.60 -21.65 -27.56
CA GLY A 735 -3.15 -21.63 -27.36
C GLY A 735 -2.47 -22.12 -28.62
N GLN A 736 -1.33 -21.51 -28.94
CA GLN A 736 -0.60 -21.69 -30.19
C GLN A 736 -1.52 -21.48 -31.39
N SER A 737 -1.74 -22.52 -32.18
CA SER A 737 -2.63 -22.43 -33.34
C SER A 737 -3.78 -23.40 -33.18
N LEU A 738 -4.35 -23.45 -31.98
CA LEU A 738 -5.43 -24.38 -31.65
C LEU A 738 -6.64 -23.59 -31.20
N CYS A 739 -7.83 -24.02 -31.63
CA CYS A 739 -9.06 -23.32 -31.32
C CYS A 739 -10.19 -24.29 -31.04
N ALA A 740 -11.18 -23.83 -30.30
CA ALA A 740 -12.38 -24.60 -29.97
C ALA A 740 -13.56 -24.08 -30.78
N LEU A 741 -14.30 -25.01 -31.39
CA LEU A 741 -15.43 -24.67 -32.25
C LEU A 741 -16.71 -25.31 -31.73
N PRO A 742 -17.78 -24.55 -31.53
CA PRO A 742 -19.04 -25.12 -31.08
C PRO A 742 -19.94 -25.54 -32.24
N ASP A 743 -21.13 -26.01 -31.90
CA ASP A 743 -22.17 -26.36 -32.86
C ASP A 743 -23.44 -25.61 -32.51
N THR A 744 -24.48 -25.84 -33.32
CA THR A 744 -25.76 -25.19 -33.10
C THR A 744 -26.90 -26.18 -33.35
N PRO A 757 -27.82 -30.30 -28.25
CA PRO A 757 -26.74 -30.84 -27.42
C PRO A 757 -25.60 -31.43 -28.25
N GLY A 758 -24.77 -30.57 -28.82
CA GLY A 758 -23.65 -30.99 -29.63
C GLY A 758 -22.40 -31.25 -28.82
N GLU A 759 -21.25 -31.13 -29.48
CA GLU A 759 -19.96 -31.34 -28.82
C GLU A 759 -19.06 -30.12 -29.01
N MET A 760 -17.81 -30.24 -28.59
CA MET A 760 -16.82 -29.18 -28.70
C MET A 760 -15.68 -29.70 -29.57
N ARG A 761 -15.38 -28.99 -30.65
CA ARG A 761 -14.37 -29.47 -31.59
C ARG A 761 -13.05 -28.73 -31.42
N LEU A 762 -11.97 -29.42 -31.72
CA LEU A 762 -10.61 -28.86 -31.71
C LEU A 762 -10.15 -28.70 -33.15
N ALA A 763 -9.96 -27.46 -33.59
CA ALA A 763 -9.48 -27.17 -34.93
C ALA A 763 -8.16 -26.42 -34.86
N SER A 764 -7.46 -26.40 -35.99
CA SER A 764 -6.19 -25.68 -36.09
C SER A 764 -6.45 -24.27 -36.60
N ILE A 765 -5.87 -23.29 -35.92
CA ILE A 765 -5.98 -21.89 -36.36
C ILE A 765 -5.14 -21.74 -37.62
N ALA A 766 -5.80 -21.62 -38.76
CA ALA A 766 -5.10 -21.63 -40.04
C ALA A 766 -4.50 -20.26 -40.34
N PHE A 767 -3.80 -20.19 -41.47
CA PHE A 767 -3.24 -18.94 -41.99
C PHE A 767 -4.01 -18.51 -43.22
N ASN A 768 -4.50 -17.29 -43.21
CA ASN A 768 -5.21 -16.73 -44.37
C ASN A 768 -4.12 -16.48 -45.41
N HIS A 769 -4.02 -17.39 -46.36
CA HIS A 769 -2.97 -17.31 -47.37
C HIS A 769 -3.29 -16.20 -48.34
N PRO A 770 -2.38 -15.25 -48.57
CA PRO A 770 -2.69 -14.10 -49.45
C PRO A 770 -2.75 -14.53 -50.90
N ILE A 771 -3.26 -13.61 -51.72
CA ILE A 771 -3.44 -13.88 -53.15
C ILE A 771 -2.06 -13.92 -53.81
N GLN A 772 -1.65 -15.10 -54.23
CA GLN A 772 -0.33 -15.29 -54.81
C GLN A 772 -0.25 -14.70 -56.20
N VAL A 773 0.90 -14.13 -56.54
CA VAL A 773 1.18 -13.64 -57.88
C VAL A 773 2.55 -14.16 -58.30
N ASP A 774 2.73 -14.32 -59.60
CA ASP A 774 3.96 -14.87 -60.15
C ASP A 774 4.94 -13.75 -60.48
N GLN A 775 6.23 -14.05 -60.31
CA GLN A 775 7.31 -13.12 -60.60
C GLN A 775 7.98 -13.51 -61.92
N LEU A 776 8.26 -12.52 -62.76
CA LEU A 776 8.82 -12.74 -64.07
C LEU A 776 10.31 -12.45 -64.09
N ASN A 777 11.05 -13.27 -64.84
CA ASN A 777 12.45 -13.03 -65.12
C ASN A 777 12.68 -12.30 -66.44
N SER A 778 11.61 -11.96 -67.15
CA SER A 778 11.71 -11.31 -68.45
C SER A 778 11.60 -9.80 -68.27
N SER A 779 11.47 -9.07 -69.39
CA SER A 779 11.31 -7.63 -69.37
C SER A 779 9.86 -7.20 -69.19
N TYR A 780 8.90 -8.11 -69.32
CA TYR A 780 7.50 -7.80 -69.14
C TYR A 780 7.17 -7.79 -67.65
N PHE A 781 5.88 -7.74 -67.32
CA PHE A 781 5.47 -7.71 -65.93
C PHE A 781 4.09 -8.33 -65.77
N LYS A 782 3.89 -9.02 -64.63
CA LYS A 782 2.58 -9.57 -64.27
C LYS A 782 1.95 -8.65 -63.24
N LEU A 783 1.02 -7.81 -63.70
CA LEU A 783 0.31 -6.89 -62.85
C LEU A 783 -0.90 -7.57 -62.23
N SER A 784 -1.18 -7.23 -60.97
CA SER A 784 -2.41 -7.63 -60.30
C SER A 784 -3.31 -6.41 -60.17
N ILE A 785 -4.55 -6.54 -60.62
CA ILE A 785 -5.44 -5.36 -60.66
C ILE A 785 -6.85 -5.77 -60.26
N PRO A 786 -7.53 -4.98 -59.43
CA PRO A 786 -8.91 -5.30 -59.07
C PRO A 786 -9.87 -4.99 -60.20
N THR A 787 -10.97 -5.76 -60.23
CA THR A 787 -12.05 -5.55 -61.18
C THR A 787 -13.39 -5.27 -60.52
N ASN A 788 -13.50 -5.43 -59.21
CA ASN A 788 -14.73 -5.17 -58.49
C ASN A 788 -14.37 -4.46 -57.19
N PHE A 789 -15.32 -3.72 -56.63
CA PHE A 789 -15.01 -2.95 -55.45
C PHE A 789 -16.27 -2.64 -54.65
N SER A 790 -16.06 -2.25 -53.41
CA SER A 790 -17.13 -1.84 -52.52
C SER A 790 -16.61 -0.75 -51.60
N PHE A 791 -17.53 -0.15 -50.85
CA PHE A 791 -17.20 0.88 -49.88
C PHE A 791 -17.25 0.23 -48.49
N GLY A 792 -16.08 -0.07 -47.94
CA GLY A 792 -16.02 -0.65 -46.62
C GLY A 792 -16.21 0.42 -45.56
N VAL A 793 -17.11 0.16 -44.61
CA VAL A 793 -17.36 1.05 -43.49
C VAL A 793 -16.66 0.50 -42.25
N THR A 794 -16.01 1.39 -41.50
CA THR A 794 -15.30 1.01 -40.30
C THR A 794 -15.72 1.94 -39.17
N GLN A 795 -16.15 1.34 -38.06
CA GLN A 795 -16.50 2.09 -36.87
C GLN A 795 -15.32 2.13 -35.91
N GLU A 796 -15.15 3.24 -35.22
CA GLU A 796 -14.08 3.40 -34.26
C GLU A 796 -14.57 4.27 -33.11
N TYR A 797 -13.98 4.09 -31.94
CA TYR A 797 -14.31 4.94 -30.80
C TYR A 797 -13.04 5.28 -30.04
N ILE A 798 -12.95 6.54 -29.61
CA ILE A 798 -11.86 6.98 -28.76
C ILE A 798 -12.46 7.62 -27.50
N GLN A 799 -12.07 7.10 -26.34
CA GLN A 799 -12.50 7.67 -25.07
C GLN A 799 -11.72 8.96 -24.84
N THR A 800 -12.36 10.10 -25.09
CA THR A 800 -11.67 11.38 -25.01
C THR A 800 -11.65 11.95 -23.60
N THR A 801 -12.40 11.38 -22.66
CA THR A 801 -12.50 11.93 -21.31
C THR A 801 -13.00 10.86 -20.37
N ILE A 802 -12.91 11.16 -19.08
CA ILE A 802 -13.49 10.33 -18.04
C ILE A 802 -14.61 11.11 -17.36
N GLN A 803 -15.33 10.44 -16.47
CA GLN A 803 -16.42 11.09 -15.76
C GLN A 803 -15.85 12.01 -14.69
N LYS A 804 -16.14 13.30 -14.82
CA LYS A 804 -15.67 14.27 -13.83
C LYS A 804 -16.40 14.07 -12.51
N VAL A 805 -15.65 13.99 -11.43
CA VAL A 805 -16.22 13.72 -10.11
C VAL A 805 -15.31 14.31 -9.05
N THR A 806 -15.91 14.87 -8.01
CA THR A 806 -15.20 15.25 -6.79
C THR A 806 -15.93 14.63 -5.61
N VAL A 807 -15.20 14.41 -4.53
CA VAL A 807 -15.74 13.80 -3.32
C VAL A 807 -15.59 14.78 -2.17
N ASP A 808 -16.67 14.95 -1.40
CA ASP A 808 -16.62 15.70 -0.16
C ASP A 808 -15.98 14.81 0.89
N CYS A 809 -14.71 15.08 1.20
CA CYS A 809 -13.90 14.12 1.95
C CYS A 809 -14.42 13.91 3.36
N LYS A 810 -14.68 15.00 4.10
CA LYS A 810 -15.13 14.86 5.48
C LYS A 810 -16.53 14.28 5.55
N GLN A 811 -17.39 14.62 4.59
CA GLN A 811 -18.74 14.05 4.58
C GLN A 811 -18.70 12.56 4.22
N TYR A 812 -17.83 12.19 3.28
CA TYR A 812 -17.68 10.78 2.92
C TYR A 812 -17.15 9.96 4.09
N VAL A 813 -16.03 10.39 4.67
CA VAL A 813 -15.35 9.57 5.66
C VAL A 813 -16.02 9.72 7.02
N CYS A 814 -16.91 10.70 7.18
CA CYS A 814 -17.28 11.04 8.53
C CYS A 814 -18.80 11.03 8.76
N ASN A 815 -19.58 11.49 7.78
CA ASN A 815 -21.03 11.30 7.71
C ASN A 815 -21.78 11.91 8.90
N GLY A 816 -21.29 13.05 9.41
CA GLY A 816 -22.04 13.85 10.35
C GLY A 816 -22.29 13.26 11.73
N PHE A 817 -21.23 12.97 12.45
CA PHE A 817 -21.33 12.54 13.85
C PHE A 817 -20.15 13.17 14.57
N GLN A 818 -20.40 13.79 15.74
CA GLN A 818 -19.48 14.77 16.31
C GLN A 818 -18.08 14.22 16.59
N LYS A 819 -18.01 13.08 17.28
CA LYS A 819 -16.72 12.48 17.66
C LYS A 819 -15.86 12.16 16.43
N CYS A 820 -16.50 11.87 15.30
CA CYS A 820 -15.79 11.67 14.05
C CYS A 820 -15.00 12.92 13.63
N GLU A 821 -15.61 14.10 13.65
CA GLU A 821 -14.78 15.24 13.24
C GLU A 821 -13.87 15.73 14.37
N GLN A 822 -14.16 15.42 15.64
CA GLN A 822 -13.11 15.75 16.61
C GLN A 822 -11.92 14.81 16.52
N LEU A 823 -12.12 13.60 16.01
CA LEU A 823 -10.99 12.71 15.74
C LEU A 823 -10.41 12.86 14.34
N LEU A 824 -11.07 13.62 13.46
CA LEU A 824 -10.58 13.79 12.10
C LEU A 824 -9.41 14.77 12.03
N ARG A 825 -9.35 15.73 12.95
CA ARG A 825 -8.39 16.82 12.87
C ARG A 825 -6.95 16.39 13.05
N GLU A 826 -6.71 15.20 13.60
CA GLU A 826 -5.33 14.71 13.75
C GLU A 826 -4.70 14.45 12.39
N TYR A 827 -5.41 13.73 11.51
CA TYR A 827 -4.91 13.53 10.17
C TYR A 827 -4.94 14.82 9.36
N GLY A 828 -5.98 15.63 9.54
CA GLY A 828 -6.01 16.97 9.00
C GLY A 828 -6.14 17.10 7.49
N GLN A 829 -5.05 17.53 6.85
CA GLN A 829 -5.07 17.99 5.46
C GLN A 829 -5.00 16.85 4.44
N PHE A 830 -5.30 15.61 4.82
CA PHE A 830 -5.45 14.55 3.83
C PHE A 830 -6.62 14.86 2.90
N CYS A 831 -7.73 15.34 3.47
CA CYS A 831 -8.87 15.79 2.67
C CYS A 831 -8.46 16.96 1.78
N SER A 832 -7.63 17.86 2.29
CA SER A 832 -7.13 18.98 1.49
C SER A 832 -6.31 18.50 0.30
N LYS A 833 -5.42 17.53 0.52
CA LYS A 833 -4.57 17.05 -0.57
C LYS A 833 -5.37 16.29 -1.61
N ILE A 834 -6.34 15.47 -1.18
CA ILE A 834 -7.12 14.75 -2.18
C ILE A 834 -8.06 15.70 -2.93
N ASN A 835 -8.55 16.75 -2.26
CA ASN A 835 -9.32 17.77 -2.96
C ASN A 835 -8.46 18.51 -3.98
N GLN A 836 -7.20 18.79 -3.61
CA GLN A 836 -6.27 19.42 -4.54
C GLN A 836 -6.04 18.55 -5.76
N ALA A 837 -5.81 17.25 -5.55
CA ALA A 837 -5.56 16.33 -6.66
C ALA A 837 -6.78 16.20 -7.57
N LEU A 838 -7.96 16.06 -6.98
CA LEU A 838 -9.18 15.94 -7.78
C LEU A 838 -9.48 17.23 -8.55
N HIS A 839 -9.28 18.39 -7.91
CA HIS A 839 -9.51 19.66 -8.58
C HIS A 839 -8.53 19.86 -9.73
N GLY A 840 -7.26 19.50 -9.53
CA GLY A 840 -6.28 19.62 -10.60
C GLY A 840 -6.58 18.69 -11.75
N ALA A 841 -6.98 17.44 -11.45
CA ALA A 841 -7.34 16.51 -12.52
C ALA A 841 -8.57 16.98 -13.28
N ASN A 842 -9.56 17.54 -12.57
CA ASN A 842 -10.75 18.04 -13.21
C ASN A 842 -10.45 19.25 -14.09
N LEU A 843 -9.57 20.15 -13.63
CA LEU A 843 -9.21 21.30 -14.45
C LEU A 843 -8.39 20.88 -15.67
N ARG A 844 -7.54 19.87 -15.51
CA ARG A 844 -6.79 19.35 -16.65
C ARG A 844 -7.71 18.71 -17.68
N GLN A 845 -8.71 17.96 -17.21
CA GLN A 845 -9.75 17.44 -18.10
C GLN A 845 -10.50 18.58 -18.79
N ASP A 846 -10.76 19.66 -18.04
CA ASP A 846 -11.52 20.79 -18.56
C ASP A 846 -10.80 21.47 -19.71
N ASP A 847 -9.53 21.84 -19.51
CA ASP A 847 -8.88 22.55 -20.62
C ASP A 847 -8.41 21.59 -21.71
N SER A 848 -8.29 20.29 -21.42
CA SER A 848 -8.09 19.33 -22.50
C SER A 848 -9.31 19.29 -23.42
N VAL A 849 -10.51 19.26 -22.83
CA VAL A 849 -11.75 19.28 -23.62
C VAL A 849 -11.86 20.59 -24.39
N ARG A 850 -11.54 21.70 -23.73
CA ARG A 850 -11.60 23.00 -24.40
C ARG A 850 -10.61 23.09 -25.56
N ASN A 851 -9.39 22.56 -25.38
CA ASN A 851 -8.39 22.58 -26.43
C ASN A 851 -8.80 21.71 -27.62
N LEU A 852 -9.34 20.51 -27.35
CA LEU A 852 -9.71 19.64 -28.46
C LEU A 852 -10.93 20.19 -29.20
N PHE A 853 -11.83 20.87 -28.50
CA PHE A 853 -12.96 21.48 -29.19
C PHE A 853 -12.55 22.73 -29.94
N ALA A 854 -11.51 23.43 -29.47
CA ALA A 854 -10.94 24.51 -30.26
C ALA A 854 -10.26 23.97 -31.51
N SER A 855 -9.66 22.79 -31.42
CA SER A 855 -9.00 22.20 -32.59
C SER A 855 -10.01 21.81 -33.67
N VAL A 856 -11.16 21.24 -33.27
CA VAL A 856 -12.15 20.80 -34.25
C VAL A 856 -13.02 21.93 -34.76
N LYS A 857 -12.85 23.14 -34.24
CA LYS A 857 -13.67 24.29 -34.66
C LYS A 857 -13.26 24.70 -36.06
N SER A 858 -14.07 24.31 -37.04
CA SER A 858 -13.82 24.68 -38.43
C SER A 858 -14.05 26.17 -38.62
N SER A 859 -13.21 26.79 -39.45
CA SER A 859 -13.29 28.22 -39.67
C SER A 859 -14.56 28.60 -40.44
N GLN A 860 -14.80 27.93 -41.56
CA GLN A 860 -15.92 28.25 -42.44
C GLN A 860 -16.65 26.96 -42.80
N SER A 861 -17.98 26.99 -42.75
CA SER A 861 -18.77 25.77 -42.93
C SER A 861 -19.94 26.08 -43.86
N SER A 862 -20.85 25.12 -43.95
CA SER A 862 -21.99 25.08 -44.85
C SER A 862 -23.26 24.76 -44.07
N PRO A 863 -24.41 25.26 -44.50
CA PRO A 863 -25.66 24.92 -43.80
C PRO A 863 -26.04 23.47 -44.05
N ILE A 864 -26.72 22.89 -43.07
CA ILE A 864 -27.24 21.53 -43.18
C ILE A 864 -28.71 21.61 -43.54
N ILE A 865 -29.07 21.09 -44.69
CA ILE A 865 -30.43 21.16 -45.22
C ILE A 865 -30.87 19.74 -45.53
N PRO A 866 -32.19 19.48 -45.53
CA PRO A 866 -32.67 18.18 -46.02
C PRO A 866 -32.33 17.99 -47.49
N GLY A 867 -32.11 16.73 -47.86
CA GLY A 867 -31.60 16.43 -49.17
C GLY A 867 -30.11 16.68 -49.32
N PHE A 868 -29.38 16.67 -48.22
CA PHE A 868 -27.93 16.90 -48.26
C PHE A 868 -27.23 15.72 -48.93
N GLY A 869 -26.33 16.03 -49.85
CA GLY A 869 -25.59 15.01 -50.56
C GLY A 869 -26.28 14.45 -51.78
N GLY A 870 -27.52 14.84 -52.05
CA GLY A 870 -28.22 14.41 -53.24
C GLY A 870 -28.53 12.92 -53.29
N ASP A 871 -27.84 12.22 -54.19
CA ASP A 871 -28.07 10.79 -54.37
C ASP A 871 -27.58 9.98 -53.18
N PHE A 872 -26.54 10.45 -52.49
CA PHE A 872 -25.99 9.75 -51.35
C PHE A 872 -26.92 9.92 -50.16
N ASN A 873 -27.61 8.83 -49.78
CA ASN A 873 -28.48 8.88 -48.62
C ASN A 873 -27.64 8.96 -47.35
N LEU A 874 -27.49 10.18 -46.81
CA LEU A 874 -26.68 10.42 -45.64
C LEU A 874 -27.48 11.08 -44.52
N THR A 875 -28.81 11.06 -44.59
CA THR A 875 -29.66 11.73 -43.62
C THR A 875 -29.61 11.09 -42.23
N LEU A 876 -28.92 9.96 -42.09
CA LEU A 876 -28.69 9.39 -40.76
C LEU A 876 -27.87 10.33 -39.89
N LEU A 877 -27.01 11.14 -40.50
CA LEU A 877 -26.19 12.10 -39.77
C LEU A 877 -26.86 13.46 -39.62
N GLU A 878 -28.06 13.64 -40.16
CA GLU A 878 -28.76 14.90 -40.03
C GLU A 878 -29.21 15.10 -38.59
N PRO A 879 -29.05 16.30 -38.02
CA PRO A 879 -29.52 16.55 -36.65
C PRO A 879 -31.04 16.63 -36.57
N VAL A 880 -31.65 15.64 -35.92
CA VAL A 880 -33.09 15.63 -35.73
C VAL A 880 -33.46 14.84 -34.47
N ALA A 889 -31.46 19.31 -32.04
CA ALA A 889 -30.68 18.55 -31.07
C ALA A 889 -29.58 17.74 -31.78
N ARG A 890 -29.35 16.53 -31.29
CA ARG A 890 -28.32 15.68 -31.84
C ARG A 890 -28.80 15.01 -33.12
N SER A 891 -27.92 14.20 -33.72
CA SER A 891 -28.26 13.43 -34.90
C SER A 891 -29.01 12.16 -34.50
N ALA A 892 -29.58 11.50 -35.51
CA ALA A 892 -30.29 10.23 -35.27
C ALA A 892 -29.33 9.13 -34.84
N ILE A 893 -28.13 9.09 -35.45
CA ILE A 893 -27.13 8.10 -35.08
C ILE A 893 -26.68 8.31 -33.64
N GLU A 894 -26.46 9.57 -33.26
CA GLU A 894 -25.98 9.88 -31.91
C GLU A 894 -27.00 9.51 -30.85
N ASP A 895 -28.27 9.85 -31.09
CA ASP A 895 -29.31 9.52 -30.12
C ASP A 895 -29.57 8.02 -30.07
N LEU A 896 -29.49 7.33 -31.21
CA LEU A 896 -29.63 5.88 -31.22
C LEU A 896 -28.50 5.21 -30.46
N LEU A 897 -27.27 5.73 -30.62
CA LEU A 897 -26.13 5.17 -29.89
C LEU A 897 -26.22 5.46 -28.41
N PHE A 898 -26.74 6.63 -28.04
CA PHE A 898 -26.97 6.92 -26.62
C PHE A 898 -28.02 5.99 -26.03
N ASP A 899 -29.08 5.71 -26.79
CA ASP A 899 -30.12 4.82 -26.31
C ASP A 899 -29.62 3.39 -26.17
N LYS A 900 -28.80 2.93 -27.11
CA LYS A 900 -28.37 1.54 -27.14
C LYS A 900 -27.36 1.20 -26.04
N VAL A 901 -26.82 2.20 -25.34
CA VAL A 901 -25.87 1.97 -24.26
C VAL A 901 -26.59 2.20 -22.94
N THR A 902 -26.43 1.27 -22.00
CA THR A 902 -27.04 1.39 -20.68
C THR A 902 -26.44 2.58 -19.93
N ILE A 903 -27.25 3.59 -19.67
CA ILE A 903 -26.81 4.80 -19.01
C ILE A 903 -27.94 5.26 -18.08
N ALA A 904 -27.60 6.10 -17.10
CA ALA A 904 -28.54 6.59 -16.13
C ALA A 904 -28.54 8.11 -16.13
N ASP A 905 -29.72 8.69 -15.98
CA ASP A 905 -29.83 10.15 -15.93
C ASP A 905 -29.24 10.66 -14.62
N PRO A 906 -28.31 11.61 -14.66
CA PRO A 906 -27.67 12.09 -13.43
C PRO A 906 -28.53 13.04 -12.60
N GLY A 907 -29.76 13.31 -13.02
CA GLY A 907 -30.64 14.20 -12.28
C GLY A 907 -30.19 15.64 -12.24
N TYR A 908 -29.76 16.16 -13.39
CA TYR A 908 -29.31 17.55 -13.46
C TYR A 908 -30.43 18.55 -13.21
N MET A 909 -31.68 18.16 -13.44
CA MET A 909 -32.84 18.99 -13.18
C MET A 909 -33.60 18.61 -11.93
N GLN A 910 -33.80 17.33 -11.68
CA GLN A 910 -34.68 16.89 -10.60
C GLN A 910 -34.08 15.73 -9.83
N GLY A 911 -32.75 15.76 -9.62
CA GLY A 911 -32.09 14.68 -8.90
C GLY A 911 -32.54 14.58 -7.45
N TYR A 912 -32.66 15.74 -6.79
CA TYR A 912 -33.29 15.79 -5.47
C TYR A 912 -34.73 15.30 -5.54
N ASP A 913 -35.49 15.75 -6.55
CA ASP A 913 -36.87 15.30 -6.70
C ASP A 913 -36.92 13.82 -7.07
N ASP A 914 -35.92 13.32 -7.82
CA ASP A 914 -35.84 11.90 -8.10
C ASP A 914 -35.63 11.09 -6.83
N CYS A 915 -34.76 11.56 -5.93
CA CYS A 915 -34.59 10.84 -4.68
C CYS A 915 -35.78 11.00 -3.73
N MET A 916 -36.61 12.03 -3.92
CA MET A 916 -37.85 12.08 -3.14
C MET A 916 -38.97 11.22 -3.73
N GLN A 917 -39.01 11.00 -5.04
CA GLN A 917 -40.09 10.19 -5.60
C GLN A 917 -39.67 8.77 -5.96
N GLN A 918 -38.38 8.52 -6.16
CA GLN A 918 -37.90 7.17 -6.43
C GLN A 918 -36.55 6.94 -5.76
N LEU A 926 -28.32 3.30 -5.74
CA LEU A 926 -28.15 3.00 -7.16
C LEU A 926 -28.28 4.26 -8.00
N ILE A 927 -29.52 4.63 -8.33
CA ILE A 927 -29.74 5.89 -9.01
C ILE A 927 -29.76 7.05 -8.01
N CYS A 928 -30.23 6.80 -6.78
CA CYS A 928 -30.15 7.76 -5.70
C CYS A 928 -28.78 7.77 -5.04
N ALA A 929 -27.85 6.93 -5.49
CA ALA A 929 -26.47 6.86 -5.01
C ALA A 929 -25.64 8.08 -5.42
N GLN A 930 -26.22 9.09 -6.09
CA GLN A 930 -25.52 10.35 -6.32
C GLN A 930 -25.14 11.02 -5.01
N TYR A 931 -25.95 10.85 -3.97
CA TYR A 931 -25.57 11.27 -2.62
C TYR A 931 -25.96 10.16 -1.64
N VAL A 932 -25.03 9.25 -1.39
CA VAL A 932 -25.12 8.40 -0.22
C VAL A 932 -23.87 8.62 0.62
N ALA A 933 -22.77 9.01 -0.03
CA ALA A 933 -21.51 9.27 0.66
C ALA A 933 -20.78 10.45 0.02
N GLY A 934 -21.53 11.46 -0.43
CA GLY A 934 -20.92 12.66 -0.99
C GLY A 934 -20.25 12.45 -2.33
N TYR A 935 -21.04 12.18 -3.37
CA TYR A 935 -20.51 11.98 -4.72
C TYR A 935 -20.96 13.14 -5.59
N LYS A 936 -20.14 14.20 -5.61
CA LYS A 936 -20.37 15.30 -6.54
C LYS A 936 -20.01 14.84 -7.94
N VAL A 937 -20.99 14.32 -8.67
CA VAL A 937 -20.82 13.99 -10.08
C VAL A 937 -20.98 15.30 -10.84
N LEU A 938 -19.86 15.90 -11.20
CA LEU A 938 -19.88 17.18 -11.89
C LEU A 938 -20.47 17.02 -13.28
N PRO A 939 -21.23 17.99 -13.76
CA PRO A 939 -21.80 17.90 -15.11
C PRO A 939 -20.71 18.02 -16.16
N PRO A 940 -20.95 17.53 -17.38
CA PRO A 940 -19.97 17.74 -18.45
C PRO A 940 -19.82 19.22 -18.77
N LEU A 941 -18.61 19.58 -19.21
CA LEU A 941 -18.28 20.99 -19.45
C LEU A 941 -19.16 21.59 -20.54
N MET A 942 -19.41 20.84 -21.61
CA MET A 942 -19.96 21.41 -22.83
C MET A 942 -21.36 20.83 -23.05
N ASP A 943 -22.34 21.70 -23.23
CA ASP A 943 -23.74 21.27 -23.32
C ASP A 943 -24.00 20.46 -24.59
N VAL A 944 -24.99 19.58 -24.52
CA VAL A 944 -25.28 18.62 -25.59
C VAL A 944 -25.55 19.33 -26.92
N ASN A 945 -26.31 20.43 -26.87
CA ASN A 945 -26.56 21.21 -28.08
C ASN A 945 -25.28 21.80 -28.64
N MET A 946 -24.30 22.08 -27.78
CA MET A 946 -23.01 22.59 -28.25
C MET A 946 -22.22 21.54 -29.03
N GLU A 947 -22.18 20.29 -28.54
CA GLU A 947 -21.56 19.26 -29.37
C GLU A 947 -22.36 19.01 -30.65
N ALA A 948 -23.69 19.13 -30.58
CA ALA A 948 -24.50 18.99 -31.79
C ALA A 948 -24.13 20.06 -32.82
N ALA A 949 -23.97 21.31 -32.38
CA ALA A 949 -23.57 22.38 -33.27
C ALA A 949 -22.15 22.18 -33.80
N TYR A 950 -21.25 21.69 -32.95
CA TYR A 950 -19.87 21.46 -33.37
C TYR A 950 -19.79 20.38 -34.44
N THR A 951 -20.49 19.26 -34.23
CA THR A 951 -20.51 18.21 -35.24
C THR A 951 -21.25 18.64 -36.49
N SER A 952 -22.27 19.49 -36.36
CA SER A 952 -22.94 20.03 -37.53
C SER A 952 -22.00 20.90 -38.35
N SER A 953 -21.20 21.74 -37.67
CA SER A 953 -20.21 22.56 -38.37
C SER A 953 -19.15 21.70 -39.03
N LEU A 954 -18.71 20.64 -38.35
CA LEU A 954 -17.73 19.73 -38.94
C LEU A 954 -18.28 19.03 -40.17
N LEU A 955 -19.54 18.57 -40.11
CA LEU A 955 -20.15 17.91 -41.24
C LEU A 955 -20.33 18.87 -42.42
N GLY A 956 -20.69 20.13 -42.12
CA GLY A 956 -20.78 21.12 -43.17
C GLY A 956 -19.43 21.53 -43.73
N SER A 957 -18.36 21.38 -42.96
CA SER A 957 -17.04 21.77 -43.44
C SER A 957 -16.40 20.68 -44.29
N ILE A 958 -16.53 19.41 -43.88
CA ILE A 958 -15.87 18.31 -44.59
C ILE A 958 -16.39 18.09 -46.00
N ALA A 959 -17.53 18.70 -46.36
CA ALA A 959 -17.98 18.66 -47.74
C ALA A 959 -17.03 19.43 -48.66
N GLY A 960 -16.34 20.44 -48.12
CA GLY A 960 -15.55 21.30 -48.99
C GLY A 960 -14.12 21.58 -48.59
N VAL A 961 -13.74 21.22 -47.37
CA VAL A 961 -12.39 21.56 -46.89
C VAL A 961 -11.34 20.75 -47.65
N GLY A 962 -11.56 19.45 -47.80
CA GLY A 962 -10.56 18.58 -48.40
C GLY A 962 -10.59 18.54 -49.92
N TRP A 963 -10.41 19.70 -50.56
CA TRP A 963 -10.36 19.74 -52.02
C TRP A 963 -9.14 20.51 -52.49
N THR A 964 -8.68 21.48 -51.71
CA THR A 964 -7.50 22.27 -52.06
C THR A 964 -6.65 22.43 -50.82
N ALA A 965 -5.33 22.33 -51.00
CA ALA A 965 -4.39 22.43 -49.89
C ALA A 965 -4.45 23.82 -49.26
N GLY A 966 -4.27 23.86 -47.94
CA GLY A 966 -4.39 25.08 -47.20
C GLY A 966 -5.80 25.30 -46.66
N LEU A 967 -5.91 25.69 -45.40
CA LEU A 967 -7.20 25.89 -44.76
C LEU A 967 -7.70 27.32 -44.84
N SER A 968 -6.97 28.21 -45.50
CA SER A 968 -7.40 29.60 -45.60
C SER A 968 -8.64 29.72 -46.46
N SER A 969 -8.65 29.07 -47.62
CA SER A 969 -9.84 29.10 -48.48
C SER A 969 -10.83 28.02 -48.05
N PHE A 970 -12.07 28.20 -48.48
CA PHE A 970 -13.12 27.21 -48.24
C PHE A 970 -13.86 26.97 -49.54
N ALA A 971 -14.14 25.70 -49.80
CA ALA A 971 -14.54 25.23 -51.13
C ALA A 971 -15.75 24.31 -51.03
N ALA A 972 -16.81 24.78 -50.38
CA ALA A 972 -17.96 23.92 -50.08
C ALA A 972 -18.77 23.56 -51.32
N ILE A 973 -18.23 22.68 -52.15
CA ILE A 973 -18.91 22.14 -53.33
C ILE A 973 -20.06 21.27 -52.86
N PRO A 974 -21.12 21.07 -53.65
CA PRO A 974 -22.05 19.97 -53.37
C PRO A 974 -21.33 18.64 -53.27
N PHE A 975 -21.86 17.78 -52.41
CA PHE A 975 -21.08 16.71 -51.79
C PHE A 975 -20.64 15.65 -52.80
N ALA A 976 -21.55 15.22 -53.69
CA ALA A 976 -21.28 14.11 -54.59
C ALA A 976 -20.09 14.38 -55.49
N GLN A 977 -19.94 15.63 -55.94
CA GLN A 977 -18.75 16.02 -56.69
C GLN A 977 -17.50 15.92 -55.84
N SER A 978 -17.60 16.17 -54.53
CA SER A 978 -16.43 16.04 -53.67
C SER A 978 -16.02 14.59 -53.49
N ILE A 979 -16.97 13.67 -53.31
CA ILE A 979 -16.63 12.25 -53.29
C ILE A 979 -16.05 11.82 -54.64
N PHE A 980 -16.57 12.37 -55.73
CA PHE A 980 -16.04 12.04 -57.06
C PHE A 980 -14.58 12.47 -57.19
N TYR A 981 -14.25 13.67 -56.72
CA TYR A 981 -12.88 14.14 -56.74
C TYR A 981 -11.97 13.31 -55.84
N ARG A 982 -12.44 12.98 -54.64
CA ARG A 982 -11.64 12.19 -53.71
C ARG A 982 -11.38 10.79 -54.26
N LEU A 983 -12.38 10.19 -54.90
CA LEU A 983 -12.20 8.87 -55.49
C LEU A 983 -11.28 8.92 -56.71
N ASN A 984 -11.37 10.00 -57.50
CA ASN A 984 -10.48 10.15 -58.64
C ASN A 984 -9.03 10.37 -58.19
N GLY A 985 -8.83 10.97 -57.02
CA GLY A 985 -7.49 11.24 -56.56
C GLY A 985 -6.73 10.04 -56.04
N VAL A 986 -7.39 8.89 -55.90
CA VAL A 986 -6.73 7.74 -55.30
C VAL A 986 -6.71 6.55 -56.25
N GLY A 987 -6.71 6.83 -57.56
CA GLY A 987 -6.47 5.77 -58.52
C GLY A 987 -7.70 5.28 -59.26
N ILE A 988 -8.67 6.16 -59.49
CA ILE A 988 -9.86 5.85 -60.28
C ILE A 988 -9.88 6.80 -61.46
N THR A 989 -9.95 6.24 -62.68
CA THR A 989 -9.94 7.06 -63.88
C THR A 989 -11.24 7.83 -64.02
N GLN A 990 -11.20 8.88 -64.85
CA GLN A 990 -12.35 9.75 -64.99
C GLN A 990 -13.50 9.09 -65.74
N GLN A 991 -13.20 8.15 -66.63
CA GLN A 991 -14.23 7.51 -67.44
C GLN A 991 -15.19 6.70 -66.59
N VAL A 992 -14.66 5.79 -65.77
CA VAL A 992 -15.52 4.91 -64.98
C VAL A 992 -16.18 5.69 -63.85
N LEU A 993 -15.54 6.78 -63.40
CA LEU A 993 -16.20 7.65 -62.45
C LEU A 993 -17.40 8.37 -63.08
N SER A 994 -17.23 8.85 -64.30
CA SER A 994 -18.28 9.63 -64.96
C SER A 994 -19.40 8.77 -65.51
N GLU A 995 -19.18 7.48 -65.76
CA GLU A 995 -20.23 6.67 -66.36
C GLU A 995 -21.01 5.84 -65.35
N ASN A 996 -20.54 5.71 -64.11
CA ASN A 996 -21.07 4.72 -63.19
C ASN A 996 -21.48 5.37 -61.87
N GLN A 997 -22.26 6.45 -61.96
CA GLN A 997 -22.69 7.16 -60.76
C GLN A 997 -23.68 6.34 -59.94
N LYS A 998 -24.61 5.66 -60.60
CA LYS A 998 -25.74 5.06 -59.92
C LYS A 998 -25.33 3.87 -59.07
N LEU A 999 -24.47 3.00 -59.59
CA LEU A 999 -24.09 1.80 -58.84
C LEU A 999 -23.20 2.15 -57.66
N ILE A 1000 -22.29 3.12 -57.81
CA ILE A 1000 -21.47 3.52 -56.68
C ILE A 1000 -22.31 4.24 -55.64
N ALA A 1001 -23.34 4.98 -56.08
CA ALA A 1001 -24.26 5.60 -55.13
C ALA A 1001 -25.03 4.55 -54.35
N ASN A 1002 -25.52 3.51 -55.03
CA ASN A 1002 -26.25 2.45 -54.34
C ASN A 1002 -25.35 1.67 -53.39
N LYS A 1003 -24.11 1.41 -53.79
CA LYS A 1003 -23.17 0.74 -52.91
C LYS A 1003 -22.85 1.58 -51.69
N PHE A 1004 -22.68 2.90 -51.88
CA PHE A 1004 -22.42 3.80 -50.76
C PHE A 1004 -23.61 3.84 -49.81
N ASN A 1005 -24.83 3.87 -50.35
CA ASN A 1005 -26.02 3.89 -49.52
C ASN A 1005 -26.20 2.59 -48.75
N GLN A 1006 -25.91 1.46 -49.39
CA GLN A 1006 -25.95 0.17 -48.70
C GLN A 1006 -24.90 0.11 -47.59
N ALA A 1007 -23.71 0.63 -47.87
CA ALA A 1007 -22.65 0.66 -46.86
C ALA A 1007 -23.03 1.51 -45.66
N LEU A 1008 -23.66 2.66 -45.90
CA LEU A 1008 -24.10 3.50 -44.79
C LEU A 1008 -25.31 2.91 -44.07
N GLY A 1009 -26.16 2.16 -44.77
CA GLY A 1009 -27.27 1.50 -44.11
C GLY A 1009 -26.88 0.26 -43.34
N ALA A 1010 -25.72 -0.31 -43.63
CA ALA A 1010 -25.24 -1.48 -42.89
C ALA A 1010 -24.90 -1.13 -41.45
N MET A 1011 -24.49 0.11 -41.18
CA MET A 1011 -24.15 0.48 -39.82
C MET A 1011 -25.39 0.62 -38.93
N GLN A 1012 -26.54 0.99 -39.51
CA GLN A 1012 -27.72 1.23 -38.70
C GLN A 1012 -28.30 -0.07 -38.14
N THR A 1013 -28.41 -1.09 -38.98
CA THR A 1013 -28.80 -2.41 -38.50
C THR A 1013 -27.64 -3.20 -37.90
N GLY A 1014 -26.43 -2.65 -37.98
CA GLY A 1014 -25.25 -3.36 -37.51
C GLY A 1014 -24.99 -3.29 -36.03
N PHE A 1015 -25.69 -2.43 -35.28
CA PHE A 1015 -25.39 -2.19 -33.87
C PHE A 1015 -25.77 -3.40 -33.03
N THR A 1016 -24.82 -4.33 -32.96
CA THR A 1016 -24.94 -5.50 -32.11
C THR A 1016 -23.71 -5.57 -31.21
N THR A 1017 -23.52 -6.70 -30.52
CA THR A 1017 -22.30 -6.92 -29.75
C THR A 1017 -21.08 -7.04 -30.66
N THR A 1018 -21.28 -7.37 -31.94
CA THR A 1018 -20.19 -7.62 -32.87
C THR A 1018 -19.33 -6.39 -33.16
N ASN A 1019 -19.82 -5.19 -32.91
CA ASN A 1019 -19.03 -3.98 -33.10
C ASN A 1019 -18.06 -3.82 -31.94
N GLU A 1020 -16.76 -3.81 -32.24
CA GLU A 1020 -15.77 -3.63 -31.19
C GLU A 1020 -15.79 -2.23 -30.61
N ALA A 1021 -16.11 -1.23 -31.43
CA ALA A 1021 -16.21 0.15 -30.94
C ALA A 1021 -17.38 0.30 -29.98
N PHE A 1022 -18.46 -0.41 -30.24
CA PHE A 1022 -19.65 -0.23 -29.41
C PHE A 1022 -19.26 -0.81 -28.16
N GLN A 1023 -18.43 -1.80 -28.27
CA GLN A 1023 -18.11 -2.47 -27.09
C GLN A 1023 -17.36 -1.56 -26.22
N LYS A 1024 -16.43 -0.83 -26.78
CA LYS A 1024 -15.61 -0.04 -25.90
C LYS A 1024 -16.37 1.03 -25.22
N VAL A 1025 -17.44 1.45 -25.82
CA VAL A 1025 -18.13 2.52 -25.25
C VAL A 1025 -18.68 1.94 -24.05
N GLN A 1026 -19.39 0.82 -24.21
CA GLN A 1026 -20.03 0.17 -23.08
C GLN A 1026 -18.99 -0.17 -22.04
N ASP A 1027 -17.78 -0.50 -22.48
CA ASP A 1027 -16.71 -0.84 -21.56
C ASP A 1027 -16.27 0.40 -20.78
N ALA A 1028 -16.12 1.54 -21.44
CA ALA A 1028 -15.72 2.76 -20.77
C ALA A 1028 -16.82 3.25 -19.87
N VAL A 1029 -18.07 2.99 -20.24
CA VAL A 1029 -19.20 3.37 -19.40
C VAL A 1029 -19.17 2.47 -18.17
N ASN A 1030 -18.90 1.19 -18.38
CA ASN A 1030 -18.81 0.25 -17.26
C ASN A 1030 -17.60 0.58 -16.39
N ASN A 1031 -16.51 1.03 -17.01
CA ASN A 1031 -15.30 1.39 -16.26
C ASN A 1031 -15.59 2.62 -15.43
N ASN A 1032 -16.41 3.51 -15.96
CA ASN A 1032 -16.77 4.68 -15.20
C ASN A 1032 -17.78 4.36 -14.14
N ALA A 1033 -18.55 3.29 -14.31
CA ALA A 1033 -19.44 2.92 -13.29
C ALA A 1033 -18.71 2.28 -12.21
N GLN A 1034 -18.11 1.15 -12.49
CA GLN A 1034 -17.38 0.41 -11.47
C GLN A 1034 -16.48 1.33 -10.65
N ALA A 1035 -16.01 2.44 -11.24
CA ALA A 1035 -15.28 3.43 -10.45
C ALA A 1035 -16.17 4.04 -9.37
N LEU A 1036 -17.44 4.30 -9.71
CA LEU A 1036 -18.38 4.75 -8.68
C LEU A 1036 -18.71 3.62 -7.70
N SER A 1037 -18.85 2.39 -8.20
CA SER A 1037 -19.30 1.28 -7.38
C SER A 1037 -18.26 0.85 -6.36
N LYS A 1038 -16.97 1.03 -6.68
CA LYS A 1038 -15.92 0.72 -5.72
C LYS A 1038 -16.04 1.60 -4.48
N LEU A 1039 -16.35 2.88 -4.69
CA LEU A 1039 -16.63 3.76 -3.56
C LEU A 1039 -17.95 3.41 -2.89
N ALA A 1040 -18.96 3.08 -3.69
CA ALA A 1040 -20.29 2.80 -3.14
C ALA A 1040 -20.33 1.54 -2.29
N SER A 1041 -19.44 0.58 -2.55
CA SER A 1041 -19.42 -0.68 -1.81
C SER A 1041 -18.55 -0.63 -0.56
N GLU A 1042 -17.58 0.28 -0.51
CA GLU A 1042 -16.61 0.27 0.58
C GLU A 1042 -17.13 0.93 1.85
N LEU A 1043 -18.33 1.51 1.82
CA LEU A 1043 -18.93 2.03 3.03
C LEU A 1043 -19.24 0.91 4.02
N SER A 1044 -19.66 -0.25 3.51
CA SER A 1044 -19.99 -1.38 4.37
C SER A 1044 -18.74 -2.09 4.88
N ASN A 1045 -17.57 -1.81 4.32
CA ASN A 1045 -16.35 -2.51 4.72
C ASN A 1045 -15.92 -2.05 6.11
N THR A 1046 -15.93 -2.97 7.07
CA THR A 1046 -15.69 -2.62 8.46
C THR A 1046 -14.22 -2.31 8.75
N PHE A 1047 -13.30 -2.83 7.93
CA PHE A 1047 -11.85 -2.64 8.11
C PHE A 1047 -11.39 -3.11 9.49
N GLY A 1048 -11.92 -4.24 9.94
CA GLY A 1048 -11.59 -4.79 11.24
C GLY A 1048 -12.37 -4.23 12.40
N ALA A 1049 -13.24 -3.25 12.16
CA ALA A 1049 -14.12 -2.77 13.21
C ALA A 1049 -15.33 -3.70 13.33
N ILE A 1050 -16.21 -3.40 14.29
CA ILE A 1050 -17.35 -4.27 14.56
C ILE A 1050 -18.58 -3.90 13.76
N SER A 1051 -18.62 -2.72 13.15
CA SER A 1051 -19.76 -2.30 12.35
C SER A 1051 -19.30 -1.22 11.39
N ALA A 1052 -20.14 -0.97 10.38
CA ALA A 1052 -19.87 0.06 9.38
C ALA A 1052 -20.63 1.35 9.65
N SER A 1053 -21.30 1.45 10.79
CA SER A 1053 -22.07 2.63 11.14
C SER A 1053 -21.38 3.38 12.27
N ILE A 1054 -21.11 4.67 12.06
CA ILE A 1054 -20.51 5.50 13.09
C ILE A 1054 -21.48 5.67 14.26
N GLY A 1055 -22.77 5.80 13.96
CA GLY A 1055 -23.77 5.90 15.01
C GLY A 1055 -23.82 4.66 15.88
N ASP A 1056 -23.66 3.48 15.28
CA ASP A 1056 -23.59 2.24 16.04
C ASP A 1056 -22.38 2.23 16.97
N ILE A 1057 -21.24 2.72 16.49
CA ILE A 1057 -20.04 2.77 17.32
C ILE A 1057 -20.21 3.73 18.49
N ILE A 1058 -20.75 4.92 18.22
CA ILE A 1058 -20.85 5.92 19.28
C ILE A 1058 -21.99 5.60 20.25
N GLN A 1059 -22.97 4.80 19.84
CA GLN A 1059 -24.05 4.45 20.75
C GLN A 1059 -23.71 3.20 21.55
N ARG A 1060 -23.14 2.19 20.91
CA ARG A 1060 -22.91 0.90 21.53
C ARG A 1060 -21.66 0.85 22.39
N LEU A 1061 -20.74 1.80 22.26
CA LEU A 1061 -19.45 1.71 22.91
C LEU A 1061 -19.13 2.98 23.68
N ASP A 1062 -18.24 2.85 24.66
CA ASP A 1062 -17.71 3.96 25.42
C ASP A 1062 -16.67 4.72 24.61
N PRO A 1063 -16.35 5.96 24.99
CA PRO A 1063 -15.34 6.77 24.26
C PRO A 1063 -13.98 6.08 24.05
N PRO A 1064 -13.31 5.51 25.09
CA PRO A 1064 -11.90 5.13 24.88
C PRO A 1064 -11.66 4.06 23.82
N GLU A 1065 -12.60 3.14 23.62
CA GLU A 1065 -12.46 2.14 22.57
C GLU A 1065 -13.14 2.54 21.26
N GLN A 1066 -14.16 3.41 21.34
CA GLN A 1066 -14.74 3.94 20.11
C GLN A 1066 -13.77 4.86 19.40
N ASP A 1067 -12.82 5.45 20.14
CA ASP A 1067 -11.74 6.20 19.50
C ASP A 1067 -10.94 5.30 18.57
N ALA A 1068 -10.57 4.11 19.06
CA ALA A 1068 -9.82 3.17 18.23
C ALA A 1068 -10.65 2.66 17.06
N GLN A 1069 -11.94 2.39 17.28
CA GLN A 1069 -12.79 1.90 16.20
C GLN A 1069 -12.96 2.96 15.10
N ILE A 1070 -13.21 4.21 15.49
CA ILE A 1070 -13.33 5.30 14.53
C ILE A 1070 -11.99 5.53 13.83
N ASP A 1071 -10.87 5.37 14.55
CA ASP A 1071 -9.57 5.51 13.92
C ASP A 1071 -9.34 4.45 12.85
N ARG A 1072 -9.75 3.20 13.13
CA ARG A 1072 -9.64 2.14 12.13
C ARG A 1072 -10.49 2.44 10.90
N LEU A 1073 -11.73 2.92 11.12
CA LEU A 1073 -12.59 3.28 10.00
C LEU A 1073 -11.99 4.43 9.18
N ILE A 1074 -11.43 5.43 9.86
CA ILE A 1074 -10.82 6.57 9.20
C ILE A 1074 -9.65 6.12 8.34
N ASN A 1075 -8.78 5.27 8.90
CA ASN A 1075 -7.60 4.81 8.18
C ASN A 1075 -7.98 4.00 6.95
N GLY A 1076 -8.94 3.08 7.10
CA GLY A 1076 -9.36 2.27 5.96
C GLY A 1076 -9.99 3.09 4.85
N ARG A 1077 -10.89 4.00 5.21
CA ARG A 1077 -11.56 4.81 4.19
C ARG A 1077 -10.58 5.77 3.52
N LEU A 1078 -9.61 6.29 4.28
CA LEU A 1078 -8.63 7.20 3.68
C LEU A 1078 -7.69 6.44 2.75
N THR A 1079 -7.35 5.20 3.09
CA THR A 1079 -6.56 4.37 2.17
C THR A 1079 -7.33 4.10 0.88
N THR A 1080 -8.62 3.82 1.00
CA THR A 1080 -9.46 3.64 -0.19
C THR A 1080 -9.52 4.90 -1.04
N LEU A 1081 -9.63 6.06 -0.38
CA LEU A 1081 -9.63 7.33 -1.11
C LEU A 1081 -8.30 7.58 -1.81
N ASN A 1082 -7.18 7.25 -1.16
CA ASN A 1082 -5.88 7.46 -1.80
C ASN A 1082 -5.72 6.57 -3.02
N ALA A 1083 -6.16 5.31 -2.92
CA ALA A 1083 -6.15 4.43 -4.09
C ALA A 1083 -7.04 4.96 -5.21
N PHE A 1084 -8.20 5.53 -4.81
CA PHE A 1084 -9.11 6.12 -5.78
C PHE A 1084 -8.47 7.31 -6.50
N VAL A 1085 -7.75 8.15 -5.74
CA VAL A 1085 -7.04 9.28 -6.34
C VAL A 1085 -5.99 8.81 -7.33
N ALA A 1086 -5.23 7.77 -6.95
CA ALA A 1086 -4.19 7.25 -7.84
C ALA A 1086 -4.79 6.73 -9.14
N GLN A 1087 -5.88 5.96 -9.05
CA GLN A 1087 -6.44 5.40 -10.27
C GLN A 1087 -7.14 6.48 -11.11
N GLN A 1088 -7.71 7.51 -10.47
CA GLN A 1088 -8.30 8.60 -11.24
C GLN A 1088 -7.23 9.42 -11.96
N LEU A 1089 -6.08 9.64 -11.34
CA LEU A 1089 -4.99 10.32 -12.04
C LEU A 1089 -4.48 9.49 -13.22
N VAL A 1090 -4.38 8.18 -13.04
CA VAL A 1090 -3.96 7.30 -14.15
C VAL A 1090 -4.98 7.37 -15.29
N ARG A 1091 -6.27 7.29 -14.95
CA ARG A 1091 -7.31 7.37 -15.97
C ARG A 1091 -7.34 8.73 -16.64
N SER A 1092 -7.07 9.80 -15.89
CA SER A 1092 -7.08 11.14 -16.46
C SER A 1092 -5.94 11.34 -17.44
N GLU A 1093 -4.73 10.89 -17.11
CA GLU A 1093 -3.63 11.03 -18.06
C GLU A 1093 -3.82 10.13 -19.27
N SER A 1094 -4.40 8.94 -19.08
CA SER A 1094 -4.73 8.10 -20.22
C SER A 1094 -5.76 8.75 -21.13
N ALA A 1095 -6.77 9.40 -20.53
CA ALA A 1095 -7.77 10.12 -21.31
C ALA A 1095 -7.18 11.32 -22.02
N ALA A 1096 -6.22 12.00 -21.40
CA ALA A 1096 -5.55 13.12 -22.06
C ALA A 1096 -4.76 12.65 -23.28
N LEU A 1097 -4.02 11.54 -23.15
CA LEU A 1097 -3.31 10.98 -24.29
C LEU A 1097 -4.27 10.53 -25.39
N SER A 1098 -5.38 9.91 -25.01
CA SER A 1098 -6.37 9.48 -25.98
C SER A 1098 -7.02 10.67 -26.68
N ALA A 1099 -7.23 11.77 -25.95
CA ALA A 1099 -7.78 12.98 -26.55
C ALA A 1099 -6.80 13.62 -27.52
N GLN A 1100 -5.51 13.59 -27.18
CA GLN A 1100 -4.47 14.05 -28.10
C GLN A 1100 -4.51 13.24 -29.39
N LEU A 1101 -4.59 11.91 -29.26
CA LEU A 1101 -4.65 11.05 -30.44
C LEU A 1101 -5.93 11.30 -31.24
N ALA A 1102 -7.04 11.55 -30.55
CA ALA A 1102 -8.31 11.80 -31.22
C ALA A 1102 -8.29 13.11 -32.01
N LYS A 1103 -7.72 14.16 -31.43
CA LYS A 1103 -7.67 15.41 -32.18
C LYS A 1103 -6.66 15.33 -33.32
N ASP A 1104 -5.60 14.53 -33.16
CA ASP A 1104 -4.72 14.25 -34.29
C ASP A 1104 -5.46 13.53 -35.40
N LYS A 1105 -6.30 12.55 -35.04
CA LYS A 1105 -7.05 11.78 -36.04
C LYS A 1105 -8.06 12.65 -36.76
N VAL A 1106 -8.78 13.52 -36.03
CA VAL A 1106 -9.75 14.38 -36.71
C VAL A 1106 -9.07 15.49 -37.49
N ASN A 1107 -7.86 15.88 -37.12
CA ASN A 1107 -7.13 16.83 -37.95
C ASN A 1107 -6.54 16.17 -39.20
N GLU A 1108 -6.28 14.87 -39.15
CA GLU A 1108 -5.57 14.22 -40.24
C GLU A 1108 -6.49 13.70 -41.34
N CYS A 1109 -7.37 12.76 -41.01
CA CYS A 1109 -8.15 12.05 -42.03
C CYS A 1109 -9.64 12.34 -41.91
N VAL A 1110 -10.01 13.56 -41.52
CA VAL A 1110 -11.38 14.02 -41.53
C VAL A 1110 -11.55 15.26 -42.41
N LYS A 1111 -10.68 16.25 -42.23
CA LYS A 1111 -10.65 17.41 -43.11
C LYS A 1111 -9.85 17.18 -44.38
N ALA A 1112 -9.24 16.00 -44.53
CA ALA A 1112 -8.44 15.72 -45.72
C ALA A 1112 -8.41 14.21 -45.95
N GLN A 1113 -8.05 13.83 -47.16
CA GLN A 1113 -7.93 12.43 -47.56
C GLN A 1113 -6.50 11.99 -47.33
N SER A 1114 -6.24 11.39 -46.17
CA SER A 1114 -4.89 10.99 -45.82
C SER A 1114 -4.43 9.81 -46.66
N LYS A 1115 -3.17 9.85 -47.09
CA LYS A 1115 -2.57 8.76 -47.83
C LYS A 1115 -2.01 7.67 -46.93
N ARG A 1116 -1.95 7.90 -45.63
CA ARG A 1116 -1.47 6.88 -44.70
C ARG A 1116 -2.53 5.80 -44.54
N SER A 1117 -2.43 4.74 -45.34
CA SER A 1117 -3.42 3.66 -45.29
C SER A 1117 -3.32 2.91 -43.97
N GLY A 1118 -4.47 2.60 -43.39
CA GLY A 1118 -4.54 1.91 -42.12
C GLY A 1118 -4.32 2.76 -40.90
N PHE A 1119 -4.05 4.06 -41.08
CA PHE A 1119 -3.96 4.95 -39.92
C PHE A 1119 -5.31 5.12 -39.25
N CYS A 1120 -6.38 5.25 -40.03
CA CYS A 1120 -7.71 5.37 -39.47
C CYS A 1120 -8.74 4.55 -40.24
N GLY A 1121 -8.33 3.77 -41.23
CA GLY A 1121 -9.25 2.95 -41.98
C GLY A 1121 -8.56 1.96 -42.88
N GLN A 1122 -9.05 0.71 -42.90
CA GLN A 1122 -8.45 -0.31 -43.73
C GLN A 1122 -8.76 -0.05 -45.20
N GLY A 1123 -7.83 -0.45 -46.07
CA GLY A 1123 -7.93 -0.13 -47.47
C GLY A 1123 -7.60 1.33 -47.73
N THR A 1124 -7.93 1.78 -48.93
CA THR A 1124 -7.72 3.16 -49.31
C THR A 1124 -8.77 4.04 -48.64
N HIS A 1125 -8.33 4.84 -47.67
CA HIS A 1125 -9.23 5.72 -46.95
C HIS A 1125 -9.81 6.78 -47.88
N ILE A 1126 -11.13 6.98 -47.80
CA ILE A 1126 -11.78 7.91 -48.71
C ILE A 1126 -12.39 9.07 -47.94
N VAL A 1127 -13.39 8.79 -47.11
CA VAL A 1127 -14.05 9.84 -46.32
C VAL A 1127 -14.20 9.36 -44.88
N SER A 1128 -14.50 10.30 -44.00
CA SER A 1128 -14.71 9.99 -42.59
C SER A 1128 -15.75 10.94 -42.01
N PHE A 1129 -16.35 10.51 -40.91
CA PHE A 1129 -17.37 11.29 -40.21
C PHE A 1129 -17.15 11.17 -38.71
N VAL A 1130 -17.51 12.23 -38.00
CA VAL A 1130 -17.26 12.35 -36.56
C VAL A 1130 -18.58 12.64 -35.86
N VAL A 1131 -18.88 11.83 -34.84
CA VAL A 1131 -20.06 12.04 -34.00
C VAL A 1131 -19.64 11.91 -32.55
N ASN A 1132 -20.53 12.36 -31.65
CA ASN A 1132 -20.25 12.28 -30.24
C ASN A 1132 -20.59 10.90 -29.69
N ALA A 1133 -20.06 10.60 -28.51
CA ALA A 1133 -20.26 9.35 -27.81
C ALA A 1133 -20.40 9.67 -26.33
N PRO A 1134 -21.14 8.84 -25.57
CA PRO A 1134 -21.46 9.20 -24.17
C PRO A 1134 -20.25 9.40 -23.27
N ASN A 1135 -19.07 8.95 -23.67
CA ASN A 1135 -17.86 9.39 -22.98
C ASN A 1135 -16.72 9.68 -23.95
N GLY A 1136 -17.02 9.96 -25.22
CA GLY A 1136 -15.94 10.21 -26.16
C GLY A 1136 -16.32 10.59 -27.58
N LEU A 1137 -15.51 10.16 -28.54
CA LEU A 1137 -15.69 10.53 -29.94
C LEU A 1137 -15.79 9.27 -30.77
N TYR A 1138 -16.77 9.23 -31.67
CA TYR A 1138 -17.10 8.03 -32.42
C TYR A 1138 -16.95 8.32 -33.91
N PHE A 1139 -16.29 7.42 -34.62
CA PHE A 1139 -15.76 7.70 -35.95
C PHE A 1139 -16.31 6.71 -36.97
N MET A 1140 -16.84 7.25 -38.07
CA MET A 1140 -17.09 6.50 -39.30
C MET A 1140 -15.95 6.70 -40.27
N HIS A 1141 -15.52 5.62 -40.92
CA HIS A 1141 -14.53 5.72 -41.98
C HIS A 1141 -14.99 4.89 -43.16
N VAL A 1142 -15.25 5.54 -44.28
CA VAL A 1142 -15.66 4.87 -45.51
C VAL A 1142 -14.43 4.83 -46.42
N GLY A 1143 -14.04 3.62 -46.83
CA GLY A 1143 -12.84 3.44 -47.60
C GLY A 1143 -13.07 2.48 -48.75
N TYR A 1144 -12.07 2.42 -49.63
CA TYR A 1144 -12.12 1.58 -50.81
C TYR A 1144 -11.79 0.14 -50.42
N TYR A 1145 -12.60 -0.81 -50.88
CA TYR A 1145 -12.36 -2.23 -50.64
C TYR A 1145 -12.36 -2.96 -51.98
N PRO A 1146 -11.20 -3.35 -52.50
CA PRO A 1146 -11.15 -4.05 -53.79
C PRO A 1146 -11.49 -5.52 -53.64
N SER A 1147 -11.82 -6.13 -54.78
CA SER A 1147 -12.24 -7.52 -54.85
C SER A 1147 -12.21 -7.95 -56.31
N ASN A 1148 -12.29 -9.27 -56.52
CA ASN A 1148 -12.25 -9.90 -57.84
C ASN A 1148 -10.99 -9.50 -58.60
N HIS A 1149 -9.84 -9.65 -57.92
CA HIS A 1149 -8.57 -9.27 -58.51
C HIS A 1149 -8.16 -10.24 -59.61
N ILE A 1150 -7.68 -9.69 -60.73
CA ILE A 1150 -7.23 -10.50 -61.85
C ILE A 1150 -5.77 -10.18 -62.13
N GLU A 1151 -5.17 -10.99 -63.00
CA GLU A 1151 -3.78 -10.87 -63.39
C GLU A 1151 -3.70 -10.51 -64.87
N VAL A 1152 -2.87 -9.52 -65.18
CA VAL A 1152 -2.69 -9.00 -66.53
C VAL A 1152 -1.20 -8.82 -66.76
N VAL A 1153 -0.84 -8.42 -67.98
CA VAL A 1153 0.56 -8.24 -68.37
C VAL A 1153 0.78 -6.77 -68.71
N SER A 1154 1.71 -6.14 -67.98
CA SER A 1154 2.01 -4.74 -68.14
C SER A 1154 3.50 -4.54 -68.40
N ALA A 1155 3.85 -3.30 -68.76
CA ALA A 1155 5.23 -2.90 -69.04
C ALA A 1155 5.64 -1.78 -68.09
N TYR A 1156 6.81 -1.20 -68.34
CA TYR A 1156 7.36 -0.15 -67.47
C TYR A 1156 7.50 1.18 -68.18
N GLY A 1157 7.61 1.19 -69.50
CA GLY A 1157 7.68 2.43 -70.26
C GLY A 1157 7.68 2.16 -71.74
N LEU A 1158 6.82 2.85 -72.48
CA LEU A 1158 6.73 2.68 -73.92
C LEU A 1158 7.59 3.74 -74.60
N CYS A 1159 8.48 3.30 -75.49
CA CYS A 1159 9.40 4.19 -76.15
C CYS A 1159 9.58 3.77 -77.60
N ASP A 1160 9.68 4.74 -78.49
CA ASP A 1160 9.83 4.47 -79.91
C ASP A 1160 11.20 3.90 -80.20
N ALA A 1161 11.25 2.90 -81.10
CA ALA A 1161 12.53 2.34 -81.52
C ALA A 1161 13.29 3.31 -82.42
N ALA A 1162 12.57 4.00 -83.31
CA ALA A 1162 13.22 4.94 -84.22
C ALA A 1162 13.77 6.16 -83.48
N ASN A 1163 13.03 6.65 -82.49
CA ASN A 1163 13.51 7.75 -81.66
C ASN A 1163 13.73 7.23 -80.25
N PRO A 1164 14.96 6.85 -79.88
CA PRO A 1164 15.20 6.30 -78.55
C PRO A 1164 15.05 7.30 -77.42
N THR A 1165 15.08 8.61 -77.72
CA THR A 1165 14.92 9.61 -76.67
C THR A 1165 13.47 9.72 -76.21
N ASN A 1166 12.53 9.69 -77.15
CA ASN A 1166 11.13 9.98 -76.87
C ASN A 1166 10.49 8.78 -76.19
N CYS A 1167 10.57 8.75 -74.87
CA CYS A 1167 9.96 7.69 -74.07
C CYS A 1167 9.01 8.32 -73.08
N ILE A 1168 7.87 7.67 -72.83
CA ILE A 1168 6.89 8.18 -71.87
C ILE A 1168 6.62 7.11 -70.82
N ALA A 1169 6.08 7.57 -69.69
CA ALA A 1169 5.75 6.70 -68.57
C ALA A 1169 4.36 7.03 -68.06
N PRO A 1170 3.61 6.04 -67.60
CA PRO A 1170 2.25 6.31 -67.11
C PRO A 1170 2.26 7.04 -65.77
N VAL A 1171 1.19 7.78 -65.53
CA VAL A 1171 1.04 8.58 -64.32
C VAL A 1171 -0.15 8.03 -63.54
N ASN A 1172 0.11 7.59 -62.31
CA ASN A 1172 -0.90 6.98 -61.42
C ASN A 1172 -1.60 5.80 -62.10
N GLY A 1173 -0.83 5.00 -62.81
CA GLY A 1173 -1.41 3.90 -63.54
C GLY A 1173 -0.34 3.03 -64.15
N TYR A 1174 -0.77 2.20 -65.10
CA TYR A 1174 0.11 1.22 -65.74
C TYR A 1174 -0.18 1.15 -67.22
N PHE A 1175 0.88 1.09 -68.02
CA PHE A 1175 0.74 0.76 -69.43
C PHE A 1175 0.42 -0.72 -69.56
N ILE A 1176 -0.68 -1.04 -70.23
CA ILE A 1176 -1.27 -2.37 -70.19
C ILE A 1176 -1.29 -2.96 -71.60
N LYS A 1177 -0.97 -4.24 -71.70
CA LYS A 1177 -1.24 -5.02 -72.90
C LYS A 1177 -2.51 -5.83 -72.64
N THR A 1178 -3.52 -5.65 -73.48
CA THR A 1178 -4.81 -6.31 -73.29
C THR A 1178 -5.42 -6.65 -74.63
N ASN A 1179 -6.56 -7.32 -74.58
CA ASN A 1179 -7.27 -7.78 -75.76
C ASN A 1179 -8.70 -7.26 -75.71
N ASN A 1180 -9.37 -7.31 -76.87
CA ASN A 1180 -10.75 -6.86 -76.99
C ASN A 1180 -11.70 -7.83 -76.28
N GLU A 1186 0.39 -3.32 -79.55
CA GLU A 1186 -0.71 -2.48 -79.09
C GLU A 1186 -0.75 -2.44 -77.57
N TRP A 1187 -0.99 -1.25 -77.02
CA TRP A 1187 -1.05 -1.04 -75.58
C TRP A 1187 -2.20 -0.10 -75.26
N SER A 1188 -2.39 0.14 -73.97
CA SER A 1188 -3.42 1.05 -73.47
C SER A 1188 -3.02 1.50 -72.07
N TYR A 1189 -3.89 2.25 -71.41
CA TYR A 1189 -3.67 2.72 -70.05
C TYR A 1189 -4.66 2.06 -69.11
N THR A 1190 -4.22 1.76 -67.89
CA THR A 1190 -5.10 1.39 -66.81
C THR A 1190 -4.73 2.20 -65.57
N GLY A 1191 -5.70 2.34 -64.67
CA GLY A 1191 -5.48 3.11 -63.46
C GLY A 1191 -4.71 2.36 -62.41
N SER A 1192 -5.09 2.53 -61.14
CA SER A 1192 -4.39 1.87 -60.06
C SER A 1192 -5.31 1.29 -59.00
N SER A 1193 -6.62 1.38 -59.17
CA SER A 1193 -7.56 0.76 -58.24
C SER A 1193 -8.71 0.05 -58.93
N PHE A 1194 -8.78 0.09 -60.25
CA PHE A 1194 -9.85 -0.56 -60.98
C PHE A 1194 -9.38 -0.84 -62.40
N TYR A 1195 -9.78 -1.98 -62.94
CA TYR A 1195 -9.38 -2.38 -64.29
C TYR A 1195 -10.29 -1.69 -65.29
N ALA A 1196 -9.88 -0.51 -65.74
CA ALA A 1196 -10.61 0.26 -66.75
C ALA A 1196 -9.67 0.52 -67.91
N PRO A 1197 -9.66 -0.35 -68.92
CA PRO A 1197 -8.79 -0.12 -70.09
C PRO A 1197 -9.20 1.12 -70.86
N GLU A 1198 -8.20 1.85 -71.36
CA GLU A 1198 -8.39 3.11 -72.04
C GLU A 1198 -7.12 3.46 -72.80
N PRO A 1199 -7.22 3.94 -74.05
CA PRO A 1199 -6.00 4.28 -74.80
C PRO A 1199 -5.27 5.47 -74.19
N ILE A 1200 -3.94 5.44 -74.31
CA ILE A 1200 -3.13 6.45 -73.63
C ILE A 1200 -3.21 7.78 -74.38
N THR A 1201 -3.12 8.87 -73.61
CA THR A 1201 -3.00 10.21 -74.14
C THR A 1201 -1.91 10.94 -73.39
N SER A 1202 -1.73 12.23 -73.68
CA SER A 1202 -0.82 13.04 -72.87
C SER A 1202 -1.38 13.34 -71.48
N LEU A 1203 -2.68 13.10 -71.27
CA LEU A 1203 -3.36 13.46 -70.04
C LEU A 1203 -3.04 12.53 -68.88
N ASN A 1204 -2.43 11.37 -69.13
CA ASN A 1204 -2.15 10.41 -68.08
C ASN A 1204 -0.72 9.89 -68.16
N THR A 1205 0.16 10.57 -68.89
CA THR A 1205 1.55 10.14 -69.01
C THR A 1205 2.46 11.36 -68.82
N LYS A 1206 3.75 11.07 -68.61
CA LYS A 1206 4.75 12.11 -68.52
C LYS A 1206 6.02 11.65 -69.23
N TYR A 1207 6.78 12.61 -69.72
CA TYR A 1207 8.00 12.29 -70.46
C TYR A 1207 9.14 12.01 -69.48
N VAL A 1208 9.73 10.82 -69.60
CA VAL A 1208 10.79 10.36 -68.72
C VAL A 1208 11.95 9.91 -69.61
N ALA A 1209 13.17 10.12 -69.11
CA ALA A 1209 14.42 9.79 -69.80
C ALA A 1209 14.49 8.30 -70.13
N PRO A 1210 15.11 7.93 -71.26
CA PRO A 1210 15.12 6.53 -71.69
C PRO A 1210 15.84 5.61 -70.70
N GLN A 1211 15.32 4.39 -70.58
CA GLN A 1211 15.95 3.32 -69.83
C GLN A 1211 16.03 2.08 -70.70
N VAL A 1212 17.07 1.28 -70.48
CA VAL A 1212 17.25 0.06 -71.26
C VAL A 1212 16.16 -0.97 -70.97
N THR A 1213 15.56 -0.94 -69.78
CA THR A 1213 14.55 -1.93 -69.42
C THR A 1213 13.16 -1.59 -69.93
N TYR A 1214 12.97 -0.38 -70.47
CA TYR A 1214 11.67 -0.01 -71.01
C TYR A 1214 11.37 -0.81 -72.29
N GLN A 1215 10.11 -1.21 -72.41
CA GLN A 1215 9.66 -2.02 -73.54
C GLN A 1215 9.53 -1.14 -74.77
N ASN A 1216 10.10 -1.61 -75.88
CA ASN A 1216 10.12 -0.85 -77.12
C ASN A 1216 8.85 -1.08 -77.93
N ILE A 1217 8.59 -0.18 -78.86
CA ILE A 1217 7.45 -0.30 -79.77
C ILE A 1217 7.82 0.35 -81.10
N SER A 1218 7.43 -0.30 -82.19
CA SER A 1218 7.74 0.24 -83.51
C SER A 1218 6.63 0.05 -84.55
N THR A 1219 5.48 -0.49 -84.18
CA THR A 1219 4.46 -0.83 -85.16
C THR A 1219 3.20 0.04 -85.11
N ASN A 1220 2.79 0.50 -83.92
CA ASN A 1220 1.61 1.34 -83.79
C ASN A 1220 1.90 2.36 -82.71
N LEU A 1221 2.39 3.53 -83.13
CA LEU A 1221 2.77 4.56 -82.18
C LEU A 1221 1.54 5.31 -81.68
N PRO A 1222 1.32 5.39 -80.37
CA PRO A 1222 0.29 6.28 -79.87
C PRO A 1222 0.67 7.73 -80.11
N PRO A 1223 -0.30 8.64 -80.18
CA PRO A 1223 -0.01 10.06 -80.46
C PRO A 1223 0.92 10.72 -79.45
N PRO A 1224 0.95 10.30 -78.17
CA PRO A 1224 2.09 10.77 -77.33
C PRO A 1224 3.45 10.37 -77.85
N LEU A 1225 3.59 9.19 -78.44
CA LEU A 1225 4.88 8.78 -78.98
C LEU A 1225 5.23 9.55 -80.25
N LEU A 1226 4.23 9.94 -81.03
CA LEU A 1226 4.46 10.62 -82.30
C LEU A 1226 4.94 12.06 -82.08
N VAL B 22 34.02 -35.03 37.74
CA VAL B 22 35.12 -34.38 37.02
C VAL B 22 36.18 -35.40 36.64
N ASP B 23 37.20 -34.93 35.92
CA ASP B 23 38.33 -35.77 35.54
C ASP B 23 39.58 -35.15 36.15
N VAL B 24 40.65 -35.95 36.23
CA VAL B 24 41.86 -35.53 36.92
C VAL B 24 43.05 -35.69 35.99
N GLY B 25 43.97 -34.72 36.07
CA GLY B 25 45.29 -34.85 35.50
C GLY B 25 46.31 -34.73 36.61
N PRO B 26 47.03 -35.83 36.89
CA PRO B 26 47.81 -35.91 38.13
C PRO B 26 49.04 -35.00 38.16
N ASP B 27 49.52 -34.73 39.37
CA ASP B 27 50.71 -33.91 39.56
C ASP B 27 51.94 -34.62 39.02
N SER B 28 52.83 -33.85 38.40
CA SER B 28 53.99 -34.43 37.75
C SER B 28 55.25 -34.34 38.60
N VAL B 29 55.66 -33.11 38.94
CA VAL B 29 56.91 -32.89 39.68
C VAL B 29 56.69 -31.89 40.80
N LYS B 30 57.78 -31.52 41.48
CA LYS B 30 57.73 -30.59 42.59
C LYS B 30 57.41 -29.17 42.10
N SER B 31 57.10 -28.31 43.07
CA SER B 31 56.78 -26.91 42.79
C SER B 31 58.06 -26.07 42.87
N ALA B 32 58.87 -26.18 41.82
CA ALA B 32 60.06 -25.33 41.67
C ALA B 32 60.26 -25.11 40.17
N CYS B 33 59.69 -24.02 39.66
CA CYS B 33 59.65 -23.78 38.23
C CYS B 33 61.02 -23.30 37.72
N ILE B 34 61.22 -23.45 36.41
CA ILE B 34 62.45 -22.99 35.78
C ILE B 34 62.34 -21.49 35.47
N GLU B 35 63.50 -20.86 35.33
CA GLU B 35 63.57 -19.42 35.16
C GLU B 35 62.99 -18.98 33.82
N VAL B 36 62.21 -17.90 33.85
CA VAL B 36 61.50 -17.38 32.69
C VAL B 36 61.84 -15.91 32.54
N ASP B 37 62.22 -15.49 31.33
CA ASP B 37 62.65 -14.14 31.06
C ASP B 37 61.64 -13.42 30.17
N ILE B 38 61.84 -12.11 30.01
CA ILE B 38 61.04 -11.27 29.12
C ILE B 38 61.99 -10.58 28.17
N GLN B 39 61.98 -11.01 26.90
CA GLN B 39 62.85 -10.42 25.87
C GLN B 39 62.05 -10.25 24.57
N GLN B 40 60.86 -9.67 24.69
CA GLN B 40 60.00 -9.46 23.53
C GLN B 40 60.56 -8.42 22.57
N THR B 41 61.51 -7.59 23.02
CA THR B 41 62.14 -6.60 22.15
C THR B 41 62.88 -7.27 20.99
N PHE B 42 63.53 -8.41 21.26
CA PHE B 42 64.17 -9.16 20.18
C PHE B 42 63.13 -9.73 19.22
N PHE B 43 61.99 -10.20 19.75
CA PHE B 43 60.93 -10.74 18.91
C PHE B 43 60.20 -9.69 18.08
N ASP B 44 60.39 -8.40 18.38
CA ASP B 44 59.61 -7.35 17.73
C ASP B 44 60.12 -7.13 16.30
N LYS B 45 59.73 -8.05 15.42
CA LYS B 45 59.91 -7.89 13.99
C LYS B 45 58.54 -7.88 13.33
N THR B 46 58.43 -7.18 12.21
CA THR B 46 57.18 -7.06 11.49
C THR B 46 57.09 -8.10 10.38
N TRP B 47 55.91 -8.71 10.24
CA TRP B 47 55.56 -9.47 9.05
C TRP B 47 54.09 -9.22 8.77
N PRO B 48 53.79 -8.24 7.91
CA PRO B 48 52.38 -7.98 7.56
C PRO B 48 51.89 -8.97 6.51
N ARG B 49 50.86 -9.73 6.88
CA ARG B 49 50.13 -10.59 5.95
C ARG B 49 48.65 -10.26 6.10
N PRO B 50 48.20 -9.15 5.53
CA PRO B 50 46.79 -8.79 5.63
C PRO B 50 45.92 -9.76 4.85
N ILE B 51 44.71 -9.98 5.34
CA ILE B 51 43.82 -10.97 4.77
C ILE B 51 43.17 -10.40 3.52
N ASP B 52 43.26 -11.14 2.43
CA ASP B 52 42.61 -10.78 1.17
C ASP B 52 41.39 -11.68 1.02
N VAL B 53 40.21 -11.10 1.21
CA VAL B 53 38.97 -11.88 1.16
C VAL B 53 38.71 -12.36 -0.26
N SER B 54 39.14 -11.60 -1.27
CA SER B 54 39.07 -12.07 -2.65
C SER B 54 39.97 -13.27 -2.88
N LYS B 55 41.05 -13.39 -2.12
CA LYS B 55 41.91 -14.57 -2.16
C LYS B 55 41.36 -15.72 -1.32
N ALA B 56 40.23 -15.52 -0.65
CA ALA B 56 39.55 -16.54 0.17
C ALA B 56 40.46 -17.05 1.29
N ASP B 57 40.81 -16.14 2.19
CA ASP B 57 41.67 -16.44 3.33
C ASP B 57 40.87 -16.17 4.60
N GLY B 58 40.49 -17.23 5.31
CA GLY B 58 39.83 -17.09 6.59
C GLY B 58 38.41 -16.56 6.52
N ILE B 59 37.49 -17.34 5.95
CA ILE B 59 36.09 -16.98 5.89
C ILE B 59 35.28 -18.16 6.43
N ILE B 60 34.54 -17.91 7.51
CA ILE B 60 33.79 -18.98 8.17
C ILE B 60 32.66 -19.44 7.25
N TYR B 61 32.54 -20.76 7.09
CA TYR B 61 31.47 -21.33 6.30
C TYR B 61 30.15 -21.19 7.04
N PRO B 62 29.03 -21.20 6.32
CA PRO B 62 27.73 -21.36 6.97
C PRO B 62 27.68 -22.67 7.75
N GLN B 63 27.07 -22.62 8.93
CA GLN B 63 27.25 -23.68 9.91
C GLN B 63 26.46 -24.94 9.57
N GLY B 64 25.35 -24.82 8.85
CA GLY B 64 24.51 -25.98 8.63
C GLY B 64 24.13 -26.26 7.19
N ARG B 65 24.27 -25.28 6.32
CA ARG B 65 23.77 -25.37 4.95
C ARG B 65 24.89 -24.95 3.99
N THR B 66 25.14 -25.77 2.98
CA THR B 66 26.07 -25.39 1.93
C THR B 66 25.31 -25.02 0.65
N TYR B 67 26.04 -24.48 -0.32
CA TYR B 67 25.46 -24.10 -1.59
C TYR B 67 26.34 -24.55 -2.74
N SER B 68 26.05 -24.11 -3.97
CA SER B 68 26.84 -24.54 -5.10
C SER B 68 26.75 -23.53 -6.24
N ASN B 69 27.91 -23.04 -6.67
CA ASN B 69 28.09 -22.34 -7.96
C ASN B 69 27.21 -21.08 -8.06
N ILE B 70 27.04 -20.37 -6.95
CA ILE B 70 26.19 -19.19 -6.94
C ILE B 70 26.90 -18.06 -6.20
N THR B 71 26.68 -16.84 -6.69
CA THR B 71 27.13 -15.64 -6.01
C THR B 71 26.00 -15.16 -5.10
N ILE B 72 26.19 -15.31 -3.79
CA ILE B 72 25.12 -15.09 -2.83
C ILE B 72 25.61 -14.18 -1.70
N THR B 73 24.78 -13.22 -1.31
CA THR B 73 25.05 -12.43 -0.12
C THR B 73 24.59 -13.18 1.11
N TYR B 74 25.36 -13.08 2.18
CA TYR B 74 25.09 -13.84 3.39
C TYR B 74 25.58 -13.06 4.60
N GLN B 75 24.79 -13.08 5.66
CA GLN B 75 25.12 -12.41 6.91
C GLN B 75 25.88 -13.37 7.80
N GLY B 76 27.16 -13.10 8.03
CA GLY B 76 27.97 -13.99 8.84
C GLY B 76 28.90 -13.25 9.78
N LEU B 77 29.90 -13.94 10.30
CA LEU B 77 30.90 -13.36 11.20
C LEU B 77 32.24 -13.37 10.50
N PHE B 78 32.80 -12.18 10.27
CA PHE B 78 34.07 -12.04 9.56
C PHE B 78 34.97 -11.01 10.22
N PRO B 79 36.27 -11.04 9.94
CA PRO B 79 37.12 -9.89 10.25
C PRO B 79 37.01 -8.82 9.17
N TYR B 80 37.53 -7.63 9.50
CA TYR B 80 37.57 -6.55 8.52
C TYR B 80 38.63 -6.83 7.46
N GLN B 81 38.51 -6.12 6.34
CA GLN B 81 39.37 -6.36 5.19
C GLN B 81 40.79 -5.89 5.47
N GLY B 82 41.76 -6.76 5.23
CA GLY B 82 43.16 -6.40 5.27
C GLY B 82 43.70 -6.00 6.63
N ASP B 83 43.20 -6.64 7.69
CA ASP B 83 43.71 -6.37 9.02
C ASP B 83 45.11 -6.95 9.17
N HIS B 84 45.97 -6.23 9.90
CA HIS B 84 47.37 -6.62 10.01
C HIS B 84 47.64 -7.59 11.15
N GLY B 85 46.61 -8.00 11.89
CA GLY B 85 46.76 -9.08 12.84
C GLY B 85 47.37 -8.68 14.17
N ASP B 86 47.67 -9.72 14.95
CA ASP B 86 48.07 -9.60 16.36
C ASP B 86 49.27 -10.51 16.64
N MET B 87 50.33 -10.33 15.83
CA MET B 87 51.55 -11.14 15.82
C MET B 87 52.08 -11.53 17.20
N TYR B 88 52.12 -12.84 17.42
CA TYR B 88 52.88 -13.47 18.49
C TYR B 88 53.73 -14.55 17.85
N VAL B 89 55.01 -14.59 18.23
CA VAL B 89 55.94 -15.52 17.60
C VAL B 89 56.45 -16.49 18.65
N TYR B 90 56.74 -17.71 18.21
CA TYR B 90 57.29 -18.75 19.07
C TYR B 90 58.75 -18.96 18.70
N SER B 91 59.63 -18.91 19.70
CA SER B 91 61.06 -19.03 19.50
C SER B 91 61.65 -19.99 20.52
N ALA B 92 62.68 -20.72 20.11
CA ALA B 92 63.34 -21.66 20.99
C ALA B 92 64.12 -20.94 22.09
N GLY B 93 64.32 -21.64 23.20
CA GLY B 93 65.06 -21.09 24.32
C GLY B 93 66.55 -21.14 24.10
N HIS B 94 67.28 -20.64 25.10
CA HIS B 94 68.74 -20.60 25.02
C HIS B 94 69.30 -22.01 25.10
N ALA B 95 70.35 -22.25 24.31
CA ALA B 95 71.00 -23.56 24.28
C ALA B 95 72.49 -23.38 24.09
N THR B 96 73.26 -24.15 24.84
CA THR B 96 74.73 -24.17 24.72
C THR B 96 75.15 -25.60 24.41
N GLY B 97 75.51 -25.84 23.16
CA GLY B 97 75.83 -27.18 22.71
C GLY B 97 74.62 -28.08 22.70
N THR B 98 74.61 -29.09 23.57
CA THR B 98 73.48 -29.99 23.74
C THR B 98 72.72 -29.71 25.03
N THR B 99 72.93 -28.56 25.64
CA THR B 99 72.33 -28.23 26.93
C THR B 99 71.26 -27.15 26.76
N PRO B 100 69.97 -27.50 26.87
CA PRO B 100 68.93 -26.47 26.85
C PRO B 100 68.95 -25.64 28.13
N GLN B 101 69.28 -24.36 28.00
CA GLN B 101 69.46 -23.46 29.12
C GLN B 101 68.14 -22.79 29.46
N LYS B 102 68.20 -21.70 30.24
CA LYS B 102 67.02 -20.91 30.59
C LYS B 102 66.29 -20.44 29.34
N LEU B 103 64.96 -20.47 29.40
CA LEU B 103 64.12 -20.32 28.22
C LEU B 103 64.12 -18.87 27.76
N PHE B 104 63.37 -18.58 26.69
CA PHE B 104 63.50 -17.29 26.03
C PHE B 104 62.13 -16.96 25.40
N VAL B 105 61.30 -16.24 26.17
CA VAL B 105 59.91 -15.99 25.81
C VAL B 105 59.58 -14.51 25.96
N ALA B 106 58.40 -14.14 25.49
CA ALA B 106 57.98 -12.75 25.39
C ALA B 106 57.09 -12.36 26.56
N ASN B 107 56.47 -11.18 26.46
CA ASN B 107 55.55 -10.64 27.46
C ASN B 107 54.09 -10.80 27.05
N TYR B 108 53.73 -11.91 26.41
CA TYR B 108 52.35 -12.09 25.95
C TYR B 108 51.38 -12.23 27.12
N SER B 109 51.82 -12.85 28.21
CA SER B 109 50.93 -13.15 29.32
C SER B 109 50.44 -11.90 30.06
N GLN B 110 51.20 -10.81 30.00
CA GLN B 110 50.82 -9.60 30.73
C GLN B 110 49.67 -8.84 30.09
N ASP B 111 49.34 -9.12 28.84
CA ASP B 111 48.30 -8.39 28.12
C ASP B 111 47.09 -9.28 27.90
N VAL B 112 45.90 -8.70 28.03
CA VAL B 112 44.65 -9.42 27.86
C VAL B 112 43.78 -8.64 26.87
N LYS B 113 42.91 -9.36 26.16
CA LYS B 113 41.99 -8.75 25.22
C LYS B 113 40.59 -9.31 25.45
N GLN B 114 39.59 -8.52 25.07
CA GLN B 114 38.21 -8.95 25.16
C GLN B 114 37.92 -10.02 24.11
N PHE B 115 37.15 -11.04 24.52
CA PHE B 115 36.85 -12.15 23.62
C PHE B 115 36.01 -11.69 22.43
N ALA B 116 35.06 -10.79 22.67
CA ALA B 116 34.14 -10.22 21.67
C ALA B 116 33.39 -11.37 21.00
N ASN B 117 33.56 -11.62 19.70
CA ASN B 117 32.85 -12.69 19.01
C ASN B 117 33.82 -13.75 18.49
N GLY B 118 34.82 -14.09 19.29
CA GLY B 118 35.80 -15.09 18.90
C GLY B 118 36.84 -14.52 17.96
N PHE B 119 37.75 -15.40 17.54
CA PHE B 119 38.83 -14.96 16.66
C PHE B 119 39.30 -16.14 15.83
N VAL B 120 39.94 -15.81 14.70
CA VAL B 120 40.53 -16.81 13.83
C VAL B 120 42.05 -16.67 13.87
N VAL B 121 42.72 -17.77 13.60
CA VAL B 121 44.18 -17.85 13.60
C VAL B 121 44.59 -18.59 12.35
N ARG B 122 45.43 -17.97 11.53
CA ARG B 122 46.04 -18.67 10.41
C ARG B 122 47.40 -19.21 10.83
N ILE B 123 47.66 -20.45 10.42
CA ILE B 123 48.75 -21.27 10.92
C ILE B 123 49.64 -21.63 9.74
N GLY B 124 50.95 -21.45 9.90
CA GLY B 124 51.84 -21.69 8.80
C GLY B 124 51.89 -20.54 7.82
N ALA B 125 51.60 -19.32 8.28
CA ALA B 125 51.75 -18.13 7.46
C ALA B 125 53.25 -17.88 7.37
N ALA B 126 53.87 -18.61 6.44
CA ALA B 126 55.29 -18.94 6.44
C ALA B 126 55.50 -19.90 5.28
N ALA B 127 54.76 -21.02 5.29
CA ALA B 127 54.53 -21.84 4.11
C ALA B 127 55.79 -22.45 3.52
N ASN B 128 56.31 -23.51 4.16
CA ASN B 128 57.37 -24.41 3.67
C ASN B 128 58.74 -23.78 3.85
N SER B 129 58.77 -22.52 4.31
CA SER B 129 59.90 -21.64 4.04
C SER B 129 61.08 -21.84 4.98
N THR B 130 62.05 -20.93 4.86
CA THR B 130 63.19 -20.85 5.74
C THR B 130 63.33 -19.39 6.16
N GLY B 131 64.00 -19.16 7.28
CA GLY B 131 64.17 -17.81 7.77
C GLY B 131 65.13 -17.80 8.92
N THR B 132 65.48 -16.60 9.36
CA THR B 132 66.45 -16.43 10.44
C THR B 132 65.89 -16.97 11.75
N VAL B 133 66.78 -17.54 12.56
CA VAL B 133 66.40 -18.02 13.88
C VAL B 133 66.06 -16.81 14.75
N ILE B 134 64.92 -16.88 15.43
CA ILE B 134 64.38 -15.71 16.11
C ILE B 134 65.23 -15.34 17.33
N ILE B 135 65.64 -16.34 18.11
CA ILE B 135 66.47 -16.06 19.27
C ILE B 135 67.88 -15.66 18.84
N SER B 136 68.43 -16.32 17.83
CA SER B 136 69.78 -16.01 17.34
C SER B 136 69.68 -15.53 15.90
N PRO B 137 69.68 -14.22 15.65
CA PRO B 137 69.51 -13.72 14.27
C PRO B 137 70.64 -14.07 13.32
N SER B 138 71.82 -14.44 13.84
CA SER B 138 72.94 -14.80 12.98
C SER B 138 72.75 -16.12 12.26
N THR B 139 71.78 -16.94 12.66
CA THR B 139 71.56 -18.26 12.09
C THR B 139 70.18 -18.30 11.44
N SER B 140 70.07 -19.05 10.34
CA SER B 140 68.81 -19.26 9.65
C SER B 140 68.55 -20.75 9.49
N ALA B 141 67.29 -21.13 9.66
CA ALA B 141 66.87 -22.52 9.57
C ALA B 141 65.53 -22.59 8.83
N THR B 142 65.17 -23.81 8.43
CA THR B 142 63.90 -24.04 7.74
C THR B 142 62.74 -23.82 8.70
N ILE B 143 61.75 -23.07 8.26
CA ILE B 143 60.58 -22.76 9.09
C ILE B 143 59.67 -23.98 9.15
N ARG B 144 59.32 -24.39 10.36
CA ARG B 144 58.40 -25.49 10.60
C ARG B 144 57.18 -24.97 11.36
N LYS B 145 56.00 -25.43 10.96
CA LYS B 145 54.77 -24.93 11.54
C LYS B 145 54.62 -25.38 12.99
N ILE B 146 53.73 -24.69 13.71
CA ILE B 146 53.50 -24.96 15.12
C ILE B 146 52.09 -24.48 15.46
N TYR B 147 51.53 -25.00 16.54
CA TYR B 147 50.19 -24.64 16.95
C TYR B 147 50.22 -23.88 18.28
N PRO B 148 49.37 -22.87 18.45
CA PRO B 148 49.43 -22.05 19.67
C PRO B 148 48.47 -22.50 20.75
N ALA B 149 48.77 -22.14 22.00
CA ALA B 149 47.96 -22.47 23.16
C ALA B 149 47.18 -21.23 23.59
N PHE B 150 45.90 -21.39 23.87
CA PHE B 150 45.03 -20.27 24.21
C PHE B 150 44.44 -20.48 25.60
N MET B 151 44.46 -19.41 26.40
CA MET B 151 43.91 -19.39 27.74
C MET B 151 42.71 -18.46 27.70
N LEU B 152 41.56 -18.96 28.13
CA LEU B 152 40.27 -18.35 27.82
C LEU B 152 39.45 -18.27 29.10
N GLY B 153 38.93 -17.08 29.43
CA GLY B 153 38.22 -16.96 30.69
C GLY B 153 37.30 -15.77 30.72
N SER B 154 36.88 -15.41 31.93
CA SER B 154 35.93 -14.32 32.13
C SER B 154 36.28 -13.38 33.27
N SER B 155 37.37 -13.63 34.01
CA SER B 155 37.76 -12.78 35.13
C SER B 155 39.26 -12.56 35.11
N VAL B 156 39.69 -11.33 35.38
CA VAL B 156 41.10 -10.98 35.41
C VAL B 156 41.52 -10.64 36.83
N GLY B 157 42.82 -10.68 37.07
CA GLY B 157 43.39 -10.29 38.34
C GLY B 157 44.90 -10.27 38.22
N ASN B 158 45.54 -9.89 39.32
CA ASN B 158 46.99 -9.84 39.39
C ASN B 158 47.56 -11.06 40.09
N PHE B 159 48.81 -11.39 39.76
CA PHE B 159 49.48 -12.55 40.32
C PHE B 159 50.04 -12.22 41.70
N SER B 160 50.91 -13.09 42.22
CA SER B 160 51.50 -12.87 43.54
C SER B 160 52.40 -11.65 43.55
N ASP B 161 53.15 -11.43 42.47
CA ASP B 161 54.02 -10.27 42.36
C ASP B 161 53.28 -9.03 41.88
N GLY B 162 51.99 -9.11 41.64
CA GLY B 162 51.21 -8.00 41.13
C GLY B 162 51.12 -7.91 39.63
N LYS B 163 51.72 -8.85 38.90
CA LYS B 163 51.62 -8.86 37.45
C LYS B 163 50.19 -9.21 37.03
N MET B 164 49.62 -8.39 36.14
CA MET B 164 48.26 -8.62 35.69
C MET B 164 48.18 -9.84 34.78
N GLY B 165 47.13 -10.64 34.97
CA GLY B 165 46.93 -11.82 34.15
C GLY B 165 46.39 -13.01 34.91
N ARG B 166 46.20 -12.87 36.21
CA ARG B 166 45.63 -13.96 37.01
C ARG B 166 44.15 -14.10 36.71
N PHE B 167 43.71 -15.33 36.47
CA PHE B 167 42.33 -15.60 36.13
C PHE B 167 41.69 -16.43 37.23
N PHE B 168 40.47 -16.07 37.60
CA PHE B 168 39.70 -16.80 38.59
C PHE B 168 38.80 -17.82 37.90
N ASN B 169 38.31 -18.77 38.71
CA ASN B 169 37.26 -19.72 38.34
C ASN B 169 37.70 -20.63 37.18
N HIS B 170 36.74 -21.20 36.48
CA HIS B 170 37.03 -22.11 35.38
C HIS B 170 37.57 -21.36 34.18
N THR B 171 38.58 -21.95 33.52
CA THR B 171 39.13 -21.38 32.31
C THR B 171 39.33 -22.49 31.29
N LEU B 172 39.16 -22.15 30.02
CA LEU B 172 39.34 -23.08 28.91
C LEU B 172 40.74 -22.91 28.35
N VAL B 173 41.50 -23.99 28.37
CA VAL B 173 42.87 -24.01 27.88
C VAL B 173 42.91 -24.92 26.67
N LEU B 174 43.41 -24.39 25.55
CA LEU B 174 43.67 -25.15 24.33
C LEU B 174 45.18 -25.28 24.19
N LEU B 175 45.71 -26.44 24.56
CA LEU B 175 47.13 -26.70 24.58
C LEU B 175 47.49 -27.73 23.52
N PRO B 176 48.30 -27.36 22.53
CA PRO B 176 48.86 -28.36 21.61
C PRO B 176 50.04 -29.08 22.25
N ASP B 177 50.22 -30.33 21.85
CA ASP B 177 51.12 -31.22 22.56
C ASP B 177 51.56 -32.31 21.60
N GLY B 178 52.73 -32.89 21.90
CA GLY B 178 53.24 -34.01 21.15
C GLY B 178 53.47 -33.75 19.67
N CYS B 179 54.37 -32.80 19.37
CA CYS B 179 54.77 -32.44 18.02
C CYS B 179 53.59 -31.99 17.16
N GLY B 180 52.57 -31.42 17.78
CA GLY B 180 51.41 -30.93 17.08
C GLY B 180 50.30 -31.96 16.84
N THR B 181 50.57 -33.24 17.09
CA THR B 181 49.56 -34.27 16.87
C THR B 181 48.50 -34.31 17.95
N LEU B 182 48.70 -33.61 19.07
CA LEU B 182 47.81 -33.64 20.21
C LEU B 182 47.23 -32.25 20.42
N LEU B 183 45.93 -32.18 20.70
CA LEU B 183 45.17 -30.93 20.71
C LEU B 183 44.32 -30.83 21.97
N ARG B 184 44.95 -30.99 23.15
CA ARG B 184 44.20 -31.07 24.39
C ARG B 184 43.48 -29.76 24.68
N ALA B 185 42.30 -29.87 25.27
CA ALA B 185 41.48 -28.70 25.54
C ALA B 185 40.57 -29.00 26.73
N PHE B 186 40.51 -28.07 27.67
CA PHE B 186 39.83 -28.37 28.92
C PHE B 186 39.38 -27.08 29.62
N TYR B 187 38.12 -27.07 30.06
CA TYR B 187 37.52 -25.93 30.75
C TYR B 187 37.52 -26.25 32.25
N CYS B 188 38.70 -26.11 32.85
CA CYS B 188 38.97 -26.68 34.18
C CYS B 188 39.58 -25.58 35.06
N ILE B 189 40.07 -25.96 36.24
CA ILE B 189 40.48 -25.00 37.27
C ILE B 189 41.99 -25.06 37.42
N LEU B 190 42.64 -23.90 37.40
CA LEU B 190 44.07 -23.81 37.66
C LEU B 190 44.34 -23.12 38.99
N GLU B 191 45.45 -23.51 39.63
CA GLU B 191 45.95 -22.84 40.83
C GLU B 191 47.44 -22.59 40.63
N PRO B 192 47.97 -21.47 41.13
CA PRO B 192 49.41 -21.22 41.02
C PRO B 192 50.21 -22.06 42.01
N ARG B 193 51.52 -22.15 41.73
CA ARG B 193 52.48 -22.79 42.62
C ARG B 193 53.39 -21.73 43.22
N SER B 194 53.87 -21.98 44.44
CA SER B 194 54.58 -20.99 45.23
C SER B 194 56.07 -21.29 45.37
N GLY B 195 56.67 -21.88 44.35
CA GLY B 195 58.09 -22.17 44.36
C GLY B 195 58.92 -21.12 43.64
N ASN B 196 60.16 -21.49 43.33
CA ASN B 196 61.06 -20.60 42.60
C ASN B 196 60.60 -20.48 41.15
N HIS B 197 60.54 -19.24 40.66
CA HIS B 197 60.07 -18.88 39.31
C HIS B 197 58.65 -19.36 39.04
N CYS B 198 57.86 -19.59 40.08
CA CYS B 198 56.54 -20.17 40.04
C CYS B 198 55.49 -19.08 40.28
N PRO B 199 54.27 -19.23 39.72
CA PRO B 199 53.34 -18.08 39.67
C PRO B 199 52.93 -17.50 41.01
N ALA B 200 52.80 -18.31 42.06
CA ALA B 200 52.55 -17.78 43.39
C ALA B 200 53.83 -17.58 44.19
N GLY B 201 55.00 -17.83 43.60
CA GLY B 201 56.26 -17.76 44.29
C GLY B 201 57.14 -16.63 43.80
N ASN B 202 58.39 -16.66 44.28
CA ASN B 202 59.35 -15.61 43.99
C ASN B 202 59.99 -15.82 42.61
N SER B 203 60.63 -14.75 42.12
CA SER B 203 61.40 -14.74 40.86
C SER B 203 60.56 -15.15 39.67
N TYR B 204 59.28 -14.79 39.67
CA TYR B 204 58.34 -15.19 38.63
C TYR B 204 58.10 -14.03 37.68
N THR B 205 58.21 -14.30 36.38
CA THR B 205 57.89 -13.33 35.35
C THR B 205 56.74 -13.79 34.46
N SER B 206 56.78 -15.03 33.98
CA SER B 206 55.73 -15.57 33.14
C SER B 206 55.78 -17.10 33.22
N PHE B 207 54.74 -17.74 32.68
CA PHE B 207 54.73 -19.18 32.52
C PHE B 207 54.60 -19.50 31.04
N ALA B 208 55.23 -20.59 30.62
CA ALA B 208 55.27 -20.95 29.21
C ALA B 208 55.27 -22.46 29.10
N THR B 209 55.63 -22.98 27.93
CA THR B 209 55.77 -24.40 27.70
C THR B 209 57.21 -24.70 27.31
N TYR B 210 57.85 -25.61 28.03
CA TYR B 210 59.15 -26.12 27.63
C TYR B 210 58.95 -27.40 26.84
N HIS B 211 59.61 -27.50 25.69
CA HIS B 211 59.37 -28.59 24.76
C HIS B 211 60.71 -29.10 24.26
N THR B 212 61.00 -30.37 24.52
CA THR B 212 62.24 -31.01 24.08
C THR B 212 61.90 -31.97 22.94
N PRO B 213 62.00 -31.55 21.69
CA PRO B 213 61.68 -32.46 20.58
C PRO B 213 62.69 -33.58 20.41
N ALA B 214 63.89 -33.45 20.99
CA ALA B 214 64.85 -34.54 20.95
C ALA B 214 64.36 -35.74 21.75
N THR B 215 63.55 -35.52 22.78
CA THR B 215 62.94 -36.58 23.56
C THR B 215 61.47 -36.79 23.24
N ASP B 216 60.78 -35.75 22.76
CA ASP B 216 59.36 -35.86 22.45
C ASP B 216 59.10 -36.29 21.01
N CYS B 217 59.77 -35.67 20.03
CA CYS B 217 59.45 -35.89 18.64
C CYS B 217 60.18 -37.09 18.03
N SER B 218 60.54 -38.06 18.86
CA SER B 218 61.04 -39.33 18.35
C SER B 218 59.92 -40.09 17.64
N ASP B 219 60.31 -41.11 16.89
CA ASP B 219 59.34 -41.92 16.16
C ASP B 219 58.50 -42.72 17.15
N GLY B 220 57.19 -42.43 17.20
CA GLY B 220 56.34 -43.01 18.21
C GLY B 220 56.54 -42.34 19.56
N ASN B 221 56.07 -43.02 20.61
CA ASN B 221 56.21 -42.62 22.01
C ASN B 221 55.55 -41.27 22.29
N TYR B 222 56.21 -40.19 21.85
CA TYR B 222 55.76 -38.80 21.98
C TYR B 222 55.64 -38.33 23.42
N ASN B 223 56.33 -38.98 24.34
CA ASN B 223 56.59 -38.55 25.71
C ASN B 223 55.35 -38.43 26.57
N ARG B 224 54.19 -38.89 26.08
CA ARG B 224 52.97 -39.16 26.86
C ARG B 224 52.49 -37.85 27.53
N ASN B 225 52.03 -36.92 26.67
CA ASN B 225 51.72 -35.49 26.95
C ASN B 225 52.78 -34.80 27.82
N ALA B 226 53.98 -34.63 27.25
CA ALA B 226 55.05 -33.90 27.92
C ALA B 226 54.69 -32.44 28.17
N SER B 227 53.93 -31.82 27.26
CA SER B 227 53.59 -30.41 27.46
C SER B 227 52.50 -30.23 28.50
N LEU B 228 51.63 -31.22 28.69
CA LEU B 228 50.69 -31.12 29.82
C LEU B 228 51.42 -31.26 31.15
N ASN B 229 52.47 -32.07 31.20
CA ASN B 229 53.29 -32.14 32.41
C ASN B 229 54.09 -30.87 32.59
N SER B 230 54.46 -30.20 31.49
CA SER B 230 55.04 -28.86 31.58
C SER B 230 54.03 -27.87 32.12
N PHE B 231 52.76 -28.02 31.70
CA PHE B 231 51.69 -27.17 32.22
C PHE B 231 51.48 -27.40 33.71
N LYS B 232 51.55 -28.66 34.15
CA LYS B 232 51.48 -29.00 35.56
C LYS B 232 52.72 -28.58 36.34
N GLU B 233 53.81 -28.23 35.66
CA GLU B 233 55.00 -27.78 36.37
C GLU B 233 54.80 -26.40 36.98
N TYR B 234 53.86 -25.62 36.44
CA TYR B 234 53.57 -24.28 36.95
C TYR B 234 52.25 -24.19 37.69
N PHE B 235 51.24 -24.98 37.31
CA PHE B 235 49.90 -24.90 37.89
C PHE B 235 49.51 -26.21 38.56
N ASN B 236 48.37 -26.15 39.25
CA ASN B 236 47.69 -27.30 39.82
C ASN B 236 46.31 -27.37 39.17
N LEU B 237 45.83 -28.55 38.82
CA LEU B 237 44.58 -28.64 38.05
C LEU B 237 43.39 -29.36 38.64
N ARG B 238 42.22 -28.73 38.72
CA ARG B 238 41.06 -29.43 39.25
C ARG B 238 39.71 -29.21 38.60
N ASN B 239 38.65 -29.68 39.24
CA ASN B 239 37.29 -29.55 38.72
C ASN B 239 37.25 -29.51 37.21
N CYS B 240 37.56 -30.63 36.58
CA CYS B 240 37.64 -30.67 35.11
C CYS B 240 36.40 -31.02 34.34
N THR B 241 36.34 -30.53 33.12
CA THR B 241 35.18 -30.77 32.33
C THR B 241 35.49 -31.66 31.16
N PHE B 242 35.57 -31.07 29.98
CA PHE B 242 35.74 -31.88 28.78
C PHE B 242 37.13 -32.12 28.26
N MET B 243 37.76 -33.13 28.77
CA MET B 243 39.04 -33.47 28.23
C MET B 243 38.70 -34.00 26.89
N TYR B 244 39.39 -33.57 25.87
CA TYR B 244 39.13 -33.89 24.48
C TYR B 244 40.45 -34.08 23.73
N THR B 245 40.56 -35.20 23.03
CA THR B 245 41.76 -35.57 22.29
C THR B 245 41.47 -35.52 20.80
N TYR B 246 42.48 -35.09 20.03
CA TYR B 246 42.34 -34.95 18.58
C TYR B 246 43.63 -35.41 17.92
N ASN B 247 43.65 -36.67 17.48
CA ASN B 247 44.75 -37.19 16.69
C ASN B 247 44.74 -36.53 15.31
N ILE B 248 45.81 -35.81 14.98
CA ILE B 248 45.99 -35.26 13.63
C ILE B 248 47.40 -35.62 13.15
N THR B 249 47.60 -35.45 11.85
CA THR B 249 48.90 -35.59 11.23
C THR B 249 49.56 -34.23 11.06
N GLU B 250 50.86 -34.24 10.75
CA GLU B 250 51.64 -33.03 10.61
C GLU B 250 52.14 -32.88 9.19
N ASP B 251 52.19 -31.64 8.71
CA ASP B 251 52.60 -31.32 7.36
C ASP B 251 53.25 -29.93 7.39
N GLU B 252 53.38 -29.31 6.22
CA GLU B 252 53.92 -27.97 6.10
C GLU B 252 53.02 -27.10 5.22
N ILE B 253 51.71 -27.27 5.36
CA ILE B 253 50.72 -26.54 4.58
C ILE B 253 49.96 -25.62 5.53
N LEU B 254 49.79 -24.36 5.12
CA LEU B 254 49.08 -23.39 5.95
C LEU B 254 47.61 -23.78 6.10
N GLU B 255 47.08 -23.52 7.29
CA GLU B 255 45.72 -23.91 7.62
C GLU B 255 45.12 -22.85 8.52
N TRP B 256 43.92 -23.12 9.02
CA TRP B 256 43.15 -22.13 9.75
C TRP B 256 42.44 -22.77 10.93
N PHE B 257 42.40 -22.03 12.04
CA PHE B 257 41.65 -22.40 13.22
C PHE B 257 40.72 -21.25 13.58
N GLY B 258 39.52 -21.57 14.05
CA GLY B 258 38.57 -20.55 14.44
C GLY B 258 37.94 -20.89 15.77
N ILE B 259 37.73 -19.87 16.58
CA ILE B 259 37.17 -20.06 17.91
C ILE B 259 36.07 -19.03 18.13
N THR B 260 34.95 -19.47 18.70
CA THR B 260 33.89 -18.55 19.12
C THR B 260 33.07 -19.24 20.21
N GLN B 261 32.00 -18.56 20.65
CA GLN B 261 31.07 -19.19 21.57
C GLN B 261 29.66 -18.66 21.30
N THR B 262 28.68 -19.55 21.42
CA THR B 262 27.27 -19.23 21.26
C THR B 262 26.50 -19.99 22.33
N ALA B 263 25.16 -19.98 22.19
CA ALA B 263 24.30 -20.68 23.14
C ALA B 263 24.50 -22.19 23.13
N GLN B 264 25.00 -22.75 22.04
CA GLN B 264 25.38 -24.16 22.04
C GLN B 264 26.55 -24.39 22.98
N GLY B 265 27.50 -23.47 23.02
CA GLY B 265 28.73 -23.62 23.74
C GLY B 265 29.86 -23.00 22.95
N VAL B 266 31.07 -23.42 23.28
CA VAL B 266 32.26 -22.90 22.59
C VAL B 266 32.44 -23.68 21.29
N HIS B 267 32.39 -22.97 20.16
CA HIS B 267 32.51 -23.58 18.85
C HIS B 267 33.94 -23.51 18.34
N LEU B 268 34.46 -24.65 17.90
CA LEU B 268 35.79 -24.78 17.34
C LEU B 268 35.68 -25.18 15.88
N PHE B 269 36.33 -24.40 15.02
CA PHE B 269 36.32 -24.62 13.57
C PHE B 269 37.75 -24.92 13.12
N SER B 270 37.89 -25.79 12.12
CA SER B 270 39.19 -26.05 11.51
C SER B 270 39.04 -26.36 10.04
N SER B 271 40.13 -26.12 9.31
CA SER B 271 40.21 -26.49 7.89
C SER B 271 40.64 -27.93 7.74
N ARG B 272 41.56 -28.36 8.63
CA ARG B 272 42.28 -29.63 8.62
C ARG B 272 41.46 -30.86 8.24
N TYR B 273 40.34 -31.07 8.91
CA TYR B 273 39.53 -32.27 8.66
C TYR B 273 38.87 -32.24 7.30
N VAL B 274 38.31 -31.08 6.91
CA VAL B 274 37.55 -31.01 5.67
C VAL B 274 38.37 -30.47 4.50
N ASP B 275 39.11 -29.38 4.69
CA ASP B 275 39.84 -28.77 3.57
C ASP B 275 41.32 -28.73 3.94
N LEU B 276 42.08 -29.71 3.48
CA LEU B 276 43.52 -29.68 3.61
C LEU B 276 44.14 -28.85 2.51
N TYR B 277 43.88 -29.23 1.26
CA TYR B 277 44.53 -28.62 0.11
C TYR B 277 43.93 -27.28 -0.27
N GLY B 278 42.75 -26.95 0.23
CA GLY B 278 42.19 -25.64 0.02
C GLY B 278 42.52 -24.71 1.18
N GLY B 279 41.64 -23.75 1.45
CA GLY B 279 41.86 -22.85 2.56
C GLY B 279 40.57 -22.49 3.28
N ASN B 280 39.48 -23.16 2.92
CA ASN B 280 38.19 -22.83 3.47
C ASN B 280 38.04 -23.33 4.90
N MET B 281 37.06 -22.78 5.60
CA MET B 281 36.98 -22.89 7.04
C MET B 281 35.78 -23.77 7.36
N PHE B 282 35.87 -24.57 8.42
CA PHE B 282 34.79 -25.53 8.66
C PHE B 282 34.61 -25.88 10.12
N GLN B 283 33.34 -25.99 10.52
CA GLN B 283 32.94 -26.53 11.82
C GLN B 283 33.51 -27.91 12.08
N PHE B 284 34.04 -28.15 13.28
CA PHE B 284 34.25 -29.54 13.68
C PHE B 284 33.84 -29.84 15.11
N ALA B 285 33.80 -28.88 16.04
CA ALA B 285 33.52 -29.23 17.43
C ALA B 285 32.66 -28.17 18.10
N THR B 286 31.85 -28.62 19.06
CA THR B 286 31.01 -27.75 19.87
C THR B 286 31.14 -28.24 21.32
N LEU B 287 32.00 -27.57 22.08
CA LEU B 287 32.28 -27.98 23.44
C LEU B 287 31.30 -27.32 24.40
N PRO B 288 30.65 -28.08 25.28
CA PRO B 288 29.60 -27.52 26.16
C PRO B 288 30.13 -26.68 27.32
N VAL B 289 30.38 -25.41 27.03
CA VAL B 289 30.83 -24.46 28.05
C VAL B 289 29.63 -24.04 28.90
N TYR B 290 29.90 -23.64 30.14
CA TYR B 290 28.85 -23.17 31.02
C TYR B 290 28.59 -21.68 30.86
N ASP B 291 29.66 -20.88 30.74
CA ASP B 291 29.56 -19.44 30.83
C ASP B 291 30.06 -18.81 29.55
N THR B 292 29.50 -17.63 29.25
CA THR B 292 29.99 -16.82 28.14
C THR B 292 31.39 -16.31 28.44
N ILE B 293 32.22 -16.27 27.41
CA ILE B 293 33.63 -15.89 27.55
C ILE B 293 33.79 -14.40 27.34
N LYS B 294 34.49 -13.74 28.27
CA LYS B 294 34.76 -12.32 28.16
C LYS B 294 36.17 -12.00 27.70
N TYR B 295 37.18 -12.68 28.25
CA TYR B 295 38.59 -12.29 28.10
C TYR B 295 39.41 -13.48 27.63
N TYR B 296 40.54 -13.18 27.00
CA TYR B 296 41.44 -14.23 26.54
C TYR B 296 42.87 -13.73 26.48
N SER B 297 43.80 -14.69 26.52
CA SER B 297 45.20 -14.44 26.27
C SER B 297 45.79 -15.72 25.69
N ILE B 298 47.09 -15.68 25.37
CA ILE B 298 47.77 -16.83 24.82
C ILE B 298 48.83 -17.29 25.81
N ILE B 299 49.30 -18.52 25.61
CA ILE B 299 50.41 -19.09 26.36
C ILE B 299 51.65 -19.02 25.47
N PRO B 300 52.73 -18.37 25.91
CA PRO B 300 53.97 -18.41 25.14
C PRO B 300 54.54 -19.82 25.09
N HIS B 301 55.20 -20.13 23.99
CA HIS B 301 55.78 -21.44 23.78
C HIS B 301 57.23 -21.29 23.36
N SER B 302 58.10 -22.13 23.91
CA SER B 302 59.50 -22.16 23.54
C SER B 302 59.94 -23.60 23.40
N ILE B 303 61.13 -23.80 22.83
CA ILE B 303 61.60 -25.11 22.43
C ILE B 303 62.96 -25.35 23.07
N ARG B 304 63.12 -26.50 23.73
CA ARG B 304 64.40 -26.90 24.31
C ARG B 304 65.30 -27.56 23.27
N SER B 305 65.52 -26.90 22.14
CA SER B 305 66.38 -27.45 21.11
C SER B 305 67.84 -27.36 21.52
N ILE B 306 68.70 -27.98 20.73
CA ILE B 306 70.14 -27.85 20.93
C ILE B 306 70.63 -26.65 20.13
N GLN B 307 71.85 -26.19 20.47
CA GLN B 307 72.37 -24.95 19.91
C GLN B 307 72.65 -25.07 18.42
N SER B 308 73.28 -26.17 17.99
CA SER B 308 73.66 -26.30 16.60
C SER B 308 72.50 -26.68 15.69
N ASP B 309 71.38 -27.16 16.24
CA ASP B 309 70.25 -27.56 15.42
C ASP B 309 68.99 -26.80 15.83
N ARG B 310 69.10 -25.50 16.04
CA ARG B 310 67.93 -24.67 16.28
C ARG B 310 67.10 -24.59 15.00
N LYS B 311 65.79 -24.73 15.14
CA LYS B 311 64.88 -24.77 14.00
C LYS B 311 63.97 -23.56 14.02
N ALA B 312 63.69 -23.02 12.84
CA ALA B 312 62.79 -21.88 12.73
C ALA B 312 61.34 -22.33 12.84
N TRP B 313 60.50 -21.44 13.40
CA TRP B 313 59.12 -21.77 13.70
C TRP B 313 58.20 -20.74 13.08
N ALA B 314 57.05 -21.20 12.58
CA ALA B 314 56.09 -20.33 11.93
C ALA B 314 55.37 -19.45 12.95
N ALA B 315 55.10 -18.21 12.57
CA ALA B 315 54.35 -17.27 13.38
C ALA B 315 52.92 -17.18 12.86
N PHE B 316 51.95 -17.47 13.73
CA PHE B 316 50.56 -17.45 13.35
C PHE B 316 50.06 -16.00 13.23
N TYR B 317 48.83 -15.85 12.75
CA TYR B 317 48.18 -14.54 12.79
C TYR B 317 46.80 -14.67 13.42
N VAL B 318 46.41 -13.64 14.16
CA VAL B 318 45.16 -13.59 14.90
C VAL B 318 44.31 -12.46 14.35
N TYR B 319 43.04 -12.75 14.06
CA TYR B 319 42.12 -11.75 13.55
C TYR B 319 40.80 -11.83 14.30
N LYS B 320 40.30 -10.69 14.75
CA LYS B 320 39.07 -10.65 15.53
C LYS B 320 37.85 -10.78 14.61
N LEU B 321 36.74 -11.22 15.19
CA LEU B 321 35.52 -11.54 14.46
C LEU B 321 34.39 -10.61 14.87
N GLN B 322 33.67 -10.09 13.88
CA GLN B 322 32.48 -9.27 14.12
C GLN B 322 31.48 -9.56 13.01
N PRO B 323 30.19 -9.36 13.25
CA PRO B 323 29.19 -9.67 12.22
C PRO B 323 29.26 -8.69 11.05
N LEU B 324 29.36 -9.23 9.84
CA LEU B 324 29.28 -8.47 8.60
C LEU B 324 28.39 -9.20 7.61
N THR B 325 28.27 -8.64 6.42
CA THR B 325 27.54 -9.26 5.31
C THR B 325 28.49 -9.37 4.14
N PHE B 326 28.71 -10.60 3.67
CA PHE B 326 29.68 -10.86 2.62
C PHE B 326 29.00 -11.47 1.40
N LEU B 327 29.50 -11.12 0.22
CA LEU B 327 29.10 -11.77 -1.02
C LEU B 327 30.09 -12.88 -1.31
N LEU B 328 29.61 -14.12 -1.35
CA LEU B 328 30.44 -15.29 -1.51
C LEU B 328 30.14 -15.95 -2.84
N ASP B 329 31.19 -16.39 -3.54
CA ASP B 329 31.04 -17.10 -4.80
C ASP B 329 31.23 -18.59 -4.51
N PHE B 330 30.12 -19.26 -4.20
CA PHE B 330 30.17 -20.69 -3.93
C PHE B 330 30.44 -21.44 -5.23
N SER B 331 31.50 -22.26 -5.22
CA SER B 331 31.89 -23.01 -6.40
C SER B 331 31.00 -24.22 -6.59
N VAL B 332 31.31 -25.02 -7.61
CA VAL B 332 30.54 -26.22 -7.91
C VAL B 332 30.69 -27.24 -6.78
N ASP B 333 31.91 -27.42 -6.30
CA ASP B 333 32.19 -28.39 -5.23
C ASP B 333 31.74 -27.91 -3.86
N GLY B 334 31.23 -26.69 -3.74
CA GLY B 334 30.81 -26.15 -2.47
C GLY B 334 31.88 -25.36 -1.73
N TYR B 335 33.12 -25.43 -2.19
CA TYR B 335 34.20 -24.69 -1.56
C TYR B 335 34.12 -23.22 -1.94
N ILE B 336 34.75 -22.38 -1.11
CA ILE B 336 34.76 -20.93 -1.31
C ILE B 336 36.14 -20.53 -1.81
N ARG B 337 36.17 -19.93 -3.00
CA ARG B 337 37.41 -19.44 -3.59
C ARG B 337 37.40 -17.96 -3.90
N ARG B 338 36.29 -17.27 -3.68
CA ARG B 338 36.21 -15.83 -3.94
C ARG B 338 35.12 -15.22 -3.09
N ALA B 339 35.41 -14.08 -2.48
CA ALA B 339 34.46 -13.42 -1.61
C ALA B 339 34.80 -11.93 -1.53
N ILE B 340 33.75 -11.11 -1.38
CA ILE B 340 33.91 -9.67 -1.28
C ILE B 340 33.04 -9.18 -0.13
N ASP B 341 33.34 -7.97 0.33
CA ASP B 341 32.83 -7.46 1.59
C ASP B 341 31.69 -6.47 1.34
N CYS B 342 31.23 -5.83 2.42
CA CYS B 342 30.26 -4.75 2.34
C CYS B 342 30.74 -3.54 3.11
N GLY B 343 31.52 -3.77 4.16
CA GLY B 343 31.95 -2.70 5.04
C GLY B 343 33.42 -2.33 4.92
N PHE B 344 33.97 -2.37 3.71
CA PHE B 344 35.36 -1.98 3.48
C PHE B 344 35.47 -0.65 2.75
N ASN B 345 34.85 -0.53 1.58
CA ASN B 345 35.02 0.66 0.76
C ASN B 345 33.81 0.79 -0.17
N ASP B 346 33.95 1.68 -1.16
CA ASP B 346 32.88 1.89 -2.14
C ASP B 346 32.65 0.66 -2.99
N LEU B 347 33.73 0.01 -3.43
CA LEU B 347 33.60 -1.17 -4.28
C LEU B 347 32.89 -2.31 -3.55
N SER B 348 33.04 -2.38 -2.24
CA SER B 348 32.26 -3.33 -1.44
C SER B 348 30.77 -3.04 -1.56
N GLN B 349 30.39 -1.76 -1.51
CA GLN B 349 28.99 -1.39 -1.66
C GLN B 349 28.48 -1.70 -3.07
N LEU B 350 29.30 -1.43 -4.09
CA LEU B 350 28.88 -1.70 -5.46
C LEU B 350 28.73 -3.19 -5.72
N HIS B 351 29.64 -4.01 -5.21
CA HIS B 351 29.51 -5.45 -5.37
C HIS B 351 28.33 -5.99 -4.57
N CYS B 352 28.05 -5.38 -3.41
CA CYS B 352 26.86 -5.74 -2.67
C CYS B 352 25.61 -5.07 -3.20
N SER B 353 25.74 -4.10 -4.12
CA SER B 353 24.57 -3.53 -4.76
C SER B 353 24.00 -4.46 -5.81
N TYR B 354 24.84 -5.28 -6.44
CA TYR B 354 24.43 -6.15 -7.53
C TYR B 354 24.59 -7.62 -7.21
N GLU B 355 25.02 -7.96 -5.99
CA GLU B 355 25.39 -9.30 -5.50
C GLU B 355 26.18 -10.12 -6.53
N SER B 356 27.05 -9.47 -7.28
CA SER B 356 27.84 -10.13 -8.31
C SER B 356 29.25 -9.56 -8.31
N PHE B 357 30.19 -10.40 -8.75
CA PHE B 357 31.56 -9.94 -8.93
C PHE B 357 31.78 -9.22 -10.26
N ASP B 358 30.80 -9.24 -11.14
CA ASP B 358 30.83 -8.49 -12.38
C ASP B 358 29.77 -7.40 -12.30
N VAL B 359 30.21 -6.14 -12.42
CA VAL B 359 29.31 -5.01 -12.34
C VAL B 359 29.37 -4.25 -13.67
N GLU B 360 28.62 -3.16 -13.78
CA GLU B 360 28.60 -2.34 -14.98
C GLU B 360 29.38 -1.06 -14.74
N SER B 361 30.18 -0.66 -15.73
CA SER B 361 30.92 0.58 -15.66
C SER B 361 29.96 1.77 -15.69
N GLY B 362 30.27 2.79 -14.90
CA GLY B 362 29.48 4.00 -14.95
C GLY B 362 29.66 4.86 -13.71
N VAL B 363 28.68 5.73 -13.51
CA VAL B 363 28.63 6.67 -12.39
C VAL B 363 27.65 6.11 -11.37
N TYR B 364 28.04 6.07 -10.11
CA TYR B 364 27.21 5.48 -9.08
C TYR B 364 27.20 6.37 -7.84
N SER B 365 26.01 6.59 -7.30
CA SER B 365 25.85 7.28 -6.03
C SER B 365 26.00 6.27 -4.90
N VAL B 366 26.89 6.55 -3.96
CA VAL B 366 27.19 5.64 -2.87
C VAL B 366 26.73 6.27 -1.55
N SER B 367 26.96 5.55 -0.46
CA SER B 367 26.65 6.07 0.86
C SER B 367 27.52 7.27 1.18
N SER B 368 26.88 8.42 1.43
CA SER B 368 27.61 9.65 1.69
C SER B 368 28.22 9.60 3.08
N PHE B 369 29.23 10.46 3.29
CA PHE B 369 29.93 10.52 4.57
C PHE B 369 29.59 11.83 5.28
N GLU B 370 29.89 11.86 6.58
CA GLU B 370 29.52 12.98 7.43
C GLU B 370 30.75 13.45 8.21
N ALA B 371 30.95 14.77 8.22
CA ALA B 371 32.03 15.36 9.00
C ALA B 371 31.76 15.21 10.49
N LYS B 372 32.80 14.85 11.23
CA LYS B 372 32.66 14.65 12.66
C LYS B 372 32.46 15.99 13.36
N PRO B 373 31.58 16.07 14.35
CA PRO B 373 31.50 17.27 15.19
C PRO B 373 32.81 17.54 15.92
N SER B 374 33.15 18.82 16.04
CA SER B 374 34.40 19.24 16.66
C SER B 374 34.20 19.86 18.03
N GLY B 375 32.98 19.86 18.55
CA GLY B 375 32.74 20.46 19.86
C GLY B 375 31.28 20.30 20.24
N SER B 376 30.97 20.75 21.45
CA SER B 376 29.61 20.72 21.97
C SER B 376 29.32 22.02 22.68
N VAL B 377 28.09 22.53 22.52
CA VAL B 377 27.66 23.77 23.14
C VAL B 377 26.39 23.52 23.94
N VAL B 378 26.43 23.83 25.23
CA VAL B 378 25.28 23.70 26.13
C VAL B 378 25.18 25.01 26.89
N GLU B 379 24.41 25.96 26.36
CA GLU B 379 24.34 27.29 26.96
C GLU B 379 22.93 27.84 26.94
N GLN B 380 22.44 28.22 28.11
CA GLN B 380 21.26 29.05 28.31
C GLN B 380 21.33 29.48 29.78
N ALA B 381 20.43 30.37 30.19
CA ALA B 381 20.50 30.96 31.52
C ALA B 381 20.25 29.94 32.62
N GLU B 382 21.02 30.02 33.69
CA GLU B 382 20.85 29.19 34.88
C GLU B 382 20.76 30.08 36.10
N GLY B 383 19.78 29.80 36.95
CA GLY B 383 19.58 30.56 38.16
C GLY B 383 19.90 29.78 39.43
N VAL B 384 18.86 29.28 40.09
CA VAL B 384 18.99 28.56 41.34
C VAL B 384 18.42 27.16 41.12
N GLU B 385 18.80 26.23 42.00
CA GLU B 385 18.30 24.86 41.93
C GLU B 385 16.82 24.81 42.29
N CYS B 386 16.13 23.79 41.77
CA CYS B 386 14.76 23.53 42.19
C CYS B 386 14.73 23.06 43.64
N ASP B 387 13.64 23.36 44.32
CA ASP B 387 13.49 23.04 45.73
C ASP B 387 12.56 21.83 45.87
N PHE B 388 13.04 20.80 46.58
CA PHE B 388 12.27 19.59 46.82
C PHE B 388 11.89 19.43 48.29
N SER B 389 11.97 20.53 49.06
CA SER B 389 11.68 20.49 50.49
C SER B 389 10.25 20.08 50.86
N PRO B 390 9.17 20.61 50.26
CA PRO B 390 7.82 20.30 50.78
C PRO B 390 7.42 18.84 50.67
N LEU B 391 8.03 18.06 49.78
CA LEU B 391 7.78 16.62 49.80
C LEU B 391 8.41 15.96 51.01
N LEU B 392 9.54 16.50 51.49
CA LEU B 392 10.18 15.99 52.70
C LEU B 392 9.52 16.47 53.98
N SER B 393 8.57 17.41 53.89
CA SER B 393 7.97 18.02 55.05
C SER B 393 6.48 17.71 55.13
N GLY B 394 5.97 17.62 56.35
CA GLY B 394 4.55 17.44 56.57
C GLY B 394 4.09 16.01 56.32
N THR B 395 2.77 15.86 56.38
CA THR B 395 2.11 14.57 56.15
C THR B 395 1.76 14.42 54.67
N PRO B 396 2.18 13.34 54.03
CA PRO B 396 1.75 13.08 52.65
C PRO B 396 0.25 12.89 52.56
N PRO B 397 -0.39 13.43 51.53
CA PRO B 397 -1.85 13.34 51.44
C PRO B 397 -2.31 12.05 50.76
N GLN B 398 -3.62 11.85 50.67
CA GLN B 398 -4.16 10.63 50.11
C GLN B 398 -3.96 10.59 48.59
N VAL B 399 -4.18 9.40 48.03
CA VAL B 399 -3.99 9.21 46.58
C VAL B 399 -5.02 10.00 45.79
N TYR B 400 -6.23 10.19 46.33
CA TYR B 400 -7.21 11.05 45.68
C TYR B 400 -7.05 12.51 46.05
N ASN B 401 -5.94 12.79 46.70
CA ASN B 401 -5.65 14.17 47.03
C ASN B 401 -4.22 14.41 46.62
N PHE B 402 -3.89 14.20 45.37
CA PHE B 402 -2.47 14.30 44.98
C PHE B 402 -1.84 15.69 44.85
N LYS B 403 -0.96 16.02 45.76
CA LYS B 403 -0.29 17.29 45.67
C LYS B 403 0.68 17.39 44.52
N ARG B 404 0.58 18.42 43.71
CA ARG B 404 1.38 18.65 42.53
C ARG B 404 2.40 19.77 42.78
N LEU B 405 3.63 19.54 42.34
CA LEU B 405 4.68 20.56 42.35
C LEU B 405 5.20 20.71 40.93
N VAL B 406 5.27 21.96 40.45
CA VAL B 406 5.74 22.27 39.11
C VAL B 406 7.08 23.00 39.22
N PHE B 407 8.00 22.66 38.34
CA PHE B 407 9.36 23.19 38.36
C PHE B 407 9.69 23.77 36.99
N THR B 408 10.19 25.01 37.01
CA THR B 408 10.48 25.80 35.82
C THR B 408 11.62 26.75 36.13
N ASN B 409 12.56 26.88 35.18
CA ASN B 409 13.69 27.80 35.27
C ASN B 409 14.54 27.53 36.51
N CYS B 410 14.76 26.25 36.79
CA CYS B 410 15.59 25.85 37.91
C CYS B 410 16.35 24.59 37.53
N ASN B 411 17.14 24.08 38.47
CA ASN B 411 17.98 22.91 38.26
C ASN B 411 17.61 21.81 39.25
N TYR B 412 17.59 20.58 38.79
CA TYR B 412 17.16 19.44 39.59
C TYR B 412 18.24 18.37 39.55
N ASN B 413 18.21 17.49 40.55
CA ASN B 413 19.12 16.35 40.57
C ASN B 413 18.50 15.27 41.45
N LEU B 414 18.31 14.08 40.87
CA LEU B 414 17.71 12.99 41.63
C LEU B 414 18.72 12.36 42.59
N THR B 415 20.02 12.42 42.27
CA THR B 415 21.03 11.79 43.13
C THR B 415 21.10 12.47 44.49
N LYS B 416 20.86 13.78 44.53
CA LYS B 416 20.73 14.48 45.81
C LYS B 416 19.37 14.27 46.47
N LEU B 417 18.42 13.62 45.78
CA LEU B 417 17.08 13.41 46.30
C LEU B 417 16.74 11.94 46.47
N LEU B 418 17.00 11.11 45.46
CA LEU B 418 16.59 9.71 45.51
C LEU B 418 17.46 8.88 46.46
N SER B 419 18.63 9.41 46.86
CA SER B 419 19.49 8.69 47.79
C SER B 419 18.84 8.54 49.15
N LEU B 420 18.14 9.57 49.61
CA LEU B 420 17.40 9.51 50.87
C LEU B 420 15.99 8.94 50.71
N PHE B 421 15.73 8.23 49.62
CA PHE B 421 14.43 7.61 49.36
C PHE B 421 14.60 6.10 49.40
N SER B 422 13.77 5.43 50.21
CA SER B 422 13.76 3.97 50.26
C SER B 422 12.82 3.47 49.16
N VAL B 423 13.34 3.48 47.94
CA VAL B 423 12.53 3.21 46.75
C VAL B 423 12.19 1.72 46.71
N ASN B 424 10.93 1.39 47.00
CA ASN B 424 10.49 0.00 46.90
C ASN B 424 10.29 -0.41 45.45
N ASP B 425 9.71 0.47 44.64
CA ASP B 425 9.32 0.11 43.29
C ASP B 425 9.60 1.25 42.33
N PHE B 426 10.09 0.89 41.15
CA PHE B 426 10.64 1.84 40.18
C PHE B 426 10.14 1.46 38.79
N THR B 427 9.22 2.24 38.23
CA THR B 427 8.72 1.99 36.88
C THR B 427 8.69 3.30 36.11
N CYS B 428 8.84 3.21 34.80
CA CYS B 428 8.73 4.37 33.93
C CYS B 428 8.15 3.94 32.59
N SER B 429 7.12 4.64 32.13
CA SER B 429 6.45 4.36 30.87
C SER B 429 6.76 5.46 29.86
N GLN B 430 7.08 5.04 28.63
CA GLN B 430 7.45 5.88 27.49
C GLN B 430 8.68 6.73 27.75
N ILE B 431 9.54 6.30 28.67
CA ILE B 431 10.72 7.05 29.06
C ILE B 431 11.67 6.08 29.76
N SER B 432 12.99 6.36 29.66
CA SER B 432 14.03 5.52 30.22
C SER B 432 14.38 5.98 31.63
N PRO B 433 14.87 5.06 32.48
CA PRO B 433 15.33 5.46 33.82
C PRO B 433 16.43 6.50 33.83
N ALA B 434 17.31 6.49 32.82
CA ALA B 434 18.42 7.44 32.81
C ALA B 434 18.01 8.82 32.32
N ALA B 435 16.85 8.95 31.67
CA ALA B 435 16.49 10.21 31.04
C ALA B 435 16.07 11.25 32.08
N ILE B 436 15.40 10.81 33.15
CA ILE B 436 14.90 11.76 34.15
C ILE B 436 16.02 12.40 34.97
N ALA B 437 17.19 11.76 35.04
CA ALA B 437 18.32 12.33 35.75
C ALA B 437 19.36 12.94 34.82
N SER B 438 19.17 12.86 33.51
CA SER B 438 20.15 13.37 32.55
C SER B 438 19.58 14.41 31.60
N ASN B 439 18.43 14.15 31.00
CA ASN B 439 17.96 14.97 29.89
C ASN B 439 17.31 16.26 30.38
N CYS B 440 17.33 17.27 29.52
CA CYS B 440 16.75 18.57 29.79
C CYS B 440 15.34 18.66 29.23
N TYR B 441 14.49 19.40 29.95
CA TYR B 441 13.08 19.54 29.60
C TYR B 441 12.73 21.02 29.56
N SER B 442 11.44 21.30 29.36
CA SER B 442 10.93 22.66 29.57
C SER B 442 10.41 22.83 30.98
N SER B 443 9.64 21.87 31.48
CA SER B 443 9.12 21.97 32.84
C SER B 443 8.90 20.57 33.40
N LEU B 444 8.79 20.50 34.72
CA LEU B 444 8.56 19.26 35.44
C LEU B 444 7.28 19.38 36.25
N ILE B 445 6.51 18.29 36.33
CA ILE B 445 5.42 18.19 37.29
C ILE B 445 5.56 16.88 38.05
N LEU B 446 5.49 16.97 39.37
CA LEU B 446 5.65 15.82 40.25
C LEU B 446 4.49 15.81 41.23
N ASP B 447 3.72 14.72 41.23
CA ASP B 447 2.59 14.56 42.12
C ASP B 447 2.97 13.53 43.19
N TYR B 448 2.74 13.88 44.44
CA TYR B 448 3.05 12.97 45.54
C TYR B 448 1.83 12.76 46.41
N PHE B 449 1.74 11.54 46.94
CA PHE B 449 0.56 11.11 47.70
C PHE B 449 0.97 9.94 48.59
N SER B 450 0.11 9.60 49.54
CA SER B 450 0.32 8.41 50.35
C SER B 450 -0.17 7.19 49.59
N TYR B 451 0.66 6.16 49.51
CA TYR B 451 0.33 5.00 48.71
C TYR B 451 1.03 3.74 49.24
N PRO B 452 0.29 2.77 49.76
CA PRO B 452 0.89 1.52 50.20
C PRO B 452 1.13 0.57 49.03
N LEU B 453 1.88 -0.50 49.32
CA LEU B 453 2.24 -1.50 48.34
C LEU B 453 1.16 -2.57 48.16
N SER B 454 0.05 -2.48 48.90
CA SER B 454 -1.00 -3.49 48.80
C SER B 454 -1.68 -3.47 47.44
N MET B 455 -1.93 -2.28 46.90
CA MET B 455 -2.52 -2.11 45.57
C MET B 455 -1.48 -1.71 44.53
N LYS B 456 -0.30 -2.34 44.63
CA LYS B 456 0.81 -2.11 43.72
C LYS B 456 0.42 -2.37 42.26
N SER B 457 -0.30 -3.47 42.00
CA SER B 457 -0.66 -3.83 40.63
C SER B 457 -1.63 -2.84 40.00
N ASP B 458 -2.22 -1.94 40.77
CA ASP B 458 -3.06 -0.88 40.25
C ASP B 458 -2.25 0.32 39.72
N LEU B 459 -0.91 0.23 39.69
CA LEU B 459 -0.16 1.33 39.10
C LEU B 459 -0.22 1.36 37.58
N SER B 460 -0.77 0.32 36.95
CA SER B 460 -0.76 0.21 35.50
C SER B 460 -1.62 1.30 34.84
N VAL B 461 -1.21 1.70 33.64
CA VAL B 461 -1.95 2.72 32.89
C VAL B 461 -3.32 2.20 32.49
N SER B 462 -3.39 0.95 32.04
CA SER B 462 -4.64 0.35 31.59
C SER B 462 -5.41 -0.33 32.72
N SER B 463 -4.93 -0.23 33.96
CA SER B 463 -5.64 -0.81 35.09
C SER B 463 -6.96 -0.11 35.33
N ALA B 464 -7.95 -0.87 35.81
CA ALA B 464 -9.30 -0.37 36.01
C ALA B 464 -9.73 -0.48 37.48
N GLY B 465 -8.77 -0.49 38.39
CA GLY B 465 -9.09 -0.50 39.81
C GLY B 465 -9.64 0.84 40.25
N PRO B 466 -10.26 0.88 41.44
CA PRO B 466 -10.84 2.14 41.93
C PRO B 466 -9.83 3.26 42.13
N ILE B 467 -8.57 2.91 42.42
CA ILE B 467 -7.50 3.91 42.45
C ILE B 467 -7.32 4.51 41.05
N SER B 468 -7.34 3.67 40.03
CA SER B 468 -7.26 4.11 38.64
C SER B 468 -8.62 4.47 38.06
N GLN B 469 -9.67 4.48 38.87
CA GLN B 469 -11.01 4.87 38.43
C GLN B 469 -11.43 6.23 38.96
N PHE B 470 -11.32 6.47 40.26
CA PHE B 470 -11.81 7.71 40.86
C PHE B 470 -10.81 8.34 41.82
N ASN B 471 -9.54 7.95 41.76
CA ASN B 471 -8.54 8.51 42.67
C ASN B 471 -7.41 9.21 41.95
N TYR B 472 -6.82 8.60 40.93
CA TYR B 472 -5.68 9.21 40.25
C TYR B 472 -5.64 8.72 38.81
N LYS B 473 -5.19 9.60 37.92
CA LYS B 473 -5.04 9.31 36.51
C LYS B 473 -3.68 9.76 36.03
N GLN B 474 -3.29 9.24 34.86
CA GLN B 474 -2.04 9.59 34.21
C GLN B 474 -2.31 10.06 32.78
N SER B 475 -1.42 10.92 32.28
CA SER B 475 -1.60 11.52 30.97
C SER B 475 -1.02 10.63 29.89
N PHE B 476 -1.84 10.35 28.86
CA PHE B 476 -1.38 9.63 27.69
C PHE B 476 -0.54 10.49 26.76
N SER B 477 -0.55 11.81 26.93
CA SER B 477 0.11 12.72 26.02
C SER B 477 1.58 12.94 26.34
N ASN B 478 2.07 12.45 27.47
CA ASN B 478 3.44 12.69 27.88
C ASN B 478 3.98 11.44 28.57
N PRO B 479 5.28 11.20 28.52
CA PRO B 479 5.87 10.07 29.24
C PRO B 479 5.76 10.26 30.75
N THR B 480 5.70 9.14 31.47
CA THR B 480 5.44 9.15 32.91
C THR B 480 6.42 8.25 33.64
N CYS B 481 6.59 8.53 34.93
CA CYS B 481 7.35 7.67 35.82
C CYS B 481 6.58 7.48 37.13
N LEU B 482 6.69 6.29 37.69
CA LEU B 482 6.00 5.92 38.92
C LEU B 482 7.01 5.40 39.94
N ILE B 483 6.97 5.98 41.14
CA ILE B 483 7.88 5.67 42.22
C ILE B 483 7.04 5.26 43.42
N LEU B 484 7.36 4.11 44.01
CA LEU B 484 6.77 3.69 45.28
C LEU B 484 7.88 3.58 46.31
N ALA B 485 7.81 4.36 47.39
CA ALA B 485 8.89 4.47 48.34
C ALA B 485 8.35 4.32 49.77
N THR B 486 9.28 4.28 50.72
CA THR B 486 8.99 4.08 52.13
C THR B 486 9.82 5.09 52.92
N VAL B 487 9.32 5.50 54.08
CA VAL B 487 10.09 6.37 54.97
C VAL B 487 11.36 5.65 55.42
N PRO B 488 12.52 6.27 55.30
CA PRO B 488 13.73 5.66 55.89
C PRO B 488 13.65 5.66 57.40
N HIS B 489 14.33 4.68 58.01
CA HIS B 489 14.32 4.54 59.46
C HIS B 489 15.03 5.71 60.13
N ASN B 490 16.12 6.19 59.54
CA ASN B 490 16.80 7.39 60.03
C ASN B 490 16.25 8.64 59.37
N LEU B 491 14.93 8.80 59.40
CA LEU B 491 14.28 9.95 58.78
C LEU B 491 12.94 10.16 59.50
N THR B 492 12.90 11.14 60.39
CA THR B 492 11.71 11.41 61.20
C THR B 492 11.11 12.79 60.93
N THR B 493 11.61 13.52 59.94
CA THR B 493 11.03 14.81 59.59
C THR B 493 9.63 14.64 59.02
N ILE B 494 9.42 13.62 58.19
CA ILE B 494 8.09 13.36 57.66
C ILE B 494 7.21 12.76 58.76
N THR B 495 5.89 12.84 58.55
CA THR B 495 4.92 12.37 59.51
C THR B 495 3.97 11.37 58.86
N LYS B 496 3.34 10.55 59.70
CA LYS B 496 2.46 9.49 59.23
C LYS B 496 1.01 9.86 59.49
N PRO B 497 0.12 9.69 58.50
CA PRO B 497 -1.31 9.91 58.76
C PRO B 497 -1.94 8.72 59.48
N LEU B 498 -3.26 8.74 59.65
CA LEU B 498 -3.94 7.70 60.41
C LEU B 498 -3.98 6.38 59.66
N LYS B 499 -4.51 6.37 58.44
CA LYS B 499 -4.61 5.14 57.67
C LYS B 499 -4.62 5.48 56.18
N TYR B 500 -4.16 4.53 55.37
CA TYR B 500 -4.31 4.63 53.93
C TYR B 500 -5.78 4.51 53.55
N SER B 501 -6.16 5.18 52.46
CA SER B 501 -7.54 5.12 52.00
C SER B 501 -7.61 5.42 50.52
N TYR B 502 -8.72 5.02 49.91
CA TYR B 502 -9.05 5.43 48.56
C TYR B 502 -10.56 5.39 48.40
N ILE B 503 -11.04 5.78 47.22
CA ILE B 503 -12.46 5.86 46.93
C ILE B 503 -12.83 4.70 46.02
N ASN B 504 -13.81 3.90 46.46
CA ASN B 504 -14.16 2.71 45.70
C ASN B 504 -15.22 2.96 44.64
N LYS B 505 -16.01 4.02 44.78
CA LYS B 505 -17.00 4.37 43.78
C LYS B 505 -17.27 5.87 43.84
N CYS B 506 -17.49 6.48 42.67
CA CYS B 506 -17.81 7.90 42.60
C CYS B 506 -18.73 8.08 41.39
N SER B 507 -20.03 8.14 41.66
CA SER B 507 -21.05 8.24 40.62
C SER B 507 -22.08 9.26 41.04
N ARG B 508 -22.78 9.84 40.06
CA ARG B 508 -23.71 10.92 40.31
C ARG B 508 -25.11 10.53 39.84
N LEU B 509 -26.11 10.77 40.71
CA LEU B 509 -27.50 10.45 40.39
C LEU B 509 -28.20 11.74 40.02
N LEU B 510 -29.33 11.64 39.35
CA LEU B 510 -30.08 12.83 39.00
C LEU B 510 -31.26 13.07 39.93
N SER B 511 -31.91 14.21 39.78
CA SER B 511 -33.01 14.57 40.67
C SER B 511 -34.16 13.58 40.60
N ASP B 512 -34.31 12.93 39.46
CA ASP B 512 -35.42 11.99 39.30
C ASP B 512 -35.27 10.75 40.18
N ASP B 513 -34.11 10.56 40.81
CA ASP B 513 -33.83 9.46 41.73
C ASP B 513 -33.95 8.09 41.05
N ARG B 514 -33.74 8.06 39.73
CA ARG B 514 -33.76 6.82 38.96
C ARG B 514 -32.61 6.67 37.99
N THR B 515 -31.97 7.75 37.57
CA THR B 515 -30.87 7.70 36.61
C THR B 515 -29.55 7.98 37.32
N GLU B 516 -28.57 7.10 37.09
CA GLU B 516 -27.27 7.19 37.74
C GLU B 516 -26.19 6.99 36.70
N VAL B 517 -25.20 7.89 36.68
CA VAL B 517 -24.10 7.80 35.73
C VAL B 517 -22.79 8.00 36.47
N PRO B 518 -21.80 7.13 36.27
CA PRO B 518 -20.47 7.39 36.85
C PRO B 518 -19.71 8.43 36.04
N GLN B 519 -19.01 9.31 36.74
CA GLN B 519 -18.16 10.30 36.10
C GLN B 519 -16.74 9.78 36.02
N LEU B 520 -16.10 10.03 34.89
CA LEU B 520 -14.73 9.59 34.66
C LEU B 520 -13.79 10.76 34.89
N VAL B 521 -12.93 10.63 35.91
CA VAL B 521 -11.95 11.66 36.19
C VAL B 521 -10.88 11.65 35.09
N ASN B 522 -10.52 12.83 34.61
CA ASN B 522 -9.62 12.93 33.47
C ASN B 522 -8.17 12.86 33.93
N ALA B 523 -7.26 12.87 32.95
CA ALA B 523 -5.84 12.81 33.26
C ALA B 523 -5.38 14.11 33.91
N ASN B 524 -4.67 13.98 35.04
CA ASN B 524 -4.21 15.10 35.86
C ASN B 524 -5.37 16.01 36.25
N GLN B 525 -6.50 15.40 36.61
CA GLN B 525 -7.73 16.10 36.92
C GLN B 525 -8.27 15.56 38.23
N TYR B 526 -9.17 16.31 38.87
CA TYR B 526 -9.77 15.93 40.13
C TYR B 526 -11.27 15.74 39.96
N SER B 527 -11.78 14.61 40.46
CA SER B 527 -13.19 14.34 40.45
C SER B 527 -13.93 15.28 41.40
N PRO B 528 -15.20 15.59 41.11
CA PRO B 528 -15.99 16.38 42.07
C PRO B 528 -16.21 15.69 43.41
N CYS B 529 -16.04 14.37 43.48
CA CYS B 529 -16.10 13.66 44.76
C CYS B 529 -15.05 14.15 45.74
N VAL B 530 -13.93 14.67 45.23
CA VAL B 530 -12.89 15.26 46.08
C VAL B 530 -13.46 16.46 46.84
N SER B 531 -14.40 17.18 46.24
CA SER B 531 -14.97 18.36 46.89
C SER B 531 -15.87 18.02 48.08
N ILE B 532 -16.23 16.75 48.26
CA ILE B 532 -17.13 16.38 49.35
C ILE B 532 -16.51 15.31 50.23
N VAL B 533 -15.61 14.50 49.69
CA VAL B 533 -14.95 13.47 50.50
C VAL B 533 -13.87 14.15 51.36
N PRO B 534 -13.85 13.91 52.67
CA PRO B 534 -12.83 14.55 53.52
C PRO B 534 -11.43 14.01 53.24
N SER B 535 -10.46 14.63 53.91
CA SER B 535 -9.06 14.28 53.69
C SER B 535 -8.75 12.86 54.19
N THR B 536 -9.45 12.42 55.23
CA THR B 536 -9.28 11.08 55.75
C THR B 536 -10.61 10.33 55.73
N VAL B 537 -10.51 9.01 55.69
CA VAL B 537 -11.67 8.11 55.71
C VAL B 537 -11.61 7.31 57.00
N TRP B 538 -12.69 7.37 57.80
CA TRP B 538 -12.67 6.79 59.13
C TRP B 538 -12.60 5.26 59.08
N GLU B 539 -13.35 4.65 58.18
CA GLU B 539 -13.40 3.20 58.09
C GLU B 539 -13.75 2.79 56.67
N ASP B 540 -13.61 1.50 56.39
CA ASP B 540 -13.91 0.97 55.07
C ASP B 540 -15.40 1.10 54.76
N GLY B 541 -15.70 1.53 53.54
CA GLY B 541 -17.08 1.70 53.14
C GLY B 541 -17.77 2.91 53.72
N ASP B 542 -17.03 3.97 54.05
CA ASP B 542 -17.65 5.18 54.56
C ASP B 542 -18.40 5.90 53.45
N TYR B 543 -19.60 6.37 53.76
CA TYR B 543 -20.53 6.90 52.77
C TYR B 543 -20.63 8.42 52.91
N TYR B 544 -20.59 9.13 51.78
CA TYR B 544 -20.71 10.58 51.74
C TYR B 544 -21.73 10.96 50.68
N ARG B 545 -22.45 12.06 50.94
CA ARG B 545 -23.53 12.48 50.06
C ARG B 545 -23.65 14.00 50.09
N LYS B 546 -24.12 14.56 48.98
CA LYS B 546 -24.32 16.00 48.87
C LYS B 546 -25.36 16.29 47.79
N GLN B 547 -26.14 17.34 48.02
CA GLN B 547 -27.13 17.79 47.04
C GLN B 547 -26.49 18.72 46.03
N LEU B 548 -26.80 18.52 44.75
CA LEU B 548 -26.25 19.31 43.66
C LEU B 548 -27.30 20.30 43.17
N SER B 549 -26.88 21.53 42.93
CA SER B 549 -27.79 22.58 42.51
C SER B 549 -28.27 22.33 41.07
N PRO B 550 -29.48 22.78 40.73
CA PRO B 550 -29.97 22.61 39.34
C PRO B 550 -29.13 23.31 38.29
N LEU B 551 -28.47 24.42 38.63
CA LEU B 551 -27.57 25.06 37.69
C LEU B 551 -26.33 24.22 37.44
N GLU B 552 -25.97 23.34 38.38
CA GLU B 552 -24.86 22.42 38.23
C GLU B 552 -25.29 21.06 37.69
N GLY B 553 -26.53 20.95 37.20
CA GLY B 553 -27.06 19.69 36.71
C GLY B 553 -28.05 19.01 37.63
N GLY B 554 -28.18 19.47 38.87
CA GLY B 554 -29.16 18.93 39.79
C GLY B 554 -28.75 17.56 40.31
N GLY B 555 -29.68 16.95 41.05
CA GLY B 555 -29.46 15.63 41.57
C GLY B 555 -28.56 15.62 42.80
N TRP B 556 -27.90 14.48 43.01
CA TRP B 556 -27.06 14.28 44.18
C TRP B 556 -25.73 13.67 43.75
N LEU B 557 -24.71 13.91 44.56
CA LEU B 557 -23.39 13.30 44.40
C LEU B 557 -23.12 12.45 45.64
N VAL B 558 -22.89 11.15 45.43
CA VAL B 558 -22.64 10.21 46.50
C VAL B 558 -21.34 9.47 46.22
N ALA B 559 -20.67 9.05 47.29
CA ALA B 559 -19.39 8.37 47.16
C ALA B 559 -19.18 7.47 48.36
N SER B 560 -18.29 6.50 48.19
CA SER B 560 -17.92 5.59 49.27
C SER B 560 -16.42 5.35 49.25
N GLY B 561 -15.84 5.30 50.45
CA GLY B 561 -14.41 5.15 50.60
C GLY B 561 -14.04 3.90 51.37
N SER B 562 -12.87 3.36 51.05
CA SER B 562 -12.34 2.16 51.69
C SER B 562 -10.96 2.46 52.27
N THR B 563 -10.60 1.73 53.31
CA THR B 563 -9.40 2.02 54.09
C THR B 563 -8.51 0.78 54.18
N VAL B 564 -7.20 1.02 54.20
CA VAL B 564 -6.18 0.02 54.48
C VAL B 564 -5.31 0.56 55.60
N ALA B 565 -5.07 -0.26 56.63
CA ALA B 565 -4.33 0.20 57.80
C ALA B 565 -2.85 0.38 57.47
N MET B 566 -2.17 1.12 58.34
CA MET B 566 -0.74 1.34 58.21
C MET B 566 0.06 0.07 58.43
N THR B 567 1.20 0.00 57.74
CA THR B 567 2.19 -1.06 57.93
C THR B 567 3.15 -0.63 59.04
N GLU B 568 4.28 -1.32 59.16
CA GLU B 568 5.31 -0.91 60.12
C GLU B 568 5.87 0.47 59.79
N GLN B 569 6.05 0.76 58.51
CA GLN B 569 6.56 2.06 58.07
C GLN B 569 5.64 2.62 56.98
N LEU B 570 5.59 3.94 56.92
CA LEU B 570 4.69 4.62 55.99
C LEU B 570 5.23 4.53 54.56
N GLN B 571 4.34 4.15 53.64
CA GLN B 571 4.66 4.05 52.22
C GLN B 571 3.95 5.14 51.45
N MET B 572 4.62 5.70 50.44
CA MET B 572 4.04 6.76 49.64
C MET B 572 4.42 6.58 48.17
N GLY B 573 3.76 7.35 47.32
CA GLY B 573 3.94 7.21 45.88
C GLY B 573 4.07 8.55 45.20
N PHE B 574 4.87 8.55 44.12
CA PHE B 574 5.12 9.73 43.31
C PHE B 574 4.91 9.41 41.84
N GLY B 575 4.31 10.35 41.12
CA GLY B 575 4.23 10.31 39.67
C GLY B 575 4.97 11.51 39.09
N ILE B 576 5.75 11.26 38.05
CA ILE B 576 6.60 12.29 37.44
C ILE B 576 6.23 12.41 35.97
N THR B 577 5.96 13.63 35.52
CA THR B 577 5.67 13.89 34.13
C THR B 577 6.49 15.10 33.66
N VAL B 578 7.05 14.97 32.47
CA VAL B 578 7.95 15.97 31.91
C VAL B 578 7.21 16.72 30.80
N GLN B 579 7.68 17.94 30.54
CA GLN B 579 7.15 18.75 29.45
C GLN B 579 8.32 19.34 28.69
N TYR B 580 8.28 19.21 27.36
CA TYR B 580 9.41 19.54 26.50
C TYR B 580 9.29 20.89 25.82
N GLY B 581 8.09 21.29 25.42
CA GLY B 581 7.93 22.54 24.71
C GLY B 581 6.83 23.44 25.24
N THR B 582 6.35 23.17 26.46
CA THR B 582 5.23 23.93 27.01
C THR B 582 5.63 25.32 27.47
N ASP B 583 6.92 25.60 27.62
CA ASP B 583 7.43 26.94 27.87
C ASP B 583 8.91 26.96 27.49
N THR B 584 9.63 27.98 27.94
CA THR B 584 11.06 28.11 27.65
C THR B 584 11.84 26.93 28.21
N ASN B 585 12.63 26.29 27.36
CA ASN B 585 13.44 25.14 27.74
C ASN B 585 14.56 25.62 28.66
N SER B 586 14.38 25.43 29.97
CA SER B 586 15.32 26.00 30.93
C SER B 586 15.63 25.12 32.14
N VAL B 587 15.14 23.88 32.20
CA VAL B 587 15.41 23.01 33.35
C VAL B 587 16.31 21.86 32.91
N CYS B 588 17.34 21.60 33.70
CA CYS B 588 18.36 20.61 33.40
C CYS B 588 18.90 20.05 34.71
N PRO B 589 19.58 18.91 34.65
CA PRO B 589 20.45 18.50 35.77
C PRO B 589 21.65 19.44 35.89
N LYS B 590 22.34 19.30 37.03
CA LYS B 590 23.50 20.13 37.30
C LYS B 590 24.60 19.85 36.29
N LEU B 591 25.18 20.92 35.73
CA LEU B 591 26.18 20.80 34.69
C LEU B 591 27.28 21.83 34.94
N GLU B 592 28.53 21.39 34.75
CA GLU B 592 29.66 22.29 34.92
C GLU B 592 29.69 23.34 33.82
N PHE B 593 30.29 24.48 34.14
CA PHE B 593 30.35 25.64 33.24
C PHE B 593 31.79 25.77 32.73
N ALA B 594 32.08 25.07 31.64
CA ALA B 594 33.42 25.08 31.08
C ALA B 594 33.67 26.38 30.33
N ASN B 595 34.96 26.63 30.04
CA ASN B 595 35.32 27.83 29.29
C ASN B 595 35.03 27.69 27.80
N ASP B 596 35.17 26.49 27.25
CA ASP B 596 34.98 26.25 25.82
C ASP B 596 33.50 25.95 25.52
N THR B 597 32.66 26.94 25.77
CA THR B 597 31.22 26.78 25.60
C THR B 597 30.61 27.79 24.65
N LYS B 598 31.01 29.06 24.74
CA LYS B 598 30.28 30.17 24.15
C LYS B 598 30.24 30.08 22.63
N ILE B 599 29.10 30.49 22.06
CA ILE B 599 28.79 30.26 20.64
C ILE B 599 29.76 31.00 19.74
N ALA B 600 30.08 32.25 20.08
CA ALA B 600 30.95 33.07 19.24
C ALA B 600 32.37 32.52 19.18
N SER B 601 32.80 31.74 20.18
CA SER B 601 34.10 31.08 20.12
C SER B 601 34.09 29.98 19.08
N GLN B 602 33.00 29.24 18.96
CA GLN B 602 32.90 28.10 18.07
C GLN B 602 31.93 28.35 16.93
N LEU B 603 31.93 29.58 16.40
CA LEU B 603 31.09 29.91 15.26
C LEU B 603 31.62 29.22 14.01
N GLY B 604 30.68 28.85 13.13
CA GLY B 604 31.05 28.25 11.86
C GLY B 604 31.59 26.85 11.96
N ASN B 605 31.29 26.14 13.05
CA ASN B 605 31.80 24.79 13.26
C ASN B 605 30.64 23.84 13.52
N CYS B 606 30.75 22.63 12.96
CA CYS B 606 29.77 21.59 13.23
C CYS B 606 29.88 21.15 14.69
N VAL B 607 28.87 21.47 15.49
CA VAL B 607 28.88 21.16 16.91
C VAL B 607 27.55 20.55 17.30
N GLU B 608 27.58 19.78 18.39
CA GLU B 608 26.38 19.22 18.99
C GLU B 608 25.82 20.25 19.96
N TYR B 609 24.64 20.78 19.65
CA TYR B 609 24.06 21.81 20.47
C TYR B 609 23.00 21.21 21.39
N SER B 610 23.04 21.62 22.67
CA SER B 610 22.08 21.19 23.67
C SER B 610 21.59 22.44 24.40
N LEU B 611 20.59 23.10 23.83
CA LEU B 611 20.07 24.35 24.39
C LEU B 611 18.92 24.01 25.35
N TYR B 612 19.33 23.50 26.50
CA TYR B 612 18.57 23.26 27.73
C TYR B 612 17.22 22.60 27.47
N GLY B 613 17.17 21.70 26.49
CA GLY B 613 15.94 21.05 26.11
C GLY B 613 15.82 20.89 24.61
N VAL B 614 16.51 21.73 23.84
CA VAL B 614 16.50 21.66 22.39
C VAL B 614 17.84 21.09 21.96
N SER B 615 17.85 19.83 21.54
CA SER B 615 19.09 19.14 21.22
C SER B 615 19.22 18.88 19.73
N GLY B 616 20.45 18.78 19.26
CA GLY B 616 20.69 18.45 17.86
C GLY B 616 22.14 18.68 17.49
N ARG B 617 22.40 18.76 16.20
CA ARG B 617 23.71 19.04 15.64
C ARG B 617 23.58 20.12 14.57
N GLY B 618 24.56 21.01 14.48
CA GLY B 618 24.46 22.06 13.49
C GLY B 618 25.64 23.01 13.51
N VAL B 619 25.53 24.03 12.68
CA VAL B 619 26.56 25.07 12.52
C VAL B 619 25.92 26.42 12.80
N PHE B 620 26.51 27.17 13.73
CA PHE B 620 26.00 28.48 14.10
C PHE B 620 26.61 29.57 13.22
N GLN B 621 25.90 30.68 13.10
CA GLN B 621 26.36 31.81 12.29
C GLN B 621 25.74 33.10 12.82
N ASN B 622 26.43 34.21 12.56
CA ASN B 622 25.95 35.53 12.99
C ASN B 622 24.85 36.01 12.05
N CYS B 623 23.73 36.47 12.62
CA CYS B 623 22.62 36.96 11.82
C CYS B 623 21.98 38.19 12.42
N THR B 624 20.87 38.64 11.84
CA THR B 624 20.16 39.83 12.28
C THR B 624 18.92 39.46 13.08
N ALA B 625 18.34 40.47 13.72
CA ALA B 625 17.18 40.26 14.59
C ALA B 625 15.96 39.85 13.77
N VAL B 626 15.55 38.59 13.91
CA VAL B 626 14.46 38.02 13.14
C VAL B 626 13.44 37.44 14.11
N GLY B 627 12.19 37.87 13.97
CA GLY B 627 11.11 37.33 14.77
C GLY B 627 11.06 37.90 16.17
N VAL B 628 10.25 37.24 17.00
CA VAL B 628 10.02 37.70 18.37
C VAL B 628 11.25 37.46 19.22
N ARG B 629 11.66 38.50 19.95
CA ARG B 629 12.84 38.40 20.81
C ARG B 629 12.60 37.45 21.99
N GLN B 630 11.42 37.52 22.60
CA GLN B 630 11.20 36.87 23.88
C GLN B 630 11.05 35.35 23.77
N GLN B 631 10.50 34.85 22.65
CA GLN B 631 10.27 33.42 22.54
C GLN B 631 11.57 32.63 22.37
N ARG B 632 12.59 33.27 21.80
CA ARG B 632 13.95 32.76 21.68
C ARG B 632 14.07 31.52 20.81
N PHE B 633 13.05 31.15 20.05
CA PHE B 633 13.12 30.00 19.17
C PHE B 633 12.32 30.27 17.90
N VAL B 634 12.99 30.21 16.76
CA VAL B 634 12.37 30.51 15.48
C VAL B 634 12.39 29.26 14.60
N TYR B 635 11.28 29.04 13.91
CA TYR B 635 11.08 27.83 13.12
C TYR B 635 10.57 28.20 11.74
N ASP B 636 10.84 27.32 10.79
CA ASP B 636 10.28 27.42 9.44
C ASP B 636 8.98 26.61 9.39
N ALA B 637 8.46 26.38 8.18
CA ALA B 637 7.22 25.62 8.03
C ALA B 637 7.41 24.13 8.29
N TYR B 638 8.64 23.63 8.26
CA TYR B 638 8.90 22.21 8.40
C TYR B 638 9.33 21.82 9.82
N GLN B 639 9.11 22.71 10.79
CA GLN B 639 9.42 22.48 12.22
C GLN B 639 10.90 22.16 12.41
N ASN B 640 11.75 23.13 12.06
CA ASN B 640 13.19 23.03 12.23
C ASN B 640 13.71 24.31 12.88
N LEU B 641 14.80 24.18 13.61
CA LEU B 641 15.36 25.30 14.37
C LEU B 641 16.13 26.20 13.41
N VAL B 642 15.51 27.28 12.95
CA VAL B 642 16.19 28.18 12.03
C VAL B 642 17.27 28.97 12.75
N GLY B 643 17.01 29.41 13.97
CA GLY B 643 17.98 30.19 14.70
C GLY B 643 17.57 30.34 16.15
N TYR B 644 18.33 31.17 16.86
CA TYR B 644 18.16 31.25 18.31
C TYR B 644 18.71 32.57 18.86
N TYR B 645 18.03 33.08 19.88
CA TYR B 645 18.41 34.28 20.61
C TYR B 645 19.05 33.88 21.93
N SER B 646 20.30 34.26 22.14
CA SER B 646 21.02 33.84 23.33
C SER B 646 20.98 34.91 24.41
N ASP B 647 21.68 34.64 25.53
CA ASP B 647 21.73 35.57 26.65
C ASP B 647 22.50 36.83 26.31
N ASP B 648 23.41 36.77 25.34
CA ASP B 648 24.18 37.94 24.95
C ASP B 648 23.35 38.96 24.18
N GLY B 649 22.18 38.56 23.69
CA GLY B 649 21.40 39.39 22.79
C GLY B 649 21.81 39.28 21.35
N ASN B 650 22.83 38.50 21.03
CA ASN B 650 23.31 38.33 19.66
C ASN B 650 22.61 37.10 19.09
N TYR B 651 21.67 37.33 18.17
CA TYR B 651 20.98 36.25 17.50
C TYR B 651 21.93 35.46 16.61
N TYR B 652 21.66 34.16 16.49
CA TYR B 652 22.44 33.30 15.61
C TYR B 652 21.51 32.49 14.72
N CYS B 653 21.99 32.16 13.53
CA CYS B 653 21.35 31.22 12.64
C CYS B 653 21.99 29.85 12.82
N LEU B 654 21.23 28.80 12.50
CA LEU B 654 21.64 27.42 12.72
C LEU B 654 20.95 26.58 11.65
N ARG B 655 21.72 26.06 10.70
CA ARG B 655 21.12 25.44 9.52
C ARG B 655 21.32 23.93 9.50
N ALA B 656 22.57 23.45 9.47
CA ALA B 656 22.87 22.03 9.32
C ALA B 656 24.37 21.83 9.51
N CYS B 657 24.73 20.60 9.85
CA CYS B 657 26.12 20.15 9.80
C CYS B 657 26.30 19.45 8.47
N VAL B 658 26.66 20.22 7.45
CA VAL B 658 26.72 19.73 6.08
C VAL B 658 28.08 19.12 5.80
N SER B 659 28.07 17.96 5.13
CA SER B 659 29.27 17.40 4.52
C SER B 659 28.95 17.15 3.06
N VAL B 660 29.83 16.46 2.35
CA VAL B 660 29.75 16.32 0.91
C VAL B 660 29.23 14.93 0.57
N PRO B 661 28.21 14.81 -0.28
CA PRO B 661 27.85 13.49 -0.82
C PRO B 661 28.93 12.97 -1.75
N VAL B 662 29.01 11.65 -1.86
CA VAL B 662 30.11 10.99 -2.56
C VAL B 662 29.54 10.21 -3.73
N SER B 663 30.16 10.37 -4.90
CA SER B 663 29.85 9.56 -6.07
C SER B 663 31.13 8.92 -6.58
N VAL B 664 30.99 7.83 -7.35
CA VAL B 664 32.13 7.08 -7.82
C VAL B 664 31.97 6.83 -9.33
N ILE B 665 33.07 6.92 -10.06
CA ILE B 665 33.13 6.49 -11.45
C ILE B 665 33.97 5.23 -11.51
N TYR B 666 33.43 4.18 -12.13
CA TYR B 666 34.11 2.89 -12.16
C TYR B 666 34.08 2.37 -13.59
N ASP B 667 35.16 1.69 -13.98
CA ASP B 667 35.26 1.11 -15.31
C ASP B 667 35.41 -0.40 -15.23
N LYS B 668 34.59 -1.10 -16.02
CA LYS B 668 34.78 -2.53 -16.24
C LYS B 668 35.86 -2.72 -17.30
N GLU B 669 36.45 -3.93 -17.31
CA GLU B 669 37.49 -4.50 -18.17
C GLU B 669 38.81 -3.72 -18.11
N THR B 670 38.83 -2.62 -17.34
CA THR B 670 40.04 -1.97 -16.87
C THR B 670 39.72 -1.54 -15.45
N LYS B 671 40.29 -2.24 -14.46
CA LYS B 671 39.88 -2.08 -13.06
C LYS B 671 40.36 -0.74 -12.54
N THR B 672 39.63 0.31 -12.93
CA THR B 672 39.95 1.68 -12.60
C THR B 672 38.74 2.36 -11.99
N HIS B 673 39.01 3.27 -11.05
CA HIS B 673 37.97 3.93 -10.29
C HIS B 673 38.46 5.31 -9.87
N ALA B 674 37.51 6.21 -9.66
CA ALA B 674 37.82 7.53 -9.11
C ALA B 674 36.60 8.03 -8.36
N THR B 675 36.84 8.97 -7.44
CA THR B 675 35.78 9.50 -6.59
C THR B 675 35.51 10.95 -6.96
N LEU B 676 34.23 11.31 -6.98
CA LEU B 676 33.79 12.66 -7.27
C LEU B 676 33.00 13.18 -6.08
N PHE B 677 33.31 14.39 -5.66
CA PHE B 677 32.58 15.12 -4.62
C PHE B 677 31.87 16.25 -5.33
N GLY B 678 30.56 16.10 -5.52
CA GLY B 678 29.81 17.06 -6.32
C GLY B 678 29.48 18.32 -5.56
N SER B 679 29.52 19.45 -6.31
CA SER B 679 29.06 20.75 -5.84
C SER B 679 29.83 21.23 -4.61
N VAL B 680 31.16 21.12 -4.66
CA VAL B 680 32.00 21.57 -3.56
C VAL B 680 33.34 21.98 -4.13
N ALA B 681 33.96 23.00 -3.54
CA ALA B 681 35.33 23.34 -3.87
C ALA B 681 36.28 22.29 -3.29
N CYS B 682 37.51 22.29 -3.80
CA CYS B 682 38.54 21.34 -3.35
C CYS B 682 39.04 21.81 -1.99
N GLU B 683 38.27 21.46 -0.96
CA GLU B 683 38.50 21.89 0.41
C GLU B 683 38.74 20.72 1.36
N HIS B 684 37.81 19.78 1.43
CA HIS B 684 37.78 18.83 2.53
C HIS B 684 38.55 17.57 2.10
N ILE B 685 39.43 17.11 2.99
CA ILE B 685 40.34 16.00 2.70
C ILE B 685 39.97 14.92 3.73
N SER B 686 40.73 13.82 3.80
CA SER B 686 40.33 12.60 4.49
C SER B 686 40.38 12.69 6.03
N SER B 687 40.34 13.90 6.61
CA SER B 687 40.51 14.05 8.06
C SER B 687 39.23 13.74 8.84
N THR B 688 38.18 14.54 8.65
CA THR B 688 37.00 14.49 9.50
C THR B 688 35.94 13.62 8.81
N MET B 689 35.91 12.35 9.17
CA MET B 689 35.25 11.31 8.40
C MET B 689 34.07 10.68 9.14
N SER B 690 33.35 9.85 8.39
CA SER B 690 32.41 8.87 8.89
C SER B 690 32.49 7.69 7.93
N GLN B 691 31.48 6.80 7.96
CA GLN B 691 31.41 5.54 7.22
C GLN B 691 32.71 4.75 7.23
N TYR B 692 33.04 4.03 6.15
CA TYR B 692 34.05 2.98 6.29
C TYR B 692 35.47 3.41 5.93
N SER B 693 35.71 3.75 4.66
CA SER B 693 37.04 4.04 4.15
C SER B 693 36.94 4.53 2.71
N ARG B 694 37.97 5.24 2.26
CA ARG B 694 38.14 5.62 0.87
C ARG B 694 39.55 5.25 0.41
N SER B 695 39.68 4.96 -0.88
CA SER B 695 40.93 4.48 -1.46
C SER B 695 41.28 5.31 -2.69
N THR B 696 42.46 5.94 -2.67
CA THR B 696 43.04 6.58 -3.83
C THR B 696 44.47 6.08 -4.01
N ARG B 697 44.88 5.99 -5.27
CA ARG B 697 46.15 5.36 -5.61
C ARG B 697 47.27 6.40 -5.64
N SER B 698 48.42 6.00 -6.19
CA SER B 698 49.62 6.82 -6.14
C SER B 698 49.46 8.11 -6.94
N MET B 699 50.09 9.17 -6.43
CA MET B 699 50.01 10.48 -7.04
C MET B 699 50.84 10.55 -8.33
N TYR B 707 48.07 15.80 -8.40
CA TYR B 707 47.29 14.72 -8.99
C TYR B 707 45.95 14.53 -8.31
N GLY B 708 45.93 14.69 -6.99
CA GLY B 708 44.79 14.28 -6.20
C GLY B 708 43.55 15.12 -6.41
N PRO B 709 43.54 16.36 -5.93
CA PRO B 709 42.34 17.20 -6.08
C PRO B 709 42.32 17.88 -7.44
N LEU B 710 41.21 17.71 -8.15
CA LEU B 710 40.97 18.48 -9.37
C LEU B 710 39.64 19.22 -9.24
N GLN B 711 39.68 20.53 -9.42
CA GLN B 711 38.50 21.37 -9.31
C GLN B 711 37.78 21.37 -10.66
N THR B 712 36.88 20.43 -10.82
CA THR B 712 36.03 20.31 -12.00
C THR B 712 34.78 21.15 -11.82
N PRO B 713 34.10 21.51 -12.91
CA PRO B 713 32.85 22.28 -12.78
C PRO B 713 31.77 21.59 -11.95
N VAL B 714 31.76 20.26 -11.89
CA VAL B 714 30.83 19.56 -11.01
C VAL B 714 31.28 19.53 -9.55
N GLY B 715 32.57 19.76 -9.28
CA GLY B 715 33.03 19.75 -7.91
C GLY B 715 34.51 19.48 -7.74
N CYS B 716 34.87 18.57 -6.83
CA CYS B 716 36.25 18.19 -6.62
C CYS B 716 36.39 16.69 -6.86
N VAL B 717 37.32 16.31 -7.73
CA VAL B 717 37.49 14.90 -8.11
C VAL B 717 38.84 14.42 -7.62
N LEU B 718 38.84 13.26 -6.99
CA LEU B 718 40.05 12.54 -6.59
C LEU B 718 40.22 11.34 -7.52
N GLY B 719 41.44 11.15 -8.03
CA GLY B 719 41.73 10.02 -8.88
C GLY B 719 41.84 10.31 -10.36
N LEU B 720 41.59 11.54 -10.79
CA LEU B 720 41.81 11.93 -12.18
C LEU B 720 43.10 12.70 -12.33
N VAL B 721 43.46 12.93 -13.60
CA VAL B 721 44.54 13.82 -13.98
C VAL B 721 44.00 14.77 -15.03
N ASN B 722 44.34 16.05 -14.91
CA ASN B 722 43.90 17.05 -15.87
C ASN B 722 44.49 16.74 -17.25
N SER B 723 43.62 16.63 -18.25
CA SER B 723 44.01 16.29 -19.60
C SER B 723 43.08 16.98 -20.58
N SER B 724 43.66 17.76 -21.50
CA SER B 724 42.88 18.54 -22.46
C SER B 724 42.76 17.74 -23.75
N LEU B 725 41.71 16.93 -23.81
CA LEU B 725 41.40 16.13 -24.99
C LEU B 725 39.93 16.31 -25.35
N PHE B 726 39.58 15.86 -26.55
CA PHE B 726 38.23 16.03 -27.08
C PHE B 726 37.70 14.68 -27.55
N VAL B 727 36.49 14.34 -27.11
CA VAL B 727 35.84 13.08 -27.47
C VAL B 727 34.40 13.39 -27.88
N GLU B 728 34.02 12.94 -29.07
CA GLU B 728 32.67 13.12 -29.58
C GLU B 728 31.76 11.92 -29.35
N ASP B 729 32.28 10.84 -28.78
CA ASP B 729 31.56 9.59 -28.60
C ASP B 729 31.74 9.04 -27.19
N CYS B 730 31.51 9.91 -26.20
CA CYS B 730 31.72 9.57 -24.80
C CYS B 730 30.84 8.41 -24.35
N LYS B 731 31.46 7.45 -23.65
CA LYS B 731 30.75 6.31 -23.10
C LYS B 731 30.46 6.44 -21.61
N LEU B 732 31.13 7.37 -20.92
CA LEU B 732 31.04 7.53 -19.48
C LEU B 732 30.60 8.96 -19.19
N PRO B 733 29.28 9.22 -19.23
CA PRO B 733 28.81 10.60 -19.05
C PRO B 733 28.98 11.08 -17.62
N LEU B 734 29.98 11.92 -17.41
CA LEU B 734 30.34 12.36 -16.07
C LEU B 734 29.42 13.46 -15.56
N GLY B 735 28.85 14.25 -16.45
CA GLY B 735 28.04 15.39 -16.08
C GLY B 735 28.56 16.68 -16.71
N GLN B 736 27.65 17.66 -16.82
CA GLN B 736 27.89 18.95 -17.45
C GLN B 736 28.40 18.78 -18.88
N SER B 737 29.71 18.85 -19.07
CA SER B 737 30.32 18.53 -20.36
C SER B 737 31.62 17.77 -20.18
N LEU B 738 31.73 16.98 -19.13
CA LEU B 738 32.94 16.24 -18.83
C LEU B 738 32.72 14.75 -19.05
N CYS B 739 33.82 14.04 -19.32
CA CYS B 739 33.75 12.63 -19.65
C CYS B 739 35.00 11.93 -19.12
N ALA B 740 34.85 10.64 -18.84
CA ALA B 740 35.96 9.83 -18.38
C ALA B 740 36.69 9.20 -19.57
N LEU B 741 37.97 8.90 -19.36
CA LEU B 741 38.82 8.31 -20.40
C LEU B 741 39.65 7.19 -19.81
N PRO B 742 39.37 5.95 -20.17
CA PRO B 742 40.26 4.84 -19.82
C PRO B 742 41.47 4.77 -20.73
N ASP B 743 42.28 3.73 -20.56
CA ASP B 743 43.46 3.50 -21.38
C ASP B 743 43.33 2.14 -22.07
N THR B 744 44.40 1.73 -22.73
CA THR B 744 44.42 0.46 -23.46
C THR B 744 44.41 -0.73 -22.51
N PRO B 757 46.57 -1.35 -16.86
CA PRO B 757 45.95 -0.52 -17.89
C PRO B 757 46.55 0.88 -17.95
N GLY B 758 46.41 1.63 -16.87
CA GLY B 758 46.90 2.99 -16.81
C GLY B 758 46.22 3.82 -15.76
N GLU B 759 45.74 5.00 -16.13
CA GLU B 759 45.06 5.89 -15.20
C GLU B 759 43.86 6.52 -15.90
N MET B 760 42.88 6.91 -15.09
CA MET B 760 41.66 7.54 -15.57
C MET B 760 41.98 8.98 -15.96
N ARG B 761 41.35 9.47 -17.03
CA ARG B 761 41.60 10.83 -17.49
C ARG B 761 40.31 11.60 -17.70
N LEU B 762 40.43 12.93 -17.65
CA LEU B 762 39.34 13.84 -17.93
C LEU B 762 39.31 14.17 -19.42
N ALA B 763 38.12 14.31 -19.98
CA ALA B 763 37.95 14.71 -21.37
C ALA B 763 36.81 15.70 -21.49
N SER B 764 37.02 16.77 -22.23
CA SER B 764 35.92 17.66 -22.58
C SER B 764 35.04 16.99 -23.61
N ILE B 765 33.73 16.98 -23.37
CA ILE B 765 32.79 16.40 -24.32
C ILE B 765 32.74 17.31 -25.54
N ALA B 766 33.36 16.89 -26.63
CA ALA B 766 33.45 17.72 -27.81
C ALA B 766 32.13 17.76 -28.56
N PHE B 767 31.84 18.92 -29.15
CA PHE B 767 30.68 19.11 -30.00
C PHE B 767 31.13 19.10 -31.45
N ASN B 768 30.50 18.27 -32.27
CA ASN B 768 30.84 18.17 -33.68
C ASN B 768 30.25 19.37 -34.40
N HIS B 769 31.10 20.34 -34.71
CA HIS B 769 30.66 21.44 -35.55
C HIS B 769 30.36 20.93 -36.95
N PRO B 770 29.18 21.19 -37.49
CA PRO B 770 28.86 20.74 -38.84
C PRO B 770 29.67 21.49 -39.88
N ILE B 771 29.66 20.96 -41.10
CA ILE B 771 30.45 21.52 -42.19
C ILE B 771 29.84 22.87 -42.56
N GLN B 772 30.54 23.95 -42.22
CA GLN B 772 30.04 25.28 -42.46
C GLN B 772 30.04 25.59 -43.95
N VAL B 773 29.05 26.38 -44.39
CA VAL B 773 28.90 26.73 -45.79
C VAL B 773 28.75 28.25 -45.88
N ASP B 774 29.36 28.84 -46.91
CA ASP B 774 29.37 30.28 -47.07
C ASP B 774 27.99 30.79 -47.47
N GLN B 775 27.72 32.04 -47.11
CA GLN B 775 26.50 32.75 -47.49
C GLN B 775 26.90 34.03 -48.19
N LEU B 776 26.35 34.26 -49.38
CA LEU B 776 26.75 35.38 -50.21
C LEU B 776 25.57 36.30 -50.50
N ASN B 777 25.82 37.60 -50.50
CA ASN B 777 24.79 38.60 -50.71
C ASN B 777 24.46 38.83 -52.18
N SER B 778 25.22 38.25 -53.10
CA SER B 778 24.98 38.47 -54.52
C SER B 778 23.88 37.54 -55.02
N SER B 779 23.63 37.59 -56.33
CA SER B 779 22.60 36.76 -56.93
C SER B 779 23.00 35.29 -57.05
N TYR B 780 24.29 34.99 -57.00
CA TYR B 780 24.74 33.61 -57.04
C TYR B 780 24.49 32.92 -55.70
N PHE B 781 24.82 31.64 -55.63
CA PHE B 781 24.58 30.88 -54.41
C PHE B 781 25.63 29.79 -54.29
N LYS B 782 26.10 29.55 -53.07
CA LYS B 782 27.07 28.50 -52.79
C LYS B 782 26.36 27.34 -52.11
N LEU B 783 26.42 26.16 -52.72
CA LEU B 783 25.70 24.98 -52.27
C LEU B 783 26.68 23.90 -51.83
N SER B 784 26.23 23.05 -50.92
CA SER B 784 27.03 21.90 -50.48
C SER B 784 26.32 20.63 -50.93
N ILE B 785 27.06 19.76 -51.60
CA ILE B 785 26.48 18.55 -52.19
C ILE B 785 27.38 17.36 -51.88
N PRO B 786 26.83 16.21 -51.48
CA PRO B 786 27.66 15.05 -51.19
C PRO B 786 28.26 14.45 -52.45
N THR B 787 29.38 13.74 -52.26
CA THR B 787 30.05 13.01 -53.32
C THR B 787 29.99 11.51 -53.13
N ASN B 788 30.37 11.03 -51.96
CA ASN B 788 30.34 9.60 -51.67
C ASN B 788 29.12 9.29 -50.83
N PHE B 789 28.72 8.01 -50.83
CA PHE B 789 27.54 7.64 -50.07
C PHE B 789 27.63 6.17 -49.70
N SER B 790 26.86 5.80 -48.69
CA SER B 790 26.77 4.42 -48.23
C SER B 790 25.32 4.11 -47.87
N PHE B 791 25.07 2.84 -47.61
CA PHE B 791 23.75 2.38 -47.17
C PHE B 791 23.84 2.12 -45.68
N GLY B 792 23.39 3.08 -44.89
CA GLY B 792 23.40 2.91 -43.45
C GLY B 792 22.28 1.99 -42.99
N VAL B 793 22.64 1.06 -42.10
CA VAL B 793 21.68 0.13 -41.51
C VAL B 793 21.37 0.59 -40.10
N THR B 794 20.08 0.61 -39.77
CA THR B 794 19.61 1.04 -38.45
C THR B 794 18.72 -0.05 -37.89
N GLN B 795 19.04 -0.51 -36.70
CA GLN B 795 18.28 -1.58 -36.04
C GLN B 795 17.41 -0.98 -34.95
N GLU B 796 16.13 -1.33 -34.97
CA GLU B 796 15.15 -0.83 -34.01
C GLU B 796 14.42 -2.02 -33.41
N TYR B 797 14.00 -1.88 -32.16
CA TYR B 797 13.20 -2.90 -31.51
C TYR B 797 11.97 -2.25 -30.91
N ILE B 798 10.80 -2.83 -31.13
CA ILE B 798 9.58 -2.39 -30.45
C ILE B 798 8.95 -3.58 -29.75
N GLN B 799 8.79 -3.47 -28.43
CA GLN B 799 8.16 -4.52 -27.64
C GLN B 799 6.66 -4.39 -27.78
N THR B 800 6.03 -5.36 -28.46
CA THR B 800 4.60 -5.25 -28.72
C THR B 800 3.74 -5.88 -27.64
N THR B 801 4.24 -6.88 -26.91
CA THR B 801 3.40 -7.66 -26.01
C THR B 801 4.28 -8.41 -25.03
N ILE B 802 4.05 -8.19 -23.73
CA ILE B 802 4.79 -8.89 -22.70
C ILE B 802 4.23 -10.30 -22.55
N GLN B 803 4.94 -11.15 -21.83
CA GLN B 803 4.55 -12.55 -21.71
C GLN B 803 3.25 -12.71 -20.94
N LYS B 804 2.32 -13.47 -21.50
CA LYS B 804 1.03 -13.69 -20.85
C LYS B 804 1.20 -14.65 -19.68
N VAL B 805 0.91 -14.16 -18.48
CA VAL B 805 1.09 -14.92 -17.25
C VAL B 805 -0.20 -14.85 -16.43
N THR B 806 -0.58 -15.98 -15.85
CA THR B 806 -1.65 -16.02 -14.87
C THR B 806 -1.25 -16.92 -13.71
N VAL B 807 -1.89 -16.70 -12.57
CA VAL B 807 -1.58 -17.44 -11.36
C VAL B 807 -2.87 -17.80 -10.64
N ASP B 808 -2.97 -19.05 -10.20
CA ASP B 808 -4.07 -19.43 -9.31
C ASP B 808 -3.82 -18.81 -7.94
N CYS B 809 -4.75 -17.98 -7.48
CA CYS B 809 -4.55 -17.17 -6.29
C CYS B 809 -4.38 -18.01 -5.04
N LYS B 810 -5.42 -18.75 -4.66
CA LYS B 810 -5.37 -19.51 -3.41
C LYS B 810 -4.38 -20.66 -3.46
N GLN B 811 -4.03 -21.15 -4.65
CA GLN B 811 -3.00 -22.17 -4.76
C GLN B 811 -1.64 -21.61 -4.34
N TYR B 812 -1.31 -20.41 -4.81
CA TYR B 812 -0.05 -19.78 -4.41
C TYR B 812 -0.09 -19.35 -2.96
N VAL B 813 -1.15 -18.65 -2.55
CA VAL B 813 -1.18 -18.04 -1.23
C VAL B 813 -1.33 -19.08 -0.13
N CYS B 814 -2.17 -20.09 -0.33
CA CYS B 814 -2.49 -21.06 0.69
C CYS B 814 -1.65 -22.33 0.64
N ASN B 815 -1.18 -22.71 -0.56
CA ASN B 815 -0.36 -23.91 -0.79
C ASN B 815 -1.04 -25.18 -0.30
N GLY B 816 -2.35 -25.27 -0.56
CA GLY B 816 -3.07 -26.52 -0.40
C GLY B 816 -3.20 -27.08 1.00
N PHE B 817 -3.57 -26.26 1.97
CA PHE B 817 -3.82 -26.71 3.34
C PHE B 817 -5.21 -26.30 3.78
N GLN B 818 -5.90 -27.23 4.47
CA GLN B 818 -7.34 -27.08 4.68
C GLN B 818 -7.66 -25.99 5.68
N LYS B 819 -6.95 -25.95 6.82
CA LYS B 819 -7.22 -24.90 7.81
C LYS B 819 -6.76 -23.55 7.28
N CYS B 820 -5.70 -23.54 6.49
CA CYS B 820 -5.33 -22.37 5.72
C CYS B 820 -6.46 -21.89 4.81
N GLU B 821 -7.11 -22.82 4.10
CA GLU B 821 -8.20 -22.45 3.21
C GLU B 821 -9.40 -21.92 3.99
N GLN B 822 -9.69 -22.51 5.14
CA GLN B 822 -10.75 -22.00 6.00
C GLN B 822 -10.41 -20.61 6.54
N LEU B 823 -9.14 -20.36 6.84
CA LEU B 823 -8.70 -19.04 7.27
C LEU B 823 -8.56 -18.06 6.11
N LEU B 824 -8.72 -18.53 4.88
CA LEU B 824 -8.67 -17.65 3.71
C LEU B 824 -10.05 -17.25 3.21
N ARG B 825 -11.10 -18.00 3.59
CA ARG B 825 -12.41 -17.80 2.99
C ARG B 825 -13.10 -16.52 3.43
N GLU B 826 -12.66 -15.89 4.53
CA GLU B 826 -13.33 -14.65 4.95
C GLU B 826 -12.94 -13.48 4.04
N TYR B 827 -11.78 -13.55 3.39
CA TYR B 827 -11.44 -12.53 2.41
C TYR B 827 -12.23 -12.72 1.13
N GLY B 828 -12.37 -13.95 0.67
CA GLY B 828 -13.27 -14.28 -0.43
C GLY B 828 -12.86 -13.75 -1.78
N GLN B 829 -13.55 -12.70 -2.24
CA GLN B 829 -13.50 -12.18 -3.59
C GLN B 829 -12.18 -11.54 -3.99
N PHE B 830 -11.15 -11.54 -3.13
CA PHE B 830 -9.87 -10.96 -3.49
C PHE B 830 -9.21 -11.76 -4.61
N CYS B 831 -9.18 -13.08 -4.45
CA CYS B 831 -8.67 -13.96 -5.50
C CYS B 831 -9.50 -13.83 -6.77
N SER B 832 -10.81 -13.69 -6.61
CA SER B 832 -11.70 -13.51 -7.76
C SER B 832 -11.37 -12.24 -8.52
N LYS B 833 -11.15 -11.13 -7.81
CA LYS B 833 -10.92 -9.86 -8.50
C LYS B 833 -9.53 -9.80 -9.12
N ILE B 834 -8.53 -10.44 -8.50
CA ILE B 834 -7.23 -10.47 -9.17
C ILE B 834 -7.27 -11.40 -10.38
N ASN B 835 -8.07 -12.47 -10.33
CA ASN B 835 -8.29 -13.28 -11.52
C ASN B 835 -8.97 -12.49 -12.62
N GLN B 836 -9.93 -11.64 -12.24
CA GLN B 836 -10.60 -10.75 -13.19
C GLN B 836 -9.59 -9.83 -13.87
N ALA B 837 -8.71 -9.22 -13.06
CA ALA B 837 -7.72 -8.29 -13.61
C ALA B 837 -6.75 -8.98 -14.55
N LEU B 838 -6.23 -10.14 -14.15
CA LEU B 838 -5.30 -10.87 -15.01
C LEU B 838 -5.97 -11.36 -16.30
N HIS B 839 -7.20 -11.85 -16.20
CA HIS B 839 -7.91 -12.30 -17.40
C HIS B 839 -8.21 -11.15 -18.34
N GLY B 840 -8.61 -10.00 -17.80
CA GLY B 840 -8.86 -8.84 -18.64
C GLY B 840 -7.60 -8.34 -19.33
N ALA B 841 -6.48 -8.30 -18.60
CA ALA B 841 -5.22 -7.88 -19.19
C ALA B 841 -4.77 -8.86 -20.27
N ASN B 842 -4.93 -10.16 -20.02
CA ASN B 842 -4.54 -11.16 -21.01
C ASN B 842 -5.39 -11.08 -22.27
N LEU B 843 -6.71 -10.89 -22.10
CA LEU B 843 -7.57 -10.78 -23.27
C LEU B 843 -7.33 -9.49 -24.04
N ARG B 844 -7.01 -8.40 -23.34
CA ARG B 844 -6.70 -7.15 -24.04
C ARG B 844 -5.38 -7.25 -24.80
N GLN B 845 -4.38 -7.94 -24.23
CA GLN B 845 -3.15 -8.17 -24.98
C GLN B 845 -3.37 -9.11 -26.16
N ASP B 846 -4.29 -10.07 -26.02
CA ASP B 846 -4.69 -10.90 -27.15
C ASP B 846 -5.31 -10.07 -28.26
N ASP B 847 -6.17 -9.12 -27.90
CA ASP B 847 -6.76 -8.22 -28.89
C ASP B 847 -5.70 -7.38 -29.57
N SER B 848 -4.71 -6.90 -28.79
CA SER B 848 -3.61 -6.12 -29.38
C SER B 848 -2.80 -6.95 -30.37
N VAL B 849 -2.48 -8.19 -30.01
CA VAL B 849 -1.72 -9.08 -30.89
C VAL B 849 -2.50 -9.36 -32.17
N ARG B 850 -3.79 -9.67 -32.04
CA ARG B 850 -4.61 -9.98 -33.20
C ARG B 850 -4.77 -8.76 -34.11
N ASN B 851 -4.95 -7.58 -33.52
CA ASN B 851 -5.10 -6.36 -34.31
C ASN B 851 -3.81 -6.05 -35.07
N LEU B 852 -2.67 -6.13 -34.39
CA LEU B 852 -1.39 -5.82 -35.05
C LEU B 852 -1.08 -6.84 -36.14
N PHE B 853 -1.32 -8.12 -35.89
CA PHE B 853 -0.98 -9.13 -36.88
C PHE B 853 -2.05 -9.28 -37.96
N ALA B 854 -3.21 -8.65 -37.81
CA ALA B 854 -4.18 -8.59 -38.88
C ALA B 854 -3.99 -7.36 -39.76
N SER B 855 -3.61 -6.23 -39.16
CA SER B 855 -3.40 -5.02 -39.94
C SER B 855 -2.10 -5.10 -40.74
N VAL B 856 -1.10 -5.81 -40.23
CA VAL B 856 0.19 -5.88 -40.91
C VAL B 856 0.14 -6.83 -42.10
N LYS B 857 -0.90 -7.67 -42.19
CA LYS B 857 -0.99 -8.65 -43.26
C LYS B 857 -1.24 -7.97 -44.60
N SER B 858 -0.34 -8.21 -45.55
CA SER B 858 -0.50 -7.65 -46.89
C SER B 858 -1.64 -8.36 -47.62
N SER B 859 -2.31 -7.62 -48.50
CA SER B 859 -3.39 -8.19 -49.28
C SER B 859 -2.87 -9.18 -50.31
N GLN B 860 -1.81 -8.81 -51.03
CA GLN B 860 -1.23 -9.65 -52.05
C GLN B 860 0.29 -9.63 -51.93
N SER B 861 0.91 -10.79 -52.13
CA SER B 861 2.35 -10.93 -51.99
C SER B 861 2.86 -11.83 -53.11
N SER B 862 4.14 -12.17 -53.03
CA SER B 862 4.79 -13.06 -53.99
C SER B 862 5.61 -14.10 -53.24
N PRO B 863 5.74 -15.31 -53.77
CA PRO B 863 6.57 -16.33 -53.12
C PRO B 863 8.04 -15.94 -53.13
N ILE B 864 8.75 -16.40 -52.10
CA ILE B 864 10.16 -16.13 -51.93
C ILE B 864 10.92 -17.43 -52.19
N ILE B 865 11.85 -17.40 -53.12
CA ILE B 865 12.65 -18.56 -53.49
C ILE B 865 14.11 -18.18 -53.32
N PRO B 866 15.01 -19.16 -53.23
CA PRO B 866 16.44 -18.85 -53.36
C PRO B 866 16.73 -18.22 -54.72
N GLY B 867 17.64 -17.26 -54.73
CA GLY B 867 17.83 -16.41 -55.87
C GLY B 867 16.99 -15.15 -55.87
N PHE B 868 16.29 -14.85 -54.77
CA PHE B 868 15.47 -13.67 -54.67
C PHE B 868 16.34 -12.41 -54.65
N GLY B 869 15.82 -11.34 -55.24
CA GLY B 869 16.50 -10.06 -55.26
C GLY B 869 17.55 -9.90 -56.34
N GLY B 870 17.77 -10.91 -57.17
CA GLY B 870 18.72 -10.81 -58.25
C GLY B 870 20.15 -10.66 -57.79
N ASP B 871 20.80 -9.57 -58.20
CA ASP B 871 22.20 -9.34 -57.87
C ASP B 871 22.42 -8.99 -56.41
N PHE B 872 21.38 -8.59 -55.69
CA PHE B 872 21.52 -8.22 -54.29
C PHE B 872 21.39 -9.45 -53.40
N ASN B 873 22.39 -9.64 -52.54
CA ASN B 873 22.47 -10.83 -51.70
C ASN B 873 21.80 -10.59 -50.36
N LEU B 874 20.46 -10.51 -50.41
CA LEU B 874 19.64 -10.44 -49.20
C LEU B 874 19.14 -11.82 -48.78
N THR B 875 19.83 -12.89 -49.20
CA THR B 875 19.43 -14.26 -48.89
C THR B 875 19.49 -14.58 -47.40
N LEU B 876 20.16 -13.76 -46.59
CA LEU B 876 20.11 -13.93 -45.15
C LEU B 876 18.72 -13.69 -44.58
N LEU B 877 17.89 -12.91 -45.28
CA LEU B 877 16.51 -12.71 -44.89
C LEU B 877 15.56 -13.72 -45.52
N GLU B 878 16.06 -14.58 -46.41
CA GLU B 878 15.22 -15.61 -47.00
C GLU B 878 14.86 -16.64 -45.95
N PRO B 879 13.60 -17.09 -45.91
CA PRO B 879 13.23 -18.16 -44.98
C PRO B 879 13.91 -19.48 -45.34
N VAL B 880 14.20 -20.26 -44.32
CA VAL B 880 14.88 -21.54 -44.51
C VAL B 880 14.55 -22.50 -43.37
N ALA B 889 9.25 -20.80 -43.07
CA ALA B 889 9.83 -21.15 -41.78
C ALA B 889 10.60 -19.97 -41.20
N ARG B 890 11.47 -20.26 -40.23
CA ARG B 890 12.24 -19.22 -39.55
C ARG B 890 13.30 -18.64 -40.47
N SER B 891 13.53 -17.34 -40.33
CA SER B 891 14.61 -16.69 -41.06
C SER B 891 15.93 -16.85 -40.32
N ALA B 892 17.03 -16.72 -41.06
CA ALA B 892 18.35 -16.92 -40.48
C ALA B 892 18.69 -15.84 -39.46
N ILE B 893 18.29 -14.59 -39.73
CA ILE B 893 18.57 -13.50 -38.80
C ILE B 893 17.80 -13.70 -37.50
N GLU B 894 16.57 -14.23 -37.59
CA GLU B 894 15.83 -14.54 -36.38
C GLU B 894 16.44 -15.71 -35.63
N ASP B 895 17.00 -16.68 -36.36
CA ASP B 895 17.71 -17.79 -35.71
C ASP B 895 18.91 -17.29 -34.92
N LEU B 896 19.71 -16.41 -35.54
CA LEU B 896 20.88 -15.86 -34.83
C LEU B 896 20.47 -14.97 -33.67
N LEU B 897 19.38 -14.20 -33.84
CA LEU B 897 18.90 -13.33 -32.77
C LEU B 897 18.42 -14.14 -31.58
N PHE B 898 17.65 -15.20 -31.83
CA PHE B 898 17.18 -16.05 -30.75
C PHE B 898 18.33 -16.85 -30.14
N ASP B 899 19.38 -17.13 -30.92
CA ASP B 899 20.52 -17.85 -30.40
C ASP B 899 21.33 -16.98 -29.44
N LYS B 900 21.53 -15.71 -29.79
CA LYS B 900 22.43 -14.85 -29.02
C LYS B 900 21.77 -14.21 -27.81
N VAL B 901 20.49 -14.45 -27.56
CA VAL B 901 19.82 -13.93 -26.38
C VAL B 901 19.45 -15.11 -25.48
N THR B 902 19.53 -14.88 -24.17
CA THR B 902 19.24 -15.92 -23.18
C THR B 902 17.72 -16.12 -23.10
N ILE B 903 17.26 -17.27 -23.57
CA ILE B 903 15.85 -17.64 -23.53
C ILE B 903 15.74 -19.04 -22.94
N ALA B 904 14.85 -19.20 -21.97
CA ALA B 904 14.52 -20.52 -21.42
C ALA B 904 13.08 -20.84 -21.80
N ASP B 905 12.89 -21.90 -22.58
CA ASP B 905 11.55 -22.31 -22.97
C ASP B 905 10.82 -22.90 -21.77
N PRO B 906 9.55 -22.55 -21.55
CA PRO B 906 8.86 -23.03 -20.33
C PRO B 906 8.28 -24.41 -20.47
N GLY B 907 9.03 -25.35 -21.04
CA GLY B 907 8.67 -26.76 -21.06
C GLY B 907 7.35 -27.11 -21.72
N TYR B 908 7.10 -26.59 -22.92
CA TYR B 908 5.80 -26.70 -23.59
C TYR B 908 5.37 -28.12 -23.88
N MET B 909 6.28 -29.09 -23.90
CA MET B 909 5.95 -30.49 -24.12
C MET B 909 5.83 -31.26 -22.82
N GLN B 910 6.89 -31.30 -22.02
CA GLN B 910 6.98 -32.18 -20.86
C GLN B 910 7.61 -31.47 -19.67
N GLY B 911 7.13 -30.25 -19.38
CA GLY B 911 7.59 -29.53 -18.20
C GLY B 911 7.29 -30.26 -16.90
N TYR B 912 6.17 -30.97 -16.85
CA TYR B 912 5.90 -31.88 -15.74
C TYR B 912 6.97 -32.95 -15.64
N ASP B 913 7.34 -33.55 -16.78
CA ASP B 913 8.44 -34.50 -16.79
C ASP B 913 9.78 -33.82 -16.52
N ASP B 914 9.94 -32.57 -16.99
CA ASP B 914 11.14 -31.79 -16.71
C ASP B 914 11.27 -31.40 -15.25
N CYS B 915 10.19 -31.52 -14.47
CA CYS B 915 10.29 -31.44 -13.02
C CYS B 915 10.37 -32.81 -12.35
N MET B 916 9.86 -33.86 -12.99
CA MET B 916 10.03 -35.20 -12.45
C MET B 916 11.49 -35.65 -12.48
N GLN B 917 12.19 -35.42 -13.61
CA GLN B 917 13.54 -35.95 -13.75
C GLN B 917 14.58 -34.93 -14.19
N GLN B 918 14.25 -33.65 -14.28
CA GLN B 918 15.25 -32.63 -14.60
C GLN B 918 15.16 -31.45 -13.63
N LEU B 926 13.35 -21.86 -13.11
CA LEU B 926 12.24 -21.18 -13.78
C LEU B 926 11.48 -22.17 -14.66
N ILE B 927 12.24 -23.07 -15.30
CA ILE B 927 11.62 -24.16 -16.04
C ILE B 927 10.88 -25.09 -15.09
N CYS B 928 11.50 -25.40 -13.95
CA CYS B 928 10.87 -26.20 -12.91
C CYS B 928 10.27 -25.37 -11.78
N ALA B 929 10.65 -24.10 -11.68
CA ALA B 929 10.15 -23.23 -10.61
C ALA B 929 8.81 -22.61 -10.94
N GLN B 930 8.24 -22.91 -12.12
CA GLN B 930 6.93 -22.37 -12.47
C GLN B 930 5.82 -22.97 -11.60
N TYR B 931 6.02 -24.18 -11.08
CA TYR B 931 5.04 -24.81 -10.22
C TYR B 931 5.46 -24.85 -8.75
N VAL B 932 6.73 -24.54 -8.44
CA VAL B 932 7.20 -24.54 -7.05
C VAL B 932 6.40 -23.54 -6.23
N ALA B 933 6.16 -22.35 -6.78
CA ALA B 933 5.16 -21.45 -6.21
C ALA B 933 3.80 -21.66 -6.87
N GLY B 934 3.78 -21.90 -8.18
CA GLY B 934 2.56 -22.24 -8.89
C GLY B 934 1.97 -21.08 -9.65
N TYR B 935 2.25 -21.01 -10.95
CA TYR B 935 1.70 -19.96 -11.81
C TYR B 935 1.86 -20.41 -13.25
N LYS B 936 0.83 -20.18 -14.07
CA LYS B 936 0.87 -20.58 -15.47
C LYS B 936 1.60 -19.56 -16.32
N VAL B 937 2.26 -20.05 -17.36
CA VAL B 937 2.84 -19.21 -18.40
C VAL B 937 2.14 -19.55 -19.70
N LEU B 938 1.28 -18.65 -20.17
CA LEU B 938 0.51 -18.93 -21.37
C LEU B 938 1.39 -18.83 -22.61
N PRO B 939 1.22 -19.73 -23.56
CA PRO B 939 1.86 -19.58 -24.87
C PRO B 939 1.25 -18.41 -25.62
N PRO B 940 1.95 -17.83 -26.59
CA PRO B 940 1.41 -16.70 -27.34
C PRO B 940 0.21 -17.11 -28.19
N LEU B 941 -0.47 -16.09 -28.72
CA LEU B 941 -1.74 -16.29 -29.42
C LEU B 941 -1.60 -17.10 -30.70
N MET B 942 -0.42 -17.13 -31.31
CA MET B 942 -0.25 -17.88 -32.54
C MET B 942 1.10 -18.58 -32.54
N ASP B 943 1.14 -19.74 -33.20
CA ASP B 943 2.35 -20.55 -33.29
C ASP B 943 3.38 -19.85 -34.18
N VAL B 944 4.63 -20.29 -34.04
CA VAL B 944 5.78 -19.67 -34.72
C VAL B 944 5.62 -19.70 -36.23
N ASN B 945 4.95 -20.73 -36.77
CA ASN B 945 4.73 -20.81 -38.21
C ASN B 945 3.84 -19.68 -38.70
N MET B 946 2.93 -19.19 -37.87
CA MET B 946 2.10 -18.04 -38.25
C MET B 946 2.95 -16.78 -38.40
N GLU B 947 3.87 -16.54 -37.47
CA GLU B 947 4.80 -15.42 -37.62
C GLU B 947 5.70 -15.60 -38.82
N ALA B 948 6.13 -16.83 -39.10
CA ALA B 948 6.93 -17.11 -40.28
C ALA B 948 6.17 -16.78 -41.55
N ALA B 949 4.89 -17.16 -41.62
CA ALA B 949 4.06 -16.86 -42.77
C ALA B 949 3.84 -15.35 -42.93
N TYR B 950 3.60 -14.65 -41.82
CA TYR B 950 3.40 -13.20 -41.88
C TYR B 950 4.65 -12.49 -42.37
N THR B 951 5.81 -12.84 -41.82
CA THR B 951 7.07 -12.20 -42.24
C THR B 951 7.41 -12.55 -43.68
N SER B 952 7.17 -13.80 -44.09
CA SER B 952 7.43 -14.20 -45.47
C SER B 952 6.52 -13.46 -46.44
N SER B 953 5.24 -13.31 -46.09
CA SER B 953 4.31 -12.58 -46.94
C SER B 953 4.69 -11.11 -47.04
N LEU B 954 5.07 -10.49 -45.91
CA LEU B 954 5.44 -9.09 -45.95
C LEU B 954 6.75 -8.86 -46.70
N LEU B 955 7.69 -9.80 -46.58
CA LEU B 955 8.93 -9.68 -47.34
C LEU B 955 8.70 -9.91 -48.83
N GLY B 956 7.74 -10.78 -49.18
CA GLY B 956 7.41 -10.95 -50.58
C GLY B 956 6.59 -9.81 -51.17
N SER B 957 5.91 -9.05 -50.32
CA SER B 957 5.09 -7.93 -50.79
C SER B 957 5.77 -6.58 -50.65
N ILE B 958 6.90 -6.50 -49.93
CA ILE B 958 7.56 -5.21 -49.74
C ILE B 958 8.14 -4.68 -51.03
N ALA B 959 8.52 -5.57 -51.95
CA ALA B 959 8.97 -5.15 -53.27
C ALA B 959 7.82 -4.66 -54.14
N GLY B 960 6.58 -5.02 -53.83
CA GLY B 960 5.49 -4.79 -54.75
C GLY B 960 4.44 -3.78 -54.33
N VAL B 961 4.28 -3.57 -53.03
CA VAL B 961 3.26 -2.61 -52.58
C VAL B 961 3.68 -1.18 -52.92
N GLY B 962 4.95 -0.84 -52.67
CA GLY B 962 5.39 0.53 -52.83
C GLY B 962 5.88 0.91 -54.21
N TRP B 963 4.96 1.03 -55.17
CA TRP B 963 5.32 1.59 -56.47
C TRP B 963 4.32 2.65 -56.90
N THR B 964 3.09 2.58 -56.39
CA THR B 964 2.05 3.52 -56.73
C THR B 964 1.20 3.75 -55.48
N ALA B 965 0.75 4.99 -55.28
CA ALA B 965 -0.13 5.31 -54.18
C ALA B 965 -1.45 4.56 -54.32
N GLY B 966 -2.00 4.13 -53.19
CA GLY B 966 -3.16 3.27 -53.19
C GLY B 966 -2.77 1.81 -53.12
N LEU B 967 -3.42 1.05 -52.25
CA LEU B 967 -3.04 -0.33 -51.99
C LEU B 967 -3.92 -1.33 -52.71
N SER B 968 -4.75 -0.87 -53.64
CA SER B 968 -5.61 -1.80 -54.39
C SER B 968 -4.80 -2.61 -55.39
N SER B 969 -3.90 -1.97 -56.12
CA SER B 969 -3.08 -2.68 -57.10
C SER B 969 -1.90 -3.36 -56.40
N PHE B 970 -1.23 -4.22 -57.15
CA PHE B 970 -0.01 -4.87 -56.67
C PHE B 970 1.02 -4.85 -57.80
N ALA B 971 2.27 -4.59 -57.44
CA ALA B 971 3.31 -4.27 -58.40
C ALA B 971 4.58 -5.08 -58.09
N ALA B 972 4.43 -6.41 -58.01
CA ALA B 972 5.52 -7.27 -57.54
C ALA B 972 6.66 -7.32 -58.54
N ILE B 973 7.38 -6.21 -58.64
CA ILE B 973 8.54 -5.98 -59.51
C ILE B 973 9.71 -6.83 -59.01
N PRO B 974 10.64 -7.22 -59.88
CA PRO B 974 11.93 -7.70 -59.38
C PRO B 974 12.61 -6.63 -58.55
N PHE B 975 13.36 -7.08 -57.53
CA PHE B 975 13.82 -6.17 -56.48
C PHE B 975 14.84 -5.16 -57.00
N ALA B 976 15.52 -5.48 -58.09
CA ALA B 976 16.52 -4.56 -58.64
C ALA B 976 15.87 -3.29 -59.17
N GLN B 977 14.83 -3.42 -60.00
CA GLN B 977 14.13 -2.23 -60.49
C GLN B 977 13.40 -1.52 -59.37
N SER B 978 12.97 -2.27 -58.34
CA SER B 978 12.36 -1.66 -57.16
C SER B 978 13.32 -0.71 -56.47
N ILE B 979 14.53 -1.19 -56.16
CA ILE B 979 15.46 -0.33 -55.45
C ILE B 979 15.99 0.76 -56.38
N PHE B 980 16.03 0.51 -57.69
CA PHE B 980 16.41 1.56 -58.64
C PHE B 980 15.41 2.71 -58.60
N TYR B 981 14.11 2.41 -58.65
CA TYR B 981 13.12 3.47 -58.63
C TYR B 981 13.03 4.15 -57.27
N ARG B 982 13.18 3.36 -56.19
CA ARG B 982 13.14 3.93 -54.84
C ARG B 982 14.31 4.87 -54.60
N LEU B 983 15.51 4.50 -55.07
CA LEU B 983 16.66 5.37 -54.96
C LEU B 983 16.61 6.53 -55.94
N ASN B 984 15.90 6.37 -57.07
CA ASN B 984 15.73 7.48 -57.99
C ASN B 984 14.78 8.53 -57.43
N GLY B 985 13.76 8.10 -56.68
CA GLY B 985 12.75 9.02 -56.18
C GLY B 985 13.22 9.94 -55.07
N VAL B 986 14.39 9.68 -54.48
CA VAL B 986 14.86 10.47 -53.35
C VAL B 986 15.94 11.48 -53.78
N GLY B 987 15.99 11.83 -55.06
CA GLY B 987 16.90 12.87 -55.52
C GLY B 987 18.17 12.36 -56.15
N ILE B 988 18.07 11.28 -56.93
CA ILE B 988 19.19 10.73 -57.68
C ILE B 988 18.78 10.68 -59.14
N THR B 989 19.64 11.22 -60.02
CA THR B 989 19.39 11.12 -61.45
C THR B 989 19.50 9.67 -61.92
N GLN B 990 18.75 9.35 -62.96
CA GLN B 990 18.68 7.97 -63.45
C GLN B 990 19.97 7.54 -64.14
N GLN B 991 20.80 8.49 -64.59
CA GLN B 991 22.00 8.15 -65.35
C GLN B 991 23.01 7.41 -64.49
N VAL B 992 23.28 7.93 -63.29
CA VAL B 992 24.32 7.34 -62.45
C VAL B 992 23.91 5.97 -61.93
N LEU B 993 22.62 5.78 -61.65
CA LEU B 993 22.17 4.45 -61.26
C LEU B 993 22.14 3.51 -62.46
N SER B 994 21.91 4.06 -63.66
CA SER B 994 21.93 3.22 -64.85
C SER B 994 23.33 2.82 -65.28
N GLU B 995 24.36 3.55 -64.83
CA GLU B 995 25.73 3.19 -65.19
C GLU B 995 26.51 2.52 -64.08
N ASN B 996 26.00 2.53 -62.84
CA ASN B 996 26.78 2.08 -61.69
C ASN B 996 25.97 1.12 -60.83
N GLN B 997 25.36 0.12 -61.47
CA GLN B 997 24.61 -0.90 -60.74
C GLN B 997 25.51 -1.75 -59.85
N LYS B 998 26.72 -2.08 -60.35
CA LYS B 998 27.57 -3.03 -59.66
C LYS B 998 28.13 -2.47 -58.36
N LEU B 999 28.57 -1.21 -58.37
CA LEU B 999 29.16 -0.63 -57.18
C LEU B 999 28.13 -0.43 -56.08
N ILE B 1000 26.93 0.06 -56.44
CA ILE B 1000 25.89 0.23 -55.44
C ILE B 1000 25.38 -1.12 -54.97
N ALA B 1001 25.41 -2.14 -55.84
CA ALA B 1001 25.04 -3.48 -55.40
C ALA B 1001 26.03 -4.04 -54.40
N ASN B 1002 27.33 -3.84 -54.65
CA ASN B 1002 28.35 -4.29 -53.71
C ASN B 1002 28.26 -3.53 -52.39
N LYS B 1003 27.95 -2.22 -52.46
CA LYS B 1003 27.75 -1.43 -51.26
C LYS B 1003 26.56 -1.96 -50.46
N PHE B 1004 25.47 -2.30 -51.16
CA PHE B 1004 24.31 -2.90 -50.50
C PHE B 1004 24.67 -4.22 -49.84
N ASN B 1005 25.46 -5.04 -50.52
CA ASN B 1005 25.83 -6.35 -50.00
C ASN B 1005 26.69 -6.21 -48.73
N GLN B 1006 27.69 -5.34 -48.77
CA GLN B 1006 28.53 -5.17 -47.58
C GLN B 1006 27.77 -4.49 -46.45
N ALA B 1007 26.83 -3.59 -46.79
CA ALA B 1007 26.01 -2.94 -45.77
C ALA B 1007 25.12 -3.95 -45.05
N LEU B 1008 24.50 -4.87 -45.81
CA LEU B 1008 23.68 -5.89 -45.17
C LEU B 1008 24.55 -6.90 -44.41
N GLY B 1009 25.73 -7.21 -44.92
CA GLY B 1009 26.60 -8.15 -44.24
C GLY B 1009 27.33 -7.59 -43.04
N ALA B 1010 27.34 -6.26 -42.87
CA ALA B 1010 28.01 -5.66 -41.73
C ALA B 1010 27.32 -6.02 -40.41
N MET B 1011 26.00 -6.17 -40.42
CA MET B 1011 25.27 -6.40 -39.18
C MET B 1011 25.21 -7.86 -38.77
N GLN B 1012 25.75 -8.78 -39.56
CA GLN B 1012 25.74 -10.19 -39.19
C GLN B 1012 26.57 -10.44 -37.95
N THR B 1013 27.75 -9.83 -37.87
CA THR B 1013 28.59 -9.92 -36.69
C THR B 1013 28.35 -8.78 -35.71
N GLY B 1014 27.43 -7.88 -36.01
CA GLY B 1014 27.20 -6.71 -35.18
C GLY B 1014 26.41 -6.95 -33.92
N PHE B 1015 25.86 -8.16 -33.73
CA PHE B 1015 25.07 -8.44 -32.54
C PHE B 1015 25.94 -8.53 -31.30
N THR B 1016 26.07 -7.42 -30.58
CA THR B 1016 26.86 -7.35 -29.37
C THR B 1016 26.24 -6.29 -28.46
N THR B 1017 27.00 -5.84 -27.47
CA THR B 1017 26.51 -4.80 -26.56
C THR B 1017 26.28 -3.47 -27.27
N THR B 1018 27.03 -3.23 -28.37
CA THR B 1018 26.93 -1.95 -29.08
C THR B 1018 25.59 -1.75 -29.78
N ASN B 1019 24.83 -2.82 -30.00
CA ASN B 1019 23.53 -2.69 -30.65
C ASN B 1019 22.50 -2.23 -29.63
N GLU B 1020 21.85 -1.10 -29.91
CA GLU B 1020 20.80 -0.59 -29.04
C GLU B 1020 19.61 -1.53 -28.99
N ALA B 1021 19.20 -2.05 -30.14
CA ALA B 1021 18.01 -2.89 -30.22
C ALA B 1021 18.24 -4.24 -29.54
N PHE B 1022 19.45 -4.80 -29.67
CA PHE B 1022 19.77 -6.04 -28.96
C PHE B 1022 19.75 -5.82 -27.45
N GLN B 1023 20.23 -4.66 -27.00
CA GLN B 1023 20.18 -4.33 -25.59
C GLN B 1023 18.74 -4.18 -25.11
N LYS B 1024 17.88 -3.59 -25.94
CA LYS B 1024 16.47 -3.49 -25.57
C LYS B 1024 15.79 -4.85 -25.53
N VAL B 1025 16.18 -5.75 -26.44
CA VAL B 1025 15.66 -7.12 -26.41
C VAL B 1025 16.05 -7.81 -25.11
N GLN B 1026 17.33 -7.69 -24.74
CA GLN B 1026 17.80 -8.27 -23.48
C GLN B 1026 17.11 -7.63 -22.29
N ASP B 1027 16.86 -6.33 -22.34
CA ASP B 1027 16.18 -5.65 -21.25
C ASP B 1027 14.73 -6.10 -21.10
N ALA B 1028 14.03 -6.31 -22.22
CA ALA B 1028 12.65 -6.79 -22.15
C ALA B 1028 12.59 -8.22 -21.62
N VAL B 1029 13.49 -9.09 -22.08
CA VAL B 1029 13.52 -10.47 -21.59
C VAL B 1029 13.88 -10.49 -20.10
N ASN B 1030 14.83 -9.65 -19.69
CA ASN B 1030 15.18 -9.54 -18.28
C ASN B 1030 14.03 -8.98 -17.46
N ASN B 1031 13.23 -8.08 -18.03
CA ASN B 1031 12.06 -7.57 -17.34
C ASN B 1031 11.04 -8.65 -17.08
N ASN B 1032 10.78 -9.49 -18.10
CA ASN B 1032 9.91 -10.64 -17.90
C ASN B 1032 10.46 -11.60 -16.85
N ALA B 1033 11.77 -11.84 -16.90
CA ALA B 1033 12.40 -12.76 -15.95
C ALA B 1033 12.32 -12.24 -14.52
N GLN B 1034 12.55 -10.94 -14.32
CA GLN B 1034 12.50 -10.40 -12.97
C GLN B 1034 11.06 -10.26 -12.48
N ALA B 1035 10.11 -10.04 -13.39
CA ALA B 1035 8.71 -10.04 -13.00
C ALA B 1035 8.27 -11.42 -12.51
N LEU B 1036 8.72 -12.48 -13.19
CA LEU B 1036 8.42 -13.82 -12.72
C LEU B 1036 9.18 -14.15 -11.43
N SER B 1037 10.43 -13.68 -11.32
CA SER B 1037 11.23 -13.94 -10.14
C SER B 1037 10.72 -13.21 -8.91
N LYS B 1038 10.01 -12.10 -9.08
CA LYS B 1038 9.39 -11.43 -7.94
C LYS B 1038 8.36 -12.32 -7.27
N LEU B 1039 7.54 -13.02 -8.06
CA LEU B 1039 6.64 -14.02 -7.51
C LEU B 1039 7.42 -15.22 -6.98
N ALA B 1040 8.42 -15.67 -7.71
CA ALA B 1040 9.16 -16.87 -7.33
C ALA B 1040 10.04 -16.68 -6.10
N SER B 1041 10.26 -15.44 -5.66
CA SER B 1041 11.13 -15.17 -4.53
C SER B 1041 10.41 -14.67 -3.29
N GLU B 1042 9.12 -14.35 -3.38
CA GLU B 1042 8.40 -13.81 -2.24
C GLU B 1042 7.99 -14.87 -1.22
N LEU B 1043 8.02 -16.16 -1.60
CA LEU B 1043 7.73 -17.21 -0.64
C LEU B 1043 8.78 -17.32 0.45
N SER B 1044 10.01 -16.89 0.17
CA SER B 1044 11.04 -16.84 1.20
C SER B 1044 10.70 -15.81 2.27
N ASN B 1045 10.06 -14.72 1.90
CA ASN B 1045 9.64 -13.71 2.86
C ASN B 1045 8.56 -14.25 3.78
N THR B 1046 8.66 -13.90 5.06
CA THR B 1046 7.71 -14.37 6.06
C THR B 1046 6.69 -13.33 6.47
N PHE B 1047 6.95 -12.05 6.17
CA PHE B 1047 6.13 -10.91 6.62
C PHE B 1047 5.97 -10.92 8.15
N GLY B 1048 7.07 -11.23 8.83
CA GLY B 1048 7.08 -11.32 10.28
C GLY B 1048 6.72 -12.68 10.85
N ALA B 1049 6.47 -13.68 10.02
CA ALA B 1049 6.20 -15.02 10.51
C ALA B 1049 7.51 -15.71 10.90
N ILE B 1050 7.39 -16.83 11.61
CA ILE B 1050 8.58 -17.58 12.04
C ILE B 1050 9.05 -18.57 10.99
N SER B 1051 8.28 -18.80 9.93
CA SER B 1051 8.65 -19.77 8.93
C SER B 1051 8.05 -19.37 7.59
N ALA B 1052 8.65 -19.89 6.52
CA ALA B 1052 8.20 -19.62 5.16
C ALA B 1052 7.24 -20.67 4.64
N SER B 1053 6.96 -21.72 5.40
CA SER B 1053 6.10 -22.81 4.99
C SER B 1053 4.82 -22.80 5.82
N ILE B 1054 3.68 -22.84 5.14
CA ILE B 1054 2.40 -22.96 5.84
C ILE B 1054 2.29 -24.32 6.52
N GLY B 1055 2.82 -25.36 5.87
CA GLY B 1055 2.80 -26.69 6.48
C GLY B 1055 3.62 -26.77 7.76
N ASP B 1056 4.77 -26.11 7.78
CA ASP B 1056 5.56 -26.04 9.00
C ASP B 1056 4.81 -25.31 10.11
N ILE B 1057 4.07 -24.26 9.75
CA ILE B 1057 3.26 -23.53 10.72
C ILE B 1057 2.17 -24.43 11.28
N ILE B 1058 1.47 -25.16 10.41
CA ILE B 1058 0.34 -25.97 10.86
C ILE B 1058 0.83 -27.20 11.64
N GLN B 1059 2.06 -27.67 11.40
CA GLN B 1059 2.59 -28.79 12.16
C GLN B 1059 3.47 -28.35 13.32
N ARG B 1060 3.64 -27.04 13.54
CA ARG B 1060 4.60 -26.55 14.52
C ARG B 1060 3.98 -25.85 15.72
N LEU B 1061 2.89 -25.10 15.55
CA LEU B 1061 2.52 -24.10 16.53
C LEU B 1061 1.18 -24.40 17.18
N ASP B 1062 0.93 -23.65 18.26
CA ASP B 1062 -0.35 -23.68 18.96
C ASP B 1062 -1.40 -23.08 18.04
N PRO B 1063 -2.57 -23.71 17.90
CA PRO B 1063 -3.59 -23.27 16.91
C PRO B 1063 -3.99 -21.80 16.98
N PRO B 1064 -4.28 -21.20 18.16
CA PRO B 1064 -4.69 -19.78 18.12
C PRO B 1064 -3.59 -18.81 17.66
N GLU B 1065 -2.34 -19.05 18.01
CA GLU B 1065 -1.28 -18.17 17.54
C GLU B 1065 -0.92 -18.45 16.08
N GLN B 1066 -1.02 -19.71 15.64
CA GLN B 1066 -0.76 -20.00 14.24
C GLN B 1066 -1.86 -19.48 13.34
N ASP B 1067 -3.07 -19.27 13.88
CA ASP B 1067 -4.09 -18.56 13.12
C ASP B 1067 -3.65 -17.14 12.79
N ALA B 1068 -3.08 -16.43 13.78
CA ALA B 1068 -2.59 -15.09 13.53
C ALA B 1068 -1.39 -15.09 12.59
N GLN B 1069 -0.50 -16.08 12.73
CA GLN B 1069 0.64 -16.20 11.84
C GLN B 1069 0.19 -16.41 10.39
N ILE B 1070 -0.77 -17.31 10.20
CA ILE B 1070 -1.31 -17.58 8.87
C ILE B 1070 -2.03 -16.35 8.32
N ASP B 1071 -2.74 -15.62 9.18
CA ASP B 1071 -3.43 -14.41 8.74
C ASP B 1071 -2.45 -13.34 8.26
N ARG B 1072 -1.33 -13.17 8.97
CA ARG B 1072 -0.33 -12.21 8.52
C ARG B 1072 0.34 -12.66 7.24
N LEU B 1073 0.54 -13.98 7.08
CA LEU B 1073 1.01 -14.51 5.80
C LEU B 1073 0.03 -14.20 4.67
N ILE B 1074 -1.28 -14.34 4.94
CA ILE B 1074 -2.32 -14.05 3.97
C ILE B 1074 -2.24 -12.58 3.56
N ASN B 1075 -2.11 -11.69 4.54
CA ASN B 1075 -2.07 -10.26 4.26
C ASN B 1075 -0.86 -9.89 3.42
N GLY B 1076 0.32 -10.43 3.78
CA GLY B 1076 1.52 -10.13 3.01
C GLY B 1076 1.47 -10.65 1.59
N ARG B 1077 1.01 -11.89 1.42
CA ARG B 1077 0.92 -12.47 0.08
C ARG B 1077 -0.10 -11.74 -0.77
N LEU B 1078 -1.24 -11.37 -0.19
CA LEU B 1078 -2.25 -10.63 -0.95
C LEU B 1078 -1.76 -9.23 -1.33
N THR B 1079 -0.99 -8.57 -0.46
CA THR B 1079 -0.39 -7.30 -0.83
C THR B 1079 0.58 -7.46 -1.99
N THR B 1080 1.38 -8.52 -1.97
CA THR B 1080 2.31 -8.78 -3.07
C THR B 1080 1.56 -9.04 -4.38
N LEU B 1081 0.48 -9.82 -4.33
CA LEU B 1081 -0.31 -10.07 -5.53
C LEU B 1081 -0.98 -8.80 -6.06
N ASN B 1082 -1.46 -7.93 -5.16
CA ASN B 1082 -2.07 -6.69 -5.61
C ASN B 1082 -1.06 -5.77 -6.28
N ALA B 1083 0.15 -5.68 -5.71
CA ALA B 1083 1.21 -4.90 -6.35
C ALA B 1083 1.59 -5.49 -7.71
N PHE B 1084 1.62 -6.82 -7.80
CA PHE B 1084 1.92 -7.48 -9.07
C PHE B 1084 0.82 -7.23 -10.09
N VAL B 1085 -0.43 -7.15 -9.65
CA VAL B 1085 -1.55 -6.82 -10.54
C VAL B 1085 -1.37 -5.42 -11.11
N ALA B 1086 -1.03 -4.46 -10.24
CA ALA B 1086 -0.83 -3.08 -10.70
C ALA B 1086 0.34 -2.99 -11.68
N GLN B 1087 1.44 -3.69 -11.39
CA GLN B 1087 2.59 -3.70 -12.28
C GLN B 1087 2.25 -4.33 -13.63
N GLN B 1088 1.48 -5.42 -13.61
CA GLN B 1088 1.06 -6.06 -14.86
C GLN B 1088 0.17 -5.13 -15.68
N LEU B 1089 -0.73 -4.40 -15.02
CA LEU B 1089 -1.59 -3.47 -15.76
C LEU B 1089 -0.78 -2.34 -16.38
N VAL B 1090 0.22 -1.82 -15.66
CA VAL B 1090 1.06 -0.76 -16.21
C VAL B 1090 1.86 -1.27 -17.41
N ARG B 1091 2.45 -2.47 -17.27
CA ARG B 1091 3.19 -3.06 -18.38
C ARG B 1091 2.29 -3.35 -19.57
N SER B 1092 1.05 -3.75 -19.32
CA SER B 1092 0.11 -3.98 -20.41
C SER B 1092 -0.23 -2.70 -21.14
N GLU B 1093 -0.41 -1.59 -20.40
CA GLU B 1093 -0.66 -0.31 -21.05
C GLU B 1093 0.51 0.13 -21.91
N SER B 1094 1.74 -0.02 -21.38
CA SER B 1094 2.92 0.33 -22.15
C SER B 1094 3.06 -0.54 -23.39
N ALA B 1095 2.78 -1.83 -23.25
CA ALA B 1095 2.85 -2.75 -24.38
C ALA B 1095 1.82 -2.42 -25.44
N ALA B 1096 0.60 -2.06 -25.03
CA ALA B 1096 -0.42 -1.69 -26.01
C ALA B 1096 -0.06 -0.42 -26.77
N LEU B 1097 0.47 0.59 -26.06
CA LEU B 1097 0.87 1.81 -26.74
C LEU B 1097 2.04 1.56 -27.69
N SER B 1098 3.01 0.75 -27.27
CA SER B 1098 4.12 0.41 -28.15
C SER B 1098 3.66 -0.44 -29.34
N ALA B 1099 2.64 -1.29 -29.13
CA ALA B 1099 2.09 -2.06 -30.24
C ALA B 1099 1.41 -1.16 -31.26
N GLN B 1100 0.68 -0.16 -30.80
CA GLN B 1100 0.08 0.81 -31.72
C GLN B 1100 1.15 1.57 -32.50
N LEU B 1101 2.23 1.98 -31.82
CA LEU B 1101 3.31 2.67 -32.50
C LEU B 1101 4.00 1.76 -33.50
N ALA B 1102 4.17 0.48 -33.16
CA ALA B 1102 4.78 -0.48 -34.07
C ALA B 1102 3.92 -0.70 -35.30
N LYS B 1103 2.60 -0.79 -35.11
CA LYS B 1103 1.69 -0.93 -36.24
C LYS B 1103 1.78 0.27 -37.16
N ASP B 1104 1.84 1.48 -36.59
CA ASP B 1104 1.99 2.69 -37.41
C ASP B 1104 3.31 2.69 -38.16
N LYS B 1105 4.40 2.28 -37.49
CA LYS B 1105 5.71 2.31 -38.13
C LYS B 1105 5.81 1.29 -39.25
N VAL B 1106 5.26 0.08 -39.07
CA VAL B 1106 5.33 -0.91 -40.13
C VAL B 1106 4.33 -0.59 -41.24
N ASN B 1107 3.29 0.19 -40.94
CA ASN B 1107 2.37 0.60 -41.98
C ASN B 1107 2.85 1.80 -42.78
N GLU B 1108 3.75 2.61 -42.23
CA GLU B 1108 4.20 3.80 -42.95
C GLU B 1108 5.46 3.54 -43.76
N CYS B 1109 6.56 3.18 -43.10
CA CYS B 1109 7.87 3.13 -43.74
C CYS B 1109 8.38 1.69 -43.88
N VAL B 1110 7.48 0.75 -44.16
CA VAL B 1110 7.87 -0.59 -44.55
C VAL B 1110 7.21 -0.91 -45.87
N LYS B 1111 5.88 -0.81 -45.93
CA LYS B 1111 5.17 -1.04 -47.17
C LYS B 1111 5.31 0.11 -48.17
N ALA B 1112 5.87 1.24 -47.74
CA ALA B 1112 6.05 2.38 -48.63
C ALA B 1112 7.28 3.16 -48.20
N GLN B 1113 7.79 3.97 -49.11
CA GLN B 1113 8.98 4.79 -48.87
C GLN B 1113 8.53 6.09 -48.23
N SER B 1114 8.74 6.23 -46.93
CA SER B 1114 8.35 7.43 -46.22
C SER B 1114 9.24 8.62 -46.61
N LYS B 1115 8.64 9.79 -46.65
CA LYS B 1115 9.35 11.03 -46.94
C LYS B 1115 9.63 11.85 -45.69
N ARG B 1116 9.17 11.41 -44.52
CA ARG B 1116 9.44 12.14 -43.29
C ARG B 1116 10.89 11.95 -42.89
N SER B 1117 11.55 13.06 -42.57
CA SER B 1117 12.99 13.07 -42.30
C SER B 1117 13.26 12.42 -40.96
N GLY B 1118 13.87 11.23 -40.99
CA GLY B 1118 14.27 10.55 -39.77
C GLY B 1118 13.14 10.10 -38.88
N PHE B 1119 11.98 9.77 -39.46
CA PHE B 1119 10.88 9.29 -38.64
C PHE B 1119 11.17 7.90 -38.08
N CYS B 1120 11.73 7.01 -38.92
CA CYS B 1120 12.03 5.66 -38.50
C CYS B 1120 13.43 5.21 -38.91
N GLY B 1121 14.21 6.08 -39.54
CA GLY B 1121 15.58 5.76 -39.90
C GLY B 1121 16.40 7.01 -40.12
N GLN B 1122 17.59 7.06 -39.54
CA GLN B 1122 18.45 8.24 -39.67
C GLN B 1122 18.91 8.42 -41.11
N GLY B 1123 18.95 9.66 -41.55
CA GLY B 1123 19.20 9.94 -42.95
C GLY B 1123 17.93 9.74 -43.78
N THR B 1124 18.10 9.82 -45.09
CA THR B 1124 16.98 9.62 -46.01
C THR B 1124 16.63 8.13 -46.05
N HIS B 1125 15.44 7.79 -45.57
CA HIS B 1125 14.99 6.41 -45.53
C HIS B 1125 14.78 5.88 -46.95
N ILE B 1126 15.27 4.68 -47.22
CA ILE B 1126 15.12 4.10 -48.55
C ILE B 1126 14.23 2.86 -48.47
N VAL B 1127 14.68 1.82 -47.76
CA VAL B 1127 13.93 0.59 -47.63
C VAL B 1127 14.00 0.11 -46.19
N SER B 1128 13.22 -0.92 -45.88
CA SER B 1128 13.17 -1.45 -44.53
C SER B 1128 12.96 -2.96 -44.59
N PHE B 1129 13.01 -3.58 -43.42
CA PHE B 1129 12.69 -4.99 -43.21
C PHE B 1129 12.14 -5.14 -41.80
N VAL B 1130 11.26 -6.11 -41.61
CA VAL B 1130 10.70 -6.41 -40.29
C VAL B 1130 10.74 -7.91 -40.06
N VAL B 1131 11.14 -8.30 -38.85
CA VAL B 1131 11.14 -9.69 -38.43
C VAL B 1131 10.58 -9.77 -37.02
N ASN B 1132 10.27 -10.99 -36.59
CA ASN B 1132 9.77 -11.19 -35.25
C ASN B 1132 10.91 -11.11 -34.23
N ALA B 1133 10.53 -11.08 -32.96
CA ALA B 1133 11.47 -10.97 -31.84
C ALA B 1133 10.80 -11.58 -30.64
N PRO B 1134 11.56 -12.13 -29.68
CA PRO B 1134 10.96 -12.96 -28.62
C PRO B 1134 9.95 -12.23 -27.74
N ASN B 1135 9.90 -10.91 -27.77
CA ASN B 1135 8.80 -10.18 -27.18
C ASN B 1135 8.27 -9.08 -28.08
N GLY B 1136 8.69 -9.00 -29.34
CA GLY B 1136 8.24 -7.90 -30.16
C GLY B 1136 8.57 -7.96 -31.64
N LEU B 1137 8.79 -6.79 -32.24
CA LEU B 1137 9.11 -6.68 -33.65
C LEU B 1137 10.47 -6.01 -33.79
N TYR B 1138 11.25 -6.49 -34.77
CA TYR B 1138 12.65 -6.11 -34.93
C TYR B 1138 12.82 -5.54 -36.33
N PHE B 1139 13.40 -4.35 -36.42
CA PHE B 1139 13.30 -3.49 -37.60
C PHE B 1139 14.67 -3.22 -38.17
N MET B 1140 14.84 -3.52 -39.46
CA MET B 1140 15.95 -3.07 -40.27
C MET B 1140 15.53 -1.85 -41.08
N HIS B 1141 16.38 -0.82 -41.09
CA HIS B 1141 16.18 0.31 -41.97
C HIS B 1141 17.45 0.52 -42.77
N VAL B 1142 17.36 0.47 -44.09
CA VAL B 1142 18.48 0.77 -44.96
C VAL B 1142 18.21 2.13 -45.59
N GLY B 1143 19.11 3.08 -45.31
CA GLY B 1143 18.91 4.44 -45.71
C GLY B 1143 20.16 5.02 -46.36
N TYR B 1144 19.93 6.11 -47.09
CA TYR B 1144 21.03 6.83 -47.75
C TYR B 1144 21.87 7.55 -46.71
N TYR B 1145 23.19 7.41 -46.80
CA TYR B 1145 24.11 8.09 -45.89
C TYR B 1145 25.14 8.85 -46.70
N PRO B 1146 25.11 10.19 -46.70
CA PRO B 1146 26.08 10.95 -47.46
C PRO B 1146 27.44 11.01 -46.77
N SER B 1147 28.45 11.35 -47.56
CA SER B 1147 29.81 11.50 -47.06
C SER B 1147 30.63 12.30 -48.05
N ASN B 1148 31.59 13.07 -47.52
CA ASN B 1148 32.57 13.86 -48.27
C ASN B 1148 31.87 14.88 -49.18
N HIS B 1149 31.19 15.82 -48.53
CA HIS B 1149 30.53 16.90 -49.24
C HIS B 1149 31.55 17.84 -49.88
N ILE B 1150 31.10 18.53 -50.93
CA ILE B 1150 31.89 19.54 -51.60
C ILE B 1150 31.04 20.80 -51.76
N GLU B 1151 31.71 21.93 -51.92
CA GLU B 1151 31.05 23.21 -52.10
C GLU B 1151 31.15 23.62 -53.57
N VAL B 1152 30.01 24.03 -54.13
CA VAL B 1152 29.88 24.34 -55.55
C VAL B 1152 29.07 25.63 -55.69
N VAL B 1153 29.04 26.13 -56.93
CA VAL B 1153 28.32 27.36 -57.26
C VAL B 1153 27.07 26.99 -58.04
N SER B 1154 25.92 27.44 -57.56
CA SER B 1154 24.66 27.20 -58.23
C SER B 1154 23.82 28.47 -58.18
N ALA B 1155 22.69 28.43 -58.89
CA ALA B 1155 21.85 29.59 -59.06
C ALA B 1155 20.41 29.30 -58.63
N TYR B 1156 19.50 30.22 -58.92
CA TYR B 1156 18.12 30.08 -58.51
C TYR B 1156 17.24 29.48 -59.59
N GLY B 1157 17.62 29.67 -60.85
CA GLY B 1157 16.84 29.24 -62.00
C GLY B 1157 17.19 30.13 -63.17
N LEU B 1158 17.37 29.50 -64.32
CA LEU B 1158 17.88 30.18 -65.50
C LEU B 1158 16.76 30.91 -66.23
N CYS B 1159 17.03 32.13 -66.66
CA CYS B 1159 16.09 32.94 -67.42
C CYS B 1159 16.81 33.56 -68.61
N ASP B 1160 16.10 33.63 -69.74
CA ASP B 1160 16.67 34.27 -70.92
C ASP B 1160 16.69 35.78 -70.74
N ALA B 1161 17.83 36.40 -71.03
CA ALA B 1161 17.92 37.86 -70.95
C ALA B 1161 17.11 38.54 -72.03
N ALA B 1162 17.06 37.95 -73.23
CA ALA B 1162 16.31 38.57 -74.33
C ALA B 1162 14.80 38.45 -74.08
N ASN B 1163 14.35 37.34 -73.52
CA ASN B 1163 12.94 37.12 -73.20
C ASN B 1163 12.83 36.77 -71.72
N PRO B 1164 12.61 37.77 -70.86
CA PRO B 1164 12.41 37.49 -69.42
C PRO B 1164 11.13 36.73 -69.13
N THR B 1165 10.17 36.70 -70.07
CA THR B 1165 8.94 35.93 -69.86
C THR B 1165 9.24 34.44 -69.75
N ASN B 1166 10.14 33.93 -70.59
CA ASN B 1166 10.48 32.51 -70.58
C ASN B 1166 11.50 32.26 -69.47
N CYS B 1167 11.10 31.48 -68.47
CA CYS B 1167 11.96 31.17 -67.34
C CYS B 1167 11.75 29.73 -66.91
N ILE B 1168 12.84 29.04 -66.57
CA ILE B 1168 12.78 27.66 -66.15
C ILE B 1168 13.36 27.52 -64.75
N ALA B 1169 12.84 26.56 -64.00
CA ALA B 1169 13.23 26.27 -62.64
C ALA B 1169 13.43 24.78 -62.48
N PRO B 1170 14.37 24.36 -61.64
CA PRO B 1170 14.75 22.94 -61.62
C PRO B 1170 13.75 22.08 -60.88
N VAL B 1171 13.52 20.90 -61.44
CA VAL B 1171 12.74 19.85 -60.78
C VAL B 1171 13.73 18.97 -60.05
N ASN B 1172 13.59 18.91 -58.72
CA ASN B 1172 14.45 18.25 -57.72
C ASN B 1172 15.95 18.35 -58.05
N GLY B 1173 16.37 19.52 -58.50
CA GLY B 1173 17.76 19.76 -58.86
C GLY B 1173 18.19 21.16 -58.49
N TYR B 1174 19.39 21.60 -58.93
CA TYR B 1174 19.90 22.87 -58.44
C TYR B 1174 20.61 23.73 -59.47
N PHE B 1175 20.61 23.34 -60.76
CA PHE B 1175 21.21 24.12 -61.85
C PHE B 1175 22.69 24.44 -61.60
N ILE B 1176 23.49 23.38 -61.67
CA ILE B 1176 24.90 23.48 -61.31
C ILE B 1176 25.65 24.34 -62.34
N LYS B 1177 26.69 25.02 -61.86
CA LYS B 1177 27.70 25.64 -62.73
C LYS B 1177 28.83 24.66 -62.98
N THR B 1178 29.39 24.71 -64.17
CA THR B 1178 30.36 23.70 -64.58
C THR B 1178 31.76 24.29 -64.71
N ASN B 1179 32.76 23.43 -64.44
CA ASN B 1179 34.16 23.65 -64.79
C ASN B 1179 34.62 22.40 -65.53
N ASN B 1180 34.36 22.37 -66.83
CA ASN B 1180 34.59 21.17 -67.63
C ASN B 1180 34.74 21.51 -69.11
N GLU B 1186 27.39 28.75 -68.82
CA GLU B 1186 27.59 27.32 -69.04
C GLU B 1186 27.12 26.53 -67.82
N TRP B 1187 25.83 26.22 -67.77
CA TRP B 1187 25.25 25.48 -66.66
C TRP B 1187 25.06 24.02 -67.04
N SER B 1188 24.59 23.24 -66.07
CA SER B 1188 24.22 21.85 -66.28
C SER B 1188 23.27 21.44 -65.16
N TYR B 1189 22.81 20.20 -65.21
CA TYR B 1189 21.88 19.69 -64.23
C TYR B 1189 22.58 18.72 -63.28
N THR B 1190 22.21 18.81 -62.00
CA THR B 1190 22.58 17.82 -60.99
C THR B 1190 21.34 17.60 -60.14
N GLY B 1191 21.25 16.41 -59.54
CA GLY B 1191 20.11 16.11 -58.70
C GLY B 1191 20.18 16.75 -57.34
N SER B 1192 19.74 16.03 -56.30
CA SER B 1192 19.75 16.56 -54.95
C SER B 1192 20.50 15.70 -53.96
N SER B 1193 21.02 14.54 -54.37
CA SER B 1193 21.66 13.65 -53.42
C SER B 1193 22.92 12.99 -53.98
N PHE B 1194 23.42 13.42 -55.14
CA PHE B 1194 24.68 12.94 -55.67
C PHE B 1194 25.26 14.00 -56.58
N TYR B 1195 26.58 14.15 -56.55
CA TYR B 1195 27.27 15.15 -57.37
C TYR B 1195 27.59 14.52 -58.73
N ALA B 1196 26.83 14.90 -59.75
CA ALA B 1196 27.06 14.43 -61.11
C ALA B 1196 26.45 15.40 -62.11
N PRO B 1197 27.21 16.38 -62.60
CA PRO B 1197 26.67 17.31 -63.60
C PRO B 1197 26.36 16.60 -64.92
N GLU B 1198 25.31 17.09 -65.58
CA GLU B 1198 24.87 16.54 -66.85
C GLU B 1198 24.00 17.59 -67.54
N PRO B 1199 23.95 17.61 -68.87
CA PRO B 1199 23.26 18.70 -69.57
C PRO B 1199 21.76 18.74 -69.31
N ILE B 1200 21.22 19.95 -69.28
CA ILE B 1200 19.82 20.16 -68.95
C ILE B 1200 18.95 19.88 -70.17
N THR B 1201 17.74 19.40 -69.90
CA THR B 1201 16.74 19.14 -70.93
C THR B 1201 15.41 19.67 -70.42
N SER B 1202 14.34 19.35 -71.15
CA SER B 1202 12.99 19.63 -70.67
C SER B 1202 12.50 18.58 -69.69
N LEU B 1203 13.25 17.50 -69.49
CA LEU B 1203 12.83 16.39 -68.65
C LEU B 1203 13.09 16.62 -67.17
N ASN B 1204 13.70 17.75 -66.80
CA ASN B 1204 14.09 17.96 -65.41
C ASN B 1204 13.83 19.39 -64.94
N THR B 1205 12.95 20.13 -65.60
CA THR B 1205 12.67 21.51 -65.22
C THR B 1205 11.21 21.83 -65.52
N LYS B 1206 10.77 22.97 -65.00
CA LYS B 1206 9.40 23.45 -65.23
C LYS B 1206 9.43 24.94 -65.54
N TYR B 1207 8.48 25.37 -66.37
CA TYR B 1207 8.37 26.76 -66.76
C TYR B 1207 7.64 27.55 -65.68
N VAL B 1208 8.34 28.49 -65.05
CA VAL B 1208 7.82 29.25 -63.92
C VAL B 1208 7.91 30.74 -64.28
N ALA B 1209 6.97 31.52 -63.75
CA ALA B 1209 6.97 32.96 -63.98
C ALA B 1209 8.23 33.60 -63.41
N PRO B 1210 8.77 34.64 -64.06
CA PRO B 1210 10.06 35.19 -63.64
C PRO B 1210 10.00 35.90 -62.29
N GLN B 1211 11.15 35.90 -61.61
CA GLN B 1211 11.37 36.66 -60.40
C GLN B 1211 12.66 37.46 -60.57
N VAL B 1212 12.83 38.47 -59.71
CA VAL B 1212 13.96 39.39 -59.83
C VAL B 1212 15.28 38.68 -59.58
N THR B 1213 15.31 37.72 -58.66
CA THR B 1213 16.56 37.10 -58.26
C THR B 1213 17.06 36.05 -59.24
N TYR B 1214 16.28 35.69 -60.27
CA TYR B 1214 16.75 34.73 -61.24
C TYR B 1214 17.82 35.33 -62.15
N GLN B 1215 18.80 34.49 -62.51
CA GLN B 1215 19.93 34.91 -63.32
C GLN B 1215 19.51 35.05 -64.77
N ASN B 1216 20.13 35.99 -65.47
CA ASN B 1216 19.86 36.21 -66.88
C ASN B 1216 20.97 35.63 -67.75
N ILE B 1217 20.59 35.22 -68.95
CA ILE B 1217 21.55 34.70 -69.92
C ILE B 1217 21.03 34.97 -71.32
N SER B 1218 21.94 35.33 -72.23
CA SER B 1218 21.59 35.51 -73.63
C SER B 1218 22.69 35.02 -74.55
N THR B 1219 23.58 34.17 -74.05
CA THR B 1219 24.73 33.69 -74.81
C THR B 1219 24.50 32.30 -75.39
N ASN B 1220 24.22 31.33 -74.52
CA ASN B 1220 23.98 29.95 -74.94
C ASN B 1220 22.61 29.54 -74.43
N LEU B 1221 21.62 29.53 -75.32
CA LEU B 1221 20.26 29.22 -74.92
C LEU B 1221 20.14 27.75 -74.57
N PRO B 1222 19.56 27.41 -73.41
CA PRO B 1222 19.25 26.01 -73.11
C PRO B 1222 18.19 25.47 -74.06
N PRO B 1223 18.17 24.15 -74.27
CA PRO B 1223 17.16 23.55 -75.15
C PRO B 1223 15.72 23.81 -74.71
N PRO B 1224 15.38 23.88 -73.41
CA PRO B 1224 14.04 24.40 -73.07
C PRO B 1224 13.87 25.88 -73.39
N LEU B 1225 14.93 26.68 -73.27
CA LEU B 1225 14.83 28.12 -73.46
C LEU B 1225 15.09 28.54 -74.90
N LEU B 1226 14.87 27.65 -75.87
CA LEU B 1226 15.03 28.00 -77.27
C LEU B 1226 13.84 28.83 -77.76
N VAL C 22 -2.93 30.86 54.44
CA VAL C 22 -1.59 31.04 54.98
C VAL C 22 -0.94 32.29 54.38
N ASP C 23 -1.73 33.34 54.21
CA ASP C 23 -1.24 34.60 53.66
C ASP C 23 -1.52 35.70 54.67
N VAL C 24 -1.31 36.95 54.25
CA VAL C 24 -1.37 38.10 55.13
C VAL C 24 -2.50 39.02 54.68
N GLY C 25 -2.94 39.89 55.58
CA GLY C 25 -4.03 40.80 55.32
C GLY C 25 -4.97 40.92 56.51
N PRO C 26 -5.22 42.14 56.95
CA PRO C 26 -6.08 42.34 58.13
C PRO C 26 -7.56 42.35 57.78
N ASP C 27 -8.42 42.65 58.76
CA ASP C 27 -9.85 42.75 58.54
C ASP C 27 -10.25 44.22 58.42
N SER C 28 -11.44 44.43 57.84
CA SER C 28 -11.93 45.75 57.50
C SER C 28 -12.73 46.40 58.62
N VAL C 29 -13.48 47.44 58.27
CA VAL C 29 -14.40 48.15 59.15
C VAL C 29 -15.66 47.31 59.34
N LYS C 30 -16.58 47.81 60.16
CA LYS C 30 -17.76 47.07 60.62
C LYS C 30 -18.73 46.65 59.52
N SER C 31 -19.86 46.08 59.90
CA SER C 31 -20.71 45.30 58.99
C SER C 31 -21.66 46.18 58.19
N ALA C 32 -21.26 47.42 57.91
CA ALA C 32 -22.03 48.30 57.05
C ALA C 32 -21.67 48.14 55.59
N CYS C 33 -22.11 47.05 54.95
CA CYS C 33 -21.98 46.92 53.50
C CYS C 33 -22.81 47.97 52.81
N ILE C 34 -22.22 48.68 51.85
CA ILE C 34 -22.87 49.78 51.16
C ILE C 34 -24.00 49.23 50.30
N GLU C 35 -25.14 49.93 50.32
CA GLU C 35 -26.35 49.49 49.61
C GLU C 35 -26.09 49.33 48.12
N VAL C 36 -26.58 48.21 47.59
CA VAL C 36 -26.35 47.82 46.20
C VAL C 36 -27.69 47.87 45.47
N ASP C 37 -27.73 48.61 44.36
CA ASP C 37 -28.97 48.92 43.67
C ASP C 37 -29.15 48.01 42.45
N ILE C 38 -30.29 48.21 41.77
CA ILE C 38 -30.66 47.43 40.60
C ILE C 38 -31.17 48.39 39.53
N GLN C 39 -30.34 48.64 38.50
CA GLN C 39 -30.69 49.60 37.46
C GLN C 39 -30.25 49.07 36.09
N GLN C 40 -30.60 47.82 35.80
CA GLN C 40 -30.13 47.18 34.57
C GLN C 40 -30.71 47.81 33.30
N THR C 41 -31.82 48.54 33.40
CA THR C 41 -32.42 49.17 32.23
C THR C 41 -31.48 50.20 31.60
N PHE C 42 -30.77 50.97 32.44
CA PHE C 42 -29.75 51.88 31.93
C PHE C 42 -28.58 51.13 31.31
N PHE C 43 -28.28 49.93 31.81
CA PHE C 43 -27.15 49.16 31.32
C PHE C 43 -27.45 48.40 30.04
N ASP C 44 -28.69 48.44 29.55
CA ASP C 44 -29.06 47.70 28.34
C ASP C 44 -28.75 48.54 27.11
N LYS C 45 -27.46 48.67 26.82
CA LYS C 45 -27.00 49.34 25.61
C LYS C 45 -25.94 48.46 24.96
N THR C 46 -25.83 48.55 23.63
CA THR C 46 -24.94 47.70 22.87
C THR C 46 -24.00 48.54 22.02
N TRP C 47 -22.70 48.44 22.31
CA TRP C 47 -21.68 48.87 21.37
C TRP C 47 -21.21 47.65 20.59
N PRO C 48 -21.50 47.54 19.31
CA PRO C 48 -21.13 46.33 18.55
C PRO C 48 -19.69 46.37 18.07
N ARG C 49 -18.86 45.51 18.67
CA ARG C 49 -17.50 45.26 18.18
C ARG C 49 -17.22 43.77 18.20
N PRO C 50 -17.69 43.04 17.19
CA PRO C 50 -17.26 41.65 17.02
C PRO C 50 -15.80 41.62 16.55
N ILE C 51 -15.20 40.47 16.68
CA ILE C 51 -13.78 40.36 16.35
C ILE C 51 -13.64 40.21 14.84
N ASP C 52 -12.47 40.61 14.35
CA ASP C 52 -12.12 40.50 12.93
C ASP C 52 -10.80 39.76 12.85
N VAL C 53 -10.85 38.48 12.48
CA VAL C 53 -9.66 37.65 12.41
C VAL C 53 -8.74 38.15 11.30
N SER C 54 -9.31 38.75 10.25
CA SER C 54 -8.50 39.43 9.24
C SER C 54 -7.76 40.62 9.84
N LYS C 55 -8.43 41.39 10.72
CA LYS C 55 -7.74 42.45 11.44
C LYS C 55 -6.86 41.90 12.55
N ALA C 56 -7.07 40.64 12.94
CA ALA C 56 -6.23 39.90 13.89
C ALA C 56 -6.17 40.59 15.25
N ASP C 57 -7.32 40.62 15.92
CA ASP C 57 -7.43 41.10 17.29
C ASP C 57 -7.86 39.96 18.20
N GLY C 58 -7.12 39.78 19.30
CA GLY C 58 -7.44 38.75 20.27
C GLY C 58 -7.21 37.32 19.82
N ILE C 59 -5.95 36.97 19.56
CA ILE C 59 -5.55 35.63 19.15
C ILE C 59 -4.39 35.17 20.01
N ILE C 60 -4.48 33.94 20.52
CA ILE C 60 -3.36 33.34 21.25
C ILE C 60 -2.17 33.18 20.32
N TYR C 61 -1.00 33.55 20.81
CA TYR C 61 0.24 33.32 20.08
C TYR C 61 0.62 31.85 20.20
N PRO C 62 1.51 31.37 19.32
CA PRO C 62 2.19 30.10 19.61
C PRO C 62 2.86 30.14 20.97
N GLN C 63 2.65 29.07 21.73
CA GLN C 63 2.96 29.07 23.15
C GLN C 63 4.47 29.08 23.44
N GLY C 64 5.28 28.43 22.60
CA GLY C 64 6.69 28.35 22.92
C GLY C 64 7.66 28.66 21.79
N ARG C 65 7.17 28.68 20.55
CA ARG C 65 8.05 28.80 19.39
C ARG C 65 7.49 29.85 18.45
N THR C 66 8.13 31.02 18.39
CA THR C 66 7.74 32.03 17.43
C THR C 66 8.23 31.65 16.03
N TYR C 67 7.58 32.22 15.03
CA TYR C 67 7.89 31.99 13.63
C TYR C 67 8.26 33.31 12.97
N SER C 68 8.48 33.27 11.66
CA SER C 68 8.85 34.49 10.94
C SER C 68 8.49 34.37 9.47
N ASN C 69 7.64 35.29 9.01
CA ASN C 69 7.37 35.54 7.59
C ASN C 69 6.85 34.30 6.88
N ILE C 70 5.97 33.55 7.54
CA ILE C 70 5.44 32.31 6.98
C ILE C 70 3.97 32.17 7.34
N THR C 71 3.23 31.46 6.48
CA THR C 71 1.82 31.16 6.71
C THR C 71 1.69 29.73 7.20
N ILE C 72 1.21 29.57 8.43
CA ILE C 72 1.23 28.28 9.12
C ILE C 72 -0.17 27.93 9.58
N THR C 73 -0.61 26.71 9.29
CA THR C 73 -1.80 26.15 9.91
C THR C 73 -1.46 25.69 11.32
N TYR C 74 -2.32 26.01 12.28
CA TYR C 74 -2.00 25.80 13.68
C TYR C 74 -3.29 25.49 14.43
N GLN C 75 -3.27 24.40 15.20
CA GLN C 75 -4.40 24.05 16.05
C GLN C 75 -4.25 24.69 17.41
N GLY C 76 -5.33 25.26 17.92
CA GLY C 76 -5.28 25.91 19.21
C GLY C 76 -6.66 26.27 19.72
N LEU C 77 -6.69 27.24 20.64
CA LEU C 77 -7.91 27.69 21.28
C LEU C 77 -8.22 29.11 20.82
N PHE C 78 -9.41 29.31 20.27
CA PHE C 78 -9.74 30.57 19.60
C PHE C 78 -11.22 30.84 19.78
N PRO C 79 -11.65 32.08 19.56
CA PRO C 79 -13.08 32.36 19.37
C PRO C 79 -13.48 32.32 17.91
N TYR C 80 -14.79 32.15 17.70
CA TYR C 80 -15.34 32.17 16.35
C TYR C 80 -15.27 33.56 15.75
N GLN C 81 -15.36 33.60 14.42
CA GLN C 81 -15.35 34.87 13.69
C GLN C 81 -16.60 35.67 13.98
N GLY C 82 -16.43 36.95 14.33
CA GLY C 82 -17.55 37.87 14.43
C GLY C 82 -18.54 37.56 15.54
N ASP C 83 -18.06 37.07 16.67
CA ASP C 83 -18.93 36.84 17.81
C ASP C 83 -19.32 38.17 18.43
N HIS C 84 -20.62 38.36 18.66
CA HIS C 84 -21.10 39.65 19.15
C HIS C 84 -20.64 39.94 20.57
N GLY C 85 -20.40 38.92 21.38
CA GLY C 85 -19.87 39.13 22.71
C GLY C 85 -20.90 39.12 23.82
N ASP C 86 -20.47 39.61 24.98
CA ASP C 86 -21.09 39.36 26.28
C ASP C 86 -21.17 40.65 27.09
N MET C 87 -21.88 41.64 26.54
CA MET C 87 -21.81 43.06 26.95
C MET C 87 -21.87 43.25 28.47
N TYR C 88 -20.75 43.66 29.04
CA TYR C 88 -20.67 44.12 30.43
C TYR C 88 -19.90 45.44 30.48
N VAL C 89 -20.22 46.25 31.48
CA VAL C 89 -19.59 47.56 31.66
C VAL C 89 -19.84 48.01 33.10
N TYR C 90 -18.93 48.82 33.62
CA TYR C 90 -19.10 49.46 34.92
C TYR C 90 -19.59 50.89 34.75
N SER C 91 -19.81 51.56 35.88
CA SER C 91 -20.19 52.97 35.92
C SER C 91 -19.92 53.51 37.33
N ALA C 92 -20.21 54.79 37.52
CA ALA C 92 -20.03 55.47 38.79
C ALA C 92 -21.35 55.56 39.54
N GLY C 93 -21.25 55.71 40.86
CA GLY C 93 -22.42 55.71 41.72
C GLY C 93 -23.12 57.06 41.76
N HIS C 94 -24.16 57.11 42.59
CA HIS C 94 -24.93 58.33 42.76
C HIS C 94 -24.15 59.36 43.56
N ALA C 95 -24.42 60.63 43.29
CA ALA C 95 -23.78 61.74 43.98
C ALA C 95 -24.59 63.00 43.76
N THR C 96 -24.98 63.67 44.85
CA THR C 96 -25.61 64.98 44.78
C THR C 96 -24.56 66.02 45.17
N GLY C 97 -23.90 66.58 44.16
CA GLY C 97 -22.78 67.48 44.39
C GLY C 97 -21.50 66.74 44.67
N THR C 98 -21.03 66.80 45.91
CA THR C 98 -19.81 66.11 46.33
C THR C 98 -20.07 64.97 47.30
N THR C 99 -21.32 64.73 47.67
CA THR C 99 -21.64 63.70 48.66
C THR C 99 -21.51 62.31 48.02
N PRO C 100 -20.67 61.43 48.56
CA PRO C 100 -20.61 60.06 48.04
C PRO C 100 -21.83 59.25 48.46
N GLN C 101 -22.74 59.04 47.51
CA GLN C 101 -24.01 58.39 47.79
C GLN C 101 -23.96 56.91 47.41
N LYS C 102 -25.14 56.28 47.36
CA LYS C 102 -25.28 54.86 47.08
C LYS C 102 -24.79 54.53 45.68
N LEU C 103 -24.31 53.29 45.50
CA LEU C 103 -23.63 52.88 44.29
C LEU C 103 -24.62 52.71 43.13
N PHE C 104 -24.07 52.29 41.99
CA PHE C 104 -24.85 52.20 40.75
C PHE C 104 -24.26 51.04 39.93
N VAL C 105 -24.85 49.85 40.09
CA VAL C 105 -24.38 48.64 39.43
C VAL C 105 -25.58 47.91 38.82
N ALA C 106 -25.29 46.81 38.14
CA ALA C 106 -26.29 45.98 37.49
C ALA C 106 -26.23 44.56 38.04
N ASN C 107 -26.96 43.64 37.37
CA ASN C 107 -27.17 42.28 37.86
C ASN C 107 -26.09 41.31 37.42
N TYR C 108 -24.88 41.80 37.14
CA TYR C 108 -23.82 40.93 36.61
C TYR C 108 -23.37 39.88 37.61
N SER C 109 -23.55 40.13 38.92
CA SER C 109 -23.22 39.13 39.92
C SER C 109 -24.14 37.92 39.85
N GLN C 110 -25.43 38.13 39.58
CA GLN C 110 -26.40 37.04 39.54
C GLN C 110 -26.21 36.13 38.33
N ASP C 111 -25.50 36.58 37.30
CA ASP C 111 -25.23 35.75 36.13
C ASP C 111 -23.95 34.95 36.36
N VAL C 112 -23.96 33.71 35.87
CA VAL C 112 -22.81 32.82 35.99
C VAL C 112 -22.83 31.87 34.81
N LYS C 113 -21.64 31.59 34.27
CA LYS C 113 -21.49 30.73 33.10
C LYS C 113 -20.38 29.72 33.35
N GLN C 114 -20.39 28.67 32.54
CA GLN C 114 -19.36 27.64 32.63
C GLN C 114 -18.02 28.19 32.18
N PHE C 115 -16.95 27.72 32.83
CA PHE C 115 -15.62 28.18 32.48
C PHE C 115 -15.21 27.72 31.09
N ALA C 116 -15.59 26.48 30.72
CA ALA C 116 -15.31 25.85 29.43
C ALA C 116 -13.79 25.80 29.23
N ASN C 117 -13.24 26.44 28.21
CA ASN C 117 -11.82 26.31 27.88
C ASN C 117 -11.13 27.67 27.88
N GLY C 118 -11.38 28.46 28.91
CA GLY C 118 -10.77 29.77 29.03
C GLY C 118 -11.42 30.80 28.13
N PHE C 119 -11.03 32.07 28.33
CA PHE C 119 -11.66 33.15 27.58
C PHE C 119 -10.71 34.35 27.55
N VAL C 120 -11.00 35.26 26.62
CA VAL C 120 -10.23 36.49 26.47
C VAL C 120 -11.15 37.69 26.55
N VAL C 121 -10.54 38.83 26.87
CA VAL C 121 -11.25 40.09 27.05
C VAL C 121 -10.39 41.21 26.47
N ARG C 122 -10.97 42.00 25.56
CA ARG C 122 -10.30 43.22 25.11
C ARG C 122 -10.60 44.37 26.07
N ILE C 123 -9.68 45.33 26.11
CA ILE C 123 -9.67 46.37 27.12
C ILE C 123 -9.66 47.72 26.43
N GLY C 124 -10.64 48.56 26.74
CA GLY C 124 -10.64 49.95 26.35
C GLY C 124 -10.76 50.21 24.86
N ALA C 125 -11.65 49.52 24.16
CA ALA C 125 -11.82 49.74 22.74
C ALA C 125 -12.57 51.04 22.42
N ALA C 126 -13.25 51.63 23.40
CA ALA C 126 -13.94 52.90 23.21
C ALA C 126 -13.04 54.10 23.49
N ALA C 127 -11.75 53.88 23.68
CA ALA C 127 -10.82 54.94 24.04
C ALA C 127 -10.63 55.90 22.87
N ASN C 128 -10.03 57.07 23.19
CA ASN C 128 -9.83 58.17 22.23
C ASN C 128 -11.14 58.59 21.57
N SER C 129 -12.19 58.71 22.38
CA SER C 129 -13.50 59.08 21.90
C SER C 129 -14.28 59.72 23.04
N THR C 130 -15.42 60.32 22.69
CA THR C 130 -16.33 60.95 23.64
C THR C 130 -17.60 60.11 23.72
N GLY C 131 -17.99 59.75 24.95
CA GLY C 131 -19.14 58.90 25.14
C GLY C 131 -19.95 59.33 26.34
N THR C 132 -21.18 58.84 26.38
CA THR C 132 -22.11 59.20 27.45
C THR C 132 -21.74 58.53 28.75
N VAL C 133 -22.13 59.15 29.85
CA VAL C 133 -22.03 58.55 31.17
C VAL C 133 -23.25 57.67 31.38
N ILE C 134 -23.05 56.50 32.00
CA ILE C 134 -24.11 55.52 32.11
C ILE C 134 -25.18 55.98 33.09
N ILE C 135 -24.78 56.59 34.21
CA ILE C 135 -25.75 56.97 35.23
C ILE C 135 -26.64 58.12 34.74
N SER C 136 -26.08 59.06 33.98
CA SER C 136 -26.85 60.16 33.41
C SER C 136 -26.69 60.14 31.89
N PRO C 137 -27.69 59.68 31.14
CA PRO C 137 -27.54 59.56 29.68
C PRO C 137 -27.31 60.88 28.97
N SER C 138 -27.82 62.00 29.51
CA SER C 138 -27.54 63.30 28.94
C SER C 138 -26.08 63.68 29.13
N THR C 139 -25.47 63.29 30.25
CA THR C 139 -24.09 63.65 30.56
C THR C 139 -23.13 62.80 29.74
N SER C 140 -22.21 63.46 29.05
CA SER C 140 -21.19 62.79 28.25
C SER C 140 -19.84 63.43 28.50
N ALA C 141 -18.78 62.63 28.38
CA ALA C 141 -17.42 63.10 28.63
C ALA C 141 -16.45 62.23 27.86
N THR C 142 -15.17 62.51 28.04
CA THR C 142 -14.11 61.73 27.41
C THR C 142 -14.06 60.33 28.00
N ILE C 143 -13.95 59.33 27.13
CA ILE C 143 -14.00 57.93 27.55
C ILE C 143 -12.65 57.53 28.15
N ARG C 144 -12.68 57.02 29.37
CA ARG C 144 -11.51 56.51 30.07
C ARG C 144 -11.67 55.02 30.31
N LYS C 145 -10.62 54.26 30.01
CA LYS C 145 -10.66 52.82 30.18
C LYS C 145 -10.62 52.45 31.66
N ILE C 146 -11.08 51.24 31.95
CA ILE C 146 -11.03 50.65 33.29
C ILE C 146 -10.86 49.15 33.08
N TYR C 147 -10.45 48.45 34.14
CA TYR C 147 -10.04 47.06 33.99
C TYR C 147 -10.93 46.15 34.84
N PRO C 148 -11.36 45.00 34.30
CA PRO C 148 -12.42 44.22 34.94
C PRO C 148 -11.92 43.11 35.86
N ALA C 149 -12.74 42.76 36.84
CA ALA C 149 -12.39 41.79 37.88
C ALA C 149 -13.14 40.47 37.65
N PHE C 150 -12.48 39.36 37.95
CA PHE C 150 -13.00 38.03 37.62
C PHE C 150 -12.85 37.09 38.80
N MET C 151 -13.94 36.43 39.19
CA MET C 151 -13.88 35.47 40.29
C MET C 151 -14.39 34.12 39.79
N LEU C 152 -13.70 33.05 40.18
CA LEU C 152 -13.81 31.76 39.53
C LEU C 152 -13.81 30.65 40.58
N GLY C 153 -14.43 29.54 40.22
CA GLY C 153 -14.49 28.41 41.13
C GLY C 153 -15.05 27.18 40.43
N SER C 154 -15.47 26.21 41.24
CA SER C 154 -16.03 24.98 40.71
C SER C 154 -17.24 24.48 41.49
N SER C 155 -17.75 25.25 42.45
CA SER C 155 -18.89 24.86 43.26
C SER C 155 -19.85 26.03 43.35
N VAL C 156 -21.10 25.83 42.97
CA VAL C 156 -22.10 26.89 42.92
C VAL C 156 -23.15 26.66 44.00
N GLY C 157 -23.53 27.72 44.70
CA GLY C 157 -24.64 27.71 45.63
C GLY C 157 -25.38 29.03 45.56
N ASN C 158 -26.32 29.21 46.47
CA ASN C 158 -27.04 30.47 46.58
C ASN C 158 -26.81 31.10 47.95
N PHE C 159 -27.11 32.39 48.03
CA PHE C 159 -26.83 33.17 49.24
C PHE C 159 -27.92 32.93 50.28
N SER C 160 -27.94 33.77 51.32
CA SER C 160 -28.97 33.69 52.34
C SER C 160 -30.36 34.03 51.78
N ASP C 161 -30.42 34.90 50.78
CA ASP C 161 -31.67 35.23 50.13
C ASP C 161 -31.97 34.34 48.94
N GLY C 162 -31.13 33.33 48.67
CA GLY C 162 -31.34 32.42 47.56
C GLY C 162 -30.89 32.93 46.21
N LYS C 163 -30.27 34.11 46.14
CA LYS C 163 -29.83 34.65 44.87
C LYS C 163 -28.60 33.92 44.35
N MET C 164 -28.44 33.91 43.04
CA MET C 164 -27.32 33.25 42.41
C MET C 164 -26.04 34.05 42.59
N GLY C 165 -24.94 33.36 42.86
CA GLY C 165 -23.63 34.00 42.93
C GLY C 165 -22.73 33.50 44.04
N ARG C 166 -23.26 32.64 44.92
CA ARG C 166 -22.50 32.14 46.05
C ARG C 166 -21.72 30.90 45.65
N PHE C 167 -20.42 30.92 45.86
CA PHE C 167 -19.57 29.76 45.66
C PHE C 167 -18.95 29.32 46.97
N PHE C 168 -18.54 28.06 47.01
CA PHE C 168 -18.01 27.42 48.20
C PHE C 168 -16.59 26.96 47.94
N ASN C 169 -15.93 26.55 49.02
CA ASN C 169 -14.55 26.03 49.06
C ASN C 169 -13.61 27.12 48.55
N HIS C 170 -12.48 26.73 47.97
CA HIS C 170 -11.50 27.70 47.51
C HIS C 170 -11.97 28.37 46.21
N THR C 171 -11.54 29.62 46.04
CA THR C 171 -12.06 30.48 44.99
C THR C 171 -10.95 31.37 44.47
N LEU C 172 -10.80 31.42 43.13
CA LEU C 172 -9.93 32.39 42.50
C LEU C 172 -10.59 33.75 42.51
N VAL C 173 -9.84 34.78 42.89
CA VAL C 173 -10.29 36.16 42.80
C VAL C 173 -9.21 36.97 42.10
N LEU C 174 -9.61 37.68 41.05
CA LEU C 174 -8.72 38.53 40.26
C LEU C 174 -9.30 39.94 40.30
N LEU C 175 -8.49 40.90 40.73
CA LEU C 175 -8.98 42.26 40.90
C LEU C 175 -7.95 43.27 40.42
N PRO C 176 -8.25 44.03 39.37
CA PRO C 176 -7.45 45.22 39.08
C PRO C 176 -7.71 46.28 40.13
N ASP C 177 -6.67 47.04 40.44
CA ASP C 177 -6.69 47.80 41.68
C ASP C 177 -5.71 48.96 41.56
N GLY C 178 -5.86 49.94 42.45
CA GLY C 178 -5.00 51.10 42.50
C GLY C 178 -5.05 51.95 41.25
N CYS C 179 -6.28 52.32 40.84
CA CYS C 179 -6.53 53.04 39.58
C CYS C 179 -5.94 52.29 38.39
N GLY C 180 -6.18 50.98 38.35
CA GLY C 180 -5.66 50.15 37.28
C GLY C 180 -4.16 49.99 37.24
N THR C 181 -3.53 49.74 38.40
CA THR C 181 -2.09 49.51 38.47
C THR C 181 -1.72 48.12 38.93
N LEU C 182 -2.47 47.54 39.86
CA LEU C 182 -2.16 46.23 40.43
C LEU C 182 -3.19 45.21 39.98
N LEU C 183 -2.78 43.94 39.97
CA LEU C 183 -3.56 42.85 39.40
C LEU C 183 -3.69 41.76 40.48
N ARG C 184 -4.22 42.18 41.64
CA ARG C 184 -4.26 41.34 42.83
C ARG C 184 -5.03 40.05 42.58
N ALA C 185 -4.33 38.92 42.73
CA ALA C 185 -4.90 37.61 42.44
C ALA C 185 -4.68 36.69 43.62
N PHE C 186 -5.70 35.94 44.00
CA PHE C 186 -5.50 34.94 45.05
C PHE C 186 -6.53 33.83 44.95
N TYR C 187 -6.03 32.60 45.06
CA TYR C 187 -6.85 31.40 45.28
C TYR C 187 -7.00 31.24 46.78
N CYS C 188 -8.18 31.52 47.31
CA CYS C 188 -8.27 31.79 48.74
C CYS C 188 -9.63 31.30 49.22
N ILE C 189 -10.03 31.66 50.44
CA ILE C 189 -11.32 31.21 50.97
C ILE C 189 -12.17 32.43 51.27
N LEU C 190 -13.37 32.48 50.67
CA LEU C 190 -14.32 33.55 50.91
C LEU C 190 -15.18 33.22 52.13
N GLU C 191 -15.44 34.24 52.95
CA GLU C 191 -16.26 34.11 54.15
C GLU C 191 -17.25 35.26 54.17
N PRO C 192 -18.55 35.00 54.23
CA PRO C 192 -19.53 36.08 54.18
C PRO C 192 -19.62 36.85 55.49
N ARG C 193 -20.23 38.02 55.39
CA ARG C 193 -20.58 38.85 56.54
C ARG C 193 -22.10 38.99 56.61
N SER C 194 -22.61 39.24 57.82
CA SER C 194 -24.04 39.17 58.09
C SER C 194 -24.62 40.51 58.51
N GLY C 195 -24.07 41.61 58.02
CA GLY C 195 -24.59 42.94 58.33
C GLY C 195 -25.61 43.42 57.32
N ASN C 196 -25.85 44.73 57.36
CA ASN C 196 -26.77 45.36 56.41
C ASN C 196 -26.18 45.35 55.01
N HIS C 197 -26.98 44.90 54.04
CA HIS C 197 -26.60 44.75 52.63
C HIS C 197 -25.41 43.82 52.43
N CYS C 198 -25.16 42.93 53.39
CA CYS C 198 -24.07 41.97 53.38
C CYS C 198 -24.61 40.59 53.01
N PRO C 199 -23.78 39.73 52.37
CA PRO C 199 -24.32 38.49 51.78
C PRO C 199 -24.99 37.53 52.76
N ALA C 200 -24.53 37.45 54.00
CA ALA C 200 -25.21 36.64 54.99
C ALA C 200 -26.20 37.44 55.84
N GLY C 201 -26.41 38.71 55.52
CA GLY C 201 -27.25 39.55 56.34
C GLY C 201 -28.46 40.15 55.64
N ASN C 202 -29.06 41.15 56.27
CA ASN C 202 -30.30 41.74 55.80
C ASN C 202 -30.06 42.69 54.63
N SER C 203 -31.12 42.89 53.84
CA SER C 203 -31.18 43.87 52.75
C SER C 203 -30.10 43.63 51.69
N TYR C 204 -29.77 42.37 51.43
CA TYR C 204 -28.70 42.03 50.50
C TYR C 204 -29.25 41.82 49.10
N THR C 205 -28.62 42.46 48.13
CA THR C 205 -28.94 42.26 46.71
C THR C 205 -27.77 41.72 45.92
N SER C 206 -26.59 42.33 46.06
CA SER C 206 -25.40 41.90 45.34
C SER C 206 -24.18 42.44 46.08
N PHE C 207 -23.00 42.11 45.56
CA PHE C 207 -21.74 42.59 46.11
C PHE C 207 -20.91 43.22 45.01
N ALA C 208 -20.24 44.32 45.35
CA ALA C 208 -19.49 45.10 44.37
C ALA C 208 -18.37 45.84 45.07
N THR C 209 -17.45 46.37 44.27
CA THR C 209 -16.28 47.09 44.76
C THR C 209 -16.44 48.58 44.48
N TYR C 210 -16.24 49.40 45.49
CA TYR C 210 -16.37 50.85 45.34
C TYR C 210 -15.01 51.49 45.08
N HIS C 211 -15.04 52.80 44.86
CA HIS C 211 -13.84 53.57 44.55
C HIS C 211 -14.16 55.05 44.78
N THR C 212 -13.21 55.76 45.41
CA THR C 212 -13.38 57.16 45.76
C THR C 212 -12.19 57.91 45.18
N PRO C 213 -12.20 58.18 43.86
CA PRO C 213 -10.98 58.65 43.18
C PRO C 213 -10.55 60.06 43.55
N ALA C 214 -11.35 60.80 44.34
CA ALA C 214 -10.89 62.10 44.83
C ALA C 214 -9.67 61.94 45.72
N THR C 215 -9.63 60.90 46.55
CA THR C 215 -8.48 60.58 47.36
C THR C 215 -7.81 59.27 46.99
N ASP C 216 -8.51 58.37 46.30
CA ASP C 216 -7.86 57.14 45.84
C ASP C 216 -6.85 57.43 44.74
N CYS C 217 -7.33 57.90 43.58
CA CYS C 217 -6.46 58.24 42.47
C CYS C 217 -5.74 59.54 42.82
N SER C 218 -4.56 59.43 43.43
CA SER C 218 -3.86 60.59 43.95
C SER C 218 -2.37 60.53 43.63
N ASP C 219 -1.59 61.42 44.24
CA ASP C 219 -0.16 61.48 44.01
C ASP C 219 0.53 60.28 44.64
N GLY C 220 0.87 59.28 43.83
CA GLY C 220 1.35 58.02 44.36
C GLY C 220 0.27 57.34 45.18
N ASN C 221 0.68 56.60 46.21
CA ASN C 221 -0.21 56.01 47.22
C ASN C 221 -1.28 55.09 46.62
N TYR C 222 -2.22 55.70 45.89
CA TYR C 222 -3.41 55.05 45.34
C TYR C 222 -4.22 54.40 46.45
N ASN C 223 -4.39 55.14 47.56
CA ASN C 223 -5.22 54.77 48.70
C ASN C 223 -4.71 53.51 49.40
N ARG C 224 -3.41 53.22 49.19
CA ARG C 224 -2.73 51.99 49.56
C ARG C 224 -3.53 50.85 48.94
N ASN C 225 -3.89 51.04 47.66
CA ASN C 225 -4.52 50.04 46.79
C ASN C 225 -5.81 49.47 47.38
N ALA C 226 -6.50 50.32 48.15
CA ALA C 226 -7.66 49.89 48.93
C ALA C 226 -8.92 49.64 48.08
N SER C 227 -8.83 48.73 47.13
CA SER C 227 -10.02 48.05 46.64
C SER C 227 -10.08 46.62 47.15
N LEU C 228 -8.94 46.05 47.52
CA LEU C 228 -8.93 44.83 48.34
C LEU C 228 -9.68 45.07 49.65
N ASN C 229 -9.46 46.24 50.25
CA ASN C 229 -10.19 46.60 51.46
C ASN C 229 -11.68 46.81 51.20
N SER C 230 -12.03 47.37 50.04
CA SER C 230 -13.43 47.50 49.65
C SER C 230 -14.12 46.15 49.48
N PHE C 231 -13.46 45.20 48.82
CA PHE C 231 -13.98 43.85 48.71
C PHE C 231 -13.96 43.13 50.06
N LYS C 232 -13.04 43.52 50.94
CA LYS C 232 -12.96 42.98 52.29
C LYS C 232 -13.91 43.67 53.25
N GLU C 233 -14.52 44.78 52.82
CA GLU C 233 -15.64 45.34 53.58
C GLU C 233 -16.87 44.46 53.43
N TYR C 234 -16.95 43.69 52.34
CA TYR C 234 -18.08 42.82 52.09
C TYR C 234 -17.79 41.36 52.48
N PHE C 235 -16.51 40.97 52.51
CA PHE C 235 -16.14 39.58 52.67
C PHE C 235 -14.98 39.45 53.65
N ASN C 236 -14.58 38.21 53.89
CA ASN C 236 -13.40 37.88 54.69
C ASN C 236 -12.62 36.78 53.97
N LEU C 237 -11.35 36.68 54.27
CA LEU C 237 -10.55 35.71 53.56
C LEU C 237 -9.70 34.84 54.43
N ARG C 238 -9.95 33.53 54.39
CA ARG C 238 -9.23 32.66 55.27
C ARG C 238 -8.47 31.67 54.43
N ASN C 239 -7.72 30.77 55.08
CA ASN C 239 -6.88 29.77 54.39
C ASN C 239 -6.54 30.08 52.94
N CYS C 240 -5.82 31.17 52.74
CA CYS C 240 -5.43 31.60 51.41
C CYS C 240 -4.28 30.74 50.91
N THR C 241 -4.00 30.74 49.61
CA THR C 241 -2.84 29.98 49.12
C THR C 241 -1.69 30.87 48.66
N PHE C 242 -1.94 31.77 47.72
CA PHE C 242 -0.89 32.65 47.21
C PHE C 242 -1.32 34.11 47.21
N MET C 243 -0.35 35.02 47.06
CA MET C 243 -0.66 36.44 47.02
C MET C 243 0.37 37.15 46.13
N TYR C 244 0.14 37.15 44.81
CA TYR C 244 1.07 37.81 43.92
C TYR C 244 0.50 39.16 43.52
N THR C 245 1.38 40.13 43.31
CA THR C 245 1.03 41.45 42.83
C THR C 245 1.84 41.77 41.59
N TYR C 246 1.25 42.50 40.66
CA TYR C 246 1.87 42.80 39.38
C TYR C 246 1.73 44.28 39.08
N ASN C 247 2.80 44.90 38.58
CA ASN C 247 2.78 46.32 38.25
C ASN C 247 2.34 46.53 36.81
N ILE C 248 1.32 47.37 36.63
CA ILE C 248 0.80 47.71 35.31
C ILE C 248 0.73 49.23 35.21
N THR C 249 1.35 49.80 34.19
CA THR C 249 1.31 51.23 33.99
C THR C 249 0.06 51.62 33.21
N GLU C 250 -0.20 52.90 33.11
CA GLU C 250 -1.39 53.32 32.42
C GLU C 250 -1.21 53.66 30.96
N ASP C 251 -2.30 53.61 30.20
CA ASP C 251 -2.24 53.90 28.77
C ASP C 251 -3.63 54.10 28.20
N GLU C 252 -3.77 54.13 26.89
CA GLU C 252 -5.05 54.37 26.27
C GLU C 252 -5.03 53.54 25.06
N ILE C 253 -4.46 52.37 25.20
CA ILE C 253 -4.36 51.52 24.08
C ILE C 253 -5.08 50.25 24.31
N LEU C 254 -5.74 49.76 23.28
CA LEU C 254 -6.47 48.54 23.37
C LEU C 254 -5.63 47.52 23.99
N GLU C 255 -6.10 46.96 25.08
CA GLU C 255 -5.34 46.00 25.78
C GLU C 255 -6.05 44.75 25.71
N TRP C 256 -5.42 43.80 25.17
CA TRP C 256 -6.08 42.51 25.24
C TRP C 256 -5.57 41.74 26.45
N PHE C 257 -6.34 40.75 26.89
CA PHE C 257 -5.98 39.92 28.02
C PHE C 257 -6.65 38.56 27.86
N GLY C 258 -5.98 37.50 28.33
CA GLY C 258 -6.56 36.18 28.25
C GLY C 258 -6.25 35.28 29.43
N ILE C 259 -7.21 34.42 29.79
CA ILE C 259 -7.04 33.45 30.87
C ILE C 259 -7.43 32.07 30.36
N THR C 260 -6.63 31.06 30.72
CA THR C 260 -6.96 29.69 30.36
C THR C 260 -6.39 28.76 31.43
N GLN C 261 -6.78 27.50 31.35
CA GLN C 261 -6.32 26.50 32.29
C GLN C 261 -5.96 25.22 31.54
N THR C 262 -4.79 24.67 31.86
CA THR C 262 -4.34 23.37 31.38
C THR C 262 -3.89 22.55 32.58
N ALA C 263 -3.51 21.30 32.31
CA ALA C 263 -3.05 20.41 33.38
C ALA C 263 -1.76 20.92 34.02
N GLN C 264 -0.98 21.71 33.28
CA GLN C 264 0.18 22.37 33.87
C GLN C 264 -0.25 23.40 34.91
N GLY C 265 -1.30 24.17 34.62
CA GLY C 265 -1.74 25.19 35.54
C GLY C 265 -2.56 26.24 34.83
N VAL C 266 -2.76 27.37 35.52
CA VAL C 266 -3.50 28.49 34.95
C VAL C 266 -2.54 29.38 34.19
N HIS C 267 -2.87 29.70 32.95
CA HIS C 267 -2.06 30.57 32.13
C HIS C 267 -2.76 31.92 31.98
N LEU C 268 -2.02 32.99 32.27
CA LEU C 268 -2.48 34.36 32.09
C LEU C 268 -1.61 35.01 31.02
N PHE C 269 -2.27 35.46 29.95
CA PHE C 269 -1.64 36.01 28.76
C PHE C 269 -2.06 37.47 28.64
N SER C 270 -1.19 38.31 28.08
CA SER C 270 -1.56 39.70 27.88
C SER C 270 -0.75 40.29 26.73
N SER C 271 -0.97 41.59 26.52
CA SER C 271 -0.22 42.40 25.57
C SER C 271 0.56 43.52 26.23
N ARG C 272 0.30 43.79 27.52
CA ARG C 272 0.99 44.87 28.22
C ARG C 272 2.45 44.52 28.50
N TYR C 273 2.84 43.26 28.37
CA TYR C 273 4.22 42.87 28.64
C TYR C 273 5.11 42.93 27.41
N VAL C 274 4.58 42.68 26.22
CA VAL C 274 5.42 42.57 25.03
C VAL C 274 5.05 43.60 23.98
N ASP C 275 3.84 43.53 23.44
CA ASP C 275 3.44 44.29 22.25
C ASP C 275 2.33 45.27 22.63
N LEU C 276 2.73 46.47 23.06
CA LEU C 276 1.75 47.47 23.46
C LEU C 276 1.04 48.06 22.25
N TYR C 277 1.80 48.59 21.29
CA TYR C 277 1.22 49.27 20.15
C TYR C 277 0.63 48.28 19.14
N GLY C 278 0.93 46.99 19.28
CA GLY C 278 0.34 45.96 18.45
C GLY C 278 -0.78 45.29 19.20
N GLY C 279 -0.47 44.17 19.84
CA GLY C 279 -1.43 43.49 20.69
C GLY C 279 -1.75 42.06 20.31
N ASN C 280 -1.21 41.14 21.10
CA ASN C 280 -1.47 39.71 20.98
C ASN C 280 -1.36 39.10 22.37
N MET C 281 -1.23 37.78 22.43
CA MET C 281 -1.09 37.08 23.68
C MET C 281 0.37 36.71 23.93
N PHE C 282 0.79 36.81 25.18
CA PHE C 282 2.10 36.35 25.61
C PHE C 282 2.01 36.03 27.10
N GLN C 283 2.57 34.88 27.48
CA GLN C 283 2.41 34.38 28.84
C GLN C 283 3.18 35.25 29.82
N PHE C 284 2.44 36.03 30.62
CA PHE C 284 3.07 36.77 31.70
C PHE C 284 2.88 36.10 33.05
N ALA C 285 1.89 35.21 33.20
CA ALA C 285 1.74 34.56 34.49
C ALA C 285 1.41 33.08 34.34
N THR C 286 2.02 32.27 35.20
CA THR C 286 1.74 30.83 35.31
C THR C 286 1.38 30.57 36.76
N LEU C 287 0.18 30.06 36.99
CA LEU C 287 -0.33 29.91 38.33
C LEU C 287 -0.49 28.44 38.69
N PRO C 288 -0.06 28.02 39.88
CA PRO C 288 -0.15 26.61 40.30
C PRO C 288 -1.53 26.23 40.83
N VAL C 289 -2.46 26.04 39.90
CA VAL C 289 -3.83 25.69 40.26
C VAL C 289 -3.89 24.22 40.64
N TYR C 290 -4.84 23.88 41.51
CA TYR C 290 -4.99 22.53 42.02
C TYR C 290 -6.15 21.78 41.39
N ASP C 291 -7.22 22.47 41.01
CA ASP C 291 -8.39 21.85 40.43
C ASP C 291 -8.84 22.63 39.21
N THR C 292 -9.49 21.93 38.28
CA THR C 292 -9.99 22.58 37.08
C THR C 292 -11.17 23.49 37.41
N ILE C 293 -11.13 24.71 36.87
CA ILE C 293 -12.19 25.68 37.12
C ILE C 293 -13.38 25.34 36.23
N LYS C 294 -14.58 25.31 36.82
CA LYS C 294 -15.78 24.99 36.08
C LYS C 294 -16.75 26.15 35.93
N TYR C 295 -16.69 27.16 36.80
CA TYR C 295 -17.62 28.27 36.78
C TYR C 295 -16.87 29.57 37.00
N TYR C 296 -17.39 30.64 36.40
CA TYR C 296 -16.75 31.95 36.51
C TYR C 296 -17.80 33.04 36.50
N SER C 297 -17.43 34.20 37.01
CA SER C 297 -18.30 35.38 37.02
C SER C 297 -17.42 36.61 37.15
N ILE C 298 -18.04 37.78 36.98
CA ILE C 298 -17.33 39.04 37.08
C ILE C 298 -17.81 39.78 38.32
N ILE C 299 -16.94 40.61 38.86
CA ILE C 299 -17.25 41.41 40.04
C ILE C 299 -17.74 42.77 39.57
N PRO C 300 -18.94 43.19 39.96
CA PRO C 300 -19.37 44.56 39.65
C PRO C 300 -18.52 45.58 40.38
N HIS C 301 -18.34 46.74 39.75
CA HIS C 301 -17.57 47.80 40.36
C HIS C 301 -18.27 49.14 40.16
N SER C 302 -18.30 49.94 41.21
CA SER C 302 -18.85 51.28 41.17
C SER C 302 -17.81 52.28 41.61
N ILE C 303 -18.05 53.55 41.30
CA ILE C 303 -17.14 54.64 41.61
C ILE C 303 -17.94 55.73 42.33
N ARG C 304 -17.41 56.19 43.46
CA ARG C 304 -18.07 57.28 44.18
C ARG C 304 -17.61 58.63 43.66
N SER C 305 -17.69 58.82 42.35
CA SER C 305 -17.28 60.09 41.75
C SER C 305 -18.36 61.15 41.99
N ILE C 306 -17.92 62.41 42.02
CA ILE C 306 -18.86 63.51 42.16
C ILE C 306 -19.63 63.72 40.86
N GLN C 307 -20.82 64.31 40.99
CA GLN C 307 -21.68 64.51 39.83
C GLN C 307 -21.13 65.56 38.88
N SER C 308 -20.53 66.62 39.43
CA SER C 308 -20.02 67.71 38.60
C SER C 308 -18.79 67.32 37.79
N ASP C 309 -18.14 66.20 38.12
CA ASP C 309 -16.95 65.73 37.42
C ASP C 309 -17.07 64.24 37.14
N ARG C 310 -18.22 63.82 36.60
CA ARG C 310 -18.38 62.43 36.21
C ARG C 310 -17.54 62.10 34.99
N LYS C 311 -17.08 60.86 34.91
CA LYS C 311 -16.20 60.40 33.84
C LYS C 311 -16.90 59.36 32.99
N ALA C 312 -16.63 59.39 31.69
CA ALA C 312 -17.12 58.34 30.80
C ALA C 312 -16.18 57.14 30.86
N TRP C 313 -16.76 55.96 31.07
CA TRP C 313 -15.98 54.74 31.23
C TRP C 313 -16.17 53.85 30.02
N ALA C 314 -15.09 53.22 29.58
CA ALA C 314 -15.13 52.35 28.43
C ALA C 314 -15.88 51.05 28.75
N ALA C 315 -16.20 50.31 27.69
CA ALA C 315 -16.88 49.03 27.80
C ALA C 315 -15.96 47.93 27.32
N PHE C 316 -16.00 46.80 28.00
CA PHE C 316 -15.14 45.67 27.71
C PHE C 316 -15.97 44.52 27.15
N TYR C 317 -15.28 43.62 26.45
CA TYR C 317 -15.92 42.57 25.67
C TYR C 317 -15.36 41.23 26.15
N VAL C 318 -16.18 40.18 26.03
CA VAL C 318 -15.80 38.84 26.50
C VAL C 318 -15.98 37.87 25.34
N TYR C 319 -14.98 37.03 25.09
CA TYR C 319 -15.06 36.00 24.07
C TYR C 319 -14.56 34.68 24.62
N LYS C 320 -15.38 33.64 24.49
CA LYS C 320 -15.03 32.30 24.94
C LYS C 320 -14.18 31.58 23.90
N LEU C 321 -13.27 30.74 24.39
CA LEU C 321 -12.32 30.03 23.52
C LEU C 321 -12.66 28.55 23.45
N GLN C 322 -12.64 28.02 22.24
CA GLN C 322 -12.85 26.63 21.90
C GLN C 322 -11.77 26.18 20.93
N PRO C 323 -11.44 24.89 20.90
CA PRO C 323 -10.34 24.43 20.03
C PRO C 323 -10.75 24.38 18.57
N LEU C 324 -9.98 25.07 17.73
CA LEU C 324 -10.12 25.01 16.28
C LEU C 324 -8.73 24.86 15.65
N THR C 325 -8.68 24.92 14.33
CA THR C 325 -7.45 24.94 13.55
C THR C 325 -7.49 26.15 12.64
N PHE C 326 -6.62 27.12 12.90
CA PHE C 326 -6.60 28.36 12.14
C PHE C 326 -5.43 28.35 11.17
N LEU C 327 -5.37 29.38 10.31
CA LEU C 327 -4.21 29.63 9.48
C LEU C 327 -3.71 31.02 9.80
N LEU C 328 -2.54 31.10 10.44
CA LEU C 328 -1.94 32.35 10.86
C LEU C 328 -0.89 32.76 9.83
N ASP C 329 -0.57 34.05 9.81
CA ASP C 329 0.56 34.55 9.03
C ASP C 329 1.50 35.30 9.95
N PHE C 330 2.79 35.07 9.77
CA PHE C 330 3.83 35.67 10.60
C PHE C 330 4.68 36.59 9.73
N SER C 331 4.85 37.81 10.18
CA SER C 331 5.62 38.82 9.44
C SER C 331 7.11 38.65 9.74
N VAL C 332 7.89 39.67 9.37
CA VAL C 332 9.33 39.64 9.62
C VAL C 332 9.61 39.67 11.11
N ASP C 333 8.91 40.55 11.84
CA ASP C 333 9.06 40.60 13.28
C ASP C 333 8.29 39.48 13.99
N GLY C 334 7.47 38.73 13.26
CA GLY C 334 6.76 37.60 13.84
C GLY C 334 5.49 37.96 14.58
N TYR C 335 5.14 39.25 14.69
CA TYR C 335 3.88 39.64 15.27
C TYR C 335 2.73 39.18 14.38
N ILE C 336 1.65 38.71 15.02
CA ILE C 336 0.50 38.23 14.26
C ILE C 336 -0.24 39.44 13.70
N ARG C 337 -0.33 39.51 12.38
CA ARG C 337 -1.01 40.59 11.69
C ARG C 337 -2.26 40.14 10.93
N ARG C 338 -2.32 38.89 10.50
CA ARG C 338 -3.48 38.40 9.76
C ARG C 338 -3.62 36.90 9.96
N ALA C 339 -4.87 36.45 9.93
CA ALA C 339 -5.20 35.04 10.06
C ALA C 339 -6.55 34.79 9.41
N ILE C 340 -6.81 33.52 9.11
CA ILE C 340 -8.06 33.10 8.51
C ILE C 340 -8.50 31.81 9.18
N ASP C 341 -9.79 31.52 9.10
CA ASP C 341 -10.44 30.48 9.89
C ASP C 341 -10.48 29.18 9.12
N CYS C 342 -11.12 28.17 9.73
CA CYS C 342 -11.49 26.95 9.03
C CYS C 342 -12.95 26.57 9.20
N GLY C 343 -13.68 27.21 10.09
CA GLY C 343 -15.05 26.82 10.36
C GLY C 343 -16.04 27.96 10.39
N PHE C 344 -15.59 29.17 10.06
CA PHE C 344 -16.53 30.29 10.00
C PHE C 344 -17.44 30.17 8.80
N ASN C 345 -16.88 29.88 7.62
CA ASN C 345 -17.68 29.82 6.40
C ASN C 345 -16.96 28.93 5.39
N ASP C 346 -17.49 28.91 4.17
CA ASP C 346 -16.87 28.14 3.09
C ASP C 346 -15.51 28.68 2.70
N LEU C 347 -15.35 30.01 2.70
CA LEU C 347 -14.07 30.60 2.35
C LEU C 347 -13.01 30.32 3.40
N SER C 348 -13.42 30.11 4.65
CA SER C 348 -12.47 29.73 5.69
C SER C 348 -11.85 28.37 5.38
N GLN C 349 -12.68 27.38 5.08
CA GLN C 349 -12.18 26.07 4.68
C GLN C 349 -11.38 26.14 3.39
N LEU C 350 -11.82 26.99 2.45
CA LEU C 350 -11.13 27.16 1.19
C LEU C 350 -9.72 27.71 1.37
N HIS C 351 -9.57 28.72 2.24
CA HIS C 351 -8.24 29.24 2.53
C HIS C 351 -7.39 28.23 3.29
N CYS C 352 -8.00 27.49 4.23
CA CYS C 352 -7.27 26.41 4.87
C CYS C 352 -7.03 25.23 3.94
N SER C 353 -7.81 25.10 2.87
CA SER C 353 -7.54 24.05 1.90
C SER C 353 -6.23 24.28 1.18
N TYR C 354 -5.97 25.53 0.78
CA TYR C 354 -4.74 25.86 0.08
C TYR C 354 -3.63 26.33 1.01
N GLU C 355 -3.94 26.50 2.30
CA GLU C 355 -2.96 26.89 3.34
C GLU C 355 -2.26 28.20 3.00
N SER C 356 -3.00 29.14 2.44
CA SER C 356 -2.44 30.44 2.06
C SER C 356 -3.57 31.46 1.98
N PHE C 357 -3.19 32.73 1.93
CA PHE C 357 -4.15 33.82 1.82
C PHE C 357 -4.59 34.09 0.39
N ASP C 358 -4.04 33.36 -0.59
CA ASP C 358 -4.44 33.53 -1.98
C ASP C 358 -4.87 32.19 -2.55
N VAL C 359 -5.95 32.21 -3.34
CA VAL C 359 -6.46 31.03 -4.00
C VAL C 359 -6.49 31.30 -5.50
N GLU C 360 -7.01 30.35 -6.28
CA GLU C 360 -7.19 30.54 -7.71
C GLU C 360 -8.67 30.53 -8.04
N SER C 361 -9.08 31.44 -8.91
CA SER C 361 -10.49 31.62 -9.23
C SER C 361 -11.04 30.41 -9.97
N GLY C 362 -12.33 30.17 -9.79
CA GLY C 362 -13.00 29.10 -10.48
C GLY C 362 -14.09 28.49 -9.61
N VAL C 363 -14.21 27.17 -9.71
CA VAL C 363 -15.25 26.40 -9.04
C VAL C 363 -14.59 25.47 -8.03
N TYR C 364 -15.14 25.43 -6.82
CA TYR C 364 -14.57 24.62 -5.75
C TYR C 364 -15.67 23.78 -5.11
N SER C 365 -15.37 22.50 -4.88
CA SER C 365 -16.26 21.62 -4.16
C SER C 365 -16.00 21.80 -2.67
N VAL C 366 -16.97 22.38 -1.96
CA VAL C 366 -16.83 22.69 -0.56
C VAL C 366 -17.67 21.66 0.21
N SER C 367 -17.46 21.59 1.53
CA SER C 367 -18.13 20.62 2.37
C SER C 367 -19.65 20.82 2.35
N SER C 368 -20.37 19.72 2.17
CA SER C 368 -21.83 19.76 2.07
C SER C 368 -22.45 19.90 3.45
N PHE C 369 -23.76 20.14 3.46
CA PHE C 369 -24.53 20.23 4.69
C PHE C 369 -25.44 19.01 4.81
N GLU C 370 -26.06 18.88 5.98
CA GLU C 370 -27.00 17.80 6.26
C GLU C 370 -28.31 18.37 6.76
N ALA C 371 -29.42 17.82 6.26
CA ALA C 371 -30.74 18.24 6.71
C ALA C 371 -31.06 17.63 8.06
N LYS C 372 -31.67 18.43 8.94
CA LYS C 372 -32.07 17.94 10.24
C LYS C 372 -33.22 16.95 10.12
N PRO C 373 -33.27 15.94 10.98
CA PRO C 373 -34.43 15.04 11.00
C PRO C 373 -35.67 15.77 11.48
N SER C 374 -36.82 15.31 11.00
CA SER C 374 -38.11 15.91 11.33
C SER C 374 -38.78 15.26 12.53
N GLY C 375 -38.11 14.34 13.20
CA GLY C 375 -38.71 13.63 14.31
C GLY C 375 -38.04 12.28 14.50
N SER C 376 -38.79 11.36 15.10
CA SER C 376 -38.30 10.01 15.33
C SER C 376 -39.48 9.05 15.36
N VAL C 377 -39.28 7.86 14.79
CA VAL C 377 -40.28 6.80 14.82
C VAL C 377 -39.64 5.55 15.42
N VAL C 378 -40.28 4.99 16.45
CA VAL C 378 -39.82 3.76 17.10
C VAL C 378 -41.05 2.87 17.20
N GLU C 379 -41.24 1.99 16.22
CA GLU C 379 -42.43 1.15 16.15
C GLU C 379 -42.08 -0.21 15.57
N GLN C 380 -42.20 -1.25 16.39
CA GLN C 380 -42.16 -2.64 15.95
C GLN C 380 -42.90 -3.43 17.04
N ALA C 381 -42.82 -4.76 17.03
CA ALA C 381 -43.64 -5.59 17.89
C ALA C 381 -43.24 -5.45 19.36
N GLU C 382 -44.24 -5.28 20.22
CA GLU C 382 -44.05 -5.22 21.67
C GLU C 382 -45.13 -6.05 22.33
N GLY C 383 -44.73 -7.18 22.92
CA GLY C 383 -45.67 -8.08 23.56
C GLY C 383 -45.46 -8.29 25.04
N VAL C 384 -44.97 -9.47 25.39
CA VAL C 384 -44.84 -9.90 26.78
C VAL C 384 -43.60 -9.25 27.38
N GLU C 385 -43.54 -9.22 28.70
CA GLU C 385 -42.35 -8.77 29.43
C GLU C 385 -41.48 -9.96 29.78
N CYS C 386 -40.16 -9.79 29.64
CA CYS C 386 -39.23 -10.88 29.93
C CYS C 386 -39.28 -11.26 31.41
N ASP C 387 -39.30 -12.56 31.67
CA ASP C 387 -39.47 -13.08 33.02
C ASP C 387 -38.11 -13.46 33.60
N PHE C 388 -37.79 -12.89 34.77
CA PHE C 388 -36.57 -13.21 35.49
C PHE C 388 -36.85 -13.94 36.80
N SER C 389 -38.05 -14.50 36.94
CA SER C 389 -38.40 -15.21 38.18
C SER C 389 -37.55 -16.45 38.45
N PRO C 390 -37.26 -17.35 37.49
CA PRO C 390 -36.36 -18.47 37.82
C PRO C 390 -34.92 -18.04 38.09
N LEU C 391 -34.52 -16.84 37.66
CA LEU C 391 -33.18 -16.36 37.99
C LEU C 391 -33.02 -16.14 39.49
N LEU C 392 -34.04 -15.57 40.14
CA LEU C 392 -34.00 -15.34 41.58
C LEU C 392 -34.45 -16.55 42.39
N SER C 393 -34.74 -17.67 41.75
CA SER C 393 -35.23 -18.86 42.42
C SER C 393 -34.26 -20.02 42.22
N GLY C 394 -34.28 -20.94 43.17
CA GLY C 394 -33.49 -22.15 43.07
C GLY C 394 -32.05 -21.95 43.50
N THR C 395 -31.39 -23.07 43.78
CA THR C 395 -29.98 -23.04 44.14
C THR C 395 -29.15 -22.72 42.90
N PRO C 396 -28.29 -21.71 42.96
CA PRO C 396 -27.46 -21.36 41.79
C PRO C 396 -26.42 -22.43 41.53
N PRO C 397 -26.33 -22.93 40.30
CA PRO C 397 -25.40 -24.01 39.99
C PRO C 397 -23.96 -23.50 39.88
N GLN C 398 -23.04 -24.43 39.64
CA GLN C 398 -21.62 -24.12 39.68
C GLN C 398 -21.14 -23.54 38.35
N VAL C 399 -19.84 -23.24 38.29
CA VAL C 399 -19.27 -22.56 37.12
C VAL C 399 -19.24 -23.49 35.91
N TYR C 400 -19.04 -24.79 36.13
CA TYR C 400 -19.08 -25.73 35.01
C TYR C 400 -20.51 -26.03 34.58
N ASN C 401 -21.50 -25.57 35.33
CA ASN C 401 -22.91 -25.81 35.04
C ASN C 401 -23.67 -24.50 34.99
N PHE C 402 -23.13 -23.52 34.26
CA PHE C 402 -23.77 -22.22 34.14
C PHE C 402 -25.10 -22.36 33.41
N LYS C 403 -26.18 -21.93 34.07
CA LYS C 403 -27.50 -22.13 33.52
C LYS C 403 -27.79 -21.05 32.49
N ARG C 404 -28.24 -21.49 31.30
CA ARG C 404 -28.52 -20.60 30.18
C ARG C 404 -30.00 -20.25 30.14
N LEU C 405 -30.28 -18.98 29.90
CA LEU C 405 -31.62 -18.49 29.66
C LEU C 405 -31.63 -17.73 28.34
N VAL C 406 -32.52 -18.12 27.45
CA VAL C 406 -32.71 -17.42 26.19
C VAL C 406 -33.81 -16.39 26.37
N PHE C 407 -33.66 -15.26 25.68
CA PHE C 407 -34.66 -14.19 25.73
C PHE C 407 -34.86 -13.67 24.32
N THR C 408 -36.11 -13.76 23.84
CA THR C 408 -36.47 -13.40 22.48
C THR C 408 -37.92 -12.93 22.49
N ASN C 409 -38.17 -11.78 21.87
CA ASN C 409 -39.50 -11.19 21.70
C ASN C 409 -40.17 -10.92 23.06
N CYS C 410 -39.48 -10.12 23.89
CA CYS C 410 -40.07 -9.68 25.14
C CYS C 410 -39.47 -8.33 25.54
N ASN C 411 -39.88 -7.85 26.70
CA ASN C 411 -39.47 -6.55 27.23
C ASN C 411 -38.77 -6.74 28.57
N TYR C 412 -37.70 -6.00 28.79
CA TYR C 412 -36.89 -6.14 29.99
C TYR C 412 -36.72 -4.80 30.69
N ASN C 413 -36.14 -4.85 31.89
CA ASN C 413 -35.88 -3.66 32.70
C ASN C 413 -34.75 -3.99 33.66
N LEU C 414 -33.63 -3.26 33.53
CA LEU C 414 -32.50 -3.49 34.44
C LEU C 414 -32.80 -2.99 35.85
N THR C 415 -33.66 -1.98 35.97
CA THR C 415 -34.04 -1.49 37.30
C THR C 415 -34.87 -2.51 38.07
N LYS C 416 -35.54 -3.42 37.37
CA LYS C 416 -36.18 -4.57 38.01
C LYS C 416 -35.24 -5.77 38.11
N LEU C 417 -34.01 -5.65 37.62
CA LEU C 417 -33.07 -6.77 37.57
C LEU C 417 -31.87 -6.56 38.48
N LEU C 418 -31.15 -5.46 38.32
CA LEU C 418 -29.90 -5.22 39.04
C LEU C 418 -30.13 -4.56 40.40
N SER C 419 -31.36 -4.13 40.69
CA SER C 419 -31.62 -3.47 41.97
C SER C 419 -31.53 -4.43 43.15
N LEU C 420 -31.87 -5.70 42.93
CA LEU C 420 -31.83 -6.71 43.98
C LEU C 420 -30.53 -7.49 43.97
N PHE C 421 -29.43 -6.87 43.55
CA PHE C 421 -28.12 -7.52 43.50
C PHE C 421 -27.11 -6.65 44.23
N SER C 422 -26.32 -7.27 45.12
CA SER C 422 -25.18 -6.61 45.73
C SER C 422 -23.98 -6.84 44.83
N VAL C 423 -23.87 -5.99 43.80
CA VAL C 423 -22.92 -6.21 42.73
C VAL C 423 -21.50 -5.97 43.22
N ASN C 424 -20.58 -6.84 42.83
CA ASN C 424 -19.17 -6.73 43.14
C ASN C 424 -18.34 -6.20 41.97
N ASP C 425 -18.70 -6.56 40.74
CA ASP C 425 -17.91 -6.20 39.58
C ASP C 425 -18.80 -6.17 38.34
N PHE C 426 -18.51 -5.24 37.44
CA PHE C 426 -19.25 -5.08 36.19
C PHE C 426 -18.24 -4.83 35.08
N THR C 427 -17.98 -5.84 34.25
CA THR C 427 -17.05 -5.72 33.15
C THR C 427 -17.77 -5.99 31.84
N CYS C 428 -17.33 -5.33 30.77
CA CYS C 428 -17.97 -5.47 29.48
C CYS C 428 -16.93 -5.44 28.37
N SER C 429 -16.99 -6.43 27.48
CA SER C 429 -16.12 -6.52 26.32
C SER C 429 -16.97 -6.45 25.05
N GLN C 430 -16.49 -5.65 24.10
CA GLN C 430 -17.04 -5.39 22.76
C GLN C 430 -18.33 -4.55 22.84
N ILE C 431 -18.76 -4.17 24.04
CA ILE C 431 -19.97 -3.37 24.21
C ILE C 431 -19.81 -2.53 25.46
N SER C 432 -20.51 -1.39 25.50
CA SER C 432 -20.48 -0.53 26.67
C SER C 432 -21.50 -1.02 27.71
N PRO C 433 -21.24 -0.77 29.00
CA PRO C 433 -22.24 -1.10 30.03
C PRO C 433 -23.56 -0.38 29.86
N ALA C 434 -23.54 0.85 29.34
CA ALA C 434 -24.78 1.61 29.15
C ALA C 434 -25.60 1.08 27.99
N ALA C 435 -25.01 0.29 27.10
CA ALA C 435 -25.75 -0.20 25.93
C ALA C 435 -26.78 -1.26 26.31
N ILE C 436 -26.56 -1.95 27.43
CA ILE C 436 -27.54 -2.94 27.89
C ILE C 436 -28.85 -2.26 28.27
N ALA C 437 -28.76 -1.12 28.97
CA ALA C 437 -29.96 -0.40 29.38
C ALA C 437 -30.65 0.31 28.22
N SER C 438 -29.97 0.47 27.07
CA SER C 438 -30.52 1.26 25.97
C SER C 438 -30.77 0.43 24.72
N ASN C 439 -29.75 -0.27 24.22
CA ASN C 439 -29.84 -0.86 22.89
C ASN C 439 -30.69 -2.12 22.88
N CYS C 440 -31.37 -2.33 21.76
CA CYS C 440 -32.17 -3.52 21.52
C CYS C 440 -31.42 -4.50 20.63
N TYR C 441 -31.81 -5.78 20.73
CA TYR C 441 -31.09 -6.87 20.08
C TYR C 441 -32.09 -7.82 19.45
N SER C 442 -31.57 -8.75 18.64
CA SER C 442 -32.41 -9.85 18.15
C SER C 442 -32.63 -10.90 19.23
N SER C 443 -31.58 -11.26 19.97
CA SER C 443 -31.73 -12.27 21.00
C SER C 443 -30.75 -12.03 22.13
N LEU C 444 -31.07 -12.59 23.30
CA LEU C 444 -30.31 -12.36 24.51
C LEU C 444 -30.01 -13.69 25.17
N ILE C 445 -28.77 -13.88 25.61
CA ILE C 445 -28.32 -15.09 26.28
C ILE C 445 -27.79 -14.70 27.66
N LEU C 446 -28.35 -15.31 28.70
CA LEU C 446 -27.99 -14.98 30.08
C LEU C 446 -27.67 -16.27 30.81
N ASP C 447 -26.40 -16.49 31.15
CA ASP C 447 -26.02 -17.64 31.95
C ASP C 447 -25.62 -17.19 33.34
N TYR C 448 -25.98 -17.99 34.33
CA TYR C 448 -25.64 -17.65 35.72
C TYR C 448 -25.04 -18.86 36.42
N PHE C 449 -24.15 -18.58 37.36
CA PHE C 449 -23.43 -19.63 38.07
C PHE C 449 -23.02 -19.13 39.45
N SER C 450 -22.77 -20.07 40.37
CA SER C 450 -22.21 -19.73 41.66
C SER C 450 -20.71 -19.49 41.51
N TYR C 451 -20.22 -18.39 42.06
CA TYR C 451 -18.84 -18.02 41.83
C TYR C 451 -18.27 -17.16 42.96
N PRO C 452 -17.17 -17.57 43.58
CA PRO C 452 -16.55 -16.75 44.63
C PRO C 452 -15.64 -15.66 44.05
N LEU C 453 -15.27 -14.73 44.92
CA LEU C 453 -14.49 -13.57 44.53
C LEU C 453 -12.98 -13.85 44.52
N SER C 454 -12.57 -15.04 44.97
CA SER C 454 -11.14 -15.33 45.14
C SER C 454 -10.40 -15.38 43.81
N MET C 455 -10.93 -16.14 42.84
CA MET C 455 -10.31 -16.26 41.52
C MET C 455 -10.97 -15.35 40.49
N LYS C 456 -11.39 -14.15 40.95
CA LYS C 456 -12.13 -13.20 40.11
C LYS C 456 -11.35 -12.81 38.85
N SER C 457 -10.02 -12.73 38.94
CA SER C 457 -9.19 -12.31 37.81
C SER C 457 -9.26 -13.29 36.63
N ASP C 458 -9.78 -14.50 36.84
CA ASP C 458 -10.03 -15.46 35.76
C ASP C 458 -11.32 -15.16 35.00
N LEU C 459 -11.90 -13.97 35.15
CA LEU C 459 -13.16 -13.68 34.46
C LEU C 459 -12.93 -13.45 32.96
N SER C 460 -11.77 -12.93 32.59
CA SER C 460 -11.54 -12.49 31.22
C SER C 460 -11.31 -13.68 30.30
N VAL C 461 -11.51 -13.43 28.99
CA VAL C 461 -11.30 -14.47 28.00
C VAL C 461 -9.81 -14.70 27.75
N SER C 462 -8.98 -13.67 28.02
CA SER C 462 -7.55 -13.79 27.79
C SER C 462 -6.84 -14.59 28.86
N SER C 463 -7.46 -14.77 30.02
CA SER C 463 -6.85 -15.55 31.10
C SER C 463 -6.82 -17.02 30.74
N ALA C 464 -5.71 -17.69 31.08
CA ALA C 464 -5.54 -19.10 30.81
C ALA C 464 -5.86 -19.98 32.02
N GLY C 465 -6.70 -19.48 32.93
CA GLY C 465 -7.08 -20.22 34.10
C GLY C 465 -8.00 -21.38 33.78
N PRO C 466 -8.21 -22.27 34.76
CA PRO C 466 -9.03 -23.48 34.50
C PRO C 466 -10.47 -23.18 34.14
N ILE C 467 -11.03 -22.06 34.60
CA ILE C 467 -12.37 -21.65 34.18
C ILE C 467 -12.40 -21.39 32.69
N SER C 468 -11.38 -20.67 32.18
CA SER C 468 -11.22 -20.46 30.75
C SER C 468 -10.32 -21.51 30.11
N GLN C 469 -10.27 -22.71 30.70
CA GLN C 469 -9.64 -23.88 30.10
C GLN C 469 -10.64 -24.99 29.85
N PHE C 470 -11.46 -25.31 30.85
CA PHE C 470 -12.40 -26.42 30.74
C PHE C 470 -13.82 -26.10 31.18
N ASN C 471 -14.07 -24.95 31.80
CA ASN C 471 -15.36 -24.67 32.42
C ASN C 471 -16.24 -23.77 31.56
N TYR C 472 -15.78 -22.57 31.23
CA TYR C 472 -16.67 -21.60 30.60
C TYR C 472 -15.89 -20.68 29.68
N LYS C 473 -16.47 -20.37 28.53
CA LYS C 473 -15.95 -19.39 27.59
C LYS C 473 -17.04 -18.39 27.25
N GLN C 474 -16.69 -17.10 27.24
CA GLN C 474 -17.57 -16.12 26.65
C GLN C 474 -17.51 -16.19 25.14
N SER C 475 -18.53 -15.63 24.49
CA SER C 475 -18.55 -15.58 23.03
C SER C 475 -17.53 -14.54 22.55
N PHE C 476 -16.58 -14.98 21.74
CA PHE C 476 -15.52 -14.08 21.30
C PHE C 476 -16.02 -13.07 20.28
N SER C 477 -16.81 -13.52 19.30
CA SER C 477 -17.33 -12.63 18.28
C SER C 477 -18.49 -11.77 18.77
N ASN C 478 -19.31 -12.30 19.68
CA ASN C 478 -20.45 -11.55 20.18
C ASN C 478 -20.05 -10.69 21.37
N PRO C 479 -20.69 -9.53 21.53
CA PRO C 479 -20.41 -8.69 22.70
C PRO C 479 -20.86 -9.37 23.99
N THR C 480 -20.03 -9.28 25.02
CA THR C 480 -20.28 -9.99 26.27
C THR C 480 -20.07 -9.06 27.45
N CYS C 481 -20.72 -9.39 28.57
CA CYS C 481 -20.45 -8.73 29.84
C CYS C 481 -20.52 -9.74 30.98
N LEU C 482 -19.75 -9.45 32.03
CA LEU C 482 -19.67 -10.25 33.23
C LEU C 482 -20.07 -9.41 34.42
N ILE C 483 -20.91 -9.97 35.28
CA ILE C 483 -21.41 -9.29 36.47
C ILE C 483 -21.19 -10.21 37.67
N LEU C 484 -20.37 -9.76 38.61
CA LEU C 484 -20.17 -10.49 39.86
C LEU C 484 -20.94 -9.78 40.95
N ALA C 485 -21.80 -10.52 41.66
CA ALA C 485 -22.71 -9.95 42.63
C ALA C 485 -22.77 -10.84 43.85
N THR C 486 -23.55 -10.40 44.85
CA THR C 486 -23.71 -11.08 46.12
C THR C 486 -25.19 -11.03 46.51
N VAL C 487 -25.63 -12.04 47.25
CA VAL C 487 -27.01 -12.08 47.74
C VAL C 487 -27.22 -10.92 48.72
N PRO C 488 -28.28 -10.14 48.58
CA PRO C 488 -28.62 -9.15 49.62
C PRO C 488 -29.03 -9.85 50.91
N HIS C 489 -28.73 -9.18 52.03
CA HIS C 489 -29.02 -9.77 53.34
C HIS C 489 -30.52 -9.87 53.59
N ASN C 490 -31.29 -8.89 53.14
CA ASN C 490 -32.75 -8.95 53.20
C ASN C 490 -33.33 -9.55 51.92
N LEU C 491 -32.80 -10.71 51.53
CA LEU C 491 -33.27 -11.43 50.35
C LEU C 491 -32.94 -12.90 50.56
N THR C 492 -33.96 -13.69 50.89
CA THR C 492 -33.79 -15.07 51.30
C THR C 492 -34.42 -16.04 50.28
N THR C 493 -35.19 -15.52 49.31
CA THR C 493 -35.91 -16.36 48.37
C THR C 493 -34.98 -17.18 47.48
N ILE C 494 -33.75 -16.74 47.29
CA ILE C 494 -32.74 -17.56 46.64
C ILE C 494 -31.88 -18.19 47.73
N THR C 495 -31.38 -19.39 47.47
CA THR C 495 -30.70 -20.18 48.48
C THR C 495 -29.19 -20.16 48.24
N LYS C 496 -28.46 -20.88 49.10
CA LYS C 496 -27.01 -20.92 49.06
C LYS C 496 -26.55 -22.38 49.05
N PRO C 497 -25.53 -22.70 48.26
CA PRO C 497 -25.02 -24.07 48.21
C PRO C 497 -24.02 -24.30 49.35
N LEU C 498 -23.48 -25.52 49.40
CA LEU C 498 -22.51 -25.86 50.42
C LEU C 498 -21.16 -25.19 50.17
N LYS C 499 -20.68 -25.24 48.92
CA LYS C 499 -19.39 -24.67 48.57
C LYS C 499 -19.33 -24.44 47.07
N TYR C 500 -18.38 -23.62 46.65
CA TYR C 500 -18.08 -23.46 45.24
C TYR C 500 -17.13 -24.58 44.79
N SER C 501 -17.15 -24.87 43.49
CA SER C 501 -16.29 -25.92 42.96
C SER C 501 -16.05 -25.67 41.48
N TYR C 502 -14.91 -26.17 40.99
CA TYR C 502 -14.58 -26.03 39.58
C TYR C 502 -13.66 -27.17 39.16
N ILE C 503 -13.42 -27.24 37.85
CA ILE C 503 -12.60 -28.29 37.23
C ILE C 503 -11.25 -27.70 36.87
N ASN C 504 -10.18 -28.38 37.24
CA ASN C 504 -8.83 -27.94 36.94
C ASN C 504 -8.12 -28.81 35.92
N LYS C 505 -8.71 -29.95 35.54
CA LYS C 505 -8.12 -30.83 34.54
C LYS C 505 -9.23 -31.57 33.81
N CYS C 506 -9.16 -31.57 32.48
CA CYS C 506 -10.12 -32.28 31.65
C CYS C 506 -9.38 -32.81 30.43
N SER C 507 -9.03 -34.11 30.47
CA SER C 507 -8.33 -34.77 29.38
C SER C 507 -8.94 -36.14 29.16
N ARG C 508 -8.48 -36.81 28.11
CA ARG C 508 -8.96 -38.14 27.75
C ARG C 508 -7.80 -39.08 27.50
N LEU C 509 -8.01 -40.36 27.83
CA LEU C 509 -7.09 -41.42 27.45
C LEU C 509 -7.39 -41.89 26.04
N LEU C 510 -6.36 -42.36 25.35
CA LEU C 510 -6.55 -43.01 24.06
C LEU C 510 -6.59 -44.52 24.23
N SER C 511 -6.72 -45.23 23.12
CA SER C 511 -6.79 -46.69 23.15
C SER C 511 -5.46 -47.34 23.53
N ASP C 512 -4.36 -46.60 23.46
CA ASP C 512 -3.06 -47.13 23.88
C ASP C 512 -2.86 -47.04 25.39
N ASP C 513 -3.73 -46.32 26.09
CA ASP C 513 -3.67 -46.14 27.55
C ASP C 513 -2.34 -45.52 28.00
N ARG C 514 -1.77 -44.65 27.17
CA ARG C 514 -0.45 -44.12 27.44
C ARG C 514 -0.40 -42.61 27.25
N THR C 515 -1.26 -42.08 26.39
CA THR C 515 -1.23 -40.68 26.00
C THR C 515 -2.53 -39.99 26.44
N GLU C 516 -2.40 -38.74 26.87
CA GLU C 516 -3.51 -37.94 27.34
C GLU C 516 -3.72 -36.76 26.40
N VAL C 517 -4.94 -36.58 25.93
CA VAL C 517 -5.29 -35.46 25.06
C VAL C 517 -6.21 -34.53 25.85
N PRO C 518 -5.81 -33.28 26.11
CA PRO C 518 -6.71 -32.34 26.77
C PRO C 518 -7.80 -31.86 25.83
N GLN C 519 -8.89 -31.39 26.43
CA GLN C 519 -10.01 -30.81 25.69
C GLN C 519 -10.20 -29.35 26.08
N LEU C 520 -10.43 -28.51 25.07
CA LEU C 520 -10.69 -27.10 25.26
C LEU C 520 -12.15 -26.83 24.90
N VAL C 521 -12.93 -26.39 25.88
CA VAL C 521 -14.32 -26.05 25.63
C VAL C 521 -14.38 -24.75 24.83
N ASN C 522 -15.31 -24.69 23.88
CA ASN C 522 -15.49 -23.49 23.06
C ASN C 522 -16.50 -22.56 23.74
N ALA C 523 -16.95 -21.54 23.00
CA ALA C 523 -17.86 -20.56 23.57
C ALA C 523 -19.26 -21.14 23.69
N ASN C 524 -19.86 -20.98 24.87
CA ASN C 524 -21.25 -21.31 25.16
C ASN C 524 -21.57 -22.78 24.90
N GLN C 525 -20.63 -23.66 25.23
CA GLN C 525 -20.90 -25.10 25.23
C GLN C 525 -20.29 -25.69 26.49
N TYR C 526 -20.31 -27.02 26.59
CA TYR C 526 -19.83 -27.73 27.76
C TYR C 526 -18.91 -28.85 27.35
N SER C 527 -17.80 -29.00 28.08
CA SER C 527 -16.90 -30.11 27.87
C SER C 527 -17.59 -31.42 28.25
N PRO C 528 -17.27 -32.52 27.56
CA PRO C 528 -17.89 -33.82 27.91
C PRO C 528 -17.54 -34.32 29.30
N CYS C 529 -16.45 -33.82 29.92
CA CYS C 529 -16.04 -34.31 31.22
C CYS C 529 -16.97 -33.86 32.36
N VAL C 530 -18.01 -33.07 32.08
CA VAL C 530 -19.05 -32.84 33.08
C VAL C 530 -20.00 -34.03 33.19
N SER C 531 -19.91 -34.99 32.26
CA SER C 531 -20.73 -36.19 32.36
C SER C 531 -20.25 -37.15 33.44
N ILE C 532 -19.05 -36.97 33.97
CA ILE C 532 -18.49 -37.87 34.96
C ILE C 532 -18.39 -37.23 36.34
N VAL C 533 -18.47 -35.91 36.44
CA VAL C 533 -18.42 -35.20 37.72
C VAL C 533 -19.77 -34.52 37.92
N PRO C 534 -20.42 -34.71 39.08
CA PRO C 534 -21.72 -34.05 39.31
C PRO C 534 -21.61 -32.55 39.53
N SER C 535 -22.73 -31.91 39.83
CA SER C 535 -22.74 -30.46 40.02
C SER C 535 -21.97 -30.04 41.27
N THR C 536 -21.84 -30.91 42.26
CA THR C 536 -21.12 -30.63 43.48
C THR C 536 -19.90 -31.54 43.55
N VAL C 537 -18.71 -30.94 43.46
CA VAL C 537 -17.48 -31.70 43.68
C VAL C 537 -17.32 -31.97 45.17
N TRP C 538 -16.99 -33.22 45.51
CA TRP C 538 -17.02 -33.65 46.91
C TRP C 538 -15.92 -32.96 47.72
N GLU C 539 -14.70 -32.92 47.20
CA GLU C 539 -13.58 -32.35 47.95
C GLU C 539 -12.51 -31.86 46.99
N ASP C 540 -11.42 -31.33 47.56
CA ASP C 540 -10.30 -30.85 46.77
C ASP C 540 -9.57 -32.02 46.13
N GLY C 541 -9.12 -31.80 44.89
CA GLY C 541 -8.38 -32.82 44.16
C GLY C 541 -9.17 -34.05 43.82
N ASP C 542 -10.47 -33.92 43.59
CA ASP C 542 -11.29 -35.07 43.24
C ASP C 542 -10.99 -35.54 41.83
N TYR C 543 -10.71 -36.83 41.68
CA TYR C 543 -10.31 -37.43 40.42
C TYR C 543 -11.35 -38.45 40.00
N TYR C 544 -11.82 -38.36 38.75
CA TYR C 544 -12.88 -39.24 38.27
C TYR C 544 -12.57 -39.73 36.86
N ARG C 545 -13.15 -40.89 36.54
CA ARG C 545 -12.86 -41.63 35.32
C ARG C 545 -14.16 -42.19 34.77
N LYS C 546 -14.17 -42.45 33.46
CA LYS C 546 -15.26 -43.18 32.83
C LYS C 546 -14.81 -43.84 31.53
N GLN C 547 -15.26 -45.07 31.30
CA GLN C 547 -14.99 -45.77 30.07
C GLN C 547 -15.75 -45.12 28.91
N LEU C 548 -15.07 -45.00 27.77
CA LEU C 548 -15.65 -44.40 26.57
C LEU C 548 -15.81 -45.46 25.48
N SER C 549 -16.96 -45.40 24.80
CA SER C 549 -17.24 -46.33 23.72
C SER C 549 -16.35 -46.04 22.52
N PRO C 550 -15.99 -47.07 21.73
CA PRO C 550 -15.19 -46.82 20.52
C PRO C 550 -15.86 -45.92 19.50
N LEU C 551 -17.19 -45.93 19.45
CA LEU C 551 -17.91 -44.96 18.62
C LEU C 551 -17.74 -43.54 19.15
N GLU C 552 -17.58 -43.39 20.46
CA GLU C 552 -17.31 -42.09 21.08
C GLU C 552 -15.83 -41.84 21.31
N GLY C 553 -14.96 -42.50 20.53
CA GLY C 553 -13.53 -42.30 20.60
C GLY C 553 -12.77 -43.37 21.35
N GLY C 554 -13.45 -44.17 22.18
CA GLY C 554 -12.79 -45.22 22.91
C GLY C 554 -11.97 -44.71 24.09
N GLY C 555 -11.32 -45.65 24.76
CA GLY C 555 -10.47 -45.30 25.88
C GLY C 555 -11.25 -44.83 27.10
N TRP C 556 -10.63 -43.94 27.85
CA TRP C 556 -11.21 -43.42 29.08
C TRP C 556 -11.17 -41.90 29.12
N LEU C 557 -12.08 -41.34 29.89
CA LEU C 557 -12.17 -39.90 30.12
C LEU C 557 -11.88 -39.64 31.59
N VAL C 558 -11.03 -38.65 31.86
CA VAL C 558 -10.65 -38.30 33.22
C VAL C 558 -10.98 -36.84 33.49
N ALA C 559 -11.20 -36.54 34.76
CA ALA C 559 -11.41 -35.17 35.18
C ALA C 559 -10.95 -35.00 36.62
N SER C 560 -10.36 -33.83 36.91
CA SER C 560 -9.95 -33.48 38.26
C SER C 560 -10.53 -32.13 38.63
N GLY C 561 -11.01 -32.02 39.88
CA GLY C 561 -11.69 -30.83 40.32
C GLY C 561 -11.25 -30.43 41.72
N SER C 562 -11.50 -29.16 42.02
CA SER C 562 -11.18 -28.58 43.32
C SER C 562 -12.37 -27.77 43.82
N THR C 563 -12.35 -27.46 45.10
CA THR C 563 -13.45 -26.78 45.77
C THR C 563 -12.92 -25.57 46.54
N VAL C 564 -13.81 -24.60 46.73
CA VAL C 564 -13.56 -23.41 47.54
C VAL C 564 -14.71 -23.27 48.52
N ALA C 565 -14.39 -23.04 49.79
CA ALA C 565 -15.37 -23.12 50.86
C ALA C 565 -16.37 -21.96 50.78
N MET C 566 -17.47 -22.12 51.52
CA MET C 566 -18.53 -21.13 51.55
C MET C 566 -18.07 -19.87 52.26
N THR C 567 -18.51 -18.72 51.74
CA THR C 567 -18.26 -17.44 52.38
C THR C 567 -19.41 -17.09 53.32
N GLU C 568 -19.36 -15.89 53.89
CA GLU C 568 -20.44 -15.46 54.78
C GLU C 568 -21.72 -15.17 54.01
N GLN C 569 -21.60 -14.71 52.77
CA GLN C 569 -22.75 -14.49 51.89
C GLN C 569 -22.42 -15.01 50.50
N LEU C 570 -23.41 -15.57 49.83
CA LEU C 570 -23.18 -16.21 48.54
C LEU C 570 -22.92 -15.17 47.46
N GLN C 571 -21.83 -15.37 46.72
CA GLN C 571 -21.51 -14.57 45.55
C GLN C 571 -21.74 -15.40 44.29
N MET C 572 -22.15 -14.73 43.21
CA MET C 572 -22.46 -15.43 41.98
C MET C 572 -22.10 -14.56 40.79
N GLY C 573 -22.09 -15.18 39.62
CA GLY C 573 -21.73 -14.50 38.39
C GLY C 573 -22.80 -14.65 37.32
N PHE C 574 -22.99 -13.58 36.55
CA PHE C 574 -23.92 -13.51 35.45
C PHE C 574 -23.16 -13.11 34.19
N GLY C 575 -23.15 -13.98 33.19
CA GLY C 575 -22.67 -13.62 31.87
C GLY C 575 -23.85 -13.27 30.99
N ILE C 576 -23.74 -12.15 30.28
CA ILE C 576 -24.78 -11.70 29.38
C ILE C 576 -24.18 -11.51 28.00
N THR C 577 -24.92 -11.90 26.97
CA THR C 577 -24.46 -11.90 25.60
C THR C 577 -25.61 -11.48 24.70
N VAL C 578 -25.32 -10.59 23.75
CA VAL C 578 -26.35 -10.04 22.87
C VAL C 578 -26.11 -10.55 21.46
N GLN C 579 -27.19 -10.63 20.68
CA GLN C 579 -27.10 -10.98 19.28
C GLN C 579 -28.04 -10.08 18.48
N TYR C 580 -27.52 -9.54 17.38
CA TYR C 580 -28.21 -8.51 16.61
C TYR C 580 -28.93 -9.03 15.38
N GLY C 581 -28.41 -10.07 14.73
CA GLY C 581 -29.01 -10.57 13.51
C GLY C 581 -29.35 -12.04 13.55
N THR C 582 -29.84 -12.54 14.69
CA THR C 582 -30.11 -13.97 14.85
C THR C 582 -31.59 -14.29 15.02
N ASP C 583 -32.45 -13.31 15.15
CA ASP C 583 -33.90 -13.50 15.27
C ASP C 583 -34.55 -12.16 14.97
N THR C 584 -35.84 -12.06 15.25
CA THR C 584 -36.53 -10.77 15.20
C THR C 584 -35.93 -9.82 16.23
N ASN C 585 -35.57 -8.62 15.78
CA ASN C 585 -35.02 -7.62 16.69
C ASN C 585 -36.13 -7.09 17.59
N SER C 586 -36.31 -7.70 18.75
CA SER C 586 -37.52 -7.48 19.53
C SER C 586 -37.33 -7.42 21.04
N VAL C 587 -36.12 -7.50 21.56
CA VAL C 587 -35.90 -7.38 23.00
C VAL C 587 -35.50 -5.94 23.31
N CYS C 588 -36.41 -5.21 23.96
CA CYS C 588 -36.25 -3.78 24.19
C CYS C 588 -36.64 -3.44 25.62
N PRO C 589 -36.07 -2.37 26.18
CA PRO C 589 -36.56 -1.88 27.47
C PRO C 589 -37.94 -1.24 27.33
N LYS C 590 -38.62 -1.15 28.46
CA LYS C 590 -39.91 -0.46 28.49
C LYS C 590 -39.72 1.02 28.18
N LEU C 591 -40.58 1.55 27.31
CA LEU C 591 -40.40 2.88 26.78
C LEU C 591 -41.73 3.63 26.83
N GLU C 592 -41.66 4.94 26.84
CA GLU C 592 -42.85 5.78 26.75
C GLU C 592 -43.29 5.81 25.29
N PHE C 593 -44.21 4.91 24.92
CA PHE C 593 -44.67 4.79 23.54
C PHE C 593 -45.81 5.79 23.33
N ALA C 594 -45.43 7.05 23.18
CA ALA C 594 -46.39 8.10 22.91
C ALA C 594 -46.85 8.05 21.45
N ASN C 595 -47.82 8.89 21.12
CA ASN C 595 -48.43 8.87 19.80
C ASN C 595 -47.53 9.45 18.71
N ASP C 596 -46.41 10.08 19.06
CA ASP C 596 -45.53 10.68 18.06
C ASP C 596 -44.44 9.71 17.60
N THR C 597 -44.86 8.50 17.21
CA THR C 597 -43.96 7.48 16.70
C THR C 597 -44.49 6.78 15.45
N LYS C 598 -45.64 7.19 14.93
CA LYS C 598 -46.26 6.49 13.81
C LYS C 598 -45.47 6.72 12.53
N ILE C 599 -45.27 5.63 11.78
CA ILE C 599 -44.59 5.72 10.49
C ILE C 599 -45.42 6.53 9.51
N ALA C 600 -46.74 6.34 9.51
CA ALA C 600 -47.62 7.08 8.62
C ALA C 600 -47.76 8.54 9.02
N SER C 601 -47.40 8.89 10.25
CA SER C 601 -47.51 10.27 10.70
C SER C 601 -46.49 11.17 10.01
N GLN C 602 -45.27 10.68 9.83
CA GLN C 602 -44.17 11.49 9.30
C GLN C 602 -43.75 11.01 7.92
N LEU C 603 -44.72 10.65 7.08
CA LEU C 603 -44.42 10.23 5.72
C LEU C 603 -43.89 11.42 4.92
N GLY C 604 -42.90 11.15 4.08
CA GLY C 604 -42.28 12.18 3.26
C GLY C 604 -41.25 13.02 3.97
N ASN C 605 -40.99 12.75 5.24
CA ASN C 605 -39.94 13.41 6.00
C ASN C 605 -39.00 12.37 6.57
N CYS C 606 -37.71 12.61 6.42
CA CYS C 606 -36.74 11.67 6.97
C CYS C 606 -36.56 11.92 8.46
N VAL C 607 -36.65 10.83 9.22
CA VAL C 607 -36.63 10.86 10.67
C VAL C 607 -35.65 9.82 11.16
N GLU C 608 -35.40 9.84 12.46
CA GLU C 608 -34.56 8.87 13.12
C GLU C 608 -35.41 7.64 13.40
N TYR C 609 -35.33 6.65 12.52
CA TYR C 609 -36.08 5.42 12.70
C TYR C 609 -35.29 4.48 13.61
N SER C 610 -36.00 3.81 14.51
CA SER C 610 -35.41 2.84 15.41
C SER C 610 -36.31 1.61 15.37
N LEU C 611 -36.03 0.72 14.42
CA LEU C 611 -36.72 -0.56 14.31
C LEU C 611 -36.08 -1.56 15.26
N TYR C 612 -36.28 -1.27 16.56
CA TYR C 612 -36.06 -2.12 17.73
C TYR C 612 -34.78 -2.96 17.65
N GLY C 613 -33.70 -2.37 17.16
CA GLY C 613 -32.48 -3.11 16.93
C GLY C 613 -31.75 -2.66 15.69
N VAL C 614 -32.44 -1.97 14.78
CA VAL C 614 -31.81 -1.35 13.62
C VAL C 614 -32.20 0.12 13.63
N SER C 615 -31.21 0.99 13.82
CA SER C 615 -31.47 2.42 13.95
C SER C 615 -30.76 3.18 12.85
N GLY C 616 -31.32 4.32 12.47
CA GLY C 616 -30.71 5.14 11.45
C GLY C 616 -31.56 6.35 11.13
N ARG C 617 -31.15 7.06 10.08
CA ARG C 617 -31.85 8.24 9.59
C ARG C 617 -32.34 7.97 8.18
N GLY C 618 -33.64 8.17 7.94
CA GLY C 618 -34.14 7.91 6.60
C GLY C 618 -35.59 8.31 6.47
N VAL C 619 -36.06 8.29 5.22
CA VAL C 619 -37.39 8.76 4.88
C VAL C 619 -38.26 7.55 4.55
N PHE C 620 -39.57 7.70 4.76
CA PHE C 620 -40.50 6.60 4.58
C PHE C 620 -41.48 6.95 3.47
N GLN C 621 -41.89 5.94 2.72
CA GLN C 621 -42.77 6.13 1.58
C GLN C 621 -43.57 4.83 1.43
N ASN C 622 -44.60 4.87 0.61
CA ASN C 622 -45.56 3.77 0.50
C ASN C 622 -45.41 3.16 -0.89
N CYS C 623 -44.46 2.22 -1.01
CA CYS C 623 -44.20 1.52 -2.26
C CYS C 623 -44.62 0.05 -2.13
N THR C 624 -44.58 -0.66 -3.26
CA THR C 624 -45.25 -1.95 -3.40
C THR C 624 -44.65 -3.03 -2.51
N ALA C 625 -45.53 -3.87 -1.95
CA ALA C 625 -45.13 -4.89 -0.99
C ALA C 625 -44.32 -5.98 -1.69
N VAL C 626 -43.00 -5.93 -1.51
CA VAL C 626 -42.08 -6.83 -2.19
C VAL C 626 -41.11 -7.38 -1.16
N GLY C 627 -41.00 -8.70 -1.10
CA GLY C 627 -40.10 -9.36 -0.17
C GLY C 627 -40.82 -10.36 0.71
N VAL C 628 -40.02 -11.05 1.52
CA VAL C 628 -40.55 -12.06 2.43
C VAL C 628 -41.28 -11.36 3.57
N ARG C 629 -42.55 -11.71 3.75
CA ARG C 629 -43.38 -11.05 4.77
C ARG C 629 -42.89 -11.37 6.18
N GLN C 630 -42.51 -12.62 6.43
CA GLN C 630 -42.17 -13.04 7.78
C GLN C 630 -40.82 -12.54 8.25
N GLN C 631 -39.92 -12.20 7.32
CA GLN C 631 -38.60 -11.72 7.73
C GLN C 631 -38.65 -10.28 8.21
N ARG C 632 -39.57 -9.47 7.67
CA ARG C 632 -39.85 -8.11 8.10
C ARG C 632 -38.67 -7.15 7.93
N PHE C 633 -37.65 -7.56 7.17
CA PHE C 633 -36.49 -6.74 6.89
C PHE C 633 -35.97 -7.08 5.51
N VAL C 634 -35.95 -6.10 4.61
CA VAL C 634 -35.43 -6.29 3.26
C VAL C 634 -34.17 -5.45 3.09
N TYR C 635 -33.12 -6.07 2.59
CA TYR C 635 -31.83 -5.44 2.39
C TYR C 635 -31.46 -5.46 0.90
N ASP C 636 -30.57 -4.55 0.54
CA ASP C 636 -30.02 -4.51 -0.81
C ASP C 636 -28.81 -5.44 -0.90
N ALA C 637 -28.06 -5.34 -1.99
CA ALA C 637 -26.82 -6.11 -2.10
C ALA C 637 -25.71 -5.54 -1.24
N TYR C 638 -25.86 -4.31 -0.76
CA TYR C 638 -24.82 -3.63 0.03
C TYR C 638 -25.18 -3.52 1.50
N GLN C 639 -26.14 -4.34 1.97
CA GLN C 639 -26.55 -4.44 3.36
C GLN C 639 -27.05 -3.09 3.91
N ASN C 640 -28.10 -2.59 3.26
CA ASN C 640 -28.77 -1.37 3.70
C ASN C 640 -30.28 -1.60 3.67
N LEU C 641 -30.98 -0.88 4.53
CA LEU C 641 -32.42 -1.05 4.65
C LEU C 641 -33.14 -0.59 3.38
N VAL C 642 -34.10 -1.39 2.91
CA VAL C 642 -34.90 -1.04 1.76
C VAL C 642 -36.37 -0.80 2.14
N GLY C 643 -36.87 -1.49 3.16
CA GLY C 643 -38.26 -1.33 3.56
C GLY C 643 -38.54 -2.19 4.77
N TYR C 644 -39.78 -2.10 5.23
CA TYR C 644 -40.18 -2.78 6.46
C TYR C 644 -41.68 -3.04 6.43
N TYR C 645 -42.05 -4.27 6.81
CA TYR C 645 -43.45 -4.68 6.87
C TYR C 645 -44.00 -4.26 8.23
N SER C 646 -44.73 -3.15 8.26
CA SER C 646 -45.21 -2.62 9.52
C SER C 646 -46.43 -3.40 10.01
N ASP C 647 -46.81 -3.12 11.25
CA ASP C 647 -47.91 -3.83 11.88
C ASP C 647 -49.27 -3.48 11.27
N ASP C 648 -49.38 -2.36 10.56
CA ASP C 648 -50.63 -2.02 9.90
C ASP C 648 -50.88 -2.88 8.67
N GLY C 649 -49.85 -3.56 8.15
CA GLY C 649 -49.93 -4.29 6.91
C GLY C 649 -49.42 -3.53 5.71
N ASN C 650 -49.24 -2.22 5.82
CA ASN C 650 -48.69 -1.42 4.75
C ASN C 650 -47.17 -1.52 4.76
N TYR C 651 -46.60 -2.03 3.68
CA TYR C 651 -45.13 -2.10 3.57
C TYR C 651 -44.61 -0.70 3.41
N TYR C 652 -43.54 -0.37 4.13
CA TYR C 652 -43.05 0.99 4.09
C TYR C 652 -41.66 1.17 3.49
N CYS C 653 -41.59 1.60 2.24
CA CYS C 653 -40.32 1.85 1.57
C CYS C 653 -39.40 2.79 2.34
N LEU C 654 -38.11 2.47 2.40
CA LEU C 654 -37.16 3.38 3.03
C LEU C 654 -35.96 3.65 2.14
N ARG C 655 -35.61 4.91 1.97
CA ARG C 655 -34.41 5.24 1.20
C ARG C 655 -33.36 5.81 2.12
N ALA C 656 -32.98 7.06 1.90
CA ALA C 656 -32.00 7.75 2.75
C ALA C 656 -32.25 9.15 2.27
N CYS C 657 -32.56 10.08 3.17
CA CYS C 657 -32.92 11.40 2.66
C CYS C 657 -31.66 12.11 2.19
N VAL C 658 -31.71 12.61 0.97
CA VAL C 658 -30.59 13.30 0.36
C VAL C 658 -30.52 14.72 0.90
N SER C 659 -29.31 15.19 1.20
CA SER C 659 -29.07 16.58 1.52
C SER C 659 -28.22 17.17 0.41
N VAL C 660 -28.54 18.40 0.01
CA VAL C 660 -27.99 18.99 -1.21
C VAL C 660 -26.52 19.30 -1.02
N PRO C 661 -25.64 18.74 -1.86
CA PRO C 661 -24.23 19.13 -1.79
C PRO C 661 -24.02 20.47 -2.46
N VAL C 662 -23.12 21.26 -1.88
CA VAL C 662 -22.97 22.67 -2.24
C VAL C 662 -21.56 22.89 -2.78
N SER C 663 -21.46 23.70 -3.83
CA SER C 663 -20.19 24.14 -4.37
C SER C 663 -20.14 25.65 -4.33
N VAL C 664 -18.95 26.20 -4.53
CA VAL C 664 -18.77 27.64 -4.50
C VAL C 664 -18.05 28.07 -5.78
N ILE C 665 -18.36 29.28 -6.24
CA ILE C 665 -17.65 29.90 -7.35
C ILE C 665 -17.01 31.18 -6.82
N TYR C 666 -15.71 31.32 -7.05
CA TYR C 666 -14.91 32.42 -6.53
C TYR C 666 -14.17 33.08 -7.65
N ASP C 667 -14.00 34.41 -7.56
CA ASP C 667 -13.18 35.14 -8.52
C ASP C 667 -12.08 35.88 -7.79
N LYS C 668 -10.87 35.83 -8.33
CA LYS C 668 -9.76 36.62 -7.82
C LYS C 668 -9.86 38.04 -8.38
N GLU C 669 -9.20 38.98 -7.69
CA GLU C 669 -9.04 40.43 -7.93
C GLU C 669 -10.36 41.18 -7.96
N THR C 670 -11.47 40.48 -7.75
CA THR C 670 -12.77 41.05 -7.44
C THR C 670 -13.38 40.14 -6.39
N LYS C 671 -13.61 40.67 -5.19
CA LYS C 671 -14.07 39.84 -4.07
C LYS C 671 -15.52 39.45 -4.31
N THR C 672 -15.69 38.48 -5.21
CA THR C 672 -17.00 38.02 -5.66
C THR C 672 -17.03 36.51 -5.58
N HIS C 673 -18.15 35.99 -5.07
CA HIS C 673 -18.32 34.56 -4.86
C HIS C 673 -19.81 34.28 -4.73
N ALA C 674 -20.20 33.09 -5.18
CA ALA C 674 -21.60 32.69 -5.11
C ALA C 674 -21.68 31.21 -4.77
N THR C 675 -22.83 30.81 -4.24
CA THR C 675 -23.04 29.44 -3.77
C THR C 675 -23.97 28.70 -4.72
N LEU C 676 -23.50 27.58 -5.23
CA LEU C 676 -24.26 26.75 -6.16
C LEU C 676 -24.79 25.52 -5.44
N PHE C 677 -26.11 25.40 -5.37
CA PHE C 677 -26.77 24.16 -4.96
C PHE C 677 -27.01 23.34 -6.22
N GLY C 678 -26.37 22.19 -6.31
CA GLY C 678 -26.33 21.43 -7.54
C GLY C 678 -27.37 20.33 -7.64
N SER C 679 -27.90 20.16 -8.85
CA SER C 679 -28.78 19.05 -9.23
C SER C 679 -30.05 19.02 -8.38
N VAL C 680 -30.54 20.20 -8.02
CA VAL C 680 -31.70 20.33 -7.15
C VAL C 680 -32.65 21.38 -7.70
N ALA C 681 -33.93 21.06 -7.74
CA ALA C 681 -34.95 22.08 -7.94
C ALA C 681 -34.95 22.99 -6.73
N CYS C 682 -34.72 24.28 -6.95
CA CYS C 682 -34.23 25.14 -5.88
C CYS C 682 -35.40 25.56 -5.01
N GLU C 683 -35.40 25.06 -3.78
CA GLU C 683 -36.52 25.22 -2.85
C GLU C 683 -36.08 25.62 -1.45
N HIS C 684 -34.79 25.52 -1.15
CA HIS C 684 -34.32 25.45 0.23
C HIS C 684 -33.50 26.68 0.59
N ILE C 685 -33.73 27.17 1.82
CA ILE C 685 -33.03 28.32 2.39
C ILE C 685 -32.30 27.77 3.61
N SER C 686 -31.66 28.63 4.40
CA SER C 686 -30.70 28.26 5.42
C SER C 686 -31.34 27.78 6.74
N SER C 687 -32.60 27.32 6.70
CA SER C 687 -33.29 26.94 7.94
C SER C 687 -32.69 25.69 8.57
N THR C 688 -32.74 24.56 7.87
CA THR C 688 -32.28 23.28 8.42
C THR C 688 -30.90 22.96 7.83
N MET C 689 -29.87 23.56 8.44
CA MET C 689 -28.50 23.41 7.99
C MET C 689 -27.72 22.48 8.93
N SER C 690 -26.44 22.32 8.63
CA SER C 690 -25.51 21.54 9.44
C SER C 690 -24.13 22.14 9.27
N GLN C 691 -23.10 21.35 9.62
CA GLN C 691 -21.68 21.68 9.56
C GLN C 691 -21.35 23.04 10.19
N TYR C 692 -21.31 24.12 9.42
CA TYR C 692 -20.78 25.39 9.90
C TYR C 692 -21.68 26.51 9.40
N SER C 693 -21.31 27.74 9.76
CA SER C 693 -22.10 28.90 9.35
C SER C 693 -21.96 29.17 7.85
N ARG C 694 -22.96 29.84 7.30
CA ARG C 694 -23.06 30.03 5.86
C ARG C 694 -22.37 31.32 5.42
N SER C 695 -22.09 31.40 4.12
CA SER C 695 -21.57 32.61 3.52
C SER C 695 -22.73 33.54 3.17
N THR C 696 -22.70 34.76 3.71
CA THR C 696 -23.79 35.70 3.60
C THR C 696 -23.38 36.93 2.81
N ARG C 697 -24.29 37.41 1.97
CA ARG C 697 -24.07 38.64 1.21
C ARG C 697 -25.29 39.55 1.34
N SER C 698 -25.38 40.55 0.50
CA SER C 698 -26.50 41.45 0.58
C SER C 698 -27.71 40.85 -0.08
N MET C 699 -28.79 41.61 -0.17
CA MET C 699 -30.01 41.12 -0.82
C MET C 699 -30.82 42.23 -1.48
N TYR C 707 -31.55 39.73 -3.81
CA TYR C 707 -30.63 38.77 -4.36
C TYR C 707 -31.25 37.41 -4.14
N GLY C 708 -32.40 37.19 -4.75
CA GLY C 708 -33.10 35.94 -4.55
C GLY C 708 -32.54 34.71 -5.29
N PRO C 709 -32.83 33.45 -4.84
CA PRO C 709 -32.21 32.32 -5.54
C PRO C 709 -32.56 32.30 -7.01
N LEU C 710 -31.61 31.89 -7.84
CA LEU C 710 -31.78 31.91 -9.29
C LEU C 710 -31.62 30.51 -9.85
N GLN C 711 -32.61 30.05 -10.60
CA GLN C 711 -32.59 28.72 -11.19
C GLN C 711 -31.58 28.65 -12.33
N THR C 712 -31.10 27.44 -12.60
CA THR C 712 -30.13 27.18 -13.65
C THR C 712 -30.18 25.69 -13.97
N PRO C 713 -29.72 25.29 -15.17
CA PRO C 713 -29.71 23.85 -15.50
C PRO C 713 -28.87 22.98 -14.57
N VAL C 714 -27.93 23.54 -13.81
CA VAL C 714 -27.18 22.77 -12.83
C VAL C 714 -27.72 22.95 -11.42
N GLY C 715 -28.95 23.46 -11.27
CA GLY C 715 -29.56 23.59 -9.96
C GLY C 715 -30.03 25.00 -9.67
N CYS C 716 -29.51 25.61 -8.62
CA CYS C 716 -29.72 27.04 -8.44
C CYS C 716 -28.50 27.67 -7.79
N VAL C 717 -28.41 28.98 -7.91
CA VAL C 717 -27.30 29.74 -7.33
C VAL C 717 -27.88 30.84 -6.46
N LEU C 718 -27.28 31.02 -5.29
CA LEU C 718 -27.46 32.22 -4.48
C LEU C 718 -26.25 33.11 -4.69
N GLY C 719 -26.50 34.35 -5.11
CA GLY C 719 -25.44 35.30 -5.39
C GLY C 719 -25.28 35.67 -6.85
N LEU C 720 -26.18 35.26 -7.72
CA LEU C 720 -26.10 35.56 -9.14
C LEU C 720 -27.27 36.44 -9.57
N VAL C 721 -27.12 37.04 -10.75
CA VAL C 721 -28.18 37.82 -11.39
C VAL C 721 -28.29 37.36 -12.83
N ASN C 722 -29.51 37.15 -13.30
CA ASN C 722 -29.73 36.69 -14.66
C ASN C 722 -29.43 37.82 -15.66
N SER C 723 -28.83 37.43 -16.78
CA SER C 723 -28.48 38.38 -17.82
C SER C 723 -28.37 37.64 -19.14
N SER C 724 -28.87 38.25 -20.21
CA SER C 724 -28.85 37.65 -21.54
C SER C 724 -27.58 38.08 -22.27
N LEU C 725 -26.45 37.62 -21.76
CA LEU C 725 -25.15 37.92 -22.34
C LEU C 725 -24.51 36.65 -22.88
N PHE C 726 -23.70 36.80 -23.91
CA PHE C 726 -23.05 35.68 -24.57
C PHE C 726 -21.54 35.84 -24.41
N VAL C 727 -20.90 34.83 -23.82
CA VAL C 727 -19.47 34.87 -23.51
C VAL C 727 -18.79 33.76 -24.28
N GLU C 728 -17.72 34.10 -25.00
CA GLU C 728 -17.05 33.16 -25.88
C GLU C 728 -15.73 32.64 -25.33
N ASP C 729 -15.13 33.33 -24.37
CA ASP C 729 -13.83 32.98 -23.80
C ASP C 729 -13.91 32.93 -22.28
N CYS C 730 -14.91 32.20 -21.78
CA CYS C 730 -15.21 32.19 -20.35
C CYS C 730 -14.12 31.51 -19.55
N LYS C 731 -13.72 32.15 -18.46
CA LYS C 731 -12.74 31.61 -17.53
C LYS C 731 -13.37 31.00 -16.29
N LEU C 732 -14.71 30.96 -16.22
CA LEU C 732 -15.43 30.49 -15.04
C LEU C 732 -16.37 29.38 -15.48
N PRO C 733 -15.87 28.15 -15.63
CA PRO C 733 -16.70 27.06 -16.16
C PRO C 733 -17.66 26.50 -15.13
N LEU C 734 -18.94 26.82 -15.24
CA LEU C 734 -19.93 26.28 -14.32
C LEU C 734 -20.52 24.95 -14.78
N GLY C 735 -20.32 24.59 -16.04
CA GLY C 735 -20.94 23.40 -16.60
C GLY C 735 -22.00 23.75 -17.63
N GLN C 736 -22.45 22.69 -18.31
CA GLN C 736 -23.44 22.77 -19.39
C GLN C 736 -22.99 23.75 -20.45
N SER C 737 -23.55 24.96 -20.41
CA SER C 737 -22.99 26.10 -21.13
C SER C 737 -23.12 27.37 -20.31
N LEU C 738 -23.22 27.23 -19.00
CA LEU C 738 -23.42 28.37 -18.11
C LEU C 738 -22.07 28.90 -17.66
N CYS C 739 -21.93 30.22 -17.66
CA CYS C 739 -20.67 30.88 -17.33
C CYS C 739 -20.93 32.00 -16.33
N ALA C 740 -19.90 32.32 -15.56
CA ALA C 740 -19.96 33.37 -14.56
C ALA C 740 -19.07 34.53 -15.00
N LEU C 741 -19.69 35.68 -15.24
CA LEU C 741 -18.99 36.83 -15.83
C LEU C 741 -18.80 37.92 -14.79
N PRO C 742 -17.58 38.12 -14.29
CA PRO C 742 -17.36 39.15 -13.28
C PRO C 742 -17.24 40.55 -13.88
N ASP C 743 -17.44 41.54 -13.02
CA ASP C 743 -17.30 42.94 -13.40
C ASP C 743 -15.86 43.39 -13.17
N THR C 744 -15.62 44.70 -13.22
CA THR C 744 -14.30 45.25 -12.99
C THR C 744 -14.36 46.44 -12.04
N PRO C 757 -17.67 46.65 -8.41
CA PRO C 757 -18.02 46.12 -7.09
C PRO C 757 -19.43 45.55 -7.05
N GLY C 758 -20.05 45.41 -8.21
CA GLY C 758 -21.39 44.86 -8.27
C GLY C 758 -21.41 43.36 -8.04
N GLU C 759 -22.62 42.83 -7.90
CA GLU C 759 -22.78 41.41 -7.63
C GLU C 759 -22.44 40.59 -8.88
N MET C 760 -22.35 39.28 -8.68
CA MET C 760 -21.79 38.40 -9.69
C MET C 760 -22.83 38.13 -10.77
N ARG C 761 -22.40 38.11 -12.03
CA ARG C 761 -23.32 38.02 -13.16
C ARG C 761 -23.29 36.64 -13.80
N LEU C 762 -24.45 36.18 -14.24
CA LEU C 762 -24.59 34.89 -14.93
C LEU C 762 -24.82 35.10 -16.41
N ALA C 763 -24.15 34.30 -17.24
CA ALA C 763 -24.32 34.36 -18.68
C ALA C 763 -24.23 32.94 -19.23
N SER C 764 -24.33 32.83 -20.56
CA SER C 764 -24.22 31.55 -21.25
C SER C 764 -22.98 31.54 -22.13
N ILE C 765 -22.43 30.35 -22.34
CA ILE C 765 -21.25 30.21 -23.19
C ILE C 765 -21.66 30.43 -24.63
N ALA C 766 -21.08 31.43 -25.27
CA ALA C 766 -21.43 31.76 -26.64
C ALA C 766 -20.85 30.74 -27.61
N PHE C 767 -21.54 30.56 -28.73
CA PHE C 767 -21.06 29.73 -29.83
C PHE C 767 -20.62 30.64 -30.97
N ASN C 768 -19.34 30.56 -31.33
CA ASN C 768 -18.83 31.30 -32.48
C ASN C 768 -19.23 30.54 -33.74
N HIS C 769 -20.16 31.10 -34.51
CA HIS C 769 -20.57 30.48 -35.75
C HIS C 769 -19.42 30.50 -36.76
N PRO C 770 -19.23 29.43 -37.51
CA PRO C 770 -18.34 29.50 -38.67
C PRO C 770 -18.93 30.41 -39.73
N ILE C 771 -18.04 30.96 -40.56
CA ILE C 771 -18.46 31.92 -41.58
C ILE C 771 -19.31 31.20 -42.61
N GLN C 772 -20.55 31.65 -42.76
CA GLN C 772 -21.55 30.91 -43.51
C GLN C 772 -21.40 31.17 -45.01
N VAL C 773 -21.49 30.10 -45.78
CA VAL C 773 -21.51 30.20 -47.25
C VAL C 773 -22.55 29.22 -47.78
N ASP C 774 -23.32 29.67 -48.76
CA ASP C 774 -24.43 28.89 -49.28
C ASP C 774 -23.97 28.00 -50.43
N GLN C 775 -24.89 27.17 -50.91
CA GLN C 775 -24.64 26.27 -52.03
C GLN C 775 -25.51 26.66 -53.21
N LEU C 776 -24.97 26.51 -54.42
CA LEU C 776 -25.72 26.65 -55.66
C LEU C 776 -25.81 25.30 -56.35
N ASN C 777 -27.03 24.90 -56.70
CA ASN C 777 -27.24 23.65 -57.43
C ASN C 777 -26.83 23.75 -58.90
N SER C 778 -26.54 24.95 -59.40
CA SER C 778 -26.17 25.13 -60.79
C SER C 778 -24.72 24.73 -61.01
N SER C 779 -24.23 24.97 -62.23
CA SER C 779 -22.86 24.61 -62.58
C SER C 779 -21.82 25.57 -62.02
N TYR C 780 -22.23 26.75 -61.57
CA TYR C 780 -21.32 27.66 -60.89
C TYR C 780 -20.97 27.16 -59.50
N PHE C 781 -20.18 27.96 -58.79
CA PHE C 781 -19.85 27.68 -57.40
C PHE C 781 -19.63 29.01 -56.69
N LYS C 782 -19.99 29.08 -55.41
CA LYS C 782 -19.74 30.27 -54.60
C LYS C 782 -18.51 30.00 -53.76
N LEU C 783 -17.37 30.56 -54.16
CA LEU C 783 -16.09 30.35 -53.49
C LEU C 783 -15.89 31.38 -52.39
N SER C 784 -15.61 30.89 -51.19
CA SER C 784 -15.18 31.75 -50.09
C SER C 784 -13.66 31.88 -50.14
N ILE C 785 -13.17 33.12 -50.11
CA ILE C 785 -11.75 33.37 -50.27
C ILE C 785 -11.33 34.53 -49.37
N PRO C 786 -10.19 34.42 -48.68
CA PRO C 786 -9.74 35.54 -47.84
C PRO C 786 -9.19 36.69 -48.66
N THR C 787 -9.24 37.88 -48.06
CA THR C 787 -8.66 39.09 -48.64
C THR C 787 -7.57 39.71 -47.80
N ASN C 788 -7.52 39.42 -46.51
CA ASN C 788 -6.48 39.95 -45.63
C ASN C 788 -5.85 38.80 -44.85
N PHE C 789 -4.68 39.04 -44.29
CA PHE C 789 -3.91 37.97 -43.67
C PHE C 789 -3.05 38.55 -42.56
N SER C 790 -2.53 37.65 -41.73
CA SER C 790 -1.62 38.00 -40.66
C SER C 790 -0.79 36.78 -40.32
N PHE C 791 0.25 37.00 -39.52
CA PHE C 791 1.13 35.92 -39.07
C PHE C 791 0.83 35.66 -37.60
N GLY C 792 0.23 34.50 -37.33
CA GLY C 792 -0.08 34.11 -35.97
C GLY C 792 1.08 33.38 -35.34
N VAL C 793 1.24 33.57 -34.03
CA VAL C 793 2.36 33.04 -33.28
C VAL C 793 1.82 32.10 -32.20
N THR C 794 2.29 30.87 -32.20
CA THR C 794 1.89 29.85 -31.24
C THR C 794 3.10 29.38 -30.46
N GLN C 795 2.98 29.36 -29.15
CA GLN C 795 4.03 28.87 -28.27
C GLN C 795 3.68 27.48 -27.76
N GLU C 796 4.71 26.67 -27.52
CA GLU C 796 4.51 25.33 -27.01
C GLU C 796 5.73 24.95 -26.17
N TYR C 797 5.51 24.10 -25.18
CA TYR C 797 6.59 23.56 -24.36
C TYR C 797 6.43 22.07 -24.21
N ILE C 798 7.55 21.35 -24.28
CA ILE C 798 7.56 19.90 -24.07
C ILE C 798 8.63 19.57 -23.04
N GLN C 799 8.25 18.85 -21.99
CA GLN C 799 9.21 18.32 -21.03
C GLN C 799 10.05 17.25 -21.71
N THR C 800 11.32 17.54 -21.98
CA THR C 800 12.19 16.53 -22.54
C THR C 800 12.72 15.55 -21.49
N THR C 801 12.61 15.91 -20.22
CA THR C 801 13.04 15.07 -19.11
C THR C 801 12.46 15.63 -17.83
N ILE C 802 12.59 14.85 -16.76
CA ILE C 802 12.35 15.37 -15.42
C ILE C 802 13.71 15.54 -14.74
N GLN C 803 13.71 16.25 -13.61
CA GLN C 803 14.95 16.56 -12.93
C GLN C 803 15.55 15.31 -12.30
N LYS C 804 16.82 15.06 -12.60
CA LYS C 804 17.49 13.88 -12.06
C LYS C 804 17.79 14.07 -10.58
N VAL C 805 17.63 13.00 -9.82
CA VAL C 805 17.93 13.02 -8.40
C VAL C 805 18.24 11.59 -7.95
N THR C 806 19.23 11.45 -7.09
CA THR C 806 19.51 10.20 -6.41
C THR C 806 19.23 10.37 -4.93
N VAL C 807 19.26 9.26 -4.21
CA VAL C 807 19.03 9.28 -2.76
C VAL C 807 20.04 8.33 -2.11
N ASP C 808 20.64 8.80 -1.01
CA ASP C 808 21.42 7.94 -0.13
C ASP C 808 20.45 7.36 0.88
N CYS C 809 20.07 6.10 0.67
CA CYS C 809 19.06 5.46 1.52
C CYS C 809 19.54 5.36 2.96
N LYS C 810 20.81 5.01 3.16
CA LYS C 810 21.35 4.90 4.52
C LYS C 810 21.35 6.27 5.21
N GLN C 811 21.76 7.32 4.50
CA GLN C 811 21.81 8.65 5.11
C GLN C 811 20.41 9.21 5.32
N TYR C 812 19.52 9.04 4.34
CA TYR C 812 18.17 9.60 4.45
C TYR C 812 17.36 8.91 5.54
N VAL C 813 17.38 7.58 5.56
CA VAL C 813 16.54 6.87 6.51
C VAL C 813 17.20 6.79 7.88
N CYS C 814 18.52 6.68 7.92
CA CYS C 814 19.23 6.40 9.17
C CYS C 814 19.80 7.62 9.87
N ASN C 815 20.26 8.61 9.10
CA ASN C 815 20.85 9.86 9.61
C ASN C 815 22.07 9.62 10.49
N GLY C 816 22.81 8.55 10.23
CA GLY C 816 24.06 8.30 10.91
C GLY C 816 23.94 7.93 12.38
N PHE C 817 23.35 6.76 12.66
CA PHE C 817 23.27 6.26 14.02
C PHE C 817 23.52 4.76 14.01
N GLN C 818 24.24 4.28 15.02
CA GLN C 818 24.74 2.91 15.01
C GLN C 818 23.62 1.90 15.22
N LYS C 819 22.76 2.12 16.21
CA LYS C 819 21.64 1.23 16.45
C LYS C 819 20.64 1.29 15.30
N CYS C 820 20.47 2.47 14.71
CA CYS C 820 19.72 2.63 13.48
C CYS C 820 20.27 1.77 12.35
N GLU C 821 21.60 1.80 12.17
CA GLU C 821 22.22 1.03 11.10
C GLU C 821 22.09 -0.47 11.36
N GLN C 822 22.17 -0.88 12.63
CA GLN C 822 21.97 -2.28 12.98
C GLN C 822 20.54 -2.73 12.69
N LEU C 823 19.56 -1.89 13.03
CA LEU C 823 18.16 -2.27 12.84
C LEU C 823 17.71 -2.16 11.39
N LEU C 824 18.38 -1.34 10.59
CA LEU C 824 18.07 -1.29 9.16
C LEU C 824 18.72 -2.45 8.41
N ARG C 825 19.71 -3.11 9.02
CA ARG C 825 20.48 -4.14 8.34
C ARG C 825 19.64 -5.36 8.00
N GLU C 826 18.64 -5.69 8.83
CA GLU C 826 17.77 -6.83 8.55
C GLU C 826 16.95 -6.61 7.29
N TYR C 827 16.42 -5.39 7.09
CA TYR C 827 15.81 -5.06 5.81
C TYR C 827 16.83 -5.09 4.69
N GLY C 828 18.02 -4.51 4.94
CA GLY C 828 19.14 -4.66 4.03
C GLY C 828 18.98 -4.10 2.63
N GLN C 829 18.76 -5.00 1.67
CA GLN C 829 18.82 -4.77 0.23
C GLN C 829 17.76 -3.80 -0.30
N PHE C 830 16.87 -3.25 0.54
CA PHE C 830 15.88 -2.28 0.06
C PHE C 830 16.56 -1.02 -0.47
N CYS C 831 17.60 -0.57 0.22
CA CYS C 831 18.37 0.58 -0.25
C CYS C 831 19.04 0.27 -1.59
N SER C 832 19.54 -0.96 -1.74
CA SER C 832 20.11 -1.37 -3.03
C SER C 832 19.05 -1.39 -4.13
N LYS C 833 17.85 -1.84 -3.80
CA LYS C 833 16.77 -1.90 -4.80
C LYS C 833 16.38 -0.50 -5.27
N ILE C 834 16.21 0.43 -4.33
CA ILE C 834 15.81 1.77 -4.74
C ILE C 834 16.95 2.50 -5.44
N ASN C 835 18.20 2.23 -5.05
CA ASN C 835 19.34 2.80 -5.78
C ASN C 835 19.39 2.26 -7.20
N GLN C 836 19.11 0.96 -7.37
CA GLN C 836 19.05 0.37 -8.70
C GLN C 836 17.97 1.02 -9.55
N ALA C 837 16.79 1.24 -8.96
CA ALA C 837 15.69 1.84 -9.71
C ALA C 837 16.00 3.28 -10.14
N LEU C 838 16.55 4.08 -9.22
CA LEU C 838 16.90 5.45 -9.56
C LEU C 838 18.03 5.52 -10.58
N HIS C 839 19.02 4.64 -10.45
CA HIS C 839 20.13 4.61 -11.40
C HIS C 839 19.64 4.23 -12.79
N GLY C 840 18.75 3.23 -12.88
CA GLY C 840 18.17 2.86 -14.16
C GLY C 840 17.34 3.96 -14.77
N ALA C 841 16.54 4.66 -13.95
CA ALA C 841 15.73 5.75 -14.46
C ALA C 841 16.59 6.91 -14.97
N ASN C 842 17.66 7.24 -14.24
CA ASN C 842 18.53 8.32 -14.66
C ASN C 842 19.30 7.96 -15.93
N LEU C 843 19.74 6.70 -16.03
CA LEU C 843 20.38 6.24 -17.26
C LEU C 843 19.42 6.28 -18.44
N ARG C 844 18.16 5.90 -18.21
CA ARG C 844 17.15 5.96 -19.26
C ARG C 844 16.93 7.39 -19.74
N GLN C 845 16.84 8.34 -18.80
CA GLN C 845 16.63 9.73 -19.19
C GLN C 845 17.84 10.30 -19.93
N ASP C 846 19.06 9.97 -19.48
CA ASP C 846 20.26 10.42 -20.17
C ASP C 846 20.34 9.83 -21.58
N ASP C 847 20.01 8.56 -21.73
CA ASP C 847 20.00 7.94 -23.06
C ASP C 847 18.94 8.57 -23.96
N SER C 848 17.77 8.89 -23.39
CA SER C 848 16.71 9.50 -24.18
C SER C 848 17.11 10.89 -24.68
N VAL C 849 17.69 11.71 -23.80
CA VAL C 849 18.07 13.06 -24.22
C VAL C 849 19.28 13.00 -25.17
N ARG C 850 20.16 12.00 -24.98
CA ARG C 850 21.26 11.84 -25.91
C ARG C 850 20.77 11.44 -27.30
N ASN C 851 19.80 10.53 -27.38
CA ASN C 851 19.25 10.15 -28.68
C ASN C 851 18.47 11.30 -29.31
N LEU C 852 17.80 12.12 -28.48
CA LEU C 852 17.12 13.30 -28.99
C LEU C 852 18.10 14.28 -29.60
N PHE C 853 19.22 14.54 -28.91
CA PHE C 853 20.17 15.52 -29.42
C PHE C 853 20.96 14.98 -30.60
N ALA C 854 21.15 13.67 -30.67
CA ALA C 854 21.69 13.08 -31.89
C ALA C 854 20.71 13.21 -33.05
N SER C 855 19.42 13.07 -32.76
CA SER C 855 18.40 13.17 -33.80
C SER C 855 18.22 14.61 -34.28
N VAL C 856 18.32 15.58 -33.37
CA VAL C 856 18.02 16.96 -33.74
C VAL C 856 19.16 17.60 -34.52
N LYS C 857 20.38 17.06 -34.43
CA LYS C 857 21.54 17.68 -35.05
C LYS C 857 21.46 17.56 -36.57
N SER C 858 21.50 18.70 -37.25
CA SER C 858 21.51 18.70 -38.70
C SER C 858 22.88 18.25 -39.22
N SER C 859 22.89 17.76 -40.46
CA SER C 859 24.14 17.38 -41.10
C SER C 859 25.03 18.60 -41.32
N GLN C 860 24.46 19.71 -41.78
CA GLN C 860 25.19 20.94 -42.00
C GLN C 860 24.31 22.11 -41.57
N SER C 861 24.94 23.26 -41.36
CA SER C 861 24.23 24.43 -40.86
C SER C 861 24.73 25.67 -41.60
N SER C 862 24.34 26.83 -41.09
CA SER C 862 24.67 28.13 -41.65
C SER C 862 25.29 29.00 -40.57
N PRO C 863 26.23 29.88 -40.93
CA PRO C 863 26.84 30.76 -39.93
C PRO C 863 25.84 31.76 -39.37
N ILE C 864 26.03 32.10 -38.10
CA ILE C 864 25.16 33.02 -37.38
C ILE C 864 25.90 34.34 -37.23
N ILE C 865 25.32 35.41 -37.76
CA ILE C 865 25.92 36.74 -37.73
C ILE C 865 24.89 37.73 -37.19
N PRO C 866 25.31 38.84 -36.60
CA PRO C 866 24.34 39.90 -36.25
C PRO C 866 23.70 40.47 -37.50
N GLY C 867 22.44 40.89 -37.35
CA GLY C 867 21.65 41.28 -38.51
C GLY C 867 21.34 40.11 -39.41
N PHE C 868 21.01 38.96 -38.84
CA PHE C 868 20.72 37.76 -39.62
C PHE C 868 19.35 37.89 -40.30
N GLY C 869 19.30 37.51 -41.57
CA GLY C 869 18.07 37.49 -42.32
C GLY C 869 17.66 38.81 -42.93
N GLY C 870 18.53 39.81 -42.91
CA GLY C 870 18.23 41.07 -43.57
C GLY C 870 17.13 41.88 -42.93
N ASP C 871 16.02 42.05 -43.64
CA ASP C 871 14.95 42.92 -43.18
C ASP C 871 14.17 42.32 -42.01
N PHE C 872 14.06 41.00 -41.95
CA PHE C 872 13.27 40.36 -40.91
C PHE C 872 14.01 40.43 -39.57
N ASN C 873 13.28 40.84 -38.53
CA ASN C 873 13.85 40.97 -37.19
C ASN C 873 14.03 39.57 -36.60
N LEU C 874 15.26 39.05 -36.66
CA LEU C 874 15.61 37.80 -36.02
C LEU C 874 16.64 37.97 -34.92
N THR C 875 16.94 39.21 -34.52
CA THR C 875 17.85 39.42 -33.38
C THR C 875 17.23 38.99 -32.06
N LEU C 876 15.91 38.78 -32.01
CA LEU C 876 15.28 38.25 -30.81
C LEU C 876 15.69 36.80 -30.56
N LEU C 877 16.10 36.08 -31.60
CA LEU C 877 16.67 34.74 -31.45
C LEU C 877 18.16 34.72 -31.72
N GLU C 878 18.81 35.88 -31.76
CA GLU C 878 20.25 35.92 -31.97
C GLU C 878 20.98 35.43 -30.72
N PRO C 879 21.88 34.45 -30.84
CA PRO C 879 22.70 34.07 -29.69
C PRO C 879 23.82 35.08 -29.44
N VAL C 880 23.67 35.87 -28.39
CA VAL C 880 24.65 36.90 -28.08
C VAL C 880 25.90 36.30 -27.43
N ALA C 889 27.42 31.54 -25.82
CA ALA C 889 26.43 31.89 -24.82
C ALA C 889 25.01 31.71 -25.36
N ARG C 890 24.03 31.93 -24.50
CA ARG C 890 22.63 31.69 -24.85
C ARG C 890 22.10 32.85 -25.71
N SER C 891 20.84 32.75 -26.09
CA SER C 891 20.16 33.77 -26.88
C SER C 891 19.36 34.69 -25.98
N ALA C 892 18.90 35.80 -26.57
CA ALA C 892 18.19 36.82 -25.80
C ALA C 892 16.83 36.31 -25.31
N ILE C 893 16.09 35.61 -26.16
CA ILE C 893 14.80 35.10 -25.75
C ILE C 893 14.95 33.96 -24.74
N GLU C 894 16.04 33.18 -24.85
CA GLU C 894 16.30 32.15 -23.85
C GLU C 894 16.61 32.75 -22.50
N ASP C 895 17.37 33.85 -22.47
CA ASP C 895 17.62 34.56 -21.21
C ASP C 895 16.33 35.16 -20.67
N LEU C 896 15.46 35.68 -21.55
CA LEU C 896 14.18 36.22 -21.11
C LEU C 896 13.32 35.15 -20.48
N LEU C 897 13.28 33.95 -21.09
CA LEU C 897 12.48 32.86 -20.55
C LEU C 897 13.06 32.35 -19.23
N PHE C 898 14.39 32.29 -19.13
CA PHE C 898 15.01 31.79 -17.91
C PHE C 898 14.86 32.79 -16.76
N ASP C 899 14.89 34.09 -17.06
CA ASP C 899 14.71 35.09 -16.01
C ASP C 899 13.25 35.19 -15.60
N LYS C 900 12.32 35.10 -16.56
CA LYS C 900 10.91 35.24 -16.27
C LYS C 900 10.35 34.07 -15.48
N VAL C 901 10.91 32.87 -15.64
CA VAL C 901 10.43 31.71 -14.92
C VAL C 901 10.96 31.75 -13.49
N THR C 902 10.21 31.15 -12.57
CA THR C 902 10.60 31.07 -11.17
C THR C 902 11.54 29.90 -10.99
N ILE C 903 12.84 30.18 -10.90
CA ILE C 903 13.85 29.14 -10.78
C ILE C 903 15.06 29.73 -10.08
N ALA C 904 15.79 28.88 -9.36
CA ALA C 904 17.03 29.24 -8.69
C ALA C 904 18.08 28.19 -8.98
N ASP C 905 19.37 28.52 -9.01
CA ASP C 905 20.34 27.45 -9.21
C ASP C 905 20.64 26.69 -7.92
N PRO C 906 20.77 25.35 -7.97
CA PRO C 906 21.18 24.60 -6.76
C PRO C 906 22.68 24.43 -6.69
N GLY C 907 23.42 25.54 -6.63
CA GLY C 907 24.86 25.51 -6.55
C GLY C 907 25.53 24.35 -7.23
N TYR C 908 25.27 24.16 -8.52
CA TYR C 908 25.81 23.00 -9.19
C TYR C 908 27.31 22.95 -9.08
N MET C 909 27.94 24.11 -9.07
CA MET C 909 29.37 24.14 -8.88
C MET C 909 29.70 23.98 -7.43
N GLN C 910 29.04 24.74 -6.57
CA GLN C 910 29.35 24.69 -5.15
C GLN C 910 28.17 25.17 -4.38
N GLY C 911 27.80 24.44 -3.34
CA GLY C 911 26.64 24.81 -2.59
C GLY C 911 27.09 24.73 -1.18
N TYR C 912 28.14 23.96 -0.95
CA TYR C 912 28.71 23.89 0.39
C TYR C 912 29.10 25.28 0.90
N ASP C 913 29.86 26.02 0.11
CA ASP C 913 30.23 27.38 0.50
C ASP C 913 29.03 28.31 0.49
N ASP C 914 28.03 28.02 -0.34
CA ASP C 914 26.80 28.79 -0.33
C ASP C 914 26.04 28.61 0.98
N CYS C 915 26.01 27.39 1.51
CA CYS C 915 25.44 27.18 2.84
C CYS C 915 26.31 27.83 3.92
N MET C 916 27.63 27.78 3.77
CA MET C 916 28.52 28.43 4.72
C MET C 916 28.39 29.95 4.73
N GLN C 917 27.96 30.57 3.64
CA GLN C 917 27.65 31.99 3.69
C GLN C 917 26.18 32.26 3.99
N GLN C 918 25.27 31.48 3.43
CA GLN C 918 23.83 31.63 3.67
C GLN C 918 23.13 30.28 3.56
N LEU C 926 14.83 25.88 -0.12
CA LEU C 926 15.58 24.66 -0.41
C LEU C 926 17.01 25.00 -0.81
N ILE C 927 17.57 26.02 -0.15
CA ILE C 927 18.94 26.44 -0.44
C ILE C 927 19.94 25.36 0.01
N CYS C 928 19.78 24.87 1.24
CA CYS C 928 20.64 23.84 1.78
C CYS C 928 19.98 22.46 1.78
N ALA C 929 18.90 22.29 1.02
CA ALA C 929 18.21 21.01 0.93
C ALA C 929 19.00 19.98 0.13
N GLN C 930 20.08 20.39 -0.53
CA GLN C 930 20.89 19.46 -1.31
C GLN C 930 21.63 18.44 -0.46
N TYR C 931 21.71 18.65 0.85
CA TYR C 931 22.33 17.67 1.73
C TYR C 931 21.50 17.30 2.94
N VAL C 932 20.73 18.25 3.50
CA VAL C 932 20.15 18.08 4.83
C VAL C 932 19.10 16.97 4.85
N ALA C 933 18.35 16.83 3.75
CA ALA C 933 17.43 15.70 3.65
C ALA C 933 18.17 14.42 3.30
N GLY C 934 19.11 14.51 2.36
CA GLY C 934 19.89 13.35 1.99
C GLY C 934 20.03 13.13 0.50
N TYR C 935 19.06 13.59 -0.28
CA TYR C 935 19.10 13.41 -1.73
C TYR C 935 20.16 14.31 -2.35
N LYS C 936 20.70 13.88 -3.48
CA LYS C 936 21.59 14.71 -4.27
C LYS C 936 20.94 15.00 -5.63
N VAL C 937 20.86 16.28 -5.97
CA VAL C 937 20.34 16.69 -7.26
C VAL C 937 21.46 16.56 -8.28
N LEU C 938 21.30 15.66 -9.25
CA LEU C 938 22.33 15.43 -10.23
C LEU C 938 22.44 16.62 -11.18
N PRO C 939 23.65 16.93 -11.65
CA PRO C 939 23.81 17.97 -12.67
C PRO C 939 23.22 17.52 -14.00
N PRO C 940 22.81 18.45 -14.85
CA PRO C 940 22.26 18.07 -16.16
C PRO C 940 23.33 17.45 -17.06
N LEU C 941 22.85 16.67 -18.03
CA LEU C 941 23.76 15.90 -18.87
C LEU C 941 24.54 16.78 -19.83
N MET C 942 23.90 17.80 -20.38
CA MET C 942 24.54 18.72 -21.31
C MET C 942 24.71 20.10 -20.68
N ASP C 943 25.75 20.80 -21.12
CA ASP C 943 25.98 22.16 -20.67
C ASP C 943 24.97 23.11 -21.30
N VAL C 944 24.94 24.33 -20.75
CA VAL C 944 24.17 25.41 -21.37
C VAL C 944 24.78 25.78 -22.72
N ASN C 945 26.11 25.71 -22.81
CA ASN C 945 26.79 26.02 -24.07
C ASN C 945 26.50 24.98 -25.14
N MET C 946 26.36 23.71 -24.74
CA MET C 946 25.93 22.68 -25.70
C MET C 946 24.53 22.97 -26.22
N GLU C 947 23.63 23.40 -25.34
CA GLU C 947 22.29 23.79 -25.74
C GLU C 947 22.33 24.95 -26.72
N ALA C 948 23.17 25.94 -26.43
CA ALA C 948 23.29 27.11 -27.30
C ALA C 948 23.84 26.74 -28.66
N ALA C 949 24.86 25.87 -28.70
CA ALA C 949 25.44 25.44 -29.96
C ALA C 949 24.44 24.64 -30.78
N TYR C 950 23.68 23.74 -30.13
CA TYR C 950 22.68 22.97 -30.84
C TYR C 950 21.58 23.87 -31.41
N THR C 951 21.09 24.81 -30.60
CA THR C 951 20.04 25.72 -31.08
C THR C 951 20.55 26.61 -32.20
N SER C 952 21.81 27.04 -32.13
CA SER C 952 22.39 27.83 -33.20
C SER C 952 22.51 27.02 -34.49
N SER C 953 22.90 25.74 -34.38
CA SER C 953 22.98 24.89 -35.56
C SER C 953 21.62 24.67 -36.19
N LEU C 954 20.59 24.42 -35.37
CA LEU C 954 19.24 24.28 -35.91
C LEU C 954 18.73 25.57 -36.55
N LEU C 955 18.99 26.72 -35.91
CA LEU C 955 18.51 27.98 -36.47
C LEU C 955 19.23 28.31 -37.78
N GLY C 956 20.50 27.92 -37.89
CA GLY C 956 21.18 28.04 -39.17
C GLY C 956 20.63 27.10 -40.22
N SER C 957 20.27 25.88 -39.83
CA SER C 957 19.87 24.88 -40.81
C SER C 957 18.47 25.14 -41.36
N ILE C 958 17.53 25.57 -40.50
CA ILE C 958 16.14 25.72 -40.90
C ILE C 958 15.93 26.77 -41.99
N ALA C 959 16.88 27.69 -42.17
CA ALA C 959 16.78 28.62 -43.30
C ALA C 959 16.99 27.90 -44.62
N GLY C 960 17.89 26.93 -44.65
CA GLY C 960 18.29 26.31 -45.90
C GLY C 960 17.65 24.98 -46.24
N VAL C 961 17.39 24.16 -45.22
CA VAL C 961 16.91 22.81 -45.48
C VAL C 961 15.51 22.81 -46.09
N GLY C 962 14.62 23.64 -45.56
CA GLY C 962 13.23 23.59 -45.94
C GLY C 962 12.86 24.28 -47.23
N TRP C 963 13.56 23.96 -48.33
CA TRP C 963 13.14 24.38 -49.66
C TRP C 963 12.96 23.22 -50.61
N THR C 964 13.88 22.26 -50.63
CA THR C 964 13.78 21.09 -51.48
C THR C 964 14.06 19.86 -50.63
N ALA C 965 13.24 18.82 -50.80
CA ALA C 965 13.32 17.64 -49.97
C ALA C 965 14.59 16.85 -50.28
N GLY C 966 14.89 15.89 -49.40
CA GLY C 966 16.15 15.18 -49.46
C GLY C 966 17.18 15.84 -48.59
N LEU C 967 17.66 15.13 -47.58
CA LEU C 967 18.53 15.70 -46.56
C LEU C 967 20.02 15.56 -46.90
N SER C 968 20.34 15.10 -48.11
CA SER C 968 21.75 14.97 -48.50
C SER C 968 22.38 16.35 -48.71
N SER C 969 21.70 17.23 -49.44
CA SER C 969 22.25 18.53 -49.81
C SER C 969 21.76 19.61 -48.85
N PHE C 970 22.64 20.56 -48.58
CA PHE C 970 22.31 21.73 -47.78
C PHE C 970 22.29 22.97 -48.67
N ALA C 971 21.33 23.85 -48.41
CA ALA C 971 20.86 24.84 -49.38
C ALA C 971 20.73 26.22 -48.74
N ALA C 972 21.82 26.73 -48.16
CA ALA C 972 21.75 27.92 -47.31
C ALA C 972 21.39 29.18 -48.08
N ILE C 973 20.14 29.25 -48.51
CA ILE C 973 19.54 30.41 -49.17
C ILE C 973 19.41 31.51 -48.13
N PRO C 974 19.50 32.79 -48.50
CA PRO C 974 19.11 33.85 -47.56
C PRO C 974 17.66 33.70 -47.12
N PHE C 975 17.43 34.11 -45.87
CA PHE C 975 16.18 33.78 -45.16
C PHE C 975 14.96 34.38 -45.83
N ALA C 976 15.09 35.57 -46.43
CA ALA C 976 13.96 36.21 -47.09
C ALA C 976 13.47 35.39 -48.28
N GLN C 977 14.39 34.88 -49.09
CA GLN C 977 13.99 34.07 -50.23
C GLN C 977 13.44 32.71 -49.79
N SER C 978 13.94 32.17 -48.66
CA SER C 978 13.35 30.96 -48.11
C SER C 978 11.91 31.19 -47.69
N ILE C 979 11.65 32.33 -47.05
CA ILE C 979 10.28 32.70 -46.68
C ILE C 979 9.41 32.87 -47.92
N PHE C 980 9.98 33.49 -48.98
CA PHE C 980 9.25 33.68 -50.22
C PHE C 980 8.88 32.35 -50.86
N TYR C 981 9.82 31.39 -50.90
CA TYR C 981 9.54 30.08 -51.46
C TYR C 981 8.51 29.33 -50.64
N ARG C 982 8.61 29.40 -49.31
CA ARG C 982 7.64 28.71 -48.45
C ARG C 982 6.24 29.29 -48.60
N LEU C 983 6.13 30.61 -48.72
CA LEU C 983 4.81 31.21 -48.91
C LEU C 983 4.29 31.01 -50.33
N ASN C 984 5.19 30.84 -51.31
CA ASN C 984 4.74 30.54 -52.65
C ASN C 984 4.22 29.12 -52.76
N GLY C 985 4.85 28.18 -52.04
CA GLY C 985 4.41 26.80 -52.11
C GLY C 985 3.07 26.54 -51.44
N VAL C 986 2.71 27.37 -50.46
CA VAL C 986 1.53 27.08 -49.66
C VAL C 986 0.25 27.62 -50.31
N GLY C 987 0.35 28.50 -51.30
CA GLY C 987 -0.83 28.93 -52.01
C GLY C 987 -1.03 30.42 -52.20
N ILE C 988 0.03 31.20 -52.04
CA ILE C 988 0.04 32.62 -52.41
C ILE C 988 0.80 32.75 -53.72
N THR C 989 0.18 33.40 -54.70
CA THR C 989 0.80 33.58 -56.00
C THR C 989 2.03 34.49 -55.90
N GLN C 990 2.94 34.31 -56.85
CA GLN C 990 4.22 35.01 -56.82
C GLN C 990 4.08 36.52 -57.01
N GLN C 991 3.00 36.98 -57.65
CA GLN C 991 2.87 38.39 -58.02
C GLN C 991 2.77 39.27 -56.79
N VAL C 992 1.81 38.98 -55.90
CA VAL C 992 1.54 39.86 -54.77
C VAL C 992 2.69 39.82 -53.76
N LEU C 993 3.31 38.65 -53.57
CA LEU C 993 4.49 38.60 -52.71
C LEU C 993 5.68 39.27 -53.35
N SER C 994 5.69 39.35 -54.69
CA SER C 994 6.75 40.07 -55.38
C SER C 994 6.51 41.57 -55.41
N GLU C 995 5.30 42.05 -55.09
CA GLU C 995 5.05 43.48 -55.05
C GLU C 995 4.59 43.97 -53.68
N ASN C 996 4.62 43.12 -52.65
CA ASN C 996 4.26 43.56 -51.30
C ASN C 996 5.25 43.01 -50.28
N GLN C 997 6.54 43.12 -50.59
CA GLN C 997 7.57 42.62 -49.67
C GLN C 997 7.62 43.44 -48.38
N LYS C 998 7.41 44.75 -48.49
CA LYS C 998 7.55 45.63 -47.33
C LYS C 998 6.47 45.37 -46.29
N LEU C 999 5.22 45.20 -46.72
CA LEU C 999 4.14 45.04 -45.75
C LEU C 999 4.18 43.66 -45.11
N ILE C 1000 4.53 42.62 -45.87
CA ILE C 1000 4.67 41.29 -45.27
C ILE C 1000 5.87 41.27 -44.32
N ALA C 1001 6.93 42.00 -44.66
CA ALA C 1001 8.09 42.10 -43.77
C ALA C 1001 7.71 42.80 -42.48
N ASN C 1002 6.96 43.89 -42.58
CA ASN C 1002 6.55 44.63 -41.38
C ASN C 1002 5.63 43.80 -40.50
N LYS C 1003 4.62 43.17 -41.09
CA LYS C 1003 3.69 42.35 -40.32
C LYS C 1003 4.40 41.15 -39.70
N PHE C 1004 5.39 40.58 -40.40
CA PHE C 1004 6.25 39.56 -39.82
C PHE C 1004 7.00 40.10 -38.61
N ASN C 1005 7.45 41.37 -38.70
CA ASN C 1005 8.19 41.97 -37.60
C ASN C 1005 7.32 42.17 -36.36
N GLN C 1006 6.09 42.70 -36.54
CA GLN C 1006 5.24 42.81 -35.35
C GLN C 1006 4.77 41.46 -34.84
N ALA C 1007 4.62 40.47 -35.74
CA ALA C 1007 4.28 39.13 -35.29
C ALA C 1007 5.38 38.55 -34.40
N LEU C 1008 6.64 38.72 -34.81
CA LEU C 1008 7.74 38.25 -33.97
C LEU C 1008 7.92 39.10 -32.73
N GLY C 1009 7.55 40.38 -32.78
CA GLY C 1009 7.67 41.22 -31.60
C GLY C 1009 6.54 41.11 -30.61
N ALA C 1010 5.41 40.50 -31.01
CA ALA C 1010 4.25 40.40 -30.13
C ALA C 1010 4.54 39.54 -28.90
N MET C 1011 5.28 38.44 -29.08
CA MET C 1011 5.54 37.54 -27.97
C MET C 1011 6.55 38.11 -26.98
N GLN C 1012 7.31 39.13 -27.36
CA GLN C 1012 8.35 39.67 -26.50
C GLN C 1012 7.76 40.31 -25.25
N THR C 1013 6.67 41.05 -25.41
CA THR C 1013 5.95 41.63 -24.29
C THR C 1013 4.72 40.83 -23.90
N GLY C 1014 4.46 39.71 -24.59
CA GLY C 1014 3.31 38.88 -24.30
C GLY C 1014 3.48 37.88 -23.19
N PHE C 1015 4.63 37.85 -22.53
CA PHE C 1015 4.89 36.88 -21.47
C PHE C 1015 4.10 37.23 -20.21
N THR C 1016 2.92 36.63 -20.05
CA THR C 1016 2.08 36.85 -18.89
C THR C 1016 1.40 35.53 -18.53
N THR C 1017 0.39 35.60 -17.67
CA THR C 1017 -0.33 34.41 -17.25
C THR C 1017 -1.19 33.80 -18.35
N THR C 1018 -1.45 34.56 -19.43
CA THR C 1018 -2.28 34.04 -20.51
C THR C 1018 -1.53 33.12 -21.45
N ASN C 1019 -0.20 33.09 -21.37
CA ASN C 1019 0.58 32.21 -22.24
C ASN C 1019 0.45 30.76 -21.80
N GLU C 1020 0.10 29.89 -22.74
CA GLU C 1020 -0.06 28.48 -22.43
C GLU C 1020 1.28 27.83 -22.09
N ALA C 1021 2.29 28.06 -22.94
CA ALA C 1021 3.57 27.37 -22.79
C ALA C 1021 4.31 27.84 -21.55
N PHE C 1022 4.22 29.13 -21.22
CA PHE C 1022 4.82 29.62 -20.00
C PHE C 1022 4.19 28.99 -18.77
N GLN C 1023 2.86 28.81 -18.81
CA GLN C 1023 2.16 28.12 -17.73
C GLN C 1023 2.60 26.66 -17.63
N LYS C 1024 2.82 26.00 -18.77
CA LYS C 1024 3.32 24.62 -18.75
C LYS C 1024 4.72 24.55 -18.16
N VAL C 1025 5.58 25.52 -18.50
CA VAL C 1025 6.94 25.54 -17.96
C VAL C 1025 6.90 25.75 -16.45
N GLN C 1026 6.07 26.68 -15.98
CA GLN C 1026 5.93 26.91 -14.55
C GLN C 1026 5.36 25.68 -13.85
N ASP C 1027 4.42 24.98 -14.51
CA ASP C 1027 3.83 23.79 -13.92
C ASP C 1027 4.88 22.69 -13.78
N ALA C 1028 5.74 22.51 -14.81
CA ALA C 1028 6.78 21.49 -14.74
C ALA C 1028 7.81 21.82 -13.66
N VAL C 1029 8.20 23.10 -13.56
CA VAL C 1029 9.17 23.50 -12.55
C VAL C 1029 8.58 23.30 -11.15
N ASN C 1030 7.31 23.66 -10.97
CA ASN C 1030 6.65 23.44 -9.68
C ASN C 1030 6.47 21.96 -9.39
N ASN C 1031 6.30 21.14 -10.43
CA ASN C 1031 6.20 19.69 -10.23
C ASN C 1031 7.51 19.12 -9.71
N ASN C 1032 8.63 19.53 -10.30
CA ASN C 1032 9.94 19.10 -9.79
C ASN C 1032 10.17 19.63 -8.37
N ALA C 1033 9.76 20.88 -8.12
CA ALA C 1033 9.93 21.47 -6.81
C ALA C 1033 9.13 20.74 -5.74
N GLN C 1034 7.88 20.39 -6.03
CA GLN C 1034 7.09 19.66 -5.05
C GLN C 1034 7.53 18.21 -4.92
N ALA C 1035 8.08 17.63 -6.00
CA ALA C 1035 8.64 16.28 -5.91
C ALA C 1035 9.82 16.25 -4.95
N LEU C 1036 10.70 17.25 -5.02
CA LEU C 1036 11.80 17.30 -4.06
C LEU C 1036 11.33 17.75 -2.67
N SER C 1037 10.31 18.60 -2.60
CA SER C 1037 9.77 19.04 -1.31
C SER C 1037 9.04 17.93 -0.59
N LYS C 1038 8.56 16.91 -1.31
CA LYS C 1038 8.02 15.72 -0.67
C LYS C 1038 9.07 15.04 0.20
N LEU C 1039 10.30 14.93 -0.31
CA LEU C 1039 11.39 14.38 0.50
C LEU C 1039 11.82 15.38 1.57
N ALA C 1040 11.95 16.65 1.21
CA ALA C 1040 12.45 17.66 2.13
C ALA C 1040 11.49 17.98 3.27
N SER C 1041 10.22 17.59 3.15
CA SER C 1041 9.22 17.89 4.17
C SER C 1041 8.84 16.70 5.02
N GLU C 1042 8.98 15.48 4.50
CA GLU C 1042 8.46 14.29 5.15
C GLU C 1042 9.28 13.87 6.36
N LEU C 1043 10.51 14.37 6.50
CA LEU C 1043 11.40 13.91 7.57
C LEU C 1043 10.91 14.30 8.96
N SER C 1044 10.00 15.27 9.08
CA SER C 1044 9.47 15.63 10.38
C SER C 1044 8.34 14.71 10.84
N ASN C 1045 7.86 13.81 9.98
CA ASN C 1045 6.80 12.90 10.36
C ASN C 1045 7.31 11.87 11.37
N THR C 1046 6.40 11.38 12.20
CA THR C 1046 6.76 10.44 13.25
C THR C 1046 6.20 9.04 13.05
N PHE C 1047 5.09 8.89 12.32
CA PHE C 1047 4.40 7.61 12.13
C PHE C 1047 4.02 6.96 13.46
N GLY C 1048 3.56 7.78 14.40
CA GLY C 1048 3.16 7.28 15.70
C GLY C 1048 4.27 7.14 16.70
N ALA C 1049 5.52 7.37 16.31
CA ALA C 1049 6.61 7.39 17.27
C ALA C 1049 6.51 8.61 18.16
N ILE C 1050 7.05 8.48 19.38
CA ILE C 1050 6.90 9.53 20.38
C ILE C 1050 7.73 10.78 20.08
N SER C 1051 8.69 10.69 19.16
CA SER C 1051 9.42 11.85 18.70
C SER C 1051 10.00 11.54 17.33
N ALA C 1052 10.45 12.60 16.64
CA ALA C 1052 10.96 12.47 15.28
C ALA C 1052 12.48 12.31 15.22
N SER C 1053 13.22 12.94 16.11
CA SER C 1053 14.68 12.85 16.09
C SER C 1053 15.13 11.49 16.60
N ILE C 1054 15.91 10.78 15.79
CA ILE C 1054 16.39 9.45 16.17
C ILE C 1054 17.30 9.53 17.38
N GLY C 1055 18.17 10.55 17.42
CA GLY C 1055 19.02 10.76 18.59
C GLY C 1055 18.22 11.02 19.85
N ASP C 1056 17.10 11.74 19.72
CA ASP C 1056 16.25 11.97 20.89
C ASP C 1056 15.56 10.68 21.33
N ILE C 1057 15.18 9.83 20.37
CA ILE C 1057 14.58 8.54 20.71
C ILE C 1057 15.57 7.66 21.47
N ILE C 1058 16.81 7.58 20.98
CA ILE C 1058 17.78 6.75 21.68
C ILE C 1058 18.29 7.41 22.96
N GLN C 1059 18.09 8.73 23.11
CA GLN C 1059 18.43 9.38 24.37
C GLN C 1059 17.38 9.12 25.43
N ARG C 1060 16.10 9.25 25.08
CA ARG C 1060 15.02 9.21 26.06
C ARG C 1060 14.47 7.82 26.35
N LEU C 1061 14.94 6.79 25.65
CA LEU C 1061 14.33 5.48 25.78
C LEU C 1061 15.37 4.40 26.07
N ASP C 1062 14.89 3.32 26.69
CA ASP C 1062 15.67 2.10 26.81
C ASP C 1062 15.77 1.42 25.45
N PRO C 1063 16.74 0.52 25.27
CA PRO C 1063 16.83 -0.26 24.02
C PRO C 1063 15.55 -0.99 23.61
N PRO C 1064 14.89 -1.79 24.49
CA PRO C 1064 13.84 -2.68 23.95
C PRO C 1064 12.59 -1.98 23.42
N GLU C 1065 12.35 -0.71 23.76
CA GLU C 1065 11.27 0.03 23.12
C GLU C 1065 11.74 1.04 22.09
N GLN C 1066 12.97 1.55 22.22
CA GLN C 1066 13.51 2.39 21.17
C GLN C 1066 13.78 1.58 19.90
N ASP C 1067 13.97 0.26 20.03
CA ASP C 1067 14.05 -0.60 18.86
C ASP C 1067 12.73 -0.58 18.10
N ALA C 1068 11.61 -0.68 18.82
CA ALA C 1068 10.31 -0.62 18.17
C ALA C 1068 10.03 0.75 17.57
N GLN C 1069 10.41 1.81 18.28
CA GLN C 1069 10.20 3.18 17.76
C GLN C 1069 11.02 3.41 16.50
N ILE C 1070 12.29 3.01 16.53
CA ILE C 1070 13.15 3.14 15.36
C ILE C 1070 12.63 2.29 14.21
N ASP C 1071 12.09 1.10 14.53
CA ASP C 1071 11.52 0.24 13.50
C ASP C 1071 10.30 0.89 12.84
N ARG C 1072 9.46 1.56 13.63
CA ARG C 1072 8.35 2.32 13.06
C ARG C 1072 8.84 3.42 12.13
N LEU C 1073 9.88 4.14 12.55
CA LEU C 1073 10.46 5.18 11.71
C LEU C 1073 11.04 4.59 10.42
N ILE C 1074 11.69 3.42 10.52
CA ILE C 1074 12.27 2.76 9.36
C ILE C 1074 11.18 2.39 8.37
N ASN C 1075 10.08 1.80 8.87
CA ASN C 1075 8.99 1.39 8.00
C ASN C 1075 8.34 2.58 7.31
N GLY C 1076 8.11 3.66 8.06
CA GLY C 1076 7.51 4.84 7.46
C GLY C 1076 8.39 5.47 6.39
N ARG C 1077 9.68 5.63 6.69
CA ARG C 1077 10.59 6.24 5.72
C ARG C 1077 10.76 5.35 4.48
N LEU C 1078 10.79 4.03 4.66
CA LEU C 1078 10.93 3.13 3.53
C LEU C 1078 9.68 3.14 2.64
N THR C 1079 8.49 3.23 3.25
CA THR C 1079 7.27 3.34 2.46
C THR C 1079 7.24 4.64 1.67
N THR C 1080 7.66 5.75 2.30
CA THR C 1080 7.73 7.02 1.60
C THR C 1080 8.71 6.96 0.43
N LEU C 1081 9.87 6.32 0.65
CA LEU C 1081 10.86 6.19 -0.41
C LEU C 1081 10.33 5.34 -1.56
N ASN C 1082 9.61 4.25 -1.24
CA ASN C 1082 9.08 3.39 -2.30
C ASN C 1082 8.02 4.12 -3.13
N ALA C 1083 7.16 4.92 -2.48
CA ALA C 1083 6.21 5.73 -3.23
C ALA C 1083 6.92 6.76 -4.11
N PHE C 1084 8.02 7.32 -3.59
CA PHE C 1084 8.82 8.27 -4.38
C PHE C 1084 9.41 7.59 -5.60
N VAL C 1085 9.91 6.36 -5.44
CA VAL C 1085 10.46 5.60 -6.57
C VAL C 1085 9.39 5.34 -7.62
N ALA C 1086 8.20 4.95 -7.17
CA ALA C 1086 7.11 4.66 -8.11
C ALA C 1086 6.72 5.90 -8.91
N GLN C 1087 6.53 7.04 -8.23
CA GLN C 1087 6.15 8.24 -8.96
C GLN C 1087 7.28 8.77 -9.83
N GLN C 1088 8.54 8.57 -9.40
CA GLN C 1088 9.67 8.96 -10.22
C GLN C 1088 9.75 8.15 -11.50
N LEU C 1089 9.52 6.83 -11.41
CA LEU C 1089 9.53 6.00 -12.60
C LEU C 1089 8.39 6.38 -13.55
N VAL C 1090 7.21 6.67 -12.99
CA VAL C 1090 6.07 7.07 -13.81
C VAL C 1090 6.37 8.38 -14.55
N ARG C 1091 6.90 9.37 -13.83
CA ARG C 1091 7.21 10.66 -14.43
C ARG C 1091 8.33 10.54 -15.45
N SER C 1092 9.33 9.69 -15.19
CA SER C 1092 10.42 9.50 -16.14
C SER C 1092 9.93 8.85 -17.44
N GLU C 1093 9.04 7.86 -17.32
CA GLU C 1093 8.49 7.24 -18.53
C GLU C 1093 7.65 8.23 -19.33
N SER C 1094 6.84 9.03 -18.63
CA SER C 1094 6.04 10.04 -19.31
C SER C 1094 6.92 11.07 -20.01
N ALA C 1095 7.99 11.50 -19.34
CA ALA C 1095 8.91 12.47 -19.93
C ALA C 1095 9.65 11.89 -21.12
N ALA C 1096 10.01 10.61 -21.06
CA ALA C 1096 10.69 9.98 -22.20
C ALA C 1096 9.76 9.88 -23.41
N LEU C 1097 8.50 9.49 -23.19
CA LEU C 1097 7.57 9.43 -24.31
C LEU C 1097 7.29 10.81 -24.90
N SER C 1098 7.15 11.82 -24.02
CA SER C 1098 6.95 13.18 -24.50
C SER C 1098 8.18 13.71 -25.23
N ALA C 1099 9.37 13.29 -24.83
CA ALA C 1099 10.59 13.67 -25.55
C ALA C 1099 10.66 13.00 -26.91
N GLN C 1100 10.18 11.76 -27.01
CA GLN C 1100 10.07 11.11 -28.33
C GLN C 1100 9.11 11.88 -29.23
N LEU C 1101 7.99 12.34 -28.67
CA LEU C 1101 7.07 13.17 -29.43
C LEU C 1101 7.72 14.49 -29.84
N ALA C 1102 8.54 15.06 -28.96
CA ALA C 1102 9.27 16.28 -29.28
C ALA C 1102 10.25 16.07 -30.43
N LYS C 1103 10.94 14.92 -30.42
CA LYS C 1103 11.85 14.60 -31.51
C LYS C 1103 11.10 14.47 -32.83
N ASP C 1104 9.92 13.83 -32.78
CA ASP C 1104 9.08 13.72 -33.97
C ASP C 1104 8.66 15.10 -34.47
N LYS C 1105 8.28 15.99 -33.55
CA LYS C 1105 7.89 17.34 -33.94
C LYS C 1105 9.05 18.14 -34.52
N VAL C 1106 10.25 17.98 -33.93
CA VAL C 1106 11.37 18.81 -34.36
C VAL C 1106 11.99 18.31 -35.66
N ASN C 1107 11.84 17.03 -36.00
CA ASN C 1107 12.26 16.60 -37.33
C ASN C 1107 11.09 16.49 -38.31
N GLU C 1108 9.89 16.87 -37.89
CA GLU C 1108 8.73 16.86 -38.78
C GLU C 1108 8.42 18.25 -39.34
N CYS C 1109 8.17 19.23 -38.47
CA CYS C 1109 7.72 20.54 -38.92
C CYS C 1109 8.61 21.65 -38.38
N VAL C 1110 9.91 21.37 -38.22
CA VAL C 1110 10.90 22.39 -37.90
C VAL C 1110 12.00 22.44 -38.96
N LYS C 1111 12.58 21.29 -39.29
CA LYS C 1111 13.52 21.20 -40.39
C LYS C 1111 12.84 21.23 -41.75
N ALA C 1112 11.51 21.20 -41.80
CA ALA C 1112 10.78 21.23 -43.05
C ALA C 1112 9.43 21.87 -42.82
N GLN C 1113 8.79 22.28 -43.92
CA GLN C 1113 7.48 22.91 -43.89
C GLN C 1113 6.42 21.85 -44.09
N SER C 1114 5.61 21.60 -43.07
CA SER C 1114 4.58 20.59 -43.15
C SER C 1114 3.30 21.16 -43.78
N LYS C 1115 2.40 20.25 -44.16
CA LYS C 1115 1.08 20.61 -44.64
C LYS C 1115 -0.01 20.03 -43.76
N ARG C 1116 0.35 19.38 -42.66
CA ARG C 1116 -0.64 18.80 -41.76
C ARG C 1116 -1.39 19.90 -41.03
N SER C 1117 -2.71 19.75 -40.95
CA SER C 1117 -3.57 20.80 -40.42
C SER C 1117 -3.51 20.79 -38.90
N GLY C 1118 -2.88 21.80 -38.32
CA GLY C 1118 -2.88 21.97 -36.88
C GLY C 1118 -2.09 20.93 -36.11
N PHE C 1119 -1.16 20.22 -36.77
CA PHE C 1119 -0.38 19.22 -36.07
C PHE C 1119 0.59 19.85 -35.08
N CYS C 1120 1.22 20.96 -35.46
CA CYS C 1120 2.13 21.64 -34.55
C CYS C 1120 1.93 23.16 -34.54
N GLY C 1121 0.96 23.68 -35.27
CA GLY C 1121 0.68 25.10 -35.25
C GLY C 1121 -0.76 25.40 -35.63
N GLN C 1122 -1.42 26.25 -34.84
CA GLN C 1122 -2.78 26.66 -35.18
C GLN C 1122 -2.78 27.48 -36.45
N GLY C 1123 -3.81 27.29 -37.27
CA GLY C 1123 -3.81 27.86 -38.60
C GLY C 1123 -2.91 27.06 -39.52
N THR C 1124 -2.67 27.61 -40.71
CA THR C 1124 -1.80 26.97 -41.67
C THR C 1124 -0.35 27.19 -41.25
N HIS C 1125 0.36 26.11 -40.95
CA HIS C 1125 1.73 26.18 -40.46
C HIS C 1125 2.66 26.69 -41.56
N ILE C 1126 3.57 27.59 -41.18
CA ILE C 1126 4.53 28.12 -42.15
C ILE C 1126 5.96 27.79 -41.71
N VAL C 1127 6.40 28.33 -40.57
CA VAL C 1127 7.76 28.11 -40.09
C VAL C 1127 7.75 27.89 -38.59
N SER C 1128 8.87 27.36 -38.08
CA SER C 1128 9.00 27.03 -36.67
C SER C 1128 10.39 27.42 -36.18
N PHE C 1129 10.51 27.45 -34.86
CA PHE C 1129 11.75 27.77 -34.16
C PHE C 1129 11.82 26.91 -32.90
N VAL C 1130 13.04 26.59 -32.48
CA VAL C 1130 13.25 25.82 -31.26
C VAL C 1130 14.25 26.55 -30.37
N VAL C 1131 13.95 26.61 -29.07
CA VAL C 1131 14.86 27.12 -28.06
C VAL C 1131 14.79 26.19 -26.85
N ASN C 1132 15.69 26.42 -25.90
CA ASN C 1132 15.78 25.59 -24.72
C ASN C 1132 14.87 26.09 -23.60
N ALA C 1133 14.58 25.20 -22.66
CA ALA C 1133 13.74 25.50 -21.51
C ALA C 1133 14.36 24.79 -20.32
N PRO C 1134 14.17 25.32 -19.10
CA PRO C 1134 14.92 24.79 -17.93
C PRO C 1134 14.64 23.33 -17.61
N ASN C 1135 13.56 22.75 -18.13
CA ASN C 1135 13.42 21.30 -18.11
C ASN C 1135 12.91 20.74 -19.43
N GLY C 1136 13.14 21.43 -20.56
CA GLY C 1136 12.65 20.89 -21.80
C GLY C 1136 12.95 21.68 -23.06
N LEU C 1137 12.08 21.52 -24.05
CA LEU C 1137 12.26 22.14 -25.36
C LEU C 1137 11.06 23.04 -25.65
N TYR C 1138 11.34 24.25 -26.14
CA TYR C 1138 10.33 25.28 -26.33
C TYR C 1138 10.18 25.53 -27.82
N PHE C 1139 8.96 25.36 -28.32
CA PHE C 1139 8.62 25.47 -29.74
C PHE C 1139 7.92 26.78 -30.01
N MET C 1140 8.40 27.49 -31.02
CA MET C 1140 7.78 28.70 -31.52
C MET C 1140 7.25 28.41 -32.92
N HIS C 1141 6.05 28.88 -33.23
CA HIS C 1141 5.44 28.58 -34.52
C HIS C 1141 4.85 29.84 -35.12
N VAL C 1142 5.21 30.12 -36.37
CA VAL C 1142 4.64 31.22 -37.13
C VAL C 1142 3.81 30.63 -38.25
N GLY C 1143 2.52 30.98 -38.27
CA GLY C 1143 1.59 30.41 -39.22
C GLY C 1143 0.72 31.47 -39.86
N TYR C 1144 -0.05 31.03 -40.84
CA TYR C 1144 -0.86 31.92 -41.68
C TYR C 1144 -2.27 32.04 -41.08
N TYR C 1145 -2.69 33.26 -40.78
CA TYR C 1145 -4.04 33.51 -40.28
C TYR C 1145 -4.81 34.35 -41.29
N PRO C 1146 -5.78 33.80 -42.00
CA PRO C 1146 -6.58 34.60 -42.92
C PRO C 1146 -7.66 35.39 -42.19
N SER C 1147 -8.14 36.43 -42.85
CA SER C 1147 -9.16 37.31 -42.28
C SER C 1147 -9.80 38.11 -43.40
N ASN C 1148 -10.97 38.69 -43.07
CA ASN C 1148 -11.72 39.60 -43.95
C ASN C 1148 -12.09 38.91 -45.27
N HIS C 1149 -12.76 37.77 -45.14
CA HIS C 1149 -13.06 36.92 -46.28
C HIS C 1149 -14.25 37.46 -47.06
N ILE C 1150 -14.28 37.13 -48.35
CA ILE C 1150 -15.39 37.47 -49.24
C ILE C 1150 -15.80 36.20 -49.99
N GLU C 1151 -16.79 36.35 -50.86
CA GLU C 1151 -17.24 35.27 -51.73
C GLU C 1151 -17.32 35.77 -53.16
N VAL C 1152 -16.79 34.97 -54.09
CA VAL C 1152 -16.84 35.27 -55.51
C VAL C 1152 -17.30 34.01 -56.24
N VAL C 1153 -18.08 34.17 -57.31
CA VAL C 1153 -18.46 33.04 -58.12
C VAL C 1153 -17.25 32.48 -58.86
N SER C 1154 -17.09 31.17 -58.83
CA SER C 1154 -15.98 30.47 -59.47
C SER C 1154 -16.50 29.23 -60.18
N ALA C 1155 -15.72 28.75 -61.14
CA ALA C 1155 -16.06 27.58 -61.92
C ALA C 1155 -15.14 26.41 -61.55
N TYR C 1156 -15.29 25.32 -62.30
CA TYR C 1156 -14.49 24.11 -62.07
C TYR C 1156 -13.35 23.97 -63.06
N GLY C 1157 -13.42 24.66 -64.20
CA GLY C 1157 -12.41 24.56 -65.24
C GLY C 1157 -12.97 25.04 -66.56
N LEU C 1158 -12.16 25.73 -67.35
CA LEU C 1158 -12.63 26.35 -68.58
C LEU C 1158 -12.26 25.47 -69.78
N CYS C 1159 -13.24 25.23 -70.64
CA CYS C 1159 -13.07 24.46 -71.86
C CYS C 1159 -13.58 25.26 -73.04
N ASP C 1160 -12.93 25.09 -74.19
CA ASP C 1160 -13.35 25.79 -75.40
C ASP C 1160 -14.64 25.19 -75.94
N ALA C 1161 -15.54 26.06 -76.40
CA ALA C 1161 -16.74 25.59 -77.06
C ALA C 1161 -16.43 24.90 -78.38
N ALA C 1162 -15.50 25.47 -79.16
CA ALA C 1162 -15.12 24.87 -80.44
C ALA C 1162 -14.21 23.66 -80.27
N ASN C 1163 -13.59 23.51 -79.10
CA ASN C 1163 -12.76 22.33 -78.79
C ASN C 1163 -13.24 21.80 -77.44
N PRO C 1164 -14.35 21.05 -77.43
CA PRO C 1164 -14.92 20.60 -76.14
C PRO C 1164 -14.06 19.59 -75.40
N THR C 1165 -13.14 18.90 -76.09
CA THR C 1165 -12.30 17.92 -75.41
C THR C 1165 -11.10 18.53 -74.71
N ASN C 1166 -10.79 19.79 -74.99
CA ASN C 1166 -9.66 20.47 -74.36
C ASN C 1166 -10.15 21.20 -73.12
N CYS C 1167 -9.66 20.78 -71.95
CA CYS C 1167 -10.08 21.34 -70.68
C CYS C 1167 -8.89 21.52 -69.77
N ILE C 1168 -8.84 22.66 -69.07
CA ILE C 1168 -7.78 22.94 -68.13
C ILE C 1168 -8.39 23.29 -66.77
N ALA C 1169 -7.58 23.14 -65.73
CA ALA C 1169 -7.98 23.36 -64.35
C ALA C 1169 -6.90 24.16 -63.65
N PRO C 1170 -7.27 24.98 -62.66
CA PRO C 1170 -6.25 25.74 -61.93
C PRO C 1170 -5.39 24.85 -61.06
N VAL C 1171 -4.16 25.31 -60.83
CA VAL C 1171 -3.18 24.60 -60.01
C VAL C 1171 -2.89 25.44 -58.79
N ASN C 1172 -3.19 24.88 -57.60
CA ASN C 1172 -3.05 25.57 -56.31
C ASN C 1172 -3.79 26.90 -56.30
N GLY C 1173 -4.97 26.91 -56.90
CA GLY C 1173 -5.72 28.14 -57.03
C GLY C 1173 -7.07 27.87 -57.64
N TYR C 1174 -7.70 28.94 -58.11
CA TYR C 1174 -9.06 28.83 -58.63
C TYR C 1174 -9.23 29.71 -59.87
N PHE C 1175 -9.95 29.16 -60.85
CA PHE C 1175 -10.49 29.95 -61.94
C PHE C 1175 -11.62 30.82 -61.40
N ILE C 1176 -11.41 32.12 -61.39
CA ILE C 1176 -12.35 33.05 -60.77
C ILE C 1176 -13.02 33.86 -61.86
N LYS C 1177 -14.19 34.40 -61.53
CA LYS C 1177 -14.92 35.28 -62.44
C LYS C 1177 -14.65 36.73 -62.04
N THR C 1178 -14.29 37.56 -63.02
CA THR C 1178 -14.06 38.97 -62.76
C THR C 1178 -15.38 39.63 -62.35
N ASN C 1179 -15.34 40.39 -61.26
CA ASN C 1179 -16.55 40.90 -60.62
C ASN C 1179 -17.31 41.93 -61.45
N ASN C 1180 -16.66 43.04 -61.79
CA ASN C 1180 -17.26 44.17 -62.50
C ASN C 1180 -18.55 44.68 -61.86
N GLU C 1186 -15.88 36.93 -68.21
CA GLU C 1186 -14.45 37.18 -68.08
C GLU C 1186 -13.87 36.43 -66.89
N TRP C 1187 -12.87 35.60 -67.15
CA TRP C 1187 -12.27 34.76 -66.12
C TRP C 1187 -10.82 35.15 -65.89
N SER C 1188 -10.38 34.94 -64.65
CA SER C 1188 -9.01 35.20 -64.22
C SER C 1188 -8.58 34.09 -63.28
N TYR C 1189 -7.37 34.22 -62.74
CA TYR C 1189 -6.82 33.25 -61.80
C TYR C 1189 -6.67 33.89 -60.44
N THR C 1190 -6.93 33.11 -59.39
CA THR C 1190 -6.62 33.55 -58.04
C THR C 1190 -5.87 32.47 -57.30
N GLY C 1191 -5.02 32.89 -56.38
CA GLY C 1191 -4.32 31.93 -55.53
C GLY C 1191 -5.25 31.31 -54.51
N SER C 1192 -4.81 30.16 -54.00
CA SER C 1192 -5.62 29.40 -53.06
C SER C 1192 -5.57 29.94 -51.64
N SER C 1193 -4.79 30.99 -51.39
CA SER C 1193 -4.70 31.57 -50.05
C SER C 1193 -4.88 33.08 -50.03
N PHE C 1194 -5.21 33.70 -51.16
CA PHE C 1194 -5.35 35.15 -51.21
C PHE C 1194 -6.17 35.52 -52.42
N TYR C 1195 -6.94 36.60 -52.30
CA TYR C 1195 -7.76 37.09 -53.41
C TYR C 1195 -6.92 38.05 -54.24
N ALA C 1196 -6.40 37.56 -55.37
CA ALA C 1196 -5.60 38.36 -56.28
C ALA C 1196 -5.92 37.94 -57.71
N PRO C 1197 -6.86 38.64 -58.36
CA PRO C 1197 -7.14 38.34 -59.76
C PRO C 1197 -5.96 38.68 -60.66
N GLU C 1198 -5.71 37.78 -61.62
CA GLU C 1198 -4.60 37.94 -62.56
C GLU C 1198 -4.87 37.04 -63.75
N PRO C 1199 -4.39 37.37 -64.94
CA PRO C 1199 -4.71 36.57 -66.13
C PRO C 1199 -4.09 35.18 -66.08
N ILE C 1200 -4.82 34.21 -66.62
CA ILE C 1200 -4.37 32.83 -66.58
C ILE C 1200 -3.44 32.56 -67.75
N THR C 1201 -2.62 31.52 -67.59
CA THR C 1201 -1.63 31.14 -68.60
C THR C 1201 -1.25 29.68 -68.35
N SER C 1202 -0.23 29.21 -69.08
CA SER C 1202 0.23 27.85 -68.91
C SER C 1202 1.02 27.65 -67.62
N LEU C 1203 1.39 28.72 -66.93
CA LEU C 1203 2.22 28.63 -65.74
C LEU C 1203 1.42 28.36 -64.48
N ASN C 1204 0.09 28.35 -64.54
CA ASN C 1204 -0.70 28.11 -63.34
C ASN C 1204 -1.89 27.17 -63.57
N THR C 1205 -1.93 26.46 -64.69
CA THR C 1205 -3.03 25.54 -64.98
C THR C 1205 -2.47 24.19 -65.42
N LYS C 1206 -3.36 23.21 -65.48
CA LYS C 1206 -3.02 21.86 -65.87
C LYS C 1206 -4.16 21.29 -66.71
N TYR C 1207 -3.80 20.61 -67.80
CA TYR C 1207 -4.79 20.00 -68.67
C TYR C 1207 -5.52 18.87 -67.95
N VAL C 1208 -6.79 18.66 -68.33
CA VAL C 1208 -7.64 17.71 -67.64
C VAL C 1208 -8.65 17.15 -68.65
N ALA C 1209 -9.08 15.92 -68.43
CA ALA C 1209 -10.07 15.30 -69.29
C ALA C 1209 -11.42 16.00 -69.14
N PRO C 1210 -12.17 16.17 -70.22
CA PRO C 1210 -13.44 16.91 -70.15
C PRO C 1210 -14.51 16.16 -69.36
N GLN C 1211 -15.37 16.95 -68.71
CA GLN C 1211 -16.54 16.44 -68.00
C GLN C 1211 -17.73 17.31 -68.32
N VAL C 1212 -18.91 16.87 -67.85
CA VAL C 1212 -20.12 17.65 -68.04
C VAL C 1212 -20.15 18.87 -67.12
N THR C 1213 -19.41 18.84 -66.01
CA THR C 1213 -19.50 19.91 -65.02
C THR C 1213 -18.78 21.18 -65.44
N TYR C 1214 -17.78 21.07 -66.31
CA TYR C 1214 -17.04 22.25 -66.71
C TYR C 1214 -17.85 23.11 -67.67
N GLN C 1215 -17.60 24.42 -67.65
CA GLN C 1215 -18.31 25.34 -68.51
C GLN C 1215 -17.53 25.67 -69.77
N ASN C 1216 -18.25 26.08 -70.80
CA ASN C 1216 -17.75 26.23 -72.15
C ASN C 1216 -17.83 27.70 -72.58
N ILE C 1217 -16.74 28.21 -73.13
CA ILE C 1217 -16.61 29.63 -73.47
C ILE C 1217 -16.13 29.78 -74.90
N SER C 1218 -16.69 30.77 -75.63
CA SER C 1218 -16.35 31.04 -77.01
C SER C 1218 -16.29 32.54 -77.31
N THR C 1219 -15.96 33.37 -76.32
CA THR C 1219 -15.92 34.82 -76.49
C THR C 1219 -14.50 35.37 -76.46
N ASN C 1220 -13.76 35.13 -75.38
CA ASN C 1220 -12.37 35.56 -75.25
C ASN C 1220 -11.58 34.37 -74.73
N LEU C 1221 -11.07 33.56 -75.64
CA LEU C 1221 -10.38 32.34 -75.26
C LEU C 1221 -9.03 32.66 -74.63
N PRO C 1222 -8.73 32.14 -73.44
CA PRO C 1222 -7.39 32.30 -72.89
C PRO C 1222 -6.37 31.56 -73.73
N PRO C 1223 -5.12 32.03 -73.74
CA PRO C 1223 -4.09 31.46 -74.64
C PRO C 1223 -3.80 29.97 -74.43
N PRO C 1224 -3.92 29.41 -73.21
CA PRO C 1224 -3.87 27.93 -73.14
C PRO C 1224 -4.95 27.22 -73.95
N LEU C 1225 -6.14 27.80 -74.06
CA LEU C 1225 -7.17 27.17 -74.88
C LEU C 1225 -6.88 27.35 -76.37
N LEU C 1226 -6.19 28.41 -76.75
CA LEU C 1226 -5.87 28.68 -78.14
C LEU C 1226 -4.77 27.76 -78.62
#